data_8JWM
#
_entry.id   8JWM
#
_cell.length_a   83.007
_cell.length_b   198.310
_cell.length_c   199.987
_cell.angle_alpha   90.000
_cell.angle_beta   90.000
_cell.angle_gamma   90.000
#
_symmetry.space_group_name_H-M   'P 2 21 21'
#
loop_
_entity.id
_entity.type
_entity.pdbx_description
1 polymer 'Aldo/keto reductase'
2 non-polymer 'NADP NICOTINAMIDE-ADENINE-DINUCLEOTIDE PHOSPHATE'
3 non-polymer TYLOSIN
4 water water
#
_entity_poly.entity_id   1
_entity_poly.type   'polypeptide(L)'
_entity_poly.pdbx_seq_one_letter_code
;MGSSHHHHHHSSGLVPRGSHMEYTQLGRIGLKVSRLVLGTMNFGPTTDEAESHAIMDAALDAGINFFDTANVYGWGENKG
RTEEILGSWFAQGGDRRDKVVLATKVYGNMGLDGPAWPNHDKLSALNIRRSVDASLKRLGTDHIDLYQFHHVDRDTPWDE
IWQAMDVLVRQGKILYVGSSNFAGWNIAQANETAARHGRLGLVSEQCLYNLCERRAEMEVVPAAREYGLGVIAWSPLHGG
LLGGAIRKEQEGGNRRAASGRAADALKDPQQREQIQRYEDLLDKHGLEPGEVALAWLLTRPGVTGPIVGPRTADQLASAV
RAAELTLTDEVLTALDEIFPGPGPSPEAFAW
;
_entity_poly.pdbx_strand_id   A,B,C,D,E,F,G,H
#
# COMPACT_ATOMS: atom_id res chain seq x y z
N MET A 21 -6.89 -20.95 -39.05
CA MET A 21 -7.49 -19.98 -38.14
C MET A 21 -6.41 -19.07 -37.55
N GLU A 22 -6.63 -17.76 -37.55
CA GLU A 22 -5.71 -16.83 -36.92
C GLU A 22 -6.00 -16.73 -35.43
N TYR A 23 -4.95 -16.81 -34.60
CA TYR A 23 -5.06 -16.70 -33.15
C TYR A 23 -4.38 -15.43 -32.64
N THR A 24 -4.83 -14.97 -31.47
CA THR A 24 -4.25 -13.79 -30.86
C THR A 24 -4.37 -13.92 -29.36
N GLN A 25 -3.55 -13.16 -28.63
CA GLN A 25 -3.76 -13.06 -27.18
C GLN A 25 -5.01 -12.23 -26.92
N LEU A 26 -5.74 -12.60 -25.88
CA LEU A 26 -6.90 -11.81 -25.46
C LEU A 26 -6.35 -10.59 -24.70
N GLY A 27 -6.23 -9.47 -25.40
CA GLY A 27 -5.62 -8.30 -24.77
C GLY A 27 -4.25 -8.64 -24.20
N ARG A 28 -4.01 -8.19 -22.98
CA ARG A 28 -2.73 -8.34 -22.30
C ARG A 28 -2.51 -9.71 -21.65
N ILE A 29 -3.51 -10.59 -21.60
CA ILE A 29 -3.36 -11.78 -20.76
C ILE A 29 -2.78 -12.96 -21.53
N GLY A 30 -2.52 -14.06 -20.82
CA GLY A 30 -1.85 -15.20 -21.41
C GLY A 30 -2.74 -16.08 -22.24
N LEU A 31 -4.06 -15.89 -22.16
CA LEU A 31 -5.01 -16.68 -22.91
C LEU A 31 -4.93 -16.37 -24.40
N LYS A 32 -4.83 -17.42 -25.21
CA LYS A 32 -4.81 -17.32 -26.67
C LYS A 32 -6.17 -17.73 -27.22
N VAL A 33 -6.74 -16.89 -28.11
CA VAL A 33 -8.06 -17.19 -28.65
C VAL A 33 -8.07 -17.02 -30.17
N SER A 34 -8.92 -17.80 -30.82
CA SER A 34 -9.22 -17.58 -32.24
C SER A 34 -9.81 -16.19 -32.44
N ARG A 35 -9.49 -15.58 -33.60
CA ARG A 35 -10.01 -14.25 -33.87
C ARG A 35 -11.45 -14.26 -34.34
N LEU A 36 -12.04 -15.43 -34.56
CA LEU A 36 -13.49 -15.57 -34.60
C LEU A 36 -13.93 -16.13 -33.26
N VAL A 37 -14.89 -15.47 -32.61
CA VAL A 37 -15.50 -15.98 -31.40
C VAL A 37 -16.88 -16.51 -31.76
N LEU A 38 -17.19 -17.74 -31.34
CA LEU A 38 -18.47 -18.34 -31.66
C LEU A 38 -19.55 -17.82 -30.72
N GLY A 39 -20.49 -17.03 -31.25
CA GLY A 39 -21.65 -16.63 -30.47
C GLY A 39 -22.74 -17.69 -30.53
N THR A 40 -23.47 -17.83 -29.42
CA THR A 40 -24.44 -18.90 -29.29
C THR A 40 -25.87 -18.41 -29.09
N MET A 41 -26.10 -17.09 -29.21
CA MET A 41 -27.41 -16.52 -28.91
C MET A 41 -28.51 -17.13 -29.77
N ASN A 42 -28.18 -17.54 -31.01
CA ASN A 42 -29.18 -18.17 -31.87
C ASN A 42 -29.55 -19.58 -31.44
N PHE A 43 -28.73 -20.22 -30.59
CA PHE A 43 -28.93 -21.64 -30.29
C PHE A 43 -30.11 -21.78 -29.33
N GLY A 44 -31.22 -22.31 -29.83
CA GLY A 44 -32.40 -22.43 -29.02
C GLY A 44 -33.60 -21.77 -29.64
N PRO A 45 -33.62 -20.43 -29.65
CA PRO A 45 -34.80 -19.72 -30.19
C PRO A 45 -34.82 -19.61 -31.70
N THR A 46 -33.68 -19.78 -32.36
CA THR A 46 -33.58 -19.64 -33.81
C THR A 46 -32.99 -20.88 -34.48
N THR A 47 -31.97 -21.48 -33.86
CA THR A 47 -31.32 -22.68 -34.32
C THR A 47 -31.60 -23.79 -33.31
N ASP A 48 -31.99 -24.96 -33.81
CA ASP A 48 -32.37 -26.00 -32.87
C ASP A 48 -31.15 -26.74 -32.32
N GLU A 49 -31.39 -27.61 -31.36
CA GLU A 49 -30.30 -28.21 -30.61
C GLU A 49 -29.36 -29.01 -31.52
N ALA A 50 -29.94 -29.83 -32.41
CA ALA A 50 -29.11 -30.64 -33.29
C ALA A 50 -28.22 -29.77 -34.19
N GLU A 51 -28.78 -28.71 -34.77
CA GLU A 51 -27.99 -27.86 -35.65
C GLU A 51 -27.00 -27.03 -34.86
N SER A 52 -27.37 -26.62 -33.64
CA SER A 52 -26.44 -25.91 -32.77
C SER A 52 -25.20 -26.75 -32.49
N HIS A 53 -25.41 -28.03 -32.17
CA HIS A 53 -24.28 -28.93 -31.91
C HIS A 53 -23.42 -29.10 -33.14
N ALA A 54 -24.04 -29.12 -34.33
CA ALA A 54 -23.26 -29.25 -35.55
C ALA A 54 -22.42 -28.00 -35.80
N ILE A 55 -22.98 -26.82 -35.49
CA ILE A 55 -22.22 -25.58 -35.64
C ILE A 55 -21.03 -25.56 -34.70
N MET A 56 -21.22 -26.03 -33.47
CA MET A 56 -20.13 -26.03 -32.51
C MET A 56 -19.04 -27.04 -32.91
N ASP A 57 -19.45 -28.22 -33.40
CA ASP A 57 -18.45 -29.17 -33.90
C ASP A 57 -17.67 -28.59 -35.06
N ALA A 58 -18.36 -27.90 -35.97
CA ALA A 58 -17.68 -27.30 -37.12
C ALA A 58 -16.78 -26.16 -36.67
N ALA A 59 -17.21 -25.39 -35.67
CA ALA A 59 -16.36 -24.34 -35.12
C ALA A 59 -15.06 -24.93 -34.58
N LEU A 60 -15.18 -25.98 -33.76
CA LEU A 60 -14.00 -26.62 -33.21
C LEU A 60 -13.10 -27.17 -34.33
N ASP A 61 -13.72 -27.81 -35.34
CA ASP A 61 -12.95 -28.34 -36.47
C ASP A 61 -12.15 -27.26 -37.16
N ALA A 62 -12.69 -26.04 -37.24
CA ALA A 62 -11.98 -24.96 -37.92
C ALA A 62 -10.99 -24.26 -37.01
N GLY A 63 -10.86 -24.68 -35.75
CA GLY A 63 -9.93 -24.07 -34.82
C GLY A 63 -10.49 -22.99 -33.92
N ILE A 64 -11.79 -22.76 -33.92
CA ILE A 64 -12.40 -21.78 -33.02
C ILE A 64 -12.45 -22.42 -31.63
N ASN A 65 -11.85 -21.74 -30.65
CA ASN A 65 -11.70 -22.29 -29.31
C ASN A 65 -12.38 -21.40 -28.26
N PHE A 66 -13.22 -20.46 -28.68
CA PHE A 66 -13.69 -19.38 -27.82
C PHE A 66 -15.19 -19.22 -28.08
N PHE A 67 -16.02 -19.66 -27.14
CA PHE A 67 -17.48 -19.64 -27.28
C PHE A 67 -18.08 -18.64 -26.28
N ASP A 68 -19.00 -17.80 -26.77
CA ASP A 68 -19.73 -16.85 -25.95
C ASP A 68 -21.16 -17.30 -25.75
N THR A 69 -21.64 -17.29 -24.50
CA THR A 69 -23.05 -17.55 -24.22
C THR A 69 -23.51 -16.63 -23.08
N ALA A 70 -24.73 -16.84 -22.59
CA ALA A 70 -25.27 -16.05 -21.49
C ALA A 70 -26.33 -16.88 -20.80
N ASN A 71 -26.56 -16.59 -19.51
CA ASN A 71 -27.61 -17.33 -18.80
C ASN A 71 -28.98 -17.06 -19.40
N VAL A 72 -29.23 -15.82 -19.81
CA VAL A 72 -30.54 -15.44 -20.36
C VAL A 72 -30.80 -16.01 -21.75
N TYR A 73 -29.78 -16.51 -22.45
CA TYR A 73 -29.99 -16.91 -23.83
C TYR A 73 -30.94 -18.12 -23.90
N GLY A 74 -31.84 -18.08 -24.88
CA GLY A 74 -33.00 -18.95 -24.92
C GLY A 74 -34.28 -18.14 -24.90
N TRP A 75 -34.27 -17.03 -24.16
CA TRP A 75 -35.31 -16.00 -24.07
C TRP A 75 -36.61 -16.45 -23.39
N GLY A 76 -37.32 -15.47 -22.82
CA GLY A 76 -38.65 -15.70 -22.25
C GLY A 76 -38.67 -16.86 -21.29
N GLU A 77 -39.66 -17.75 -21.48
CA GLU A 77 -39.82 -18.93 -20.64
C GLU A 77 -38.73 -19.97 -20.86
N ASN A 78 -37.87 -19.78 -21.87
CA ASN A 78 -36.80 -20.72 -22.16
C ASN A 78 -35.42 -20.13 -21.84
N LYS A 79 -35.36 -19.10 -21.00
CA LYS A 79 -34.06 -18.58 -20.57
C LYS A 79 -33.25 -19.71 -19.93
N GLY A 80 -31.99 -19.82 -20.33
CA GLY A 80 -31.11 -20.89 -19.89
C GLY A 80 -30.98 -22.04 -20.87
N ARG A 81 -31.84 -22.09 -21.89
CA ARG A 81 -31.81 -23.19 -22.84
C ARG A 81 -30.47 -23.24 -23.57
N THR A 82 -29.94 -22.09 -23.96
CA THR A 82 -28.68 -22.09 -24.69
C THR A 82 -27.56 -22.69 -23.87
N GLU A 83 -27.46 -22.32 -22.58
CA GLU A 83 -26.45 -22.96 -21.75
C GLU A 83 -26.69 -24.46 -21.64
N GLU A 84 -27.96 -24.87 -21.65
CA GLU A 84 -28.23 -26.29 -21.61
C GLU A 84 -27.81 -26.98 -22.90
N ILE A 85 -27.96 -26.30 -24.03
CA ILE A 85 -27.57 -26.88 -25.31
C ILE A 85 -26.05 -27.01 -25.38
N LEU A 86 -25.32 -26.04 -24.84
CA LEU A 86 -23.88 -26.20 -24.70
C LEU A 86 -23.55 -27.33 -23.74
N GLY A 87 -24.30 -27.45 -22.65
CA GLY A 87 -24.03 -28.51 -21.68
C GLY A 87 -24.14 -29.90 -22.29
N SER A 88 -25.19 -30.14 -23.09
CA SER A 88 -25.33 -31.44 -23.74
C SER A 88 -24.29 -31.61 -24.84
N TRP A 89 -23.81 -30.50 -25.42
CA TRP A 89 -22.69 -30.60 -26.32
C TRP A 89 -21.43 -31.09 -25.59
N PHE A 90 -21.08 -30.43 -24.48
CA PHE A 90 -19.92 -30.86 -23.70
C PHE A 90 -20.06 -32.31 -23.25
N ALA A 91 -21.28 -32.71 -22.84
CA ALA A 91 -21.49 -34.06 -22.32
C ALA A 91 -21.15 -35.16 -23.32
N GLN A 92 -21.01 -34.84 -24.62
CA GLN A 92 -20.60 -35.86 -25.59
C GLN A 92 -19.14 -36.25 -25.47
N GLY A 93 -18.34 -35.54 -24.67
CA GLY A 93 -16.94 -35.93 -24.51
C GLY A 93 -16.08 -35.42 -25.65
N GLY A 94 -15.07 -36.23 -25.98
CA GLY A 94 -14.16 -35.89 -27.07
C GLY A 94 -13.35 -34.64 -26.86
N ASP A 95 -13.00 -34.31 -25.62
CA ASP A 95 -12.16 -33.15 -25.27
C ASP A 95 -12.83 -31.82 -25.60
N ARG A 96 -14.15 -31.80 -25.80
CA ARG A 96 -14.84 -30.57 -26.16
C ARG A 96 -14.67 -29.50 -25.08
N ARG A 97 -14.92 -29.86 -23.82
CA ARG A 97 -14.81 -28.87 -22.74
C ARG A 97 -13.37 -28.43 -22.56
N ASP A 98 -12.43 -29.37 -22.56
CA ASP A 98 -11.01 -29.03 -22.39
C ASP A 98 -10.49 -28.10 -23.48
N LYS A 99 -11.07 -28.16 -24.67
CA LYS A 99 -10.58 -27.38 -25.80
C LYS A 99 -11.16 -25.99 -25.87
N VAL A 100 -12.29 -25.73 -25.23
CA VAL A 100 -13.05 -24.49 -25.44
C VAL A 100 -12.83 -23.58 -24.26
N VAL A 101 -12.51 -22.31 -24.56
CA VAL A 101 -12.60 -21.21 -23.61
C VAL A 101 -14.07 -20.82 -23.53
N LEU A 102 -14.71 -21.17 -22.41
CA LEU A 102 -16.16 -21.04 -22.25
C LEU A 102 -16.48 -19.74 -21.53
N ALA A 103 -17.25 -18.87 -22.18
CA ALA A 103 -17.62 -17.58 -21.63
C ALA A 103 -19.13 -17.49 -21.46
N THR A 104 -19.59 -17.04 -20.29
CA THR A 104 -21.01 -16.74 -20.11
C THR A 104 -21.14 -15.45 -19.32
N LYS A 105 -22.36 -15.15 -18.87
CA LYS A 105 -22.70 -13.81 -18.43
C LYS A 105 -23.58 -13.84 -17.19
N VAL A 106 -23.44 -12.80 -16.38
CA VAL A 106 -24.31 -12.51 -15.24
C VAL A 106 -24.75 -11.07 -15.36
N TYR A 107 -26.02 -10.82 -14.95
CA TYR A 107 -26.70 -9.52 -14.85
C TYR A 107 -28.20 -9.67 -15.12
N GLY A 108 -28.54 -10.44 -16.16
CA GLY A 108 -29.93 -10.52 -16.59
C GLY A 108 -30.83 -11.24 -15.60
N ASN A 109 -32.11 -10.85 -15.61
CA ASN A 109 -33.11 -11.53 -14.81
C ASN A 109 -33.40 -12.91 -15.40
N MET A 110 -33.32 -13.96 -14.59
CA MET A 110 -33.60 -15.31 -15.06
C MET A 110 -34.99 -15.80 -14.69
N GLY A 111 -35.79 -15.00 -13.98
CA GLY A 111 -37.17 -15.32 -13.72
C GLY A 111 -38.08 -14.88 -14.84
N LEU A 112 -39.37 -14.79 -14.51
CA LEU A 112 -40.39 -14.32 -15.47
C LEU A 112 -40.01 -12.96 -16.04
N ASP A 113 -40.09 -12.84 -17.37
CA ASP A 113 -39.84 -11.57 -18.03
C ASP A 113 -40.72 -10.48 -17.43
N GLY A 114 -40.16 -9.27 -17.30
CA GLY A 114 -40.80 -8.22 -16.55
C GLY A 114 -39.87 -7.73 -15.46
N PRO A 115 -40.37 -6.90 -14.54
CA PRO A 115 -39.49 -6.42 -13.46
C PRO A 115 -39.02 -7.58 -12.60
N ALA A 116 -37.72 -7.65 -12.38
CA ALA A 116 -37.17 -8.76 -11.62
C ALA A 116 -37.45 -8.58 -10.14
N TRP A 117 -37.55 -9.70 -9.43
CA TRP A 117 -37.49 -9.65 -7.97
C TRP A 117 -36.18 -8.97 -7.55
N PRO A 118 -36.18 -8.17 -6.50
CA PRO A 118 -34.93 -7.49 -6.11
C PRO A 118 -33.78 -8.46 -5.94
N ASN A 119 -32.62 -8.11 -6.52
CA ASN A 119 -31.36 -8.86 -6.46
C ASN A 119 -31.42 -10.17 -7.22
N HIS A 120 -32.44 -10.37 -8.05
CA HIS A 120 -32.43 -11.47 -9.00
C HIS A 120 -32.01 -11.01 -10.39
N ASP A 121 -31.60 -9.75 -10.50
CA ASP A 121 -30.89 -9.22 -11.66
C ASP A 121 -29.76 -8.33 -11.13
N LYS A 122 -28.96 -7.78 -12.04
CA LYS A 122 -27.87 -6.84 -11.73
C LYS A 122 -26.69 -7.54 -11.05
N LEU A 123 -25.75 -6.76 -10.47
CA LEU A 123 -24.43 -7.27 -10.13
C LEU A 123 -24.12 -7.28 -8.64
N SER A 124 -25.13 -7.37 -7.77
CA SER A 124 -24.84 -7.52 -6.34
C SER A 124 -24.10 -8.84 -6.10
N ALA A 125 -23.34 -8.90 -5.01
CA ALA A 125 -22.70 -10.17 -4.66
C ALA A 125 -23.74 -11.27 -4.50
N LEU A 126 -24.95 -10.90 -4.06
CA LEU A 126 -26.02 -11.88 -3.90
C LEU A 126 -26.43 -12.49 -5.24
N ASN A 127 -26.64 -11.65 -6.26
CA ASN A 127 -27.03 -12.21 -7.55
C ASN A 127 -25.88 -12.90 -8.25
N ILE A 128 -24.65 -12.43 -8.07
CA ILE A 128 -23.52 -13.13 -8.67
C ILE A 128 -23.43 -14.55 -8.12
N ARG A 129 -23.59 -14.71 -6.80
CA ARG A 129 -23.51 -16.02 -6.18
C ARG A 129 -24.53 -16.97 -6.79
N ARG A 130 -25.79 -16.56 -6.85
CA ARG A 130 -26.82 -17.47 -7.33
C ARG A 130 -26.75 -17.68 -8.84
N SER A 131 -26.36 -16.66 -9.61
CA SER A 131 -26.34 -16.79 -11.07
C SER A 131 -25.25 -17.75 -11.53
N VAL A 132 -24.06 -17.72 -10.90
CA VAL A 132 -22.98 -18.57 -11.37
C VAL A 132 -23.30 -20.04 -11.12
N ASP A 133 -23.90 -20.34 -9.97
CA ASP A 133 -24.22 -21.73 -9.68
C ASP A 133 -25.25 -22.28 -10.65
N ALA A 134 -26.23 -21.44 -11.05
CA ALA A 134 -27.24 -21.89 -12.01
C ALA A 134 -26.64 -22.06 -13.41
N SER A 135 -25.69 -21.20 -13.80
CA SER A 135 -25.03 -21.37 -15.09
C SER A 135 -24.17 -22.62 -15.10
N LEU A 136 -23.39 -22.82 -14.03
CA LEU A 136 -22.58 -24.02 -13.93
C LEU A 136 -23.43 -25.28 -14.07
N LYS A 137 -24.61 -25.28 -13.44
CA LYS A 137 -25.45 -26.48 -13.50
C LYS A 137 -25.97 -26.72 -14.91
N ARG A 138 -26.48 -25.68 -15.57
CA ARG A 138 -26.99 -25.85 -16.92
C ARG A 138 -25.87 -26.23 -17.89
N LEU A 139 -24.68 -25.63 -17.71
CA LEU A 139 -23.56 -25.92 -18.59
C LEU A 139 -22.95 -27.28 -18.30
N GLY A 140 -23.26 -27.88 -17.15
CA GLY A 140 -22.70 -29.17 -16.78
C GLY A 140 -21.18 -29.16 -16.71
N THR A 141 -20.62 -28.14 -16.07
CA THR A 141 -19.17 -27.99 -15.92
C THR A 141 -18.90 -27.43 -14.54
N ASP A 142 -17.69 -27.68 -14.04
CA ASP A 142 -17.32 -27.17 -12.72
C ASP A 142 -16.65 -25.81 -12.77
N HIS A 143 -16.38 -25.27 -13.96
CA HIS A 143 -15.80 -23.94 -14.01
C HIS A 143 -16.19 -23.25 -15.31
N ILE A 144 -16.20 -21.92 -15.24
CA ILE A 144 -16.38 -21.04 -16.39
C ILE A 144 -15.06 -20.32 -16.63
N ASP A 145 -14.59 -20.32 -17.88
CA ASP A 145 -13.31 -19.71 -18.14
C ASP A 145 -13.40 -18.19 -18.08
N LEU A 146 -14.43 -17.61 -18.70
CA LEU A 146 -14.57 -16.17 -18.77
C LEU A 146 -15.99 -15.81 -18.33
N TYR A 147 -16.12 -15.25 -17.13
CA TYR A 147 -17.39 -14.89 -16.58
C TYR A 147 -17.55 -13.38 -16.76
N GLN A 148 -18.59 -12.98 -17.49
CA GLN A 148 -18.70 -11.59 -17.94
C GLN A 148 -19.92 -10.91 -17.34
N PHE A 149 -19.73 -9.66 -16.92
CA PHE A 149 -20.86 -8.78 -16.59
C PHE A 149 -21.60 -8.42 -17.88
N HIS A 150 -22.90 -8.71 -17.93
CA HIS A 150 -23.65 -8.50 -19.18
C HIS A 150 -23.83 -7.02 -19.49
N HIS A 151 -23.73 -6.17 -18.47
CA HIS A 151 -23.99 -4.74 -18.59
C HIS A 151 -23.39 -4.09 -17.36
N VAL A 152 -22.95 -2.83 -17.51
CA VAL A 152 -22.53 -2.09 -16.33
C VAL A 152 -23.73 -1.99 -15.37
N ASP A 153 -23.46 -2.17 -14.08
CA ASP A 153 -24.46 -1.94 -13.05
C ASP A 153 -23.98 -0.76 -12.21
N ARG A 154 -24.57 0.41 -12.42
CA ARG A 154 -24.08 1.62 -11.78
C ARG A 154 -24.32 1.63 -10.28
N ASP A 155 -25.16 0.74 -9.76
CA ASP A 155 -25.50 0.74 -8.33
C ASP A 155 -24.61 -0.16 -7.50
N THR A 156 -23.74 -0.97 -8.11
CA THR A 156 -22.90 -1.88 -7.34
C THR A 156 -21.45 -1.41 -7.41
N PRO A 157 -20.80 -1.16 -6.28
CA PRO A 157 -19.42 -0.65 -6.31
C PRO A 157 -18.41 -1.76 -6.57
N TRP A 158 -17.22 -1.34 -7.02
CA TRP A 158 -16.25 -2.32 -7.48
C TRP A 158 -15.63 -3.13 -6.35
N ASP A 159 -15.57 -2.60 -5.13
CA ASP A 159 -15.05 -3.48 -4.08
C ASP A 159 -16.03 -4.60 -3.73
N GLU A 160 -17.33 -4.38 -3.93
CA GLU A 160 -18.29 -5.47 -3.78
C GLU A 160 -18.17 -6.46 -4.93
N ILE A 161 -18.10 -5.95 -6.16
CA ILE A 161 -18.02 -6.84 -7.31
C ILE A 161 -16.77 -7.69 -7.23
N TRP A 162 -15.61 -7.07 -6.95
CA TRP A 162 -14.39 -7.86 -6.93
C TRP A 162 -14.35 -8.83 -5.76
N GLN A 163 -14.99 -8.50 -4.63
CA GLN A 163 -15.13 -9.49 -3.57
C GLN A 163 -15.81 -10.74 -4.10
N ALA A 164 -16.93 -10.56 -4.79
CA ALA A 164 -17.71 -11.70 -5.27
C ALA A 164 -16.94 -12.50 -6.31
N MET A 165 -16.27 -11.83 -7.25
CA MET A 165 -15.53 -12.56 -8.27
C MET A 165 -14.34 -13.28 -7.65
N ASP A 166 -13.68 -12.64 -6.68
CA ASP A 166 -12.51 -13.26 -6.06
C ASP A 166 -12.91 -14.53 -5.32
N VAL A 167 -14.05 -14.51 -4.62
CA VAL A 167 -14.57 -15.74 -4.03
C VAL A 167 -14.62 -16.85 -5.08
N LEU A 168 -15.14 -16.52 -6.27
CA LEU A 168 -15.29 -17.54 -7.30
C LEU A 168 -13.92 -17.97 -7.86
N VAL A 169 -13.00 -17.02 -8.01
CA VAL A 169 -11.66 -17.39 -8.49
C VAL A 169 -10.98 -18.34 -7.50
N ARG A 170 -11.01 -18.01 -6.21
CA ARG A 170 -10.30 -18.84 -5.23
C ARG A 170 -10.96 -20.21 -5.05
N GLN A 171 -12.26 -20.29 -5.30
CA GLN A 171 -12.91 -21.60 -5.30
C GLN A 171 -12.73 -22.37 -6.60
N GLY A 172 -12.08 -21.80 -7.61
CA GLY A 172 -11.92 -22.50 -8.87
C GLY A 172 -13.13 -22.49 -9.77
N LYS A 173 -14.19 -21.74 -9.42
CA LYS A 173 -15.39 -21.77 -10.25
C LYS A 173 -15.27 -20.91 -11.50
N ILE A 174 -14.42 -19.87 -11.47
CA ILE A 174 -14.11 -19.10 -12.66
C ILE A 174 -12.60 -18.87 -12.72
N LEU A 175 -12.12 -18.56 -13.92
CA LEU A 175 -10.73 -18.18 -14.14
C LEU A 175 -10.59 -16.68 -14.37
N TYR A 176 -11.29 -16.15 -15.37
CA TYR A 176 -11.16 -14.77 -15.81
C TYR A 176 -12.50 -14.05 -15.72
N VAL A 177 -12.42 -12.73 -15.58
CA VAL A 177 -13.59 -11.85 -15.52
C VAL A 177 -13.51 -10.88 -16.70
N GLY A 178 -14.65 -10.66 -17.36
CA GLY A 178 -14.72 -9.69 -18.43
C GLY A 178 -15.96 -8.83 -18.31
N SER A 179 -16.00 -7.77 -19.11
CA SER A 179 -17.12 -6.84 -19.09
C SER A 179 -17.87 -6.90 -20.42
N SER A 180 -19.08 -6.37 -20.41
CA SER A 180 -19.85 -6.22 -21.62
C SER A 180 -20.75 -5.00 -21.44
N ASN A 181 -20.90 -4.22 -22.49
CA ASN A 181 -21.69 -2.99 -22.43
C ASN A 181 -21.26 -2.13 -21.25
N PHE A 182 -19.97 -1.86 -21.19
CA PHE A 182 -19.41 -0.90 -20.27
C PHE A 182 -19.13 0.42 -21.03
N ALA A 183 -19.08 1.51 -20.27
CA ALA A 183 -18.42 2.71 -20.76
C ALA A 183 -16.91 2.61 -20.48
N GLY A 184 -16.12 3.39 -21.23
CA GLY A 184 -14.68 3.30 -21.06
C GLY A 184 -14.23 3.61 -19.65
N TRP A 185 -14.88 4.58 -19.00
CA TRP A 185 -14.49 4.94 -17.65
C TRP A 185 -14.82 3.83 -16.65
N ASN A 186 -15.82 3.00 -16.96
CA ASN A 186 -16.11 1.83 -16.12
C ASN A 186 -14.96 0.82 -16.19
N ILE A 187 -14.41 0.61 -17.39
CA ILE A 187 -13.29 -0.31 -17.56
C ILE A 187 -12.10 0.17 -16.74
N ALA A 188 -11.77 1.46 -16.84
CA ALA A 188 -10.68 2.03 -16.07
C ALA A 188 -10.92 1.86 -14.57
N GLN A 189 -12.11 2.25 -14.10
CA GLN A 189 -12.40 2.17 -12.66
C GLN A 189 -12.29 0.73 -12.17
N ALA A 190 -12.86 -0.21 -12.92
CA ALA A 190 -12.80 -1.62 -12.52
C ALA A 190 -11.36 -2.10 -12.39
N ASN A 191 -10.53 -1.83 -13.40
CA ASN A 191 -9.21 -2.44 -13.39
C ASN A 191 -8.24 -1.73 -12.47
N GLU A 192 -8.40 -0.43 -12.29
CA GLU A 192 -7.61 0.26 -11.25
C GLU A 192 -7.98 -0.27 -9.87
N THR A 193 -9.27 -0.49 -9.62
CA THR A 193 -9.69 -1.03 -8.33
C THR A 193 -9.10 -2.41 -8.12
N ALA A 194 -9.22 -3.26 -9.13
CA ALA A 194 -8.65 -4.61 -9.05
C ALA A 194 -7.15 -4.53 -8.79
N ALA A 195 -6.44 -3.69 -9.54
CA ALA A 195 -4.99 -3.68 -9.45
C ALA A 195 -4.50 -3.21 -8.08
N ARG A 196 -5.27 -2.33 -7.42
CA ARG A 196 -4.89 -1.84 -6.09
C ARG A 196 -4.58 -2.96 -5.13
N HIS A 197 -5.27 -4.10 -5.27
CA HIS A 197 -5.21 -5.17 -4.29
C HIS A 197 -4.78 -6.49 -4.92
N GLY A 198 -4.00 -6.41 -6.00
CA GLY A 198 -3.39 -7.57 -6.59
C GLY A 198 -4.30 -8.46 -7.41
N ARG A 199 -5.51 -8.03 -7.71
CA ARG A 199 -6.42 -8.86 -8.47
C ARG A 199 -6.25 -8.64 -9.97
N LEU A 200 -6.40 -9.71 -10.74
CA LEU A 200 -6.43 -9.57 -12.17
C LEU A 200 -7.73 -8.86 -12.54
N GLY A 201 -7.63 -7.79 -13.31
CA GLY A 201 -8.83 -7.05 -13.65
C GLY A 201 -9.62 -7.70 -14.77
N LEU A 202 -10.53 -6.91 -15.35
CA LEU A 202 -11.20 -7.30 -16.59
C LEU A 202 -10.17 -7.69 -17.65
N VAL A 203 -10.43 -8.81 -18.34
CA VAL A 203 -9.53 -9.25 -19.41
C VAL A 203 -10.10 -8.94 -20.79
N SER A 204 -11.38 -8.58 -20.88
CA SER A 204 -12.02 -8.37 -22.17
C SER A 204 -13.25 -7.50 -21.96
N GLU A 205 -13.57 -6.70 -22.98
CA GLU A 205 -14.83 -5.97 -23.06
C GLU A 205 -15.56 -6.44 -24.30
N GLN A 206 -16.84 -6.79 -24.13
CA GLN A 206 -17.68 -7.28 -25.23
C GLN A 206 -18.67 -6.16 -25.56
N CYS A 207 -18.42 -5.43 -26.64
CA CYS A 207 -19.19 -4.24 -26.97
C CYS A 207 -19.82 -4.34 -28.36
N LEU A 208 -20.89 -3.58 -28.56
CA LEU A 208 -21.48 -3.46 -29.89
C LEU A 208 -20.53 -2.66 -30.78
N TYR A 209 -20.17 -3.20 -31.92
CA TYR A 209 -19.23 -2.56 -32.81
C TYR A 209 -19.35 -3.24 -34.16
N ASN A 210 -19.65 -2.46 -35.19
CA ASN A 210 -19.77 -2.97 -36.56
C ASN A 210 -19.83 -1.74 -37.45
N LEU A 211 -19.97 -1.98 -38.76
CA LEU A 211 -19.96 -0.87 -39.71
C LEU A 211 -21.02 0.17 -39.37
N CYS A 212 -22.22 -0.30 -39.00
CA CYS A 212 -23.33 0.63 -38.72
C CYS A 212 -23.10 1.41 -37.44
N GLU A 213 -22.58 0.76 -36.41
CA GLU A 213 -22.49 1.37 -35.09
C GLU A 213 -21.03 1.39 -34.68
N ARG A 214 -20.42 2.58 -34.74
CA ARG A 214 -18.99 2.73 -34.50
C ARG A 214 -18.68 3.59 -33.28
N ARG A 215 -19.66 3.93 -32.44
CA ARG A 215 -19.37 4.88 -31.38
C ARG A 215 -18.59 4.29 -30.21
N ALA A 216 -18.39 2.97 -30.16
CA ALA A 216 -17.41 2.41 -29.25
C ALA A 216 -16.01 2.93 -29.50
N GLU A 217 -15.75 3.49 -30.69
CA GLU A 217 -14.47 4.13 -30.99
C GLU A 217 -14.21 5.36 -30.14
N MET A 218 -15.24 5.99 -29.56
CA MET A 218 -15.02 7.24 -28.85
C MET A 218 -14.17 7.01 -27.60
N GLU A 219 -14.55 6.03 -26.78
CA GLU A 219 -13.96 5.85 -25.46
C GLU A 219 -13.85 4.37 -25.06
N VAL A 220 -14.84 3.57 -25.44
CA VAL A 220 -14.86 2.18 -24.99
C VAL A 220 -13.61 1.45 -25.49
N VAL A 221 -13.36 1.49 -26.79
CA VAL A 221 -12.21 0.78 -27.33
C VAL A 221 -10.91 1.46 -26.89
N PRO A 222 -10.78 2.80 -26.96
CA PRO A 222 -9.55 3.43 -26.41
C PRO A 222 -9.26 3.06 -24.95
N ALA A 223 -10.28 3.00 -24.08
CA ALA A 223 -9.99 2.59 -22.70
C ALA A 223 -9.59 1.12 -22.64
N ALA A 224 -10.29 0.25 -23.38
CA ALA A 224 -9.92 -1.16 -23.38
C ALA A 224 -8.49 -1.35 -23.84
N ARG A 225 -8.07 -0.60 -24.85
CA ARG A 225 -6.71 -0.73 -25.35
C ARG A 225 -5.69 -0.27 -24.31
N GLU A 226 -5.96 0.85 -23.64
CA GLU A 226 -5.03 1.34 -22.63
C GLU A 226 -4.87 0.35 -21.49
N TYR A 227 -5.97 -0.27 -21.06
CA TYR A 227 -5.93 -1.23 -19.98
C TYR A 227 -5.65 -2.65 -20.44
N GLY A 228 -5.39 -2.86 -21.73
CA GLY A 228 -4.97 -4.17 -22.19
C GLY A 228 -6.09 -5.20 -22.13
N LEU A 229 -7.33 -4.77 -22.37
CA LEU A 229 -8.44 -5.70 -22.52
C LEU A 229 -8.54 -6.18 -23.97
N GLY A 230 -8.89 -7.44 -24.14
CA GLY A 230 -9.47 -7.85 -25.40
C GLY A 230 -10.72 -7.07 -25.70
N VAL A 231 -11.06 -6.98 -26.98
CA VAL A 231 -12.28 -6.33 -27.44
C VAL A 231 -12.94 -7.32 -28.39
N ILE A 232 -14.11 -7.83 -28.01
CA ILE A 232 -14.84 -8.79 -28.83
C ILE A 232 -16.20 -8.18 -29.17
N ALA A 233 -16.53 -8.16 -30.47
CA ALA A 233 -17.62 -7.33 -30.97
C ALA A 233 -18.87 -8.17 -31.09
N TRP A 234 -19.92 -7.79 -30.37
CA TRP A 234 -21.19 -8.49 -30.52
C TRP A 234 -22.05 -7.85 -31.61
N SER A 235 -23.04 -8.60 -32.07
CA SER A 235 -23.78 -8.32 -33.31
C SER A 235 -22.87 -7.69 -34.35
N PRO A 236 -21.84 -8.42 -34.82
CA PRO A 236 -20.93 -7.84 -35.81
C PRO A 236 -21.58 -7.56 -37.16
N LEU A 237 -22.73 -8.16 -37.45
CA LEU A 237 -23.49 -7.85 -38.67
C LEU A 237 -24.68 -6.95 -38.37
N HIS A 238 -24.70 -6.33 -37.19
CA HIS A 238 -25.83 -5.52 -36.72
C HIS A 238 -27.14 -6.32 -36.78
N GLY A 239 -27.07 -7.56 -36.28
CA GLY A 239 -28.24 -8.41 -36.24
C GLY A 239 -28.64 -9.00 -37.57
N GLY A 240 -27.69 -9.13 -38.50
CA GLY A 240 -27.97 -9.61 -39.85
C GLY A 240 -28.19 -8.51 -40.87
N LEU A 241 -28.36 -7.26 -40.44
CA LEU A 241 -28.54 -6.14 -41.36
C LEU A 241 -27.42 -6.06 -42.39
N LEU A 242 -26.19 -6.39 -41.98
CA LEU A 242 -25.02 -6.34 -42.87
C LEU A 242 -24.78 -7.65 -43.61
N GLY A 243 -25.69 -8.62 -43.49
CA GLY A 243 -25.47 -9.89 -44.15
C GLY A 243 -26.18 -10.06 -45.49
N GLY A 244 -26.54 -8.95 -46.13
CA GLY A 244 -27.34 -9.03 -47.34
C GLY A 244 -28.83 -8.90 -47.11
N ALA A 245 -29.23 -8.11 -46.11
CA ALA A 245 -30.63 -8.11 -45.68
C ALA A 245 -31.58 -7.60 -46.76
N ILE A 246 -31.13 -6.63 -47.56
CA ILE A 246 -32.01 -6.07 -48.59
C ILE A 246 -32.20 -7.07 -49.72
N ARG A 247 -31.11 -7.68 -50.21
CA ARG A 247 -31.25 -8.73 -51.22
C ARG A 247 -32.18 -9.84 -50.73
N LYS A 248 -32.12 -10.18 -49.46
CA LYS A 248 -32.89 -11.29 -48.93
C LYS A 248 -34.20 -10.83 -48.28
N GLU A 249 -34.62 -9.59 -48.51
CA GLU A 249 -35.68 -8.99 -47.68
C GLU A 249 -37.02 -9.70 -47.81
N GLN A 250 -37.28 -10.35 -48.94
CA GLN A 250 -38.57 -11.00 -49.15
C GLN A 250 -38.49 -12.52 -49.01
N GLU A 251 -37.39 -13.04 -48.46
CA GLU A 251 -37.19 -14.46 -48.25
C GLU A 251 -37.83 -14.93 -46.95
N GLY A 252 -38.08 -16.23 -46.87
CA GLY A 252 -38.76 -16.82 -45.72
C GLY A 252 -37.81 -17.19 -44.60
N ASN A 254 -36.74 -18.27 -37.57
CA ASN A 254 -36.32 -17.97 -38.94
C ASN A 254 -35.29 -16.85 -39.04
N ARG A 255 -35.26 -16.10 -40.13
CA ARG A 255 -34.23 -15.10 -40.35
C ARG A 255 -34.15 -13.93 -39.34
N ARG A 256 -33.03 -13.80 -38.65
CA ARG A 256 -32.83 -12.70 -37.71
C ARG A 256 -32.96 -11.34 -38.35
N ALA A 257 -32.55 -11.23 -39.59
CA ALA A 257 -32.68 -9.96 -40.29
C ALA A 257 -34.15 -9.54 -40.49
N ALA A 258 -35.06 -10.49 -40.39
CA ALA A 258 -36.47 -10.13 -40.54
C ALA A 258 -37.06 -9.46 -39.31
N SER A 259 -36.31 -9.41 -38.23
CA SER A 259 -36.78 -8.81 -37.01
C SER A 259 -35.74 -8.01 -36.29
N GLY A 260 -36.16 -7.36 -35.21
CA GLY A 260 -35.23 -6.68 -34.35
C GLY A 260 -34.50 -5.52 -35.00
N ARG A 261 -33.24 -5.37 -34.58
CA ARG A 261 -32.38 -4.28 -35.01
C ARG A 261 -32.34 -4.12 -36.53
N ALA A 262 -32.23 -5.23 -37.26
CA ALA A 262 -32.11 -5.15 -38.71
C ALA A 262 -33.41 -4.67 -39.34
N ALA A 263 -34.54 -5.28 -38.95
CA ALA A 263 -35.83 -4.86 -39.49
C ALA A 263 -36.07 -3.38 -39.24
N ASP A 264 -35.78 -2.89 -38.04
CA ASP A 264 -35.99 -1.48 -37.74
C ASP A 264 -35.16 -0.59 -38.65
N ALA A 265 -33.90 -0.95 -38.86
CA ALA A 265 -33.03 -0.15 -39.72
C ALA A 265 -33.58 -0.09 -41.14
N LEU A 266 -34.13 -1.20 -41.63
CA LEU A 266 -34.64 -1.22 -42.99
C LEU A 266 -35.92 -0.39 -43.14
N LYS A 267 -36.64 -0.14 -42.04
CA LYS A 267 -37.80 0.74 -42.06
C LYS A 267 -37.41 2.21 -42.16
N ASP A 268 -36.20 2.57 -41.76
CA ASP A 268 -35.76 3.96 -41.76
C ASP A 268 -35.18 4.31 -43.13
N PRO A 269 -35.65 5.36 -43.78
CA PRO A 269 -35.13 5.67 -45.14
C PRO A 269 -33.61 5.85 -45.21
N GLN A 270 -33.01 6.54 -44.24
CA GLN A 270 -31.59 6.85 -44.36
C GLN A 270 -30.72 5.61 -44.12
N GLN A 271 -31.09 4.77 -43.14
CA GLN A 271 -30.30 3.57 -42.89
C GLN A 271 -30.46 2.58 -44.02
N ARG A 272 -31.68 2.43 -44.53
CA ARG A 272 -31.91 1.55 -45.67
C ARG A 272 -31.06 1.98 -46.87
N GLU A 273 -30.99 3.28 -47.13
CA GLU A 273 -30.17 3.80 -48.21
C GLU A 273 -28.69 3.50 -47.98
N GLN A 274 -28.26 3.55 -46.72
CA GLN A 274 -26.88 3.22 -46.39
C GLN A 274 -26.59 1.76 -46.70
N ILE A 275 -27.48 0.86 -46.28
CA ILE A 275 -27.29 -0.57 -46.52
C ILE A 275 -27.42 -0.87 -48.02
N GLN A 276 -28.28 -0.15 -48.72
CA GLN A 276 -28.38 -0.36 -50.16
C GLN A 276 -27.09 0.04 -50.85
N ARG A 277 -26.48 1.15 -50.41
CA ARG A 277 -25.19 1.55 -50.94
C ARG A 277 -24.12 0.51 -50.65
N TYR A 278 -24.15 -0.05 -49.43
CA TYR A 278 -23.21 -1.10 -49.05
C TYR A 278 -23.37 -2.33 -49.93
N GLU A 279 -24.61 -2.78 -50.14
CA GLU A 279 -24.82 -3.97 -50.93
C GLU A 279 -24.48 -3.72 -52.40
N ASP A 280 -24.73 -2.50 -52.89
CA ASP A 280 -24.33 -2.16 -54.25
C ASP A 280 -22.82 -2.20 -54.40
N LEU A 281 -22.10 -1.60 -53.45
CA LEU A 281 -20.63 -1.56 -53.49
C LEU A 281 -20.03 -2.96 -53.57
N LEU A 282 -20.57 -3.90 -52.78
CA LEU A 282 -20.02 -5.25 -52.77
C LEU A 282 -20.47 -6.06 -53.97
N ASP A 283 -21.58 -5.67 -54.60
CA ASP A 283 -21.94 -6.27 -55.88
C ASP A 283 -20.90 -5.94 -56.94
N LYS A 284 -20.40 -4.70 -56.94
CA LYS A 284 -19.42 -4.29 -57.95
C LYS A 284 -18.13 -5.06 -57.77
N HIS A 285 -17.75 -5.31 -56.52
CA HIS A 285 -16.49 -5.98 -56.22
C HIS A 285 -16.62 -7.49 -56.10
N GLY A 286 -17.82 -8.05 -56.25
CA GLY A 286 -18.00 -9.50 -56.16
C GLY A 286 -17.71 -10.09 -54.80
N LEU A 287 -18.08 -9.40 -53.71
CA LEU A 287 -17.79 -9.84 -52.36
C LEU A 287 -19.08 -10.06 -51.59
N GLU A 288 -18.99 -10.87 -50.51
CA GLU A 288 -20.21 -11.18 -49.79
C GLU A 288 -20.40 -10.25 -48.61
N PRO A 289 -21.60 -9.70 -48.42
CA PRO A 289 -21.75 -8.64 -47.40
C PRO A 289 -21.42 -9.11 -45.99
N GLY A 290 -21.94 -10.27 -45.58
CA GLY A 290 -21.62 -10.77 -44.25
C GLY A 290 -20.13 -10.99 -44.05
N GLU A 291 -19.46 -11.56 -45.05
CA GLU A 291 -18.02 -11.79 -44.92
C GLU A 291 -17.25 -10.48 -44.85
N VAL A 292 -17.65 -9.48 -45.64
CA VAL A 292 -16.90 -8.22 -45.62
C VAL A 292 -17.08 -7.50 -44.28
N ALA A 293 -18.28 -7.55 -43.71
CA ALA A 293 -18.51 -6.87 -42.43
C ALA A 293 -17.68 -7.51 -41.32
N LEU A 294 -17.51 -8.84 -41.35
CA LEU A 294 -16.66 -9.51 -40.37
C LEU A 294 -15.18 -9.21 -40.62
N ALA A 295 -14.76 -9.29 -41.89
CA ALA A 295 -13.38 -8.94 -42.23
C ALA A 295 -13.07 -7.50 -41.84
N TRP A 296 -14.05 -6.60 -41.96
CA TRP A 296 -13.80 -5.21 -41.59
C TRP A 296 -13.46 -5.07 -40.11
N LEU A 297 -14.18 -5.79 -39.24
CA LEU A 297 -13.89 -5.69 -37.81
C LEU A 297 -12.49 -6.21 -37.49
N LEU A 298 -12.03 -7.21 -38.23
CA LEU A 298 -10.71 -7.78 -38.02
C LEU A 298 -9.59 -6.80 -38.37
N THR A 299 -9.87 -5.73 -39.14
CA THR A 299 -8.86 -4.70 -39.40
C THR A 299 -8.84 -3.58 -38.37
N ARG A 300 -9.81 -3.53 -37.44
CA ARG A 300 -9.89 -2.39 -36.53
C ARG A 300 -8.89 -2.53 -35.38
N PRO A 301 -8.08 -1.51 -35.10
CA PRO A 301 -7.05 -1.63 -34.07
C PRO A 301 -7.64 -1.92 -32.71
N GLY A 302 -7.06 -2.90 -32.01
CA GLY A 302 -7.51 -3.29 -30.68
C GLY A 302 -8.60 -4.32 -30.67
N VAL A 303 -9.22 -4.62 -31.81
CA VAL A 303 -10.32 -5.58 -31.84
C VAL A 303 -9.74 -7.00 -31.87
N THR A 304 -10.05 -7.79 -30.83
CA THR A 304 -9.67 -9.19 -30.82
C THR A 304 -10.34 -9.94 -31.97
N GLY A 305 -11.65 -9.77 -32.10
CA GLY A 305 -12.37 -10.24 -33.25
C GLY A 305 -13.87 -10.10 -33.07
N PRO A 306 -14.63 -10.41 -34.12
CA PRO A 306 -16.08 -10.43 -34.02
C PRO A 306 -16.58 -11.69 -33.32
N ILE A 307 -17.71 -11.54 -32.63
CA ILE A 307 -18.43 -12.69 -32.10
C ILE A 307 -19.46 -13.05 -33.18
N VAL A 308 -19.16 -14.08 -33.97
CA VAL A 308 -20.01 -14.40 -35.11
C VAL A 308 -21.32 -15.00 -34.62
N GLY A 309 -22.39 -14.76 -35.37
CA GLY A 309 -23.68 -15.26 -34.97
C GLY A 309 -24.36 -16.14 -36.01
N PRO A 310 -23.71 -17.24 -36.40
CA PRO A 310 -24.30 -18.10 -37.43
C PRO A 310 -25.63 -18.67 -36.96
N ARG A 311 -26.61 -18.67 -37.88
CA ARG A 311 -27.82 -19.44 -37.69
C ARG A 311 -27.69 -20.85 -38.25
N THR A 312 -26.77 -21.04 -39.19
CA THR A 312 -26.59 -22.31 -39.90
C THR A 312 -25.11 -22.64 -39.96
N ALA A 313 -24.82 -23.90 -40.27
CA ALA A 313 -23.43 -24.32 -40.47
C ALA A 313 -22.80 -23.63 -41.66
N ASP A 314 -23.57 -23.36 -42.71
CA ASP A 314 -23.02 -22.64 -43.86
C ASP A 314 -22.63 -21.23 -43.48
N GLN A 315 -23.40 -20.60 -42.60
CA GLN A 315 -23.01 -19.27 -42.15
C GLN A 315 -21.71 -19.32 -41.34
N LEU A 316 -21.48 -20.41 -40.60
CA LEU A 316 -20.20 -20.53 -39.90
C LEU A 316 -19.05 -20.69 -40.88
N ALA A 317 -19.22 -21.54 -41.90
CA ALA A 317 -18.17 -21.69 -42.90
C ALA A 317 -17.92 -20.36 -43.62
N SER A 318 -18.99 -19.59 -43.83
CA SER A 318 -18.85 -18.25 -44.40
C SER A 318 -18.00 -17.36 -43.50
N ALA A 319 -18.23 -17.42 -42.19
CA ALA A 319 -17.40 -16.65 -41.26
C ALA A 319 -15.93 -17.05 -41.36
N VAL A 320 -15.66 -18.35 -41.52
CA VAL A 320 -14.27 -18.78 -41.62
C VAL A 320 -13.62 -18.20 -42.88
N ARG A 321 -14.39 -18.13 -43.97
CA ARG A 321 -13.88 -17.50 -45.19
C ARG A 321 -13.59 -16.02 -44.96
N ALA A 322 -14.47 -15.34 -44.22
CA ALA A 322 -14.25 -13.92 -43.94
C ALA A 322 -12.95 -13.70 -43.17
N ALA A 323 -12.59 -14.64 -42.31
CA ALA A 323 -11.36 -14.51 -41.54
C ALA A 323 -10.11 -14.65 -42.41
N GLU A 324 -10.22 -15.24 -43.61
CA GLU A 324 -9.14 -15.35 -44.57
C GLU A 324 -9.13 -14.22 -45.59
N LEU A 325 -10.17 -13.38 -45.60
CA LEU A 325 -10.33 -12.33 -46.59
C LEU A 325 -9.34 -11.19 -46.37
N THR A 326 -8.80 -10.64 -47.47
CA THR A 326 -8.01 -9.41 -47.41
C THR A 326 -8.76 -8.33 -48.17
N LEU A 327 -9.32 -7.39 -47.43
CA LEU A 327 -10.00 -6.26 -48.03
C LEU A 327 -8.99 -5.28 -48.62
N THR A 328 -9.20 -4.88 -49.87
CA THR A 328 -8.32 -3.90 -50.48
C THR A 328 -8.52 -2.54 -49.82
N ASP A 329 -7.53 -1.69 -50.02
CA ASP A 329 -7.63 -0.34 -49.48
C ASP A 329 -8.74 0.45 -50.16
N GLU A 330 -9.01 0.16 -51.43
CA GLU A 330 -10.13 0.78 -52.11
C GLU A 330 -11.44 0.48 -51.38
N VAL A 331 -11.67 -0.79 -51.05
CA VAL A 331 -12.90 -1.17 -50.38
C VAL A 331 -12.95 -0.62 -48.96
N LEU A 332 -11.82 -0.67 -48.24
CA LEU A 332 -11.79 -0.10 -46.90
C LEU A 332 -12.14 1.38 -46.92
N THR A 333 -11.58 2.13 -47.88
CA THR A 333 -11.91 3.55 -47.99
C THR A 333 -13.37 3.75 -48.29
N ALA A 334 -13.94 2.92 -49.18
CA ALA A 334 -15.36 3.05 -49.53
C ALA A 334 -16.25 2.74 -48.33
N LEU A 335 -15.94 1.68 -47.59
CA LEU A 335 -16.72 1.37 -46.40
C LEU A 335 -16.68 2.52 -45.42
N ASP A 336 -15.50 3.11 -45.23
CA ASP A 336 -15.34 4.21 -44.29
C ASP A 336 -16.14 5.45 -44.72
N GLU A 337 -16.32 5.66 -46.03
CA GLU A 337 -17.13 6.80 -46.45
C GLU A 337 -18.61 6.51 -46.29
N ILE A 338 -19.03 5.28 -46.55
CA ILE A 338 -20.43 4.92 -46.36
C ILE A 338 -20.78 4.91 -44.87
N PHE A 339 -19.86 4.41 -44.03
CA PHE A 339 -20.09 4.18 -42.60
C PHE A 339 -19.07 4.93 -41.76
N PRO A 340 -19.10 6.27 -41.75
CA PRO A 340 -18.08 7.01 -41.01
C PRO A 340 -18.19 6.71 -39.52
N GLY A 341 -17.05 6.77 -38.85
CA GLY A 341 -16.99 6.59 -37.41
C GLY A 341 -16.49 7.87 -36.77
N PRO A 342 -16.64 8.01 -35.46
CA PRO A 342 -16.25 9.26 -34.80
C PRO A 342 -14.79 9.38 -34.41
N GLY A 343 -14.05 8.28 -34.35
CA GLY A 343 -12.77 8.28 -33.72
C GLY A 343 -12.88 8.56 -32.22
N PRO A 344 -11.74 8.83 -31.58
CA PRO A 344 -11.71 8.98 -30.13
C PRO A 344 -12.17 10.34 -29.64
N SER A 345 -12.77 10.35 -28.41
CA SER A 345 -12.90 11.60 -27.65
C SER A 345 -11.56 11.97 -27.04
N PRO A 346 -11.31 13.26 -26.79
CA PRO A 346 -12.20 14.41 -26.99
C PRO A 346 -12.30 14.90 -28.44
N GLU A 347 -11.39 14.44 -29.33
CA GLU A 347 -11.37 14.97 -30.69
C GLU A 347 -12.70 14.77 -31.43
N ALA A 348 -13.48 13.74 -31.07
CA ALA A 348 -14.69 13.43 -31.80
C ALA A 348 -15.71 14.56 -31.69
N PHE A 349 -15.72 15.30 -30.59
CA PHE A 349 -16.69 16.38 -30.40
C PHE A 349 -16.05 17.72 -30.02
N ALA A 350 -14.78 17.76 -29.65
CA ALA A 350 -14.13 19.00 -29.25
C ALA A 350 -12.96 19.27 -30.20
N TRP A 351 -11.72 19.10 -29.74
CA TRP A 351 -10.53 19.20 -30.62
C TRP A 351 -9.37 18.35 -30.10
N MET B 21 3.94 22.47 38.71
CA MET B 21 3.11 22.24 37.52
C MET B 21 3.21 20.78 37.05
N GLU B 22 2.07 20.18 36.74
CA GLU B 22 2.02 18.81 36.24
C GLU B 22 2.10 18.80 34.71
N TYR B 23 2.95 17.94 34.17
CA TYR B 23 3.12 17.80 32.73
C TYR B 23 2.63 16.44 32.28
N THR B 24 2.37 16.32 30.98
CA THR B 24 1.87 15.07 30.42
C THR B 24 2.17 15.09 28.93
N GLN B 25 2.22 13.91 28.32
CA GLN B 25 2.31 13.87 26.86
C GLN B 25 0.99 14.29 26.26
N LEU B 26 1.05 14.98 25.11
CA LEU B 26 -0.17 15.33 24.38
C LEU B 26 -0.62 14.08 23.64
N GLY B 27 -1.60 13.38 24.17
CA GLY B 27 -2.00 12.11 23.56
C GLY B 27 -0.81 11.20 23.38
N ARG B 28 -0.67 10.66 22.18
CA ARG B 28 0.33 9.65 21.83
C ARG B 28 1.64 10.24 21.34
N ILE B 29 1.73 11.56 21.14
CA ILE B 29 2.93 12.11 20.49
C ILE B 29 3.98 12.49 21.52
N GLY B 30 5.17 12.85 21.05
CA GLY B 30 6.29 13.07 21.94
C GLY B 30 6.33 14.43 22.61
N LEU B 31 5.43 15.33 22.21
CA LEU B 31 5.35 16.64 22.80
C LEU B 31 4.84 16.55 24.25
N LYS B 32 5.54 17.23 25.16
CA LYS B 32 5.15 17.30 26.57
C LYS B 32 4.55 18.68 26.86
N VAL B 33 3.37 18.69 27.47
CA VAL B 33 2.68 19.96 27.71
C VAL B 33 2.24 20.03 29.16
N SER B 34 2.13 21.25 29.65
CA SER B 34 1.55 21.48 30.97
C SER B 34 0.07 21.09 30.95
N ARG B 35 -0.41 20.56 32.06
CA ARG B 35 -1.81 20.16 32.12
C ARG B 35 -2.77 21.34 32.24
N LEU B 36 -2.26 22.55 32.45
CA LEU B 36 -3.03 23.76 32.20
C LEU B 36 -2.60 24.34 30.86
N VAL B 37 -3.56 24.58 29.97
CA VAL B 37 -3.28 25.27 28.71
C VAL B 37 -3.74 26.72 28.87
N LEU B 38 -2.89 27.67 28.48
CA LEU B 38 -3.28 29.08 28.60
C LEU B 38 -4.10 29.48 27.40
N GLY B 39 -5.38 29.80 27.62
CA GLY B 39 -6.21 30.37 26.58
C GLY B 39 -6.06 31.88 26.52
N THR B 40 -6.22 32.42 25.32
CA THR B 40 -5.92 33.83 25.07
C THR B 40 -7.11 34.61 24.52
N MET B 41 -8.27 33.96 24.38
CA MET B 41 -9.43 34.59 23.76
C MET B 41 -9.80 35.92 24.43
N ASN B 42 -9.60 36.02 25.75
CA ASN B 42 -9.89 37.27 26.47
C ASN B 42 -8.91 38.39 26.13
N PHE B 43 -7.72 38.06 25.63
CA PHE B 43 -6.65 39.04 25.39
C PHE B 43 -7.02 39.92 24.21
N GLY B 44 -7.46 41.15 24.48
CA GLY B 44 -7.97 42.02 23.45
C GLY B 44 -9.35 42.56 23.78
N PRO B 45 -10.39 41.74 23.61
CA PRO B 45 -11.76 42.25 23.80
C PRO B 45 -12.16 42.42 25.25
N THR B 46 -11.50 41.74 26.15
CA THR B 46 -11.87 41.70 27.56
C THR B 46 -10.71 42.12 28.45
N THR B 47 -9.51 41.68 28.14
CA THR B 47 -8.30 41.94 28.90
C THR B 47 -7.37 42.76 28.02
N ASP B 48 -6.89 43.89 28.53
CA ASP B 48 -6.09 44.77 27.69
C ASP B 48 -4.68 44.19 27.49
N GLU B 49 -3.94 44.80 26.56
CA GLU B 49 -2.66 44.23 26.15
C GLU B 49 -1.68 44.18 27.30
N ALA B 50 -1.70 45.19 28.17
CA ALA B 50 -0.76 45.20 29.28
C ALA B 50 -1.00 44.03 30.22
N GLU B 51 -2.25 43.82 30.63
CA GLU B 51 -2.45 42.73 31.58
C GLU B 51 -2.41 41.37 30.89
N SER B 52 -2.73 41.32 29.60
CA SER B 52 -2.50 40.08 28.83
C SER B 52 -1.05 39.67 28.91
N HIS B 53 -0.13 40.61 28.64
CA HIS B 53 1.29 40.29 28.76
C HIS B 53 1.64 39.86 30.18
N ALA B 54 1.00 40.47 31.18
CA ALA B 54 1.28 40.08 32.56
C ALA B 54 0.81 38.66 32.85
N ILE B 55 -0.38 38.31 32.35
CA ILE B 55 -0.88 36.94 32.51
C ILE B 55 0.08 35.94 31.86
N MET B 56 0.61 36.29 30.69
CA MET B 56 1.50 35.38 29.97
C MET B 56 2.84 35.22 30.68
N ASP B 57 3.39 36.32 31.24
CA ASP B 57 4.56 36.21 32.10
C ASP B 57 4.28 35.28 33.26
N ALA B 58 3.15 35.47 33.93
CA ALA B 58 2.84 34.67 35.10
C ALA B 58 2.63 33.21 34.70
N ALA B 59 1.97 32.98 33.56
CA ALA B 59 1.78 31.60 33.09
C ALA B 59 3.11 30.91 32.86
N LEU B 60 4.02 31.59 32.18
CA LEU B 60 5.31 30.98 31.89
C LEU B 60 6.12 30.76 33.17
N ASP B 61 6.06 31.69 34.13
CA ASP B 61 6.76 31.47 35.40
C ASP B 61 6.17 30.31 36.17
N ALA B 62 4.87 30.08 36.04
CA ALA B 62 4.24 28.95 36.71
C ALA B 62 4.51 27.62 36.01
N GLY B 63 5.19 27.63 34.87
CA GLY B 63 5.51 26.42 34.15
C GLY B 63 4.57 26.05 33.02
N ILE B 64 3.59 26.89 32.70
CA ILE B 64 2.70 26.66 31.58
C ILE B 64 3.47 26.91 30.28
N ASN B 65 3.56 25.90 29.43
CA ASN B 65 4.33 25.98 28.19
C ASN B 65 3.48 25.83 26.94
N PHE B 66 2.17 25.96 27.05
CA PHE B 66 1.23 25.61 25.99
C PHE B 66 0.19 26.71 25.93
N PHE B 67 0.22 27.52 24.86
CA PHE B 67 -0.68 28.65 24.70
C PHE B 67 -1.60 28.39 23.52
N ASP B 68 -2.89 28.63 23.72
CA ASP B 68 -3.88 28.53 22.63
C ASP B 68 -4.39 29.90 22.22
N THR B 69 -4.39 30.17 20.91
CA THR B 69 -4.99 31.37 20.35
C THR B 69 -5.70 31.00 19.04
N ALA B 70 -6.18 32.02 18.33
CA ALA B 70 -6.82 31.83 17.03
C ALA B 70 -6.66 33.12 16.25
N ASN B 71 -6.69 32.99 14.93
CA ASN B 71 -6.61 34.19 14.09
C ASN B 71 -7.79 35.12 14.35
N VAL B 72 -8.98 34.58 14.60
CA VAL B 72 -10.16 35.44 14.77
C VAL B 72 -10.21 36.14 16.12
N TYR B 73 -9.39 35.75 17.09
CA TYR B 73 -9.52 36.32 18.44
C TYR B 73 -9.16 37.81 18.41
N GLY B 74 -9.95 38.60 19.15
CA GLY B 74 -9.98 40.04 18.99
C GLY B 74 -11.38 40.50 18.63
N TRP B 75 -12.02 39.79 17.68
CA TRP B 75 -13.42 39.97 17.27
C TRP B 75 -13.66 41.21 16.40
N GLY B 76 -14.67 41.11 15.52
CA GLY B 76 -15.10 42.25 14.73
C GLY B 76 -13.97 42.90 13.97
N GLU B 77 -13.89 44.23 14.07
CA GLU B 77 -12.82 44.96 13.41
C GLU B 77 -11.45 44.62 13.97
N ASN B 78 -11.39 43.98 15.14
CA ASN B 78 -10.14 43.70 15.83
C ASN B 78 -9.71 42.23 15.71
N LYS B 79 -10.30 41.48 14.77
CA LYS B 79 -9.86 40.11 14.55
C LYS B 79 -8.38 40.11 14.19
N GLY B 80 -7.61 39.25 14.86
CA GLY B 80 -6.17 39.20 14.70
C GLY B 80 -5.41 39.88 15.81
N ARG B 81 -6.11 40.65 16.64
CA ARG B 81 -5.45 41.41 17.71
C ARG B 81 -4.81 40.52 18.75
N THR B 82 -5.45 39.40 19.09
CA THR B 82 -4.86 38.52 20.10
C THR B 82 -3.53 37.96 19.61
N GLU B 83 -3.48 37.47 18.37
CA GLU B 83 -2.21 37.02 17.81
C GLU B 83 -1.17 38.14 17.82
N GLU B 84 -1.59 39.38 17.53
CA GLU B 84 -0.66 40.50 17.61
C GLU B 84 -0.18 40.72 19.05
N ILE B 85 -1.06 40.52 20.03
CA ILE B 85 -0.66 40.65 21.42
C ILE B 85 0.33 39.55 21.80
N LEU B 86 0.10 38.33 21.32
CA LEU B 86 1.13 37.31 21.50
C LEU B 86 2.40 37.68 20.75
N GLY B 87 2.25 38.28 19.55
CA GLY B 87 3.42 38.66 18.77
C GLY B 87 4.31 39.65 19.50
N SER B 88 3.71 40.66 20.14
CA SER B 88 4.54 41.62 20.84
C SER B 88 5.13 41.03 22.11
N TRP B 89 4.44 40.05 22.70
CA TRP B 89 5.00 39.36 23.87
C TRP B 89 6.27 38.58 23.50
N PHE B 90 6.19 37.76 22.44
CA PHE B 90 7.39 37.05 21.98
C PHE B 90 8.52 38.02 21.64
N ALA B 91 8.17 39.18 21.08
CA ALA B 91 9.20 40.14 20.68
C ALA B 91 9.97 40.70 21.86
N GLN B 92 9.44 40.58 23.09
CA GLN B 92 10.27 40.95 24.24
C GLN B 92 11.38 39.95 24.53
N GLY B 93 11.44 38.82 23.81
CA GLY B 93 12.63 37.97 23.87
C GLY B 93 12.61 37.04 25.06
N GLY B 94 13.75 36.93 25.74
CA GLY B 94 13.83 36.13 26.96
C GLY B 94 13.56 34.65 26.78
N ASP B 95 13.78 34.12 25.58
CA ASP B 95 13.52 32.71 25.25
C ASP B 95 12.05 32.37 25.27
N ARG B 96 11.16 33.35 25.09
CA ARG B 96 9.73 33.10 25.19
C ARG B 96 9.22 32.17 24.09
N ARG B 97 9.51 32.52 22.82
CA ARG B 97 9.03 31.69 21.71
C ARG B 97 9.59 30.28 21.82
N ASP B 98 10.88 30.15 22.17
CA ASP B 98 11.52 28.84 22.28
C ASP B 98 10.88 27.97 23.35
N LYS B 99 10.36 28.58 24.42
CA LYS B 99 9.82 27.80 25.53
C LYS B 99 8.34 27.49 25.39
N VAL B 100 7.63 28.14 24.48
CA VAL B 100 6.18 28.02 24.40
C VAL B 100 5.80 27.12 23.23
N VAL B 101 4.93 26.15 23.49
CA VAL B 101 4.21 25.44 22.43
C VAL B 101 3.07 26.35 21.99
N LEU B 102 3.19 26.91 20.79
CA LEU B 102 2.29 27.93 20.29
C LEU B 102 1.24 27.26 19.41
N ALA B 103 -0.03 27.41 19.79
CA ALA B 103 -1.15 26.86 19.03
C ALA B 103 -2.04 28.00 18.52
N THR B 104 -2.41 27.94 17.25
CA THR B 104 -3.45 28.82 16.73
C THR B 104 -4.35 28.02 15.81
N LYS B 105 -5.22 28.71 15.06
CA LYS B 105 -6.35 28.06 14.40
C LYS B 105 -6.61 28.66 13.02
N VAL B 106 -7.19 27.83 12.16
CA VAL B 106 -7.67 28.23 10.85
C VAL B 106 -9.07 27.66 10.68
N TYR B 107 -9.92 28.45 10.00
CA TYR B 107 -11.33 28.20 9.62
C TYR B 107 -12.09 29.52 9.59
N GLY B 108 -11.85 30.39 10.56
CA GLY B 108 -12.69 31.56 10.72
C GLY B 108 -12.52 32.59 9.62
N ASN B 109 -13.59 33.33 9.36
CA ASN B 109 -13.54 34.50 8.48
C ASN B 109 -12.74 35.62 9.15
N MET B 110 -11.70 36.09 8.48
CA MET B 110 -10.90 37.20 8.97
C MET B 110 -11.30 38.53 8.34
N GLY B 111 -12.26 38.53 7.42
CA GLY B 111 -12.77 39.75 6.83
C GLY B 111 -13.84 40.41 7.69
N LEU B 112 -14.63 41.25 7.06
CA LEU B 112 -15.74 41.88 7.77
C LEU B 112 -16.71 40.83 8.31
N ASP B 113 -17.16 41.01 9.55
CA ASP B 113 -18.18 40.13 10.10
C ASP B 113 -19.41 40.10 9.21
N GLY B 114 -19.97 38.91 9.02
CA GLY B 114 -21.03 38.70 8.07
C GLY B 114 -20.70 37.49 7.20
N PRO B 115 -21.41 37.32 6.09
CA PRO B 115 -21.06 36.23 5.17
C PRO B 115 -19.67 36.45 4.60
N ALA B 116 -18.87 35.39 4.62
CA ALA B 116 -17.49 35.52 4.17
C ALA B 116 -17.43 35.46 2.65
N TRP B 117 -16.45 36.14 2.09
CA TRP B 117 -16.13 35.92 0.69
C TRP B 117 -15.78 34.45 0.50
N PRO B 118 -16.22 33.81 -0.59
CA PRO B 118 -15.91 32.39 -0.79
C PRO B 118 -14.42 32.10 -0.64
N ASN B 119 -14.11 31.08 0.16
CA ASN B 119 -12.76 30.58 0.43
C ASN B 119 -11.95 31.51 1.28
N HIS B 120 -12.59 32.49 1.92
CA HIS B 120 -11.97 33.25 2.98
C HIS B 120 -12.42 32.77 4.35
N ASP B 121 -13.17 31.67 4.40
CA ASP B 121 -13.35 30.87 5.61
C ASP B 121 -13.32 29.40 5.21
N LYS B 122 -13.47 28.52 6.20
CA LYS B 122 -13.45 27.05 6.04
C LYS B 122 -12.04 26.54 5.74
N LEU B 123 -11.94 25.31 5.24
CA LEU B 123 -10.68 24.56 5.26
C LEU B 123 -10.18 24.20 3.87
N SER B 124 -10.58 24.91 2.81
CA SER B 124 -9.95 24.70 1.51
C SER B 124 -8.45 24.88 1.63
N ALA B 125 -7.71 24.19 0.77
CA ALA B 125 -6.28 24.46 0.69
C ALA B 125 -6.03 25.93 0.39
N LEU B 126 -6.97 26.57 -0.30
CA LEU B 126 -6.83 27.99 -0.58
C LEU B 126 -6.90 28.81 0.70
N ASN B 127 -7.90 28.56 1.56
CA ASN B 127 -7.97 29.35 2.78
C ASN B 127 -6.88 28.97 3.77
N ILE B 128 -6.40 27.72 3.73
CA ILE B 128 -5.33 27.33 4.64
C ILE B 128 -4.05 28.09 4.28
N ARG B 129 -3.74 28.19 2.99
CA ARG B 129 -2.53 28.89 2.56
C ARG B 129 -2.53 30.35 3.02
N ARG B 130 -3.62 31.08 2.76
CA ARG B 130 -3.64 32.49 3.12
C ARG B 130 -3.72 32.70 4.64
N SER B 131 -4.44 31.82 5.34
CA SER B 131 -4.62 32.03 6.78
C SER B 131 -3.33 31.82 7.56
N VAL B 132 -2.55 30.79 7.21
CA VAL B 132 -1.34 30.52 7.98
C VAL B 132 -0.33 31.64 7.80
N ASP B 133 -0.25 32.20 6.60
CA ASP B 133 0.71 33.27 6.35
C ASP B 133 0.35 34.53 7.14
N ALA B 134 -0.96 34.83 7.24
CA ALA B 134 -1.41 35.98 8.02
C ALA B 134 -1.21 35.77 9.51
N SER B 135 -1.39 34.53 10.01
CA SER B 135 -1.13 34.24 11.43
C SER B 135 0.36 34.32 11.74
N LEU B 136 1.21 33.71 10.90
CA LEU B 136 2.64 33.80 11.13
C LEU B 136 3.09 35.26 11.21
N LYS B 137 2.53 36.11 10.34
CA LYS B 137 2.84 37.54 10.33
C LYS B 137 2.47 38.21 11.65
N ARG B 138 1.22 38.03 12.10
CA ARG B 138 0.77 38.70 13.33
C ARG B 138 1.54 38.19 14.54
N LEU B 139 1.80 36.88 14.61
CA LEU B 139 2.55 36.31 15.72
C LEU B 139 4.03 36.62 15.67
N GLY B 140 4.54 37.14 14.55
CA GLY B 140 5.96 37.43 14.45
C GLY B 140 6.85 36.21 14.61
N THR B 141 6.49 35.09 13.99
CA THR B 141 7.24 33.85 14.13
C THR B 141 7.28 33.16 12.78
N ASP B 142 8.30 32.32 12.58
CA ASP B 142 8.41 31.56 11.35
C ASP B 142 7.72 30.19 11.40
N HIS B 143 7.17 29.80 12.54
CA HIS B 143 6.48 28.52 12.57
C HIS B 143 5.46 28.51 13.72
N ILE B 144 4.39 27.75 13.49
CA ILE B 144 3.36 27.47 14.48
C ILE B 144 3.55 26.03 14.93
N ASP B 145 3.55 25.80 16.25
CA ASP B 145 3.80 24.45 16.73
C ASP B 145 2.58 23.56 16.52
N LEU B 146 1.39 24.06 16.87
CA LEU B 146 0.15 23.28 16.76
C LEU B 146 -0.85 24.13 15.98
N TYR B 147 -1.09 23.75 14.74
CA TYR B 147 -2.02 24.48 13.88
C TYR B 147 -3.32 23.69 13.83
N GLN B 148 -4.39 24.31 14.30
CA GLN B 148 -5.64 23.60 14.56
C GLN B 148 -6.77 24.06 13.64
N PHE B 149 -7.52 23.08 13.13
CA PHE B 149 -8.79 23.39 12.48
C PHE B 149 -9.79 23.87 13.53
N HIS B 150 -10.29 25.10 13.38
CA HIS B 150 -11.20 25.67 14.38
C HIS B 150 -12.50 24.87 14.46
N HIS B 151 -12.86 24.17 13.39
CA HIS B 151 -14.17 23.54 13.28
C HIS B 151 -14.12 22.55 12.13
N VAL B 152 -14.91 21.47 12.23
CA VAL B 152 -15.04 20.57 11.08
C VAL B 152 -15.62 21.36 9.92
N ASP B 153 -15.09 21.11 8.72
CA ASP B 153 -15.62 21.61 7.46
C ASP B 153 -16.06 20.42 6.64
N ARG B 154 -17.37 20.18 6.60
CA ARG B 154 -17.83 18.95 5.96
C ARG B 154 -17.66 18.99 4.45
N ASP B 155 -17.27 20.13 3.89
CA ASP B 155 -17.19 20.25 2.44
C ASP B 155 -15.79 20.06 1.88
N THR B 156 -14.77 19.93 2.74
CA THR B 156 -13.40 19.74 2.27
C THR B 156 -12.96 18.33 2.57
N PRO B 157 -12.57 17.54 1.56
CA PRO B 157 -12.16 16.15 1.83
C PRO B 157 -10.77 16.10 2.44
N TRP B 158 -10.47 14.96 3.09
CA TRP B 158 -9.24 14.89 3.87
C TRP B 158 -7.99 14.77 2.99
N ASP B 159 -8.10 14.27 1.75
CA ASP B 159 -6.87 14.28 0.93
C ASP B 159 -6.48 15.70 0.54
N GLU B 160 -7.45 16.60 0.39
CA GLU B 160 -7.12 18.01 0.19
C GLU B 160 -6.54 18.64 1.44
N ILE B 161 -7.16 18.40 2.60
CA ILE B 161 -6.66 19.01 3.83
C ILE B 161 -5.24 18.53 4.13
N TRP B 162 -5.01 17.21 4.04
CA TRP B 162 -3.66 16.71 4.35
C TRP B 162 -2.64 17.17 3.32
N GLN B 163 -3.06 17.39 2.06
CA GLN B 163 -2.14 18.03 1.11
C GLN B 163 -1.70 19.39 1.62
N ALA B 164 -2.64 20.25 1.99
CA ALA B 164 -2.30 21.60 2.43
C ALA B 164 -1.43 21.59 3.69
N MET B 165 -1.79 20.76 4.66
CA MET B 165 -0.99 20.73 5.89
C MET B 165 0.40 20.15 5.61
N ASP B 166 0.49 19.18 4.70
CA ASP B 166 1.80 18.57 4.44
C ASP B 166 2.74 19.55 3.74
N VAL B 167 2.21 20.43 2.89
CA VAL B 167 3.03 21.51 2.33
C VAL B 167 3.64 22.33 3.45
N LEU B 168 2.83 22.67 4.45
CA LEU B 168 3.29 23.51 5.54
C LEU B 168 4.28 22.77 6.45
N VAL B 169 4.03 21.48 6.70
CA VAL B 169 4.99 20.69 7.47
C VAL B 169 6.34 20.63 6.76
N ARG B 170 6.34 20.33 5.46
CA ARG B 170 7.60 20.18 4.73
C ARG B 170 8.35 21.51 4.60
N GLN B 171 7.64 22.62 4.53
CA GLN B 171 8.28 23.93 4.52
C GLN B 171 8.72 24.39 5.90
N GLY B 172 8.34 23.66 6.96
CA GLY B 172 8.71 24.04 8.30
C GLY B 172 7.87 25.15 8.89
N LYS B 173 6.72 25.46 8.28
CA LYS B 173 5.87 26.49 8.84
C LYS B 173 4.99 25.97 9.98
N ILE B 174 4.71 24.67 10.03
CA ILE B 174 4.04 24.07 11.19
C ILE B 174 4.74 22.77 11.56
N LEU B 175 4.51 22.34 12.80
CA LEU B 175 4.96 21.03 13.29
C LEU B 175 3.82 20.02 13.38
N TYR B 176 2.76 20.35 14.11
CA TYR B 176 1.67 19.44 14.39
C TYR B 176 0.33 20.00 13.91
N VAL B 177 -0.60 19.10 13.68
CA VAL B 177 -1.97 19.46 13.29
C VAL B 177 -2.91 18.96 14.38
N GLY B 178 -3.90 19.79 14.73
CA GLY B 178 -4.91 19.39 15.68
C GLY B 178 -6.28 19.79 15.16
N SER B 179 -7.32 19.26 15.81
CA SER B 179 -8.69 19.56 15.45
C SER B 179 -9.35 20.35 16.58
N SER B 180 -10.47 20.97 16.26
CA SER B 180 -11.30 21.58 17.27
C SER B 180 -12.73 21.53 16.77
N ASN B 181 -13.66 21.22 17.68
CA ASN B 181 -15.07 21.10 17.34
C ASN B 181 -15.25 20.13 16.18
N PHE B 182 -14.67 18.94 16.34
CA PHE B 182 -14.90 17.81 15.46
C PHE B 182 -15.91 16.86 16.10
N ALA B 183 -16.60 16.10 15.26
CA ALA B 183 -17.24 14.90 15.75
C ALA B 183 -16.23 13.75 15.83
N GLY B 184 -16.55 12.75 16.65
CA GLY B 184 -15.63 11.64 16.83
C GLY B 184 -15.29 10.96 15.51
N TRP B 185 -16.28 10.83 14.62
CA TRP B 185 -15.97 10.16 13.37
C TRP B 185 -15.11 11.02 12.46
N ASN B 186 -15.12 12.36 12.61
CA ASN B 186 -14.18 13.17 11.83
C ASN B 186 -12.76 12.89 12.26
N ILE B 187 -12.54 12.72 13.57
CA ILE B 187 -11.20 12.41 14.05
C ILE B 187 -10.72 11.10 13.42
N ALA B 188 -11.60 10.10 13.40
CA ALA B 188 -11.21 8.79 12.87
C ALA B 188 -10.91 8.89 11.38
N GLN B 189 -11.79 9.53 10.62
CA GLN B 189 -11.54 9.62 9.18
C GLN B 189 -10.26 10.39 8.92
N ALA B 190 -10.05 11.47 9.66
CA ALA B 190 -8.83 12.27 9.48
C ALA B 190 -7.58 11.44 9.71
N ASN B 191 -7.50 10.75 10.85
CA ASN B 191 -6.23 10.09 11.14
C ASN B 191 -6.06 8.80 10.35
N GLU B 192 -7.15 8.13 10.01
CA GLU B 192 -7.01 6.98 9.12
C GLU B 192 -6.51 7.43 7.75
N THR B 193 -7.03 8.56 7.24
CA THR B 193 -6.57 9.06 5.95
C THR B 193 -5.10 9.45 6.01
N ALA B 194 -4.69 10.13 7.08
CA ALA B 194 -3.28 10.50 7.20
C ALA B 194 -2.40 9.26 7.28
N ALA B 195 -2.82 8.26 8.06
CA ALA B 195 -1.99 7.07 8.27
C ALA B 195 -1.74 6.32 6.96
N ARG B 196 -2.75 6.30 6.07
CA ARG B 196 -2.62 5.64 4.77
C ARG B 196 -1.32 5.97 4.08
N HIS B 197 -0.89 7.22 4.15
CA HIS B 197 0.25 7.68 3.39
C HIS B 197 1.34 8.23 4.31
N GLY B 198 1.44 7.66 5.51
CA GLY B 198 2.55 7.87 6.41
C GLY B 198 2.49 9.14 7.23
N ARG B 199 1.47 9.99 7.03
CA ARG B 199 1.45 11.29 7.68
C ARG B 199 1.03 11.19 9.14
N LEU B 200 1.67 12.00 9.98
CA LEU B 200 1.23 12.14 11.35
C LEU B 200 -0.15 12.81 11.35
N GLY B 201 -1.12 12.18 11.98
CA GLY B 201 -2.47 12.69 11.92
C GLY B 201 -2.68 13.81 12.93
N LEU B 202 -3.95 14.06 13.24
CA LEU B 202 -4.29 14.94 14.37
C LEU B 202 -3.61 14.47 15.64
N VAL B 203 -3.05 15.42 16.38
CA VAL B 203 -2.40 15.12 17.66
C VAL B 203 -3.27 15.48 18.86
N SER B 204 -4.35 16.23 18.65
CA SER B 204 -5.17 16.74 19.74
C SER B 204 -6.52 17.19 19.17
N GLU B 205 -7.56 17.06 19.99
CA GLU B 205 -8.86 17.64 19.72
C GLU B 205 -9.18 18.65 20.82
N GLN B 206 -9.64 19.84 20.41
CA GLN B 206 -9.99 20.91 21.34
C GLN B 206 -11.53 20.98 21.35
N CYS B 207 -12.17 20.46 22.39
CA CYS B 207 -13.63 20.39 22.40
C CYS B 207 -14.20 21.06 23.65
N LEU B 208 -15.45 21.50 23.52
CA LEU B 208 -16.21 21.98 24.67
C LEU B 208 -16.49 20.82 25.62
N TYR B 209 -15.99 20.94 26.85
CA TYR B 209 -16.15 19.91 27.88
C TYR B 209 -16.01 20.60 29.22
N ASN B 210 -17.01 20.45 30.08
CA ASN B 210 -17.00 20.99 31.44
C ASN B 210 -18.18 20.35 32.18
N LEU B 211 -18.38 20.75 33.44
CA LEU B 211 -19.43 20.12 34.23
C LEU B 211 -20.81 20.28 33.59
N CYS B 212 -21.06 21.45 32.99
CA CYS B 212 -22.38 21.71 32.42
C CYS B 212 -22.59 20.96 31.12
N GLU B 213 -21.58 20.94 30.25
CA GLU B 213 -21.72 20.35 28.91
C GLU B 213 -20.81 19.14 28.82
N ARG B 214 -21.39 17.96 28.92
CA ARG B 214 -20.61 16.73 29.00
C ARG B 214 -20.82 15.83 27.80
N ARG B 215 -21.46 16.31 26.73
CA ARG B 215 -21.80 15.39 25.66
C ARG B 215 -20.63 15.08 24.74
N ALA B 216 -19.49 15.75 24.90
CA ALA B 216 -18.26 15.25 24.29
C ALA B 216 -17.94 13.84 24.76
N GLU B 217 -18.51 13.41 25.88
CA GLU B 217 -18.28 12.06 26.38
C GLU B 217 -18.88 10.99 25.49
N MET B 218 -19.84 11.33 24.63
CA MET B 218 -20.53 10.29 23.86
C MET B 218 -19.63 9.68 22.81
N GLU B 219 -18.89 10.51 22.08
CA GLU B 219 -18.13 10.00 20.94
C GLU B 219 -16.84 10.78 20.71
N VAL B 220 -16.85 12.10 20.95
CA VAL B 220 -15.65 12.89 20.67
C VAL B 220 -14.47 12.39 21.49
N VAL B 221 -14.64 12.33 22.81
CA VAL B 221 -13.51 11.94 23.65
C VAL B 221 -13.17 10.46 23.44
N PRO B 222 -14.15 9.54 23.38
CA PRO B 222 -13.79 8.15 23.06
C PRO B 222 -12.99 8.00 21.78
N ALA B 223 -13.38 8.71 20.71
CA ALA B 223 -12.63 8.60 19.47
C ALA B 223 -11.23 9.17 19.62
N ALA B 224 -11.11 10.32 20.30
CA ALA B 224 -9.80 10.91 20.57
C ALA B 224 -8.91 9.93 21.33
N ARG B 225 -9.45 9.28 22.36
CA ARG B 225 -8.65 8.31 23.11
C ARG B 225 -8.25 7.12 22.26
N GLU B 226 -9.17 6.59 21.45
CA GLU B 226 -8.81 5.48 20.58
C GLU B 226 -7.66 5.84 19.65
N TYR B 227 -7.70 7.05 19.07
CA TYR B 227 -6.67 7.45 18.11
C TYR B 227 -5.47 8.14 18.76
N GLY B 228 -5.41 8.19 20.10
CA GLY B 228 -4.23 8.74 20.73
C GLY B 228 -4.09 10.24 20.59
N LEU B 229 -5.21 10.96 20.49
CA LEU B 229 -5.20 12.42 20.48
C LEU B 229 -5.19 12.96 21.91
N GLY B 230 -4.63 14.13 22.10
CA GLY B 230 -4.74 14.76 23.42
C GLY B 230 -6.09 15.46 23.49
N VAL B 231 -6.71 15.56 24.66
CA VAL B 231 -7.97 16.31 24.75
C VAL B 231 -7.82 17.62 25.51
N ILE B 232 -7.89 18.73 24.78
CA ILE B 232 -7.79 20.03 25.42
C ILE B 232 -9.15 20.68 25.56
N ALA B 233 -9.77 20.54 26.72
CA ALA B 233 -11.12 21.07 26.93
C ALA B 233 -11.25 22.59 26.87
N TRP B 234 -12.01 23.11 25.91
CA TRP B 234 -12.23 24.55 25.86
C TRP B 234 -13.40 25.01 26.71
N SER B 235 -13.48 26.31 27.01
CA SER B 235 -14.49 26.84 27.94
C SER B 235 -14.68 25.93 29.16
N PRO B 236 -13.64 25.83 30.00
CA PRO B 236 -13.73 24.90 31.13
C PRO B 236 -14.65 25.35 32.24
N LEU B 237 -15.06 26.60 32.25
CA LEU B 237 -16.00 27.07 33.25
C LEU B 237 -17.28 27.47 32.55
N HIS B 238 -17.49 26.95 31.34
CA HIS B 238 -18.69 27.31 30.57
C HIS B 238 -18.82 28.83 30.48
N GLY B 239 -17.73 29.48 30.10
CA GLY B 239 -17.77 30.91 29.90
C GLY B 239 -17.89 31.69 31.18
N GLY B 240 -17.39 31.15 32.29
CA GLY B 240 -17.48 31.79 33.58
C GLY B 240 -18.67 31.36 34.42
N LEU B 241 -19.60 30.60 33.85
CA LEU B 241 -20.77 30.19 34.61
C LEU B 241 -20.39 29.44 35.87
N LEU B 242 -19.31 28.65 35.81
CA LEU B 242 -18.88 27.77 36.89
C LEU B 242 -17.86 28.43 37.80
N GLY B 243 -17.64 29.74 37.66
CA GLY B 243 -16.64 30.41 38.47
C GLY B 243 -17.24 31.29 39.56
N GLY B 244 -18.48 31.00 39.95
CA GLY B 244 -19.17 31.80 40.94
C GLY B 244 -20.17 32.80 40.40
N ALA B 245 -20.73 32.55 39.19
CA ALA B 245 -21.50 33.57 38.48
C ALA B 245 -22.76 34.02 39.24
N ILE B 246 -23.32 33.18 40.10
CA ILE B 246 -24.52 33.62 40.81
C ILE B 246 -24.14 34.56 41.93
N ARG B 247 -23.14 34.19 42.74
CA ARG B 247 -22.64 35.08 43.78
C ARG B 247 -22.31 36.45 43.21
N LYS B 248 -21.71 36.48 42.02
CA LYS B 248 -21.25 37.72 41.41
C LYS B 248 -22.27 38.35 40.47
N GLU B 249 -23.47 37.79 40.33
CA GLU B 249 -24.44 38.27 39.32
C GLU B 249 -24.75 39.76 39.31
N GLN B 250 -24.72 40.38 40.46
CA GLN B 250 -25.06 41.79 40.47
C GLN B 250 -23.83 42.70 40.47
N GLU B 251 -22.63 42.13 40.31
CA GLU B 251 -21.44 42.95 40.14
C GLU B 251 -21.41 43.57 38.75
N GLY B 252 -20.74 44.71 38.65
CA GLY B 252 -20.48 45.35 37.37
C GLY B 252 -19.23 44.81 36.72
N GLY B 253 -18.53 45.68 35.99
CA GLY B 253 -17.34 45.28 35.27
C GLY B 253 -17.67 44.47 34.04
N ASN B 254 -16.65 44.22 33.23
CA ASN B 254 -16.85 43.50 31.97
C ASN B 254 -16.58 41.99 32.15
N ARG B 255 -17.27 41.42 33.13
CA ARG B 255 -17.12 40.00 33.44
C ARG B 255 -17.69 39.15 32.31
N ARG B 256 -16.93 38.13 31.89
CA ARG B 256 -17.43 37.21 30.87
C ARG B 256 -18.77 36.58 31.30
N ALA B 257 -18.90 36.25 32.58
CA ALA B 257 -20.13 35.59 33.04
C ALA B 257 -21.36 36.48 32.89
N ALA B 258 -21.18 37.79 32.71
CA ALA B 258 -22.31 38.69 32.51
C ALA B 258 -22.88 38.64 31.11
N SER B 259 -22.25 37.94 30.18
CA SER B 259 -22.76 37.89 28.81
C SER B 259 -22.63 36.47 28.28
N GLY B 260 -23.13 36.28 27.06
CA GLY B 260 -22.92 35.03 26.32
C GLY B 260 -23.46 33.80 27.02
N ARG B 261 -22.64 32.74 26.99
CA ARG B 261 -23.05 31.41 27.42
C ARG B 261 -23.52 31.40 28.87
N ALA B 262 -22.71 31.96 29.77
CA ALA B 262 -23.09 32.00 31.18
C ALA B 262 -24.39 32.77 31.38
N ALA B 263 -24.49 33.95 30.76
CA ALA B 263 -25.66 34.79 30.94
C ALA B 263 -26.93 34.09 30.47
N ASP B 264 -26.88 33.44 29.30
CA ASP B 264 -28.06 32.75 28.79
C ASP B 264 -28.46 31.58 29.68
N ALA B 265 -27.48 30.88 30.24
CA ALA B 265 -27.79 29.77 31.14
C ALA B 265 -28.52 30.26 32.39
N LEU B 266 -28.12 31.43 32.91
CA LEU B 266 -28.72 31.91 34.15
C LEU B 266 -30.14 32.42 33.95
N LYS B 267 -30.53 32.71 32.71
CA LYS B 267 -31.93 32.99 32.38
C LYS B 267 -32.77 31.73 32.27
N ASP B 268 -32.15 30.55 32.26
CA ASP B 268 -32.88 29.30 32.28
C ASP B 268 -33.08 28.86 33.74
N PRO B 269 -34.32 28.70 34.19
CA PRO B 269 -34.52 28.35 35.62
C PRO B 269 -33.82 27.07 36.03
N GLN B 270 -33.80 26.05 35.16
CA GLN B 270 -33.23 24.77 35.56
C GLN B 270 -31.72 24.80 35.56
N GLN B 271 -31.10 25.48 34.60
CA GLN B 271 -29.65 25.65 34.66
C GLN B 271 -29.26 26.50 35.86
N ARG B 272 -30.08 27.50 36.19
CA ARG B 272 -29.80 28.31 37.37
C ARG B 272 -29.82 27.46 38.65
N GLU B 273 -30.80 26.55 38.73
CA GLU B 273 -30.87 25.69 39.91
C GLU B 273 -29.63 24.83 40.05
N GLN B 274 -29.14 24.28 38.93
CA GLN B 274 -27.91 23.52 38.93
C GLN B 274 -26.75 24.34 39.48
N ILE B 275 -26.56 25.55 38.93
CA ILE B 275 -25.43 26.37 39.33
C ILE B 275 -25.58 26.82 40.78
N GLN B 276 -26.81 27.08 41.23
CA GLN B 276 -27.01 27.45 42.63
C GLN B 276 -26.64 26.29 43.55
N ARG B 277 -27.06 25.08 43.20
CA ARG B 277 -26.70 23.91 43.99
C ARG B 277 -25.19 23.68 43.96
N TYR B 278 -24.55 23.94 42.82
CA TYR B 278 -23.10 23.85 42.73
C TYR B 278 -22.44 24.84 43.68
N GLU B 279 -22.90 26.10 43.66
CA GLU B 279 -22.23 27.09 44.50
C GLU B 279 -22.50 26.84 45.98
N ASP B 280 -23.69 26.34 46.33
CA ASP B 280 -23.98 26.03 47.72
C ASP B 280 -23.12 24.86 48.22
N LEU B 281 -23.01 23.80 47.41
CA LEU B 281 -22.15 22.68 47.75
C LEU B 281 -20.72 23.14 48.06
N LEU B 282 -20.16 24.01 47.22
CA LEU B 282 -18.77 24.38 47.42
C LEU B 282 -18.58 25.34 48.59
N ASP B 283 -19.58 26.15 48.91
CA ASP B 283 -19.54 26.91 50.15
C ASP B 283 -19.43 25.99 51.35
N LYS B 284 -20.30 24.97 51.41
CA LYS B 284 -20.25 23.97 52.47
C LYS B 284 -18.86 23.37 52.60
N HIS B 285 -18.19 23.11 51.49
CA HIS B 285 -16.89 22.44 51.53
C HIS B 285 -15.72 23.42 51.54
N GLY B 286 -15.98 24.73 51.52
CA GLY B 286 -14.92 25.72 51.55
C GLY B 286 -14.02 25.64 50.34
N LEU B 287 -14.63 25.53 49.15
CA LEU B 287 -13.90 25.42 47.90
C LEU B 287 -14.34 26.53 46.94
N GLU B 288 -13.44 26.87 46.00
CA GLU B 288 -13.74 27.95 45.04
C GLU B 288 -14.32 27.36 43.76
N PRO B 289 -15.43 27.90 43.27
CA PRO B 289 -16.12 27.24 42.13
C PRO B 289 -15.27 27.15 40.88
N GLY B 290 -14.51 28.21 40.55
CA GLY B 290 -13.66 28.14 39.38
C GLY B 290 -12.62 27.05 39.48
N GLU B 291 -11.99 26.93 40.66
CA GLU B 291 -10.92 25.97 40.83
C GLU B 291 -11.43 24.55 40.81
N VAL B 292 -12.61 24.32 41.39
CA VAL B 292 -13.20 22.98 41.38
C VAL B 292 -13.54 22.54 39.96
N ALA B 293 -14.05 23.46 39.14
CA ALA B 293 -14.44 23.09 37.77
C ALA B 293 -13.20 22.69 36.96
N LEU B 294 -12.07 23.38 37.19
CA LEU B 294 -10.83 23.03 36.51
C LEU B 294 -10.28 21.70 37.05
N ALA B 295 -10.28 21.55 38.38
CA ALA B 295 -9.84 20.30 38.98
C ALA B 295 -10.70 19.12 38.53
N TRP B 296 -12.00 19.35 38.33
CA TRP B 296 -12.86 18.27 37.87
C TRP B 296 -12.44 17.79 36.49
N LEU B 297 -12.16 18.72 35.57
CA LEU B 297 -11.73 18.32 34.23
C LEU B 297 -10.41 17.55 34.29
N LEU B 298 -9.51 17.90 35.21
CA LEU B 298 -8.25 17.18 35.33
C LEU B 298 -8.43 15.74 35.80
N THR B 299 -9.60 15.38 36.33
CA THR B 299 -9.85 14.00 36.71
C THR B 299 -10.41 13.15 35.57
N ARG B 300 -10.82 13.76 34.45
CA ARG B 300 -11.60 13.00 33.47
C ARG B 300 -10.67 12.19 32.56
N PRO B 301 -10.94 10.91 32.35
CA PRO B 301 -10.01 10.07 31.57
C PRO B 301 -9.91 10.56 30.13
N GLY B 302 -8.69 10.63 29.63
CA GLY B 302 -8.44 11.11 28.29
C GLY B 302 -8.18 12.60 28.18
N VAL B 303 -8.49 13.37 29.21
CA VAL B 303 -8.36 14.82 29.13
C VAL B 303 -6.92 15.21 29.47
N THR B 304 -6.24 15.81 28.48
CA THR B 304 -4.92 16.40 28.72
C THR B 304 -5.03 17.51 29.76
N GLY B 305 -5.95 18.42 29.57
CA GLY B 305 -6.21 19.44 30.56
C GLY B 305 -7.16 20.49 30.03
N PRO B 306 -7.59 21.38 30.92
CA PRO B 306 -8.44 22.49 30.51
C PRO B 306 -7.60 23.61 29.90
N ILE B 307 -8.23 24.35 28.99
CA ILE B 307 -7.67 25.59 28.45
C ILE B 307 -8.23 26.72 29.30
N VAL B 308 -7.46 27.16 30.27
CA VAL B 308 -7.97 28.16 31.22
C VAL B 308 -8.17 29.49 30.49
N GLY B 309 -9.18 30.25 30.94
CA GLY B 309 -9.49 31.52 30.35
C GLY B 309 -9.43 32.67 31.33
N PRO B 310 -8.29 32.90 31.97
CA PRO B 310 -8.21 33.98 32.96
C PRO B 310 -8.50 35.32 32.30
N ARG B 311 -9.26 36.17 32.99
CA ARG B 311 -9.42 37.56 32.60
C ARG B 311 -8.38 38.44 33.28
N THR B 312 -7.80 37.96 34.38
CA THR B 312 -6.86 38.72 35.20
C THR B 312 -5.76 37.79 35.66
N ALA B 313 -4.66 38.39 36.14
CA ALA B 313 -3.56 37.59 36.66
C ALA B 313 -3.94 36.84 37.93
N ASP B 314 -4.87 37.39 38.74
CA ASP B 314 -5.34 36.65 39.90
C ASP B 314 -6.05 35.36 39.48
N GLN B 315 -6.84 35.43 38.41
CA GLN B 315 -7.54 34.22 37.95
C GLN B 315 -6.57 33.20 37.37
N LEU B 316 -5.42 33.64 36.87
CA LEU B 316 -4.41 32.68 36.44
C LEU B 316 -3.81 31.96 37.64
N ALA B 317 -3.44 32.71 38.69
CA ALA B 317 -2.91 32.08 39.90
C ALA B 317 -3.92 31.12 40.52
N SER B 318 -5.21 31.45 40.41
CA SER B 318 -6.25 30.56 40.91
C SER B 318 -6.31 29.26 40.10
N ALA B 319 -6.09 29.36 38.79
CA ALA B 319 -6.01 28.15 37.96
C ALA B 319 -4.84 27.27 38.39
N VAL B 320 -3.70 27.87 38.73
CA VAL B 320 -2.56 27.08 39.15
C VAL B 320 -2.86 26.34 40.46
N ARG B 321 -3.50 27.02 41.42
CA ARG B 321 -3.94 26.34 42.63
C ARG B 321 -4.91 25.21 42.29
N ALA B 322 -5.80 25.43 41.32
CA ALA B 322 -6.76 24.39 40.95
C ALA B 322 -6.06 23.12 40.47
N ALA B 323 -4.91 23.26 39.82
CA ALA B 323 -4.14 22.13 39.33
C ALA B 323 -3.48 21.34 40.44
N GLU B 324 -3.47 21.88 41.67
CA GLU B 324 -2.93 21.23 42.85
C GLU B 324 -4.01 20.69 43.77
N LEU B 325 -5.26 21.07 43.52
CA LEU B 325 -6.40 20.62 44.31
C LEU B 325 -6.62 19.11 44.13
N THR B 326 -6.87 18.41 45.24
CA THR B 326 -7.34 17.02 45.17
C THR B 326 -8.79 17.02 45.61
N LEU B 327 -9.70 16.75 44.69
CA LEU B 327 -11.11 16.66 45.04
C LEU B 327 -11.37 15.30 45.67
N THR B 328 -12.16 15.29 46.75
CA THR B 328 -12.49 14.03 47.42
C THR B 328 -13.55 13.29 46.63
N ASP B 329 -13.64 11.98 46.90
CA ASP B 329 -14.68 11.15 46.28
C ASP B 329 -16.07 11.70 46.60
N GLU B 330 -16.29 12.18 47.82
CA GLU B 330 -17.60 12.74 48.17
C GLU B 330 -17.94 13.92 47.26
N VAL B 331 -16.98 14.83 47.06
CA VAL B 331 -17.23 15.97 46.19
C VAL B 331 -17.42 15.52 44.75
N LEU B 332 -16.58 14.60 44.26
CA LEU B 332 -16.71 14.11 42.89
C LEU B 332 -18.07 13.47 42.66
N THR B 333 -18.56 12.72 43.65
CA THR B 333 -19.88 12.09 43.53
C THR B 333 -20.98 13.13 43.51
N ALA B 334 -20.93 14.11 44.42
CA ALA B 334 -21.94 15.15 44.43
C ALA B 334 -21.95 15.92 43.10
N LEU B 335 -20.76 16.22 42.56
CA LEU B 335 -20.67 16.92 41.28
C LEU B 335 -21.31 16.11 40.16
N ASP B 336 -20.98 14.81 40.10
CA ASP B 336 -21.59 13.92 39.12
C ASP B 336 -23.11 13.88 39.24
N GLU B 337 -23.65 14.04 40.45
CA GLU B 337 -25.10 13.97 40.61
C GLU B 337 -25.80 15.26 40.20
N ILE B 338 -25.19 16.41 40.47
CA ILE B 338 -25.74 17.67 39.98
C ILE B 338 -25.59 17.75 38.47
N PHE B 339 -24.44 17.31 37.95
CA PHE B 339 -24.06 17.52 36.55
C PHE B 339 -23.84 16.17 35.87
N PRO B 340 -24.89 15.38 35.66
CA PRO B 340 -24.68 14.05 35.08
C PRO B 340 -24.22 14.16 33.63
N GLY B 341 -23.39 13.20 33.23
CA GLY B 341 -22.95 13.08 31.87
C GLY B 341 -23.58 11.87 31.20
N PRO B 342 -23.52 11.80 29.88
CA PRO B 342 -24.16 10.67 29.19
C PRO B 342 -23.32 9.40 29.11
N GLY B 343 -22.01 9.48 29.29
CA GLY B 343 -21.13 8.37 28.99
C GLY B 343 -21.05 8.12 27.49
N PRO B 344 -20.41 7.03 27.08
CA PRO B 344 -20.19 6.80 25.65
C PRO B 344 -21.44 6.30 24.95
N SER B 345 -21.51 6.62 23.64
CA SER B 345 -22.43 5.94 22.75
C SER B 345 -21.84 4.58 22.39
N PRO B 346 -22.67 3.58 22.08
CA PRO B 346 -24.13 3.59 21.97
C PRO B 346 -24.89 3.52 23.29
N GLU B 347 -24.21 3.19 24.39
CA GLU B 347 -24.90 3.03 25.68
C GLU B 347 -25.63 4.29 26.11
N ALA B 348 -25.13 5.46 25.71
CA ALA B 348 -25.73 6.73 26.10
C ALA B 348 -27.18 6.86 25.65
N PHE B 349 -27.55 6.26 24.52
CA PHE B 349 -28.91 6.38 24.03
C PHE B 349 -29.59 5.06 23.70
N ALA B 350 -28.85 3.95 23.65
CA ALA B 350 -29.42 2.65 23.26
C ALA B 350 -29.16 1.62 24.37
N TRP B 351 -28.14 0.77 24.23
CA TRP B 351 -27.73 -0.17 25.30
C TRP B 351 -26.26 -0.63 25.15
N MET C 21 25.67 -36.61 3.66
CA MET C 21 25.05 -35.64 2.74
C MET C 21 25.09 -34.22 3.30
N GLU C 22 25.50 -33.27 2.47
CA GLU C 22 25.47 -31.86 2.81
C GLU C 22 24.09 -31.28 2.47
N TYR C 23 23.55 -30.50 3.40
CA TYR C 23 22.26 -29.82 3.25
C TYR C 23 22.48 -28.32 3.22
N THR C 24 21.50 -27.61 2.68
CA THR C 24 21.57 -26.17 2.66
C THR C 24 20.14 -25.65 2.57
N GLN C 25 19.94 -24.39 2.97
CA GLN C 25 18.66 -23.74 2.71
C GLN C 25 18.51 -23.49 1.21
N LEU C 26 17.28 -23.64 0.71
CA LEU C 26 16.97 -23.31 -0.68
C LEU C 26 16.85 -21.78 -0.76
N GLY C 27 17.94 -21.11 -1.15
CA GLY C 27 17.95 -19.66 -1.11
C GLY C 27 17.55 -19.12 0.25
N ARG C 28 16.65 -18.13 0.24
CA ARG C 28 16.23 -17.42 1.44
C ARG C 28 15.14 -18.14 2.25
N ILE C 29 14.54 -19.22 1.75
CA ILE C 29 13.38 -19.77 2.45
C ILE C 29 13.77 -20.83 3.48
N GLY C 30 12.80 -21.27 4.27
CA GLY C 30 13.04 -22.18 5.38
C GLY C 30 13.19 -23.64 5.00
N LEU C 31 12.92 -23.95 3.74
CA LEU C 31 13.10 -25.30 3.23
C LEU C 31 14.58 -25.69 3.16
N LYS C 32 14.92 -26.82 3.76
CA LYS C 32 16.27 -27.36 3.71
C LYS C 32 16.33 -28.49 2.69
N VAL C 33 17.32 -28.45 1.80
CA VAL C 33 17.43 -29.47 0.77
C VAL C 33 18.86 -30.01 0.71
N SER C 34 18.96 -31.26 0.27
CA SER C 34 20.26 -31.84 -0.02
C SER C 34 20.90 -31.09 -1.17
N ARG C 35 22.25 -31.04 -1.17
CA ARG C 35 22.93 -30.29 -2.21
C ARG C 35 23.04 -31.06 -3.51
N LEU C 36 22.66 -32.33 -3.53
CA LEU C 36 22.33 -33.03 -4.77
C LEU C 36 20.82 -33.09 -4.88
N VAL C 37 20.29 -32.66 -6.02
CA VAL C 37 18.87 -32.80 -6.34
C VAL C 37 18.74 -33.99 -7.29
N LEU C 38 17.80 -34.88 -6.99
CA LEU C 38 17.62 -36.06 -7.84
C LEU C 38 16.78 -35.70 -9.04
N GLY C 39 17.38 -35.75 -10.22
CA GLY C 39 16.65 -35.54 -11.47
C GLY C 39 16.05 -36.85 -11.94
N THR C 40 14.85 -36.77 -12.49
CA THR C 40 14.10 -37.97 -12.88
C THR C 40 13.86 -38.07 -14.38
N MET C 41 14.43 -37.18 -15.18
CA MET C 41 14.09 -37.14 -16.60
C MET C 41 14.43 -38.46 -17.28
N ASN C 42 15.45 -39.17 -16.79
CA ASN C 42 15.80 -40.47 -17.37
C ASN C 42 14.77 -41.54 -17.07
N PHE C 43 13.92 -41.35 -16.06
CA PHE C 43 13.04 -42.41 -15.58
C PHE C 43 11.89 -42.57 -16.58
N GLY C 44 11.89 -43.67 -17.32
CA GLY C 44 10.91 -43.90 -18.34
C GLY C 44 11.56 -44.13 -19.70
N PRO C 45 12.05 -43.05 -20.32
CA PRO C 45 12.60 -43.20 -21.68
C PRO C 45 13.97 -43.87 -21.72
N THR C 46 14.73 -43.84 -20.63
CA THR C 46 16.08 -44.38 -20.62
C THR C 46 16.28 -45.41 -19.52
N THR C 47 15.69 -45.17 -18.35
CA THR C 47 15.76 -46.05 -17.20
C THR C 47 14.36 -46.60 -16.93
N ASP C 48 14.24 -47.92 -16.77
CA ASP C 48 12.90 -48.48 -16.63
C ASP C 48 12.38 -48.31 -15.20
N GLU C 49 11.10 -48.69 -15.01
CA GLU C 49 10.43 -48.35 -13.75
C GLU C 49 11.12 -48.96 -12.54
N ALA C 50 11.56 -50.23 -12.64
CA ALA C 50 12.12 -50.88 -11.46
C ALA C 50 13.49 -50.29 -11.11
N GLU C 51 14.33 -50.04 -12.11
CA GLU C 51 15.59 -49.38 -11.82
C GLU C 51 15.39 -47.93 -11.38
N SER C 52 14.36 -47.26 -11.91
CA SER C 52 14.02 -45.92 -11.43
C SER C 52 13.67 -45.95 -9.94
N HIS C 53 12.86 -46.93 -9.53
CA HIS C 53 12.52 -47.07 -8.12
C HIS C 53 13.75 -47.38 -7.27
N ALA C 54 14.67 -48.20 -7.78
CA ALA C 54 15.87 -48.51 -7.01
C ALA C 54 16.74 -47.28 -6.83
N ILE C 55 16.84 -46.43 -7.85
CA ILE C 55 17.61 -45.20 -7.74
C ILE C 55 16.98 -44.25 -6.70
N MET C 56 15.65 -44.14 -6.70
CA MET C 56 14.99 -43.28 -5.72
C MET C 56 15.15 -43.80 -4.29
N ASP C 57 15.06 -45.12 -4.10
CA ASP C 57 15.34 -45.69 -2.78
C ASP C 57 16.78 -45.39 -2.37
N ALA C 58 17.74 -45.56 -3.29
CA ALA C 58 19.13 -45.28 -2.99
C ALA C 58 19.34 -43.81 -2.69
N ALA C 59 18.64 -42.93 -3.41
CA ALA C 59 18.75 -41.50 -3.12
C ALA C 59 18.27 -41.18 -1.70
N LEU C 60 17.12 -41.74 -1.31
CA LEU C 60 16.61 -41.50 0.04
C LEU C 60 17.58 -42.06 1.08
N ASP C 61 18.09 -43.28 0.85
CA ASP C 61 19.07 -43.87 1.77
C ASP C 61 20.30 -42.98 1.92
N ALA C 62 20.67 -42.25 0.87
CA ALA C 62 21.84 -41.38 0.93
C ALA C 62 21.54 -40.01 1.50
N GLY C 63 20.29 -39.72 1.82
CA GLY C 63 19.93 -38.43 2.37
C GLY C 63 19.42 -37.41 1.38
N ILE C 64 19.23 -37.79 0.11
CA ILE C 64 18.67 -36.87 -0.88
C ILE C 64 17.17 -36.79 -0.64
N ASN C 65 16.68 -35.56 -0.39
CA ASN C 65 15.27 -35.33 -0.06
C ASN C 65 14.55 -34.47 -1.08
N PHE C 66 15.11 -34.27 -2.26
CA PHE C 66 14.68 -33.23 -3.19
C PHE C 66 14.72 -33.84 -4.57
N PHE C 67 13.54 -34.11 -5.15
CA PHE C 67 13.40 -34.78 -6.44
C PHE C 67 12.78 -33.81 -7.43
N ASP C 68 13.33 -33.73 -8.64
CA ASP C 68 12.81 -32.88 -9.69
C ASP C 68 12.20 -33.73 -10.80
N THR C 69 10.95 -33.43 -11.16
CA THR C 69 10.38 -34.09 -12.32
C THR C 69 9.66 -33.06 -13.19
N ALA C 70 8.89 -33.51 -14.19
CA ALA C 70 8.10 -32.60 -15.02
C ALA C 70 6.92 -33.37 -15.56
N ASN C 71 5.84 -32.67 -15.88
CA ASN C 71 4.70 -33.38 -16.48
C ASN C 71 5.09 -34.01 -17.82
N VAL C 72 5.94 -33.35 -18.60
CA VAL C 72 6.26 -33.86 -19.93
C VAL C 72 7.27 -34.99 -19.94
N TYR C 73 7.94 -35.28 -18.82
CA TYR C 73 8.96 -36.32 -18.88
C TYR C 73 8.31 -37.67 -19.15
N GLY C 74 9.01 -38.50 -19.92
CA GLY C 74 8.43 -39.67 -20.51
C GLY C 74 8.55 -39.57 -22.03
N TRP C 75 8.32 -38.35 -22.55
CA TRP C 75 8.44 -37.96 -23.95
C TRP C 75 7.43 -38.59 -24.90
N GLY C 76 7.06 -37.85 -25.94
CA GLY C 76 6.22 -38.38 -27.01
C GLY C 76 4.86 -38.83 -26.51
N GLU C 77 4.44 -40.02 -26.95
CA GLU C 77 3.19 -40.63 -26.49
C GLU C 77 3.23 -41.01 -25.04
N ASN C 78 4.40 -40.93 -24.41
CA ASN C 78 4.59 -41.37 -23.04
C ASN C 78 4.81 -40.21 -22.09
N LYS C 79 4.56 -38.97 -22.53
CA LYS C 79 4.56 -37.84 -21.62
C LYS C 79 3.67 -38.13 -20.42
N GLY C 80 4.18 -37.84 -19.23
CA GLY C 80 3.52 -38.15 -17.99
C GLY C 80 3.98 -39.45 -17.36
N ARG C 81 4.73 -40.27 -18.10
CA ARG C 81 5.18 -41.56 -17.57
C ARG C 81 6.11 -41.39 -16.37
N THR C 82 6.99 -40.39 -16.40
CA THR C 82 7.90 -40.22 -15.28
C THR C 82 7.14 -39.88 -14.00
N GLU C 83 6.17 -38.95 -14.10
CA GLU C 83 5.35 -38.65 -12.93
C GLU C 83 4.65 -39.91 -12.41
N GLU C 84 4.17 -40.76 -13.33
CA GLU C 84 3.54 -42.02 -12.91
C GLU C 84 4.52 -42.95 -12.22
N ILE C 85 5.79 -42.96 -12.66
CA ILE C 85 6.78 -43.80 -12.01
C ILE C 85 7.06 -43.32 -10.60
N LEU C 86 7.12 -42.01 -10.39
CA LEU C 86 7.20 -41.47 -9.04
C LEU C 86 5.93 -41.79 -8.24
N GLY C 87 4.77 -41.75 -8.91
CA GLY C 87 3.52 -42.08 -8.22
C GLY C 87 3.50 -43.50 -7.69
N SER C 88 3.92 -44.47 -8.51
CA SER C 88 3.97 -45.85 -8.04
C SER C 88 5.05 -46.02 -6.98
N TRP C 89 6.11 -45.20 -7.01
CA TRP C 89 7.11 -45.24 -5.96
C TRP C 89 6.52 -44.76 -4.63
N PHE C 90 5.88 -43.59 -4.63
CA PHE C 90 5.23 -43.09 -3.42
C PHE C 90 4.20 -44.08 -2.89
N ALA C 91 3.47 -44.73 -3.80
CA ALA C 91 2.39 -45.63 -3.40
C ALA C 91 2.90 -46.84 -2.64
N GLN C 92 4.21 -47.10 -2.67
CA GLN C 92 4.78 -48.18 -1.87
C GLN C 92 4.71 -47.89 -0.38
N GLY C 93 4.42 -46.66 0.02
CA GLY C 93 4.34 -46.34 1.44
C GLY C 93 5.70 -46.01 2.05
N GLY C 94 5.88 -46.42 3.30
CA GLY C 94 7.18 -46.33 3.94
C GLY C 94 7.74 -44.92 4.09
N ASP C 95 6.88 -43.92 4.29
CA ASP C 95 7.23 -42.52 4.53
C ASP C 95 7.89 -41.83 3.34
N ARG C 96 7.86 -42.41 2.14
CA ARG C 96 8.57 -41.81 1.01
C ARG C 96 8.03 -40.43 0.66
N ARG C 97 6.70 -40.26 0.60
CA ARG C 97 6.16 -38.95 0.24
C ARG C 97 6.44 -37.90 1.31
N ASP C 98 6.30 -38.29 2.59
CA ASP C 98 6.57 -37.37 3.70
C ASP C 98 8.02 -36.92 3.74
N LYS C 99 8.94 -37.75 3.25
CA LYS C 99 10.35 -37.42 3.29
C LYS C 99 10.83 -36.61 2.11
N VAL C 100 10.12 -36.61 1.00
CA VAL C 100 10.64 -36.03 -0.24
C VAL C 100 10.03 -34.65 -0.46
N VAL C 101 10.89 -33.68 -0.81
CA VAL C 101 10.45 -32.41 -1.38
C VAL C 101 10.21 -32.67 -2.87
N LEU C 102 8.94 -32.68 -3.27
CA LEU C 102 8.56 -33.08 -4.62
C LEU C 102 8.38 -31.84 -5.49
N ALA C 103 9.15 -31.76 -6.58
CA ALA C 103 9.08 -30.66 -7.53
C ALA C 103 8.66 -31.17 -8.90
N THR C 104 7.73 -30.47 -9.53
CA THR C 104 7.41 -30.76 -10.93
C THR C 104 7.18 -29.43 -11.63
N LYS C 105 6.67 -29.47 -12.85
CA LYS C 105 6.71 -28.30 -13.74
C LYS C 105 5.43 -28.18 -14.54
N VAL C 106 5.19 -26.93 -14.98
CA VAL C 106 4.08 -26.59 -15.87
C VAL C 106 4.63 -25.67 -16.94
N TYR C 107 4.10 -25.80 -18.17
CA TYR C 107 4.37 -25.02 -19.38
C TYR C 107 4.26 -25.92 -20.61
N GLY C 108 4.81 -27.13 -20.51
CA GLY C 108 4.94 -27.98 -21.69
C GLY C 108 3.61 -28.51 -22.19
N ASN C 109 3.54 -28.71 -23.51
CA ASN C 109 2.42 -29.39 -24.14
C ASN C 109 2.36 -30.86 -23.70
N MET C 110 1.21 -31.27 -23.14
CA MET C 110 1.01 -32.66 -22.76
C MET C 110 0.25 -33.45 -23.82
N GLY C 111 -0.20 -32.81 -24.88
CA GLY C 111 -0.88 -33.48 -25.96
C GLY C 111 0.09 -34.04 -26.98
N LEU C 112 -0.42 -34.25 -28.19
CA LEU C 112 0.40 -34.74 -29.30
C LEU C 112 1.57 -33.80 -29.56
N ASP C 113 2.77 -34.36 -29.69
CA ASP C 113 3.95 -33.57 -30.04
C ASP C 113 3.72 -32.83 -31.35
N GLY C 114 4.10 -31.55 -31.36
CA GLY C 114 3.77 -30.66 -32.45
C GLY C 114 3.16 -29.38 -31.90
N PRO C 115 2.51 -28.57 -32.74
CA PRO C 115 1.89 -27.34 -32.23
C PRO C 115 0.76 -27.67 -31.26
N ALA C 116 0.82 -27.07 -30.08
CA ALA C 116 -0.20 -27.33 -29.07
C ALA C 116 -1.52 -26.66 -29.41
N TRP C 117 -2.61 -27.29 -29.02
CA TRP C 117 -3.89 -26.60 -29.01
C TRP C 117 -3.78 -25.34 -28.15
N PRO C 118 -4.42 -24.24 -28.53
CA PRO C 118 -4.31 -23.00 -27.74
C PRO C 118 -4.58 -23.24 -26.26
N ASN C 119 -3.70 -22.71 -25.41
CA ASN C 119 -3.82 -22.77 -23.95
C ASN C 119 -3.63 -24.16 -23.40
N HIS C 120 -3.17 -25.11 -24.22
CA HIS C 120 -2.71 -26.40 -23.71
C HIS C 120 -1.19 -26.45 -23.58
N ASP C 121 -0.53 -25.31 -23.69
CA ASP C 121 0.84 -25.10 -23.25
C ASP C 121 0.92 -23.69 -22.68
N LYS C 122 2.14 -23.29 -22.28
CA LYS C 122 2.42 -21.97 -21.72
C LYS C 122 1.76 -21.77 -20.34
N LEU C 123 1.71 -20.53 -19.85
CA LEU C 123 1.44 -20.30 -18.43
C LEU C 123 0.15 -19.51 -18.17
N SER C 124 -0.82 -19.57 -19.08
CA SER C 124 -2.12 -18.99 -18.74
C SER C 124 -2.70 -19.68 -17.51
N ALA C 125 -3.51 -18.93 -16.75
CA ALA C 125 -4.24 -19.55 -15.64
C ALA C 125 -5.03 -20.77 -16.09
N LEU C 126 -5.48 -20.79 -17.36
CA LEU C 126 -6.22 -21.94 -17.86
C LEU C 126 -5.31 -23.16 -17.96
N ASN C 127 -4.11 -23.01 -18.53
CA ASN C 127 -3.25 -24.17 -18.60
C ASN C 127 -2.69 -24.53 -17.23
N ILE C 128 -2.50 -23.56 -16.35
CA ILE C 128 -1.99 -23.92 -15.03
C ILE C 128 -2.99 -24.81 -14.29
N ARG C 129 -4.29 -24.43 -14.34
CA ARG C 129 -5.33 -25.21 -13.70
C ARG C 129 -5.34 -26.65 -14.22
N ARG C 130 -5.39 -26.83 -15.54
CA ARG C 130 -5.48 -28.20 -16.03
C ARG C 130 -4.18 -28.98 -15.82
N SER C 131 -3.04 -28.29 -15.84
CA SER C 131 -1.76 -28.98 -15.73
C SER C 131 -1.54 -29.53 -14.33
N VAL C 132 -1.84 -28.74 -13.31
CA VAL C 132 -1.54 -29.17 -11.95
C VAL C 132 -2.42 -30.35 -11.57
N ASP C 133 -3.68 -30.35 -12.02
CA ASP C 133 -4.59 -31.43 -11.66
C ASP C 133 -4.13 -32.72 -12.31
N ALA C 134 -3.65 -32.66 -13.55
CA ALA C 134 -3.13 -33.87 -14.21
C ALA C 134 -1.85 -34.38 -13.56
N SER C 135 -0.94 -33.46 -13.17
CA SER C 135 0.27 -33.88 -12.45
C SER C 135 -0.08 -34.51 -11.10
N LEU C 136 -1.00 -33.91 -10.36
CA LEU C 136 -1.34 -34.44 -9.04
C LEU C 136 -1.89 -35.85 -9.15
N LYS C 137 -2.71 -36.10 -10.16
CA LYS C 137 -3.27 -37.44 -10.38
C LYS C 137 -2.18 -38.45 -10.73
N ARG C 138 -1.25 -38.08 -11.62
CA ARG C 138 -0.19 -39.02 -12.01
C ARG C 138 0.75 -39.30 -10.84
N LEU C 139 1.08 -38.26 -10.07
CA LEU C 139 1.97 -38.45 -8.93
C LEU C 139 1.32 -39.15 -7.76
N GLY C 140 -0.01 -39.32 -7.77
CA GLY C 140 -0.70 -39.94 -6.65
C GLY C 140 -0.52 -39.21 -5.33
N THR C 141 -0.63 -37.89 -5.35
CA THR C 141 -0.44 -37.12 -4.14
C THR C 141 -1.41 -35.94 -4.14
N ASP C 142 -1.70 -35.43 -2.96
CA ASP C 142 -2.59 -34.29 -2.89
C ASP C 142 -1.87 -32.95 -2.92
N HIS C 143 -0.53 -32.94 -2.97
CA HIS C 143 0.15 -31.64 -3.06
C HIS C 143 1.53 -31.79 -3.70
N ILE C 144 1.96 -30.70 -4.35
CA ILE C 144 3.29 -30.58 -4.93
C ILE C 144 4.06 -29.57 -4.09
N ASP C 145 5.27 -29.92 -3.68
CA ASP C 145 6.00 -29.03 -2.78
C ASP C 145 6.53 -27.83 -3.55
N LEU C 146 7.11 -28.07 -4.71
CA LEU C 146 7.71 -27.00 -5.51
C LEU C 146 7.17 -27.11 -6.93
N TYR C 147 6.27 -26.20 -7.29
CA TYR C 147 5.65 -26.22 -8.61
C TYR C 147 6.35 -25.16 -9.45
N GLN C 148 7.00 -25.59 -10.53
CA GLN C 148 7.93 -24.74 -11.27
C GLN C 148 7.41 -24.42 -12.67
N PHE C 149 7.61 -23.18 -13.09
CA PHE C 149 7.43 -22.82 -14.49
C PHE C 149 8.59 -23.40 -15.29
N HIS C 150 8.29 -24.22 -16.30
CA HIS C 150 9.35 -24.86 -17.07
C HIS C 150 10.15 -23.87 -17.92
N HIS C 151 9.57 -22.71 -18.21
CA HIS C 151 10.18 -21.73 -19.12
C HIS C 151 9.42 -20.43 -18.94
N VAL C 152 10.11 -19.30 -19.17
CA VAL C 152 9.40 -18.03 -19.16
C VAL C 152 8.34 -18.05 -20.26
N ASP C 153 7.18 -17.49 -19.96
CA ASP C 153 6.11 -17.26 -20.93
C ASP C 153 5.95 -15.75 -21.04
N ARG C 154 6.51 -15.17 -22.09
CA ARG C 154 6.46 -13.71 -22.24
C ARG C 154 5.06 -13.17 -22.49
N ASP C 155 4.09 -14.02 -22.82
CA ASP C 155 2.75 -13.52 -23.12
C ASP C 155 1.80 -13.56 -21.93
N THR C 156 2.23 -14.09 -20.77
CA THR C 156 1.32 -14.09 -19.63
C THR C 156 1.85 -13.15 -18.57
N PRO C 157 1.03 -12.21 -18.09
CA PRO C 157 1.53 -11.23 -17.11
C PRO C 157 1.52 -11.81 -15.71
N TRP C 158 2.31 -11.17 -14.84
CA TRP C 158 2.55 -11.77 -13.53
C TRP C 158 1.33 -11.66 -12.61
N ASP C 159 0.44 -10.68 -12.82
CA ASP C 159 -0.75 -10.72 -11.97
C ASP C 159 -1.66 -11.89 -12.33
N GLU C 160 -1.64 -12.34 -13.59
CA GLU C 160 -2.39 -13.55 -13.93
C GLU C 160 -1.71 -14.80 -13.36
N ILE C 161 -0.39 -14.90 -13.52
CA ILE C 161 0.33 -16.07 -13.02
C ILE C 161 0.18 -16.19 -11.50
N TRP C 162 0.38 -15.09 -10.77
CA TRP C 162 0.33 -15.19 -9.31
C TRP C 162 -1.10 -15.43 -8.81
N GLN C 163 -2.11 -14.92 -9.51
CA GLN C 163 -3.49 -15.33 -9.20
C GLN C 163 -3.62 -16.85 -9.27
N ALA C 164 -3.18 -17.45 -10.38
CA ALA C 164 -3.34 -18.90 -10.54
C ALA C 164 -2.56 -19.67 -9.48
N MET C 165 -1.33 -19.25 -9.19
CA MET C 165 -0.53 -19.98 -8.21
C MET C 165 -1.07 -19.75 -6.80
N ASP C 166 -1.53 -18.54 -6.50
CA ASP C 166 -2.08 -18.28 -5.16
C ASP C 166 -3.36 -19.07 -4.92
N VAL C 167 -4.16 -19.32 -5.97
CA VAL C 167 -5.32 -20.20 -5.83
C VAL C 167 -4.87 -21.58 -5.34
N LEU C 168 -3.81 -22.10 -5.96
CA LEU C 168 -3.30 -23.42 -5.60
C LEU C 168 -2.70 -23.41 -4.19
N VAL C 169 -1.99 -22.34 -3.82
CA VAL C 169 -1.40 -22.28 -2.49
C VAL C 169 -2.50 -22.30 -1.43
N ARG C 170 -3.55 -21.49 -1.61
CA ARG C 170 -4.58 -21.42 -0.59
C ARG C 170 -5.41 -22.69 -0.53
N GLN C 171 -5.53 -23.42 -1.64
CA GLN C 171 -6.17 -24.72 -1.63
C GLN C 171 -5.29 -25.79 -1.02
N GLY C 172 -4.00 -25.52 -0.80
CA GLY C 172 -3.09 -26.53 -0.30
C GLY C 172 -2.54 -27.48 -1.33
N LYS C 173 -2.78 -27.21 -2.62
CA LYS C 173 -2.30 -28.11 -3.67
C LYS C 173 -0.82 -27.92 -3.97
N ILE C 174 -0.26 -26.74 -3.69
CA ILE C 174 1.18 -26.51 -3.79
C ILE C 174 1.61 -25.69 -2.57
N LEU C 175 2.91 -25.72 -2.30
CA LEU C 175 3.50 -24.93 -1.23
C LEU C 175 4.35 -23.79 -1.78
N TYR C 176 5.32 -24.10 -2.61
CA TYR C 176 6.29 -23.15 -3.12
C TYR C 176 6.23 -23.09 -4.64
N VAL C 177 6.61 -21.93 -5.19
CA VAL C 177 6.68 -21.70 -6.63
C VAL C 177 8.14 -21.45 -6.99
N GLY C 178 8.58 -22.05 -8.10
CA GLY C 178 9.92 -21.83 -8.60
C GLY C 178 9.90 -21.55 -10.09
N SER C 179 11.03 -21.04 -10.61
CA SER C 179 11.18 -20.75 -12.02
C SER C 179 12.16 -21.72 -12.68
N SER C 180 12.08 -21.81 -14.00
CA SER C 180 13.12 -22.50 -14.75
C SER C 180 13.25 -21.85 -16.11
N ASN C 181 14.49 -21.72 -16.58
CA ASN C 181 14.76 -21.09 -17.86
C ASN C 181 14.12 -19.71 -17.92
N PHE C 182 14.43 -18.91 -16.90
CA PHE C 182 14.09 -17.51 -16.85
C PHE C 182 15.33 -16.67 -17.18
N ALA C 183 15.10 -15.46 -17.69
CA ALA C 183 16.14 -14.44 -17.65
C ALA C 183 16.15 -13.80 -16.26
N GLY C 184 17.29 -13.19 -15.91
CA GLY C 184 17.39 -12.57 -14.59
C GLY C 184 16.30 -11.53 -14.33
N TRP C 185 15.95 -10.76 -15.36
CA TRP C 185 14.95 -9.71 -15.16
C TRP C 185 13.54 -10.29 -14.97
N ASN C 186 13.29 -11.50 -15.49
CA ASN C 186 12.02 -12.17 -15.18
C ASN C 186 11.93 -12.52 -13.70
N ILE C 187 13.03 -13.01 -13.14
CA ILE C 187 13.04 -13.33 -11.71
C ILE C 187 12.73 -12.08 -10.90
N ALA C 188 13.38 -10.96 -11.26
CA ALA C 188 13.15 -9.72 -10.53
C ALA C 188 11.70 -9.28 -10.66
N GLN C 189 11.17 -9.27 -11.89
CA GLN C 189 9.79 -8.81 -12.06
C GLN C 189 8.80 -9.71 -11.33
N ALA C 190 9.02 -11.02 -11.40
CA ALA C 190 8.15 -11.98 -10.73
C ALA C 190 8.12 -11.73 -9.23
N ASN C 191 9.29 -11.59 -8.60
CA ASN C 191 9.29 -11.53 -7.14
C ASN C 191 8.90 -10.15 -6.61
N GLU C 192 9.20 -9.08 -7.34
CA GLU C 192 8.69 -7.78 -6.94
C GLU C 192 7.17 -7.74 -7.05
N THR C 193 6.61 -8.36 -8.10
CA THR C 193 5.16 -8.41 -8.23
C THR C 193 4.53 -9.19 -7.10
N ALA C 194 5.13 -10.33 -6.75
CA ALA C 194 4.58 -11.10 -5.64
C ALA C 194 4.66 -10.33 -4.32
N ALA C 195 5.79 -9.67 -4.07
CA ALA C 195 5.98 -8.99 -2.78
C ALA C 195 5.03 -7.82 -2.60
N ARG C 196 4.65 -7.15 -3.69
CA ARG C 196 3.67 -6.06 -3.63
C ARG C 196 2.43 -6.45 -2.87
N HIS C 197 2.02 -7.71 -2.97
CA HIS C 197 0.73 -8.11 -2.41
C HIS C 197 0.91 -9.25 -1.42
N GLY C 198 2.08 -9.31 -0.79
CA GLY C 198 2.30 -10.19 0.33
C GLY C 198 2.46 -11.65 -0.04
N ARG C 199 2.69 -11.96 -1.30
CA ARG C 199 2.89 -13.35 -1.69
C ARG C 199 4.36 -13.70 -1.68
N LEU C 200 4.65 -14.95 -1.33
CA LEU C 200 6.01 -15.47 -1.42
C LEU C 200 6.35 -15.63 -2.88
N GLY C 201 7.48 -15.08 -3.30
CA GLY C 201 7.81 -15.14 -4.71
C GLY C 201 8.42 -16.47 -5.10
N LEU C 202 9.08 -16.47 -6.26
CA LEU C 202 9.92 -17.60 -6.64
C LEU C 202 10.91 -17.93 -5.54
N VAL C 203 11.07 -19.22 -5.24
CA VAL C 203 12.03 -19.66 -4.23
C VAL C 203 13.28 -20.25 -4.85
N SER C 204 13.28 -20.51 -6.16
CA SER C 204 14.40 -21.20 -6.79
C SER C 204 14.27 -20.99 -8.28
N GLU C 205 15.42 -20.84 -8.94
CA GLU C 205 15.51 -20.89 -10.39
C GLU C 205 16.29 -22.12 -10.79
N GLN C 206 15.77 -22.83 -11.79
CA GLN C 206 16.37 -24.05 -12.33
C GLN C 206 16.90 -23.70 -13.72
N CYS C 207 18.22 -23.49 -13.83
CA CYS C 207 18.82 -23.04 -15.08
C CYS C 207 19.91 -24.01 -15.54
N LEU C 208 20.16 -23.96 -16.83
CA LEU C 208 21.30 -24.69 -17.39
C LEU C 208 22.59 -24.03 -16.95
N TYR C 209 23.45 -24.79 -16.26
CA TYR C 209 24.71 -24.27 -15.75
C TYR C 209 25.64 -25.46 -15.53
N ASN C 210 26.81 -25.43 -16.15
CA ASN C 210 27.83 -26.47 -15.99
C ASN C 210 29.11 -25.91 -16.59
N LEU C 211 30.18 -26.72 -16.60
CA LEU C 211 31.47 -26.21 -17.09
C LEU C 211 31.35 -25.70 -18.52
N CYS C 212 30.54 -26.37 -19.34
CA CYS C 212 30.44 -26.03 -20.75
C CYS C 212 29.64 -24.77 -20.98
N GLU C 213 28.55 -24.58 -20.23
CA GLU C 213 27.63 -23.46 -20.45
C GLU C 213 27.59 -22.63 -19.17
N ARG C 214 28.26 -21.48 -19.18
CA ARG C 214 28.38 -20.65 -18.00
C ARG C 214 27.68 -19.31 -18.14
N ARG C 215 26.88 -19.10 -19.20
CA ARG C 215 26.34 -17.78 -19.40
C ARG C 215 25.19 -17.44 -18.44
N ALA C 216 24.71 -18.40 -17.66
CA ALA C 216 23.83 -18.01 -16.55
C ALA C 216 24.55 -17.10 -15.56
N GLU C 217 25.88 -17.07 -15.58
CA GLU C 217 26.63 -16.15 -14.70
C GLU C 217 26.39 -14.68 -15.04
N MET C 218 25.99 -14.35 -16.27
CA MET C 218 25.90 -12.95 -16.64
C MET C 218 24.82 -12.23 -15.86
N GLU C 219 23.62 -12.79 -15.81
CA GLU C 219 22.51 -12.13 -15.16
C GLU C 219 21.57 -13.06 -14.40
N VAL C 220 21.41 -14.31 -14.82
CA VAL C 220 20.41 -15.18 -14.17
C VAL C 220 20.82 -15.47 -12.74
N VAL C 221 22.05 -15.94 -12.52
CA VAL C 221 22.48 -16.25 -11.16
C VAL C 221 22.60 -14.97 -10.34
N PRO C 222 23.17 -13.87 -10.85
CA PRO C 222 23.19 -12.64 -10.04
C PRO C 222 21.80 -12.20 -9.59
N ALA C 223 20.82 -12.26 -10.48
CA ALA C 223 19.46 -11.90 -10.10
C ALA C 223 18.91 -12.86 -9.06
N ALA C 224 19.09 -14.17 -9.28
CA ALA C 224 18.65 -15.15 -8.30
C ALA C 224 19.24 -14.86 -6.92
N ARG C 225 20.54 -14.53 -6.87
CA ARG C 225 21.17 -14.30 -5.58
C ARG C 225 20.65 -13.03 -4.93
N GLU C 226 20.42 -11.98 -5.72
CA GLU C 226 19.89 -10.74 -5.16
C GLU C 226 18.52 -11.00 -4.53
N TYR C 227 17.67 -11.74 -5.21
CA TYR C 227 16.32 -12.01 -4.72
C TYR C 227 16.25 -13.22 -3.79
N GLY C 228 17.36 -13.87 -3.50
CA GLY C 228 17.32 -14.95 -2.51
C GLY C 228 16.68 -16.23 -3.02
N LEU C 229 16.84 -16.54 -4.29
CA LEU C 229 16.37 -17.80 -4.84
C LEU C 229 17.47 -18.84 -4.70
N GLY C 230 17.06 -20.08 -4.44
CA GLY C 230 17.94 -21.19 -4.76
C GLY C 230 18.27 -21.21 -6.24
N VAL C 231 19.41 -21.83 -6.58
CA VAL C 231 19.82 -22.02 -7.96
C VAL C 231 20.14 -23.49 -8.11
N ILE C 232 19.31 -24.19 -8.89
CA ILE C 232 19.51 -25.62 -9.08
C ILE C 232 19.93 -25.89 -10.53
N ALA C 233 21.21 -26.18 -10.73
CA ALA C 233 21.72 -26.36 -12.09
C ALA C 233 21.21 -27.59 -12.83
N TRP C 234 20.44 -27.38 -13.89
CA TRP C 234 20.01 -28.54 -14.68
C TRP C 234 21.06 -28.99 -15.67
N SER C 235 20.96 -30.24 -16.14
CA SER C 235 22.01 -30.80 -17.01
C SER C 235 23.41 -30.46 -16.55
N PRO C 236 23.82 -30.99 -15.39
CA PRO C 236 25.13 -30.63 -14.83
C PRO C 236 26.32 -31.25 -15.55
N LEU C 237 26.11 -32.26 -16.37
CA LEU C 237 27.21 -32.84 -17.13
C LEU C 237 26.95 -32.51 -18.57
N HIS C 238 26.15 -31.47 -18.83
CA HIS C 238 25.81 -31.10 -20.20
C HIS C 238 25.30 -32.30 -20.98
N GLY C 239 24.37 -33.04 -20.37
CA GLY C 239 23.76 -34.18 -21.02
C GLY C 239 24.66 -35.40 -21.11
N GLY C 240 25.59 -35.56 -20.17
CA GLY C 240 26.53 -36.66 -20.19
C GLY C 240 27.86 -36.35 -20.84
N LEU C 241 27.97 -35.19 -21.50
CA LEU C 241 29.21 -34.84 -22.20
C LEU C 241 30.40 -34.79 -21.25
N LEU C 242 30.18 -34.31 -20.02
CA LEU C 242 31.23 -34.17 -19.03
C LEU C 242 31.44 -35.44 -18.18
N GLY C 243 30.84 -36.56 -18.56
CA GLY C 243 30.95 -37.76 -17.76
C GLY C 243 31.88 -38.81 -18.34
N GLY C 244 32.84 -38.39 -19.15
CA GLY C 244 33.71 -39.32 -19.83
C GLY C 244 33.25 -39.71 -21.21
N ALA C 245 32.57 -38.78 -21.91
CA ALA C 245 31.91 -39.11 -23.18
C ALA C 245 32.90 -39.51 -24.27
N ILE C 246 34.11 -38.95 -24.28
CA ILE C 246 35.07 -39.32 -25.31
C ILE C 246 35.62 -40.72 -25.06
N ARG C 247 36.12 -40.97 -23.85
CA ARG C 247 36.59 -42.31 -23.50
C ARG C 247 35.54 -43.37 -23.82
N LYS C 248 34.27 -43.07 -23.59
CA LYS C 248 33.21 -44.04 -23.79
C LYS C 248 32.51 -43.88 -25.14
N GLU C 249 33.08 -43.11 -26.08
CA GLU C 249 32.36 -42.77 -27.30
C GLU C 249 31.97 -44.00 -28.11
N GLN C 250 32.77 -45.07 -28.05
CA GLN C 250 32.47 -46.27 -28.83
C GLN C 250 31.51 -47.22 -28.12
N GLU C 251 31.17 -46.97 -26.86
CA GLU C 251 30.38 -47.93 -26.11
C GLU C 251 28.96 -48.03 -26.65
N GLY C 252 28.31 -49.14 -26.32
CA GLY C 252 26.92 -49.37 -26.67
C GLY C 252 25.99 -48.90 -25.57
N GLY C 253 24.79 -49.45 -25.56
CA GLY C 253 23.78 -49.08 -24.60
C GLY C 253 23.06 -47.81 -25.02
N ASN C 254 21.95 -47.53 -24.32
CA ASN C 254 21.20 -46.31 -24.57
C ASN C 254 21.75 -45.18 -23.69
N ARG C 255 23.04 -44.91 -23.88
CA ARG C 255 23.72 -43.84 -23.16
C ARG C 255 23.20 -42.49 -23.61
N ARG C 256 22.89 -41.61 -22.63
CA ARG C 256 22.46 -40.25 -22.97
C ARG C 256 23.53 -39.51 -23.75
N ALA C 257 24.81 -39.79 -23.47
CA ALA C 257 25.88 -39.08 -24.15
C ALA C 257 26.01 -39.47 -25.63
N ALA C 258 25.30 -40.49 -26.09
CA ALA C 258 25.34 -40.89 -27.49
C ALA C 258 24.40 -40.08 -28.37
N SER C 259 23.62 -39.17 -27.79
CA SER C 259 22.61 -38.41 -28.52
C SER C 259 22.55 -37.00 -28.01
N GLY C 260 21.74 -36.19 -28.68
CA GLY C 260 21.38 -34.87 -28.21
C GLY C 260 22.57 -33.96 -27.98
N ARG C 261 22.48 -33.18 -26.89
CA ARG C 261 23.44 -32.12 -26.60
C ARG C 261 24.88 -32.62 -26.62
N ALA C 262 25.14 -33.75 -25.96
CA ALA C 262 26.51 -34.27 -25.89
C ALA C 262 27.02 -34.69 -27.26
N ALA C 263 26.20 -35.42 -28.02
CA ALA C 263 26.62 -35.85 -29.35
C ALA C 263 26.88 -34.66 -30.26
N ASP C 264 26.00 -33.66 -30.21
CA ASP C 264 26.20 -32.45 -31.00
C ASP C 264 27.51 -31.77 -30.65
N ALA C 265 27.87 -31.74 -29.36
CA ALA C 265 29.09 -31.06 -28.96
C ALA C 265 30.33 -31.83 -29.43
N LEU C 266 30.27 -33.16 -29.43
CA LEU C 266 31.43 -33.95 -29.82
C LEU C 266 31.66 -33.91 -31.32
N LYS C 267 30.65 -33.54 -32.12
CA LYS C 267 30.87 -33.32 -33.53
C LYS C 267 31.41 -31.93 -33.83
N ASP C 268 31.46 -30.99 -32.82
CA ASP C 268 32.09 -29.67 -32.96
C ASP C 268 33.59 -29.77 -32.65
N PRO C 269 34.47 -29.34 -33.56
CA PRO C 269 35.91 -29.51 -33.30
C PRO C 269 36.37 -28.81 -32.04
N GLN C 270 35.92 -27.58 -31.77
CA GLN C 270 36.45 -26.88 -30.61
C GLN C 270 35.87 -27.44 -29.31
N GLN C 271 34.57 -27.75 -29.30
CA GLN C 271 34.01 -28.34 -28.09
C GLN C 271 34.64 -29.70 -27.80
N ARG C 272 34.87 -30.50 -28.86
CA ARG C 272 35.55 -31.77 -28.67
C ARG C 272 36.95 -31.59 -28.08
N GLU C 273 37.70 -30.59 -28.53
CA GLU C 273 39.04 -30.39 -27.99
C GLU C 273 38.98 -30.00 -26.53
N GLN C 274 38.00 -29.17 -26.17
CA GLN C 274 37.74 -28.81 -24.77
C GLN C 274 37.49 -30.05 -23.93
N ILE C 275 36.59 -30.92 -24.39
CA ILE C 275 36.30 -32.14 -23.63
C ILE C 275 37.52 -33.07 -23.59
N GLN C 276 38.30 -33.10 -24.68
CA GLN C 276 39.49 -33.96 -24.67
C GLN C 276 40.49 -33.50 -23.62
N ARG C 277 40.76 -32.20 -23.61
CA ARG C 277 41.63 -31.60 -22.61
C ARG C 277 41.13 -31.84 -21.19
N TYR C 278 39.81 -31.78 -21.01
CA TYR C 278 39.21 -32.07 -19.70
C TYR C 278 39.48 -33.51 -19.28
N GLU C 279 39.20 -34.47 -20.18
CA GLU C 279 39.39 -35.87 -19.82
C GLU C 279 40.87 -36.18 -19.62
N ASP C 280 41.75 -35.55 -20.40
CA ASP C 280 43.18 -35.76 -20.22
C ASP C 280 43.64 -35.19 -18.87
N LEU C 281 43.19 -33.99 -18.53
CA LEU C 281 43.52 -33.40 -17.23
C LEU C 281 43.12 -34.35 -16.10
N LEU C 282 41.92 -34.93 -16.19
CA LEU C 282 41.42 -35.73 -15.07
C LEU C 282 42.04 -37.12 -15.05
N ASP C 283 42.45 -37.65 -16.21
CA ASP C 283 43.31 -38.84 -16.24
C ASP C 283 44.58 -38.60 -15.47
N LYS C 284 45.21 -37.44 -15.68
CA LYS C 284 46.43 -37.07 -14.98
C LYS C 284 46.21 -36.99 -13.48
N HIS C 285 45.07 -36.47 -13.05
CA HIS C 285 44.82 -36.28 -11.63
C HIS C 285 44.12 -37.46 -10.98
N GLY C 286 43.78 -38.50 -11.73
CA GLY C 286 43.13 -39.66 -11.16
C GLY C 286 41.70 -39.40 -10.69
N LEU C 287 40.97 -38.56 -11.41
CA LEU C 287 39.64 -38.12 -11.03
C LEU C 287 38.63 -38.57 -12.08
N GLU C 288 37.35 -38.79 -11.63
CA GLU C 288 36.29 -39.20 -12.56
C GLU C 288 35.62 -37.96 -13.15
N PRO C 289 35.44 -37.90 -14.48
CA PRO C 289 34.93 -36.64 -15.07
C PRO C 289 33.52 -36.28 -14.61
N GLY C 290 32.62 -37.26 -14.51
CA GLY C 290 31.29 -36.96 -13.99
C GLY C 290 31.33 -36.37 -12.59
N GLU C 291 32.15 -36.97 -11.72
CA GLU C 291 32.23 -36.48 -10.34
C GLU C 291 32.81 -35.08 -10.28
N VAL C 292 33.81 -34.78 -11.10
CA VAL C 292 34.43 -33.45 -11.05
C VAL C 292 33.45 -32.37 -11.50
N ALA C 293 32.68 -32.65 -12.55
CA ALA C 293 31.74 -31.64 -13.05
C ALA C 293 30.70 -31.30 -12.00
N LEU C 294 30.22 -32.31 -11.26
CA LEU C 294 29.29 -32.07 -10.16
C LEU C 294 29.97 -31.29 -9.03
N ALA C 295 31.16 -31.74 -8.60
CA ALA C 295 31.88 -31.04 -7.55
C ALA C 295 32.17 -29.58 -7.93
N TRP C 296 32.45 -29.34 -9.22
CA TRP C 296 32.70 -27.97 -9.65
C TRP C 296 31.48 -27.09 -9.43
N LEU C 297 30.29 -27.56 -9.82
CA LEU C 297 29.07 -26.79 -9.57
C LEU C 297 28.88 -26.51 -8.09
N LEU C 298 29.25 -27.46 -7.23
CA LEU C 298 29.06 -27.26 -5.80
C LEU C 298 29.95 -26.15 -5.24
N THR C 299 30.99 -25.73 -5.98
CA THR C 299 31.85 -24.63 -5.56
C THR C 299 31.35 -23.26 -6.04
N ARG C 300 30.32 -23.22 -6.87
CA ARG C 300 29.99 -21.94 -7.51
C ARG C 300 29.11 -21.12 -6.59
N PRO C 301 29.42 -19.83 -6.40
CA PRO C 301 28.64 -19.03 -5.44
C PRO C 301 27.18 -18.93 -5.86
N GLY C 302 26.29 -19.08 -4.88
CA GLY C 302 24.86 -19.04 -5.14
C GLY C 302 24.25 -20.34 -5.64
N VAL C 303 25.05 -21.33 -6.04
CA VAL C 303 24.47 -22.58 -6.54
C VAL C 303 24.04 -23.44 -5.34
N THR C 304 22.73 -23.73 -5.26
CA THR C 304 22.25 -24.68 -4.27
C THR C 304 22.87 -26.04 -4.51
N GLY C 305 22.80 -26.51 -5.75
CA GLY C 305 23.46 -27.73 -6.14
C GLY C 305 23.02 -28.16 -7.52
N PRO C 306 23.68 -29.17 -8.06
CA PRO C 306 23.29 -29.73 -9.36
C PRO C 306 22.08 -30.64 -9.23
N ILE C 307 21.29 -30.70 -10.30
CA ILE C 307 20.24 -31.72 -10.43
C ILE C 307 20.87 -32.91 -11.14
N VAL C 308 21.27 -33.93 -10.38
CA VAL C 308 21.96 -35.05 -10.99
C VAL C 308 21.00 -35.83 -11.88
N GLY C 309 21.53 -36.43 -12.93
CA GLY C 309 20.72 -37.18 -13.87
C GLY C 309 21.22 -38.59 -14.06
N PRO C 310 21.25 -39.39 -12.98
CA PRO C 310 21.73 -40.77 -13.10
C PRO C 310 20.88 -41.60 -14.06
N ARG C 311 21.54 -42.43 -14.84
CA ARG C 311 20.87 -43.48 -15.59
C ARG C 311 20.81 -44.79 -14.81
N THR C 312 21.71 -44.98 -13.85
CA THR C 312 21.84 -46.21 -13.08
C THR C 312 22.05 -45.89 -11.62
N ALA C 313 21.86 -46.91 -10.77
CA ALA C 313 22.16 -46.72 -9.35
C ALA C 313 23.64 -46.42 -9.12
N ASP C 314 24.52 -47.00 -9.93
CA ASP C 314 25.94 -46.72 -9.73
C ASP C 314 26.26 -45.27 -10.06
N GLN C 315 25.59 -44.70 -11.06
CA GLN C 315 25.82 -43.29 -11.34
C GLN C 315 25.29 -42.41 -10.21
N LEU C 316 24.23 -42.82 -9.51
CA LEU C 316 23.83 -42.09 -8.32
C LEU C 316 24.88 -42.21 -7.22
N ALA C 317 25.33 -43.44 -6.92
CA ALA C 317 26.43 -43.62 -5.99
C ALA C 317 27.61 -42.73 -6.34
N SER C 318 27.94 -42.64 -7.63
CA SER C 318 29.05 -41.79 -8.08
C SER C 318 28.77 -40.32 -7.77
N ALA C 319 27.53 -39.85 -7.96
CA ALA C 319 27.20 -38.48 -7.61
C ALA C 319 27.38 -38.22 -6.12
N VAL C 320 27.04 -39.21 -5.28
CA VAL C 320 27.17 -39.01 -3.83
C VAL C 320 28.64 -38.85 -3.46
N ARG C 321 29.51 -39.65 -4.07
CA ARG C 321 30.95 -39.44 -3.88
C ARG C 321 31.37 -38.05 -4.34
N ALA C 322 30.79 -37.57 -5.46
CA ALA C 322 31.14 -36.24 -5.97
C ALA C 322 30.86 -35.16 -4.95
N ALA C 323 29.77 -35.30 -4.20
CA ALA C 323 29.42 -34.31 -3.17
C ALA C 323 30.41 -34.27 -2.01
N GLU C 324 31.26 -35.28 -1.87
CA GLU C 324 32.30 -35.29 -0.83
C GLU C 324 33.67 -34.98 -1.39
N LEU C 325 33.79 -34.82 -2.71
CA LEU C 325 35.06 -34.47 -3.32
C LEU C 325 35.47 -33.07 -2.95
N THR C 326 36.75 -32.87 -2.65
CA THR C 326 37.33 -31.54 -2.55
C THR C 326 38.32 -31.40 -3.70
N LEU C 327 38.00 -30.55 -4.67
CA LEU C 327 38.92 -30.25 -5.76
C LEU C 327 40.00 -29.31 -5.28
N THR C 328 41.25 -29.61 -5.62
CA THR C 328 42.33 -28.70 -5.26
C THR C 328 42.21 -27.41 -6.06
N ASP C 329 42.79 -26.34 -5.51
CA ASP C 329 42.80 -25.07 -6.23
C ASP C 329 43.47 -25.20 -7.58
N GLU C 330 44.49 -26.05 -7.69
CA GLU C 330 45.14 -26.29 -8.98
C GLU C 330 44.11 -26.80 -10.01
N VAL C 331 43.34 -27.82 -9.63
CA VAL C 331 42.34 -28.35 -10.55
C VAL C 331 41.27 -27.31 -10.85
N LEU C 332 40.84 -26.55 -9.83
CA LEU C 332 39.83 -25.53 -10.06
C LEU C 332 40.32 -24.47 -11.05
N THR C 333 41.57 -24.04 -10.91
CA THR C 333 42.14 -23.07 -11.84
C THR C 333 42.20 -23.63 -13.25
N ALA C 334 42.63 -24.89 -13.38
CA ALA C 334 42.71 -25.53 -14.69
C ALA C 334 41.33 -25.61 -15.34
N LEU C 335 40.30 -25.93 -14.54
CA LEU C 335 38.96 -26.00 -15.11
C LEU C 335 38.50 -24.64 -15.61
N ASP C 336 38.75 -23.60 -14.82
CA ASP C 336 38.35 -22.24 -15.19
C ASP C 336 39.05 -21.78 -16.47
N GLU C 337 40.26 -22.29 -16.71
CA GLU C 337 40.99 -21.93 -17.92
C GLU C 337 40.51 -22.71 -19.13
N ILE C 338 40.19 -23.99 -18.97
CA ILE C 338 39.65 -24.76 -20.08
C ILE C 338 38.25 -24.27 -20.43
N PHE C 339 37.47 -23.92 -19.41
CA PHE C 339 36.03 -23.67 -19.52
C PHE C 339 35.73 -22.29 -18.96
N PRO C 340 36.17 -21.22 -19.62
CA PRO C 340 36.01 -19.89 -19.03
C PRO C 340 34.54 -19.46 -19.00
N GLY C 341 34.22 -18.62 -18.02
CA GLY C 341 32.89 -18.04 -17.89
C GLY C 341 32.90 -16.53 -18.09
N PRO C 342 31.73 -15.95 -18.38
CA PRO C 342 31.69 -14.51 -18.70
C PRO C 342 31.68 -13.58 -17.49
N GLY C 343 31.37 -14.06 -16.31
CA GLY C 343 31.11 -13.17 -15.20
C GLY C 343 29.83 -12.37 -15.36
N PRO C 344 29.57 -11.47 -14.40
CA PRO C 344 28.32 -10.69 -14.42
C PRO C 344 28.32 -9.62 -15.50
N SER C 345 27.11 -9.33 -16.03
CA SER C 345 26.82 -8.08 -16.76
C SER C 345 26.68 -6.95 -15.76
N PRO C 346 27.02 -5.72 -16.14
CA PRO C 346 27.44 -5.19 -17.45
C PRO C 346 28.91 -5.44 -17.78
N GLU C 347 29.71 -5.80 -16.76
CA GLU C 347 31.14 -5.98 -16.97
C GLU C 347 31.44 -7.03 -18.04
N ALA C 348 30.57 -8.02 -18.19
CA ALA C 348 30.84 -9.10 -19.14
C ALA C 348 30.96 -8.58 -20.57
N PHE C 349 30.28 -7.49 -20.91
CA PHE C 349 30.37 -6.96 -22.28
C PHE C 349 30.69 -5.48 -22.37
N ALA C 350 30.59 -4.72 -21.27
CA ALA C 350 30.85 -3.29 -21.29
C ALA C 350 32.07 -2.99 -20.42
N TRP C 351 31.86 -2.37 -19.25
CA TRP C 351 32.91 -2.21 -18.23
C TRP C 351 32.31 -2.28 -16.83
N MET D 21 14.60 15.62 -39.26
CA MET D 21 14.99 14.76 -38.12
C MET D 21 13.81 13.89 -37.66
N GLU D 22 14.09 12.61 -37.41
CA GLU D 22 13.08 11.73 -36.82
C GLU D 22 13.05 11.89 -35.31
N TYR D 23 11.84 11.96 -34.75
CA TYR D 23 11.63 12.08 -33.31
C TYR D 23 10.90 10.85 -32.80
N THR D 24 11.04 10.59 -31.49
CA THR D 24 10.35 9.48 -30.86
C THR D 24 10.19 9.82 -29.38
N GLN D 25 9.30 9.09 -28.70
CA GLN D 25 9.24 9.19 -27.25
C GLN D 25 10.41 8.45 -26.63
N LEU D 26 10.93 8.97 -25.53
CA LEU D 26 11.94 8.25 -24.75
C LEU D 26 11.23 7.14 -23.97
N GLY D 27 11.23 5.93 -24.51
CA GLY D 27 10.47 4.87 -23.88
C GLY D 27 9.02 5.29 -23.65
N ARG D 28 8.55 5.05 -22.43
CA ARG D 28 7.15 5.25 -22.08
C ARG D 28 6.84 6.67 -21.70
N ILE D 29 7.84 7.54 -21.55
CA ILE D 29 7.56 8.84 -20.92
C ILE D 29 7.21 9.88 -21.96
N GLY D 30 6.83 11.07 -21.50
CA GLY D 30 6.30 12.12 -22.33
C GLY D 30 7.34 12.96 -23.05
N LEU D 31 8.60 12.80 -22.67
CA LEU D 31 9.72 13.47 -23.34
C LEU D 31 9.89 12.97 -24.77
N LYS D 32 9.88 13.89 -25.74
CA LYS D 32 10.14 13.58 -27.13
C LYS D 32 11.59 13.92 -27.44
N VAL D 33 12.32 13.00 -28.07
CA VAL D 33 13.74 13.23 -28.36
C VAL D 33 14.04 12.89 -29.81
N SER D 34 15.06 13.56 -30.35
CA SER D 34 15.57 13.16 -31.66
C SER D 34 16.13 11.76 -31.57
N ARG D 35 16.04 11.02 -32.67
CA ARG D 35 16.58 9.67 -32.65
C ARG D 35 18.10 9.64 -32.81
N LEU D 36 18.74 10.79 -33.02
CA LEU D 36 20.16 10.94 -32.79
C LEU D 36 20.35 11.66 -31.47
N VAL D 37 21.13 11.07 -30.56
CA VAL D 37 21.54 11.74 -29.33
C VAL D 37 22.97 12.25 -29.54
N LEU D 38 23.20 13.52 -29.22
CA LEU D 38 24.54 14.08 -29.41
C LEU D 38 25.42 13.73 -28.22
N GLY D 39 26.41 12.86 -28.44
CA GLY D 39 27.41 12.62 -27.41
C GLY D 39 28.48 13.70 -27.43
N THR D 40 28.97 14.04 -26.24
CA THR D 40 29.93 15.13 -26.06
C THR D 40 31.29 14.68 -25.53
N MET D 41 31.51 13.37 -25.40
CA MET D 41 32.75 12.86 -24.80
C MET D 41 33.99 13.38 -25.51
N ASN D 42 33.90 13.58 -26.84
CA ASN D 42 35.05 14.08 -27.62
C ASN D 42 35.35 15.52 -27.30
N PHE D 43 34.39 16.27 -26.76
CA PHE D 43 34.52 17.72 -26.58
C PHE D 43 35.46 17.98 -25.41
N GLY D 44 36.69 18.38 -25.70
CA GLY D 44 37.68 18.61 -24.67
C GLY D 44 38.97 17.87 -24.97
N PRO D 45 38.95 16.54 -24.84
CA PRO D 45 40.18 15.77 -25.10
C PRO D 45 40.47 15.57 -26.58
N THR D 46 39.50 15.68 -27.47
CA THR D 46 39.72 15.43 -28.88
C THR D 46 39.29 16.61 -29.76
N THR D 47 38.16 17.24 -29.44
CA THR D 47 37.61 18.38 -30.19
C THR D 47 37.68 19.61 -29.29
N ASP D 48 38.22 20.73 -29.80
CA ASP D 48 38.41 21.86 -28.91
C ASP D 48 37.08 22.59 -28.68
N GLU D 49 37.12 23.55 -27.76
CA GLU D 49 35.89 24.25 -27.34
C GLU D 49 35.20 24.90 -28.54
N ALA D 50 35.96 25.59 -29.39
CA ALA D 50 35.37 26.31 -30.52
C ALA D 50 34.63 25.35 -31.44
N GLU D 51 35.28 24.26 -31.84
CA GLU D 51 34.64 23.33 -32.76
C GLU D 51 33.51 22.55 -32.09
N SER D 52 33.62 22.28 -30.77
CA SER D 52 32.50 21.66 -30.04
C SER D 52 31.27 22.55 -30.07
N HIS D 53 31.47 23.85 -29.85
CA HIS D 53 30.35 24.78 -29.95
C HIS D 53 29.75 24.76 -31.34
N ALA D 54 30.59 24.65 -32.37
CA ALA D 54 30.09 24.61 -33.74
C ALA D 54 29.26 23.34 -33.96
N ILE D 55 29.74 22.20 -33.47
CA ILE D 55 29.01 20.95 -33.59
C ILE D 55 27.66 21.05 -32.87
N MET D 56 27.64 21.67 -31.69
CA MET D 56 26.40 21.77 -30.95
C MET D 56 25.40 22.70 -31.63
N ASP D 57 25.89 23.83 -32.17
CA ASP D 57 25.01 24.69 -32.95
C ASP D 57 24.45 23.95 -34.16
N ALA D 58 25.28 23.17 -34.84
CA ALA D 58 24.80 22.43 -35.99
C ALA D 58 23.83 21.33 -35.58
N ALA D 59 24.03 20.73 -34.40
CA ALA D 59 23.10 19.72 -33.92
C ALA D 59 21.73 20.33 -33.71
N LEU D 60 21.66 21.46 -33.00
CA LEU D 60 20.40 22.17 -32.83
C LEU D 60 19.80 22.54 -34.19
N ASP D 61 20.63 23.05 -35.11
CA ASP D 61 20.14 23.39 -36.45
C ASP D 61 19.50 22.20 -37.13
N ALA D 62 20.06 21.01 -36.93
CA ALA D 62 19.52 19.81 -37.57
C ALA D 62 18.35 19.20 -36.81
N GLY D 63 17.93 19.79 -35.70
CA GLY D 63 16.79 19.29 -34.94
C GLY D 63 17.11 18.36 -33.79
N ILE D 64 18.39 18.13 -33.51
CA ILE D 64 18.82 17.29 -32.39
C ILE D 64 18.59 18.06 -31.09
N ASN D 65 17.82 17.49 -30.17
CA ASN D 65 17.43 18.22 -28.96
C ASN D 65 17.88 17.53 -27.68
N PHE D 66 18.80 16.57 -27.78
CA PHE D 66 19.08 15.62 -26.72
C PHE D 66 20.59 15.44 -26.68
N PHE D 67 21.24 16.01 -25.66
CA PHE D 67 22.69 16.00 -25.51
C PHE D 67 23.08 15.11 -24.33
N ASP D 68 24.09 14.25 -24.50
CA ASP D 68 24.63 13.44 -23.42
C ASP D 68 26.03 13.90 -23.03
N THR D 69 26.25 14.13 -21.74
CA THR D 69 27.59 14.42 -21.22
C THR D 69 27.81 13.64 -19.92
N ALA D 70 28.91 13.91 -19.23
CA ALA D 70 29.20 13.31 -17.93
C ALA D 70 30.13 14.23 -17.16
N ASN D 71 30.10 14.12 -15.83
CA ASN D 71 31.00 14.95 -15.04
C ASN D 71 32.46 14.62 -15.35
N VAL D 72 32.77 13.34 -15.61
CA VAL D 72 34.16 12.94 -15.81
C VAL D 72 34.70 13.31 -17.19
N TYR D 73 33.84 13.66 -18.14
CA TYR D 73 34.32 13.87 -19.50
C TYR D 73 35.27 15.07 -19.52
N GLY D 74 36.36 14.94 -20.27
CA GLY D 74 37.50 15.82 -20.17
C GLY D 74 38.75 15.03 -19.80
N TRP D 75 38.59 14.09 -18.86
CA TRP D 75 39.59 13.09 -18.47
C TRP D 75 40.75 13.67 -17.64
N GLY D 76 41.28 12.87 -16.72
CA GLY D 76 42.48 13.26 -16.00
C GLY D 76 42.29 14.54 -15.23
N GLU D 77 43.33 15.38 -15.26
CA GLU D 77 43.24 16.66 -14.58
C GLU D 77 42.19 17.59 -15.19
N ASN D 78 41.65 17.25 -16.35
CA ASN D 78 40.61 18.06 -16.99
C ASN D 78 39.20 17.46 -16.85
N LYS D 79 39.00 16.52 -15.93
CA LYS D 79 37.63 16.06 -15.68
C LYS D 79 36.75 17.27 -15.36
N GLY D 80 35.57 17.32 -15.97
CA GLY D 80 34.67 18.44 -15.84
C GLY D 80 34.72 19.40 -17.03
N ARG D 81 35.76 19.30 -17.86
CA ARG D 81 35.94 20.26 -18.95
C ARG D 81 34.79 20.18 -19.93
N THR D 82 34.31 18.98 -20.24
CA THR D 82 33.22 18.87 -21.20
C THR D 82 31.98 19.61 -20.72
N GLU D 83 31.61 19.42 -19.45
CA GLU D 83 30.46 20.15 -18.90
C GLU D 83 30.69 21.66 -18.97
N GLU D 84 31.92 22.11 -18.71
CA GLU D 84 32.21 23.54 -18.78
C GLU D 84 32.07 24.05 -20.21
N ILE D 85 32.47 23.24 -21.19
CA ILE D 85 32.28 23.59 -22.59
C ILE D 85 30.80 23.73 -22.91
N LEU D 86 29.97 22.85 -22.35
CA LEU D 86 28.53 23.00 -22.53
C LEU D 86 28.02 24.22 -21.79
N GLY D 87 28.57 24.48 -20.59
CA GLY D 87 28.18 25.68 -19.86
C GLY D 87 28.45 26.95 -20.63
N SER D 88 29.63 27.05 -21.24
CA SER D 88 29.93 28.27 -22.01
C SER D 88 29.03 28.35 -23.24
N TRP D 89 28.72 27.20 -23.85
CA TRP D 89 27.78 27.17 -24.97
C TRP D 89 26.41 27.69 -24.54
N PHE D 90 25.86 27.17 -23.43
CA PHE D 90 24.56 27.64 -22.96
C PHE D 90 24.58 29.13 -22.66
N ALA D 91 25.70 29.64 -22.13
CA ALA D 91 25.77 31.02 -21.66
C ALA D 91 25.67 32.06 -22.77
N GLN D 92 25.85 31.63 -24.03
CA GLN D 92 25.66 32.58 -25.12
C GLN D 92 24.22 33.04 -25.22
N GLY D 93 23.27 32.20 -24.79
CA GLY D 93 21.86 32.51 -24.93
C GLY D 93 21.28 31.85 -26.17
N GLY D 94 20.37 32.52 -26.86
CA GLY D 94 19.82 31.97 -28.08
C GLY D 94 18.91 30.77 -27.90
N ASP D 95 18.20 30.68 -26.77
CA ASP D 95 17.29 29.58 -26.44
C ASP D 95 17.98 28.22 -26.39
N ARG D 96 19.32 28.19 -26.28
CA ARG D 96 20.03 26.91 -26.35
C ARG D 96 19.66 26.01 -25.16
N ARG D 97 19.71 26.54 -23.94
CA ARG D 97 19.35 25.72 -22.78
C ARG D 97 17.88 25.29 -22.84
N ASP D 98 16.98 26.24 -23.17
CA ASP D 98 15.56 25.92 -23.27
C ASP D 98 15.27 24.84 -24.32
N LYS D 99 16.04 24.79 -25.39
CA LYS D 99 15.75 23.85 -26.45
C LYS D 99 16.32 22.46 -26.19
N VAL D 100 17.32 22.32 -25.32
CA VAL D 100 18.07 21.09 -25.19
C VAL D 100 17.60 20.28 -23.99
N VAL D 101 17.41 18.97 -24.21
CA VAL D 101 17.29 17.99 -23.14
C VAL D 101 18.70 17.64 -22.68
N LEU D 102 19.08 18.10 -21.49
CA LEU D 102 20.46 18.01 -21.03
C LEU D 102 20.62 16.81 -20.11
N ALA D 103 21.46 15.85 -20.51
CA ALA D 103 21.74 14.64 -19.75
C ALA D 103 23.18 14.64 -19.29
N THR D 104 23.40 14.34 -18.02
CA THR D 104 24.75 14.13 -17.51
C THR D 104 24.71 12.95 -16.56
N LYS D 105 25.82 12.71 -15.85
CA LYS D 105 26.00 11.44 -15.16
C LYS D 105 26.65 11.67 -13.80
N VAL D 106 26.40 10.71 -12.90
CA VAL D 106 27.03 10.61 -11.59
C VAL D 106 27.47 9.16 -11.39
N TYR D 107 28.65 8.98 -10.75
CA TYR D 107 29.24 7.72 -10.28
C TYR D 107 30.77 7.84 -10.29
N GLY D 108 31.30 8.50 -11.32
CA GLY D 108 32.73 8.53 -11.50
C GLY D 108 33.43 9.39 -10.47
N ASN D 109 34.68 9.02 -10.21
CA ASN D 109 35.56 9.82 -9.35
C ASN D 109 35.95 11.11 -10.07
N MET D 110 35.73 12.24 -9.41
CA MET D 110 36.07 13.55 -9.98
C MET D 110 37.38 14.12 -9.42
N GLY D 111 38.02 13.41 -8.50
CA GLY D 111 39.31 13.80 -7.97
C GLY D 111 40.43 13.26 -8.81
N LEU D 112 41.60 13.14 -8.20
CA LEU D 112 42.76 12.59 -8.90
C LEU D 112 42.49 11.15 -9.35
N ASP D 113 42.79 10.88 -10.63
CA ASP D 113 42.71 9.53 -11.16
C ASP D 113 43.47 8.55 -10.25
N GLY D 114 42.92 7.34 -10.12
CA GLY D 114 43.40 6.40 -9.14
C GLY D 114 42.30 6.08 -8.15
N PRO D 115 42.63 5.42 -7.05
CA PRO D 115 41.58 5.03 -6.09
C PRO D 115 40.92 6.26 -5.49
N ALA D 116 39.58 6.29 -5.56
CA ALA D 116 38.84 7.43 -5.07
C ALA D 116 38.81 7.49 -3.54
N TRP D 117 38.82 8.70 -2.99
CA TRP D 117 38.50 8.85 -1.58
C TRP D 117 37.11 8.25 -1.33
N PRO D 118 36.88 7.57 -0.21
CA PRO D 118 35.58 6.92 0.01
C PRO D 118 34.44 7.90 -0.16
N ASN D 119 33.41 7.45 -0.88
CA ASN D 119 32.19 8.23 -1.12
C ASN D 119 32.41 9.39 -2.06
N HIS D 120 33.56 9.43 -2.74
CA HIS D 120 33.78 10.40 -3.82
C HIS D 120 33.66 9.74 -5.19
N ASP D 121 33.22 8.48 -5.21
CA ASP D 121 32.72 7.82 -6.40
C ASP D 121 31.51 7.00 -5.96
N LYS D 122 30.87 6.34 -6.92
CA LYS D 122 29.76 5.41 -6.72
C LYS D 122 28.49 6.16 -6.35
N LEU D 123 27.44 5.47 -5.87
CA LEU D 123 26.10 6.06 -5.87
C LEU D 123 25.51 6.28 -4.48
N SER D 124 26.33 6.46 -3.45
CA SER D 124 25.77 6.82 -2.15
C SER D 124 25.04 8.17 -2.25
N ALA D 125 24.05 8.36 -1.36
CA ALA D 125 23.38 9.66 -1.28
C ALA D 125 24.37 10.78 -1.04
N LEU D 126 25.49 10.49 -0.37
CA LEU D 126 26.53 11.47 -0.14
C LEU D 126 27.20 11.90 -1.45
N ASN D 127 27.63 10.94 -2.27
CA ASN D 127 28.28 11.32 -3.53
C ASN D 127 27.28 11.90 -4.52
N ILE D 128 26.03 11.46 -4.48
CA ILE D 128 25.05 12.05 -5.38
C ILE D 128 24.87 13.53 -5.05
N ARG D 129 24.78 13.86 -3.77
CA ARG D 129 24.59 15.25 -3.38
C ARG D 129 25.74 16.12 -3.89
N ARG D 130 26.98 15.68 -3.65
CA ARG D 130 28.11 16.54 -4.05
C ARG D 130 28.31 16.54 -5.55
N SER D 131 28.04 15.42 -6.25
CA SER D 131 28.26 15.40 -7.70
C SER D 131 27.28 16.30 -8.45
N VAL D 132 26.01 16.33 -8.03
CA VAL D 132 25.04 17.08 -8.83
C VAL D 132 25.30 18.58 -8.72
N ASP D 133 25.68 19.04 -7.53
CA ASP D 133 25.95 20.47 -7.38
C ASP D 133 27.16 20.88 -8.20
N ALA D 134 28.18 20.03 -8.24
CA ALA D 134 29.36 20.34 -9.04
C ALA D 134 29.06 20.35 -10.53
N SER D 135 28.21 19.41 -10.99
CA SER D 135 27.80 19.39 -12.39
C SER D 135 26.98 20.62 -12.75
N LEU D 136 26.00 20.97 -11.92
CA LEU D 136 25.18 22.15 -12.19
C LEU D 136 26.03 23.42 -12.29
N LYS D 137 27.03 23.55 -11.42
CA LYS D 137 27.90 24.72 -11.46
C LYS D 137 28.69 24.79 -12.77
N ARG D 138 29.28 23.65 -13.18
CA ARG D 138 30.06 23.65 -14.43
C ARG D 138 29.16 23.86 -15.63
N LEU D 139 27.94 23.29 -15.62
CA LEU D 139 27.01 23.46 -16.73
C LEU D 139 26.37 24.84 -16.75
N GLY D 140 26.50 25.62 -15.68
CA GLY D 140 25.88 26.94 -15.64
C GLY D 140 24.37 26.90 -15.79
N THR D 141 23.72 25.92 -15.18
CA THR D 141 22.28 25.78 -15.29
C THR D 141 21.74 25.38 -13.92
N ASP D 142 20.45 25.66 -13.71
CA ASP D 142 19.83 25.33 -12.43
C ASP D 142 19.13 23.97 -12.42
N HIS D 143 19.15 23.24 -13.53
CA HIS D 143 18.55 21.91 -13.52
C HIS D 143 19.16 21.05 -14.62
N ILE D 144 19.19 19.74 -14.36
CA ILE D 144 19.56 18.72 -15.33
C ILE D 144 18.30 17.97 -15.73
N ASP D 145 18.07 17.84 -17.04
CA ASP D 145 16.85 17.17 -17.47
C ASP D 145 16.91 15.66 -17.23
N LEU D 146 18.02 15.03 -17.59
CA LEU D 146 18.18 13.58 -17.41
C LEU D 146 19.47 13.30 -16.65
N TYR D 147 19.35 12.91 -15.38
CA TYR D 147 20.52 12.63 -14.56
C TYR D 147 20.68 11.12 -14.50
N GLN D 148 21.82 10.62 -14.96
CA GLN D 148 22.03 9.19 -15.19
C GLN D 148 23.08 8.62 -14.23
N PHE D 149 22.78 7.45 -13.67
CA PHE D 149 23.82 6.65 -13.05
C PHE D 149 24.78 6.16 -14.12
N HIS D 150 26.07 6.46 -13.97
CA HIS D 150 27.03 6.09 -15.00
C HIS D 150 27.21 4.58 -15.06
N HIS D 151 26.96 3.90 -13.94
CA HIS D 151 27.23 2.46 -13.82
C HIS D 151 26.39 1.95 -12.66
N VAL D 152 26.06 0.66 -12.69
CA VAL D 152 25.40 0.08 -11.53
C VAL D 152 26.36 0.12 -10.35
N ASP D 153 25.84 0.43 -9.16
CA ASP D 153 26.61 0.38 -7.92
C ASP D 153 25.95 -0.69 -7.04
N ARG D 154 26.56 -1.86 -6.98
CA ARG D 154 25.94 -2.99 -6.29
C ARG D 154 25.86 -2.77 -4.78
N ASP D 155 26.59 -1.81 -4.23
CA ASP D 155 26.62 -1.62 -2.79
C ASP D 155 25.63 -0.57 -2.29
N THR D 156 24.89 0.10 -3.17
CA THR D 156 23.94 1.08 -2.70
C THR D 156 22.54 0.58 -2.96
N PRO D 157 21.68 0.51 -1.94
CA PRO D 157 20.33 -0.04 -2.15
C PRO D 157 19.40 1.00 -2.78
N TRP D 158 18.35 0.50 -3.44
CA TRP D 158 17.50 1.39 -4.22
C TRP D 158 16.68 2.34 -3.35
N ASP D 159 16.36 1.97 -2.10
CA ASP D 159 15.67 2.99 -1.29
C ASP D 159 16.59 4.17 -0.95
N GLU D 160 17.90 3.93 -0.82
CA GLU D 160 18.83 5.04 -0.64
C GLU D 160 18.95 5.88 -1.91
N ILE D 161 19.12 5.23 -3.07
CA ILE D 161 19.25 5.98 -4.32
C ILE D 161 17.98 6.79 -4.60
N TRP D 162 16.80 6.16 -4.48
CA TRP D 162 15.58 6.90 -4.81
C TRP D 162 15.32 8.03 -3.80
N GLN D 163 15.73 7.88 -2.54
CA GLN D 163 15.68 9.03 -1.64
C GLN D 163 16.49 10.20 -2.19
N ALA D 164 17.74 9.93 -2.57
CA ALA D 164 18.61 11.01 -3.04
C ALA D 164 18.06 11.67 -4.32
N MET D 165 17.61 10.85 -5.27
CA MET D 165 17.06 11.42 -6.50
C MET D 165 15.76 12.16 -6.24
N ASP D 166 14.90 11.63 -5.37
CA ASP D 166 13.65 12.32 -5.09
C ASP D 166 13.89 13.68 -4.42
N VAL D 167 14.94 13.80 -3.60
CA VAL D 167 15.30 15.11 -3.03
C VAL D 167 15.56 16.10 -4.16
N LEU D 168 16.34 15.68 -5.15
CA LEU D 168 16.68 16.56 -6.26
C LEU D 168 15.45 16.85 -7.12
N VAL D 169 14.60 15.85 -7.34
CA VAL D 169 13.40 16.07 -8.15
C VAL D 169 12.53 17.15 -7.52
N ARG D 170 12.25 17.02 -6.21
CA ARG D 170 11.36 17.95 -5.55
C ARG D 170 11.99 19.33 -5.39
N GLN D 171 13.32 19.41 -5.38
CA GLN D 171 13.99 20.70 -5.38
C GLN D 171 14.06 21.32 -6.76
N GLY D 172 13.67 20.58 -7.79
CA GLY D 172 13.73 21.07 -9.15
C GLY D 172 15.10 21.03 -9.77
N LYS D 173 16.07 20.40 -9.11
CA LYS D 173 17.41 20.31 -9.69
C LYS D 173 17.52 19.27 -10.79
N ILE D 174 16.64 18.25 -10.80
CA ILE D 174 16.59 17.32 -11.93
C ILE D 174 15.13 17.07 -12.28
N LEU D 175 14.91 16.52 -13.48
CA LEU D 175 13.57 16.11 -13.90
C LEU D 175 13.46 14.59 -13.98
N TYR D 176 14.35 13.95 -14.74
CA TYR D 176 14.27 12.52 -14.99
C TYR D 176 15.55 11.83 -14.55
N VAL D 177 15.41 10.53 -14.29
CA VAL D 177 16.52 9.68 -13.88
C VAL D 177 16.69 8.58 -14.91
N GLY D 178 17.94 8.30 -15.29
CA GLY D 178 18.24 7.23 -16.20
C GLY D 178 19.38 6.39 -15.69
N SER D 179 19.54 5.21 -16.29
CA SER D 179 20.61 4.31 -15.94
C SER D 179 21.62 4.26 -17.10
N SER D 180 22.81 3.73 -16.80
CA SER D 180 23.80 3.44 -17.82
C SER D 180 24.63 2.27 -17.31
N ASN D 181 24.98 1.33 -18.20
CA ASN D 181 25.74 0.13 -17.84
C ASN D 181 25.09 -0.61 -16.67
N PHE D 182 23.81 -0.90 -16.85
CA PHE D 182 23.05 -1.70 -15.91
C PHE D 182 22.90 -3.11 -16.49
N ALA D 183 22.68 -4.08 -15.60
CA ALA D 183 22.12 -5.34 -16.05
C ALA D 183 20.60 -5.21 -16.13
N GLY D 184 19.97 -6.08 -16.93
CA GLY D 184 18.52 -6.01 -17.07
C GLY D 184 17.83 -6.13 -15.73
N TRP D 185 18.32 -7.01 -14.86
CA TRP D 185 17.65 -7.17 -13.58
C TRP D 185 17.84 -5.96 -12.68
N ASN D 186 18.91 -5.16 -12.88
CA ASN D 186 19.02 -3.91 -12.14
C ASN D 186 17.92 -2.93 -12.53
N ILE D 187 17.60 -2.85 -13.84
CA ILE D 187 16.53 -2.00 -14.33
C ILE D 187 15.19 -2.41 -13.69
N ALA D 188 14.92 -3.71 -13.67
CA ALA D 188 13.66 -4.21 -13.09
C ALA D 188 13.58 -3.86 -11.60
N GLN D 189 14.65 -4.11 -10.86
CA GLN D 189 14.61 -3.82 -9.42
C GLN D 189 14.47 -2.33 -9.16
N ALA D 190 15.22 -1.49 -9.89
CA ALA D 190 15.11 -0.04 -9.72
C ALA D 190 13.67 0.44 -9.94
N ASN D 191 13.04 0.01 -11.03
CA ASN D 191 11.75 0.59 -11.36
C ASN D 191 10.62 -0.02 -10.54
N GLU D 192 10.73 -1.29 -10.16
CA GLU D 192 9.75 -1.82 -9.23
C GLU D 192 9.84 -1.11 -7.89
N THR D 193 11.05 -0.83 -7.42
CA THR D 193 11.18 -0.12 -6.15
C THR D 193 10.61 1.28 -6.24
N ALA D 194 10.89 1.99 -7.35
CA ALA D 194 10.33 3.33 -7.53
C ALA D 194 8.81 3.30 -7.56
N ALA D 195 8.24 2.33 -8.30
CA ALA D 195 6.78 2.31 -8.46
C ALA D 195 6.07 2.06 -7.13
N ARG D 196 6.70 1.34 -6.20
CA ARG D 196 6.10 1.06 -4.89
C ARG D 196 5.63 2.33 -4.20
N HIS D 197 6.36 3.44 -4.37
CA HIS D 197 6.10 4.62 -3.57
C HIS D 197 5.91 5.85 -4.44
N GLY D 198 5.31 5.67 -5.61
CA GLY D 198 4.82 6.75 -6.44
C GLY D 198 5.85 7.40 -7.34
N ARG D 199 7.09 6.93 -7.35
CA ARG D 199 8.16 7.61 -8.06
C ARG D 199 8.26 7.15 -9.50
N LEU D 200 8.55 8.11 -10.39
CA LEU D 200 8.88 7.76 -11.76
C LEU D 200 10.20 7.02 -11.75
N GLY D 201 10.26 5.87 -12.40
CA GLY D 201 11.47 5.08 -12.35
C GLY D 201 12.51 5.61 -13.33
N LEU D 202 13.47 4.75 -13.65
CA LEU D 202 14.38 5.01 -14.77
C LEU D 202 13.57 5.24 -16.04
N VAL D 203 13.98 6.26 -16.81
CA VAL D 203 13.30 6.54 -18.08
C VAL D 203 14.09 6.05 -19.27
N SER D 204 15.36 5.70 -19.08
CA SER D 204 16.21 5.29 -20.19
C SER D 204 17.38 4.49 -19.63
N GLU D 205 17.91 3.57 -20.44
CA GLU D 205 19.16 2.87 -20.18
C GLU D 205 20.13 3.25 -21.27
N GLN D 206 21.33 3.65 -20.89
CA GLN D 206 22.41 3.97 -21.83
C GLN D 206 23.43 2.84 -21.78
N CYS D 207 23.46 2.03 -22.84
CA CYS D 207 24.19 0.77 -22.87
C CYS D 207 25.07 0.68 -24.10
N LEU D 208 26.17 -0.08 -23.99
CA LEU D 208 27.00 -0.39 -25.15
C LEU D 208 26.26 -1.34 -26.08
N TYR D 209 26.03 -0.91 -27.32
CA TYR D 209 25.25 -1.71 -28.29
C TYR D 209 25.63 -1.21 -29.67
N ASN D 210 26.15 -2.11 -30.51
CA ASN D 210 26.51 -1.80 -31.88
C ASN D 210 26.73 -3.12 -32.59
N LEU D 211 27.07 -3.06 -33.88
CA LEU D 211 27.29 -4.27 -34.65
C LEU D 211 28.33 -5.18 -34.00
N CYS D 212 29.41 -4.61 -33.44
CA CYS D 212 30.47 -5.42 -32.84
C CYS D 212 30.09 -6.05 -31.51
N GLU D 213 29.22 -5.41 -30.73
CA GLU D 213 28.91 -5.88 -29.38
C GLU D 213 27.40 -5.89 -29.23
N ARG D 214 26.79 -7.07 -29.36
CA ARG D 214 25.34 -7.19 -29.35
C ARG D 214 24.80 -7.87 -28.09
N ARG D 215 25.62 -8.09 -27.07
CA ARG D 215 25.13 -8.91 -25.97
C ARG D 215 24.14 -8.19 -25.08
N ALA D 216 23.95 -6.87 -25.26
CA ALA D 216 22.82 -6.20 -24.62
C ALA D 216 21.48 -6.78 -25.07
N GLU D 217 21.46 -7.50 -26.20
CA GLU D 217 20.23 -8.14 -26.65
C GLU D 217 19.77 -9.24 -25.72
N MET D 218 20.68 -9.81 -24.92
CA MET D 218 20.33 -10.95 -24.08
C MET D 218 19.28 -10.58 -23.05
N GLU D 219 19.55 -9.55 -22.24
CA GLU D 219 18.68 -9.21 -21.13
C GLU D 219 18.54 -7.70 -20.89
N VAL D 220 19.54 -6.89 -21.21
CA VAL D 220 19.43 -5.46 -20.93
C VAL D 220 18.31 -4.83 -21.75
N VAL D 221 18.32 -5.04 -23.06
CA VAL D 221 17.34 -4.36 -23.89
C VAL D 221 15.98 -5.00 -23.64
N PRO D 222 15.85 -6.34 -23.50
CA PRO D 222 14.52 -6.89 -23.16
C PRO D 222 13.94 -6.34 -21.87
N ALA D 223 14.76 -6.20 -20.81
CA ALA D 223 14.25 -5.62 -19.58
C ALA D 223 13.85 -4.17 -19.77
N ALA D 224 14.67 -3.39 -20.50
CA ALA D 224 14.31 -2.00 -20.76
C ALA D 224 12.98 -1.91 -21.51
N ARG D 225 12.76 -2.79 -22.48
CA ARG D 225 11.50 -2.73 -23.22
C ARG D 225 10.32 -3.08 -22.34
N GLU D 226 10.45 -4.12 -21.51
CA GLU D 226 9.37 -4.47 -20.59
C GLU D 226 9.03 -3.28 -19.69
N TYR D 227 10.04 -2.59 -19.18
CA TYR D 227 9.78 -1.50 -18.25
C TYR D 227 9.60 -0.15 -18.94
N GLY D 228 9.59 -0.11 -20.27
CA GLY D 228 9.31 1.14 -20.98
C GLY D 228 10.41 2.16 -20.83
N LEU D 229 11.66 1.71 -20.78
CA LEU D 229 12.79 2.63 -20.82
C LEU D 229 13.17 2.92 -22.25
N GLY D 230 13.56 4.15 -22.52
CA GLY D 230 14.34 4.40 -23.73
C GLY D 230 15.64 3.62 -23.68
N VAL D 231 16.21 3.34 -24.85
CA VAL D 231 17.50 2.66 -24.95
C VAL D 231 18.35 3.53 -25.87
N ILE D 232 19.43 4.09 -25.32
CA ILE D 232 20.32 4.96 -26.09
C ILE D 232 21.69 4.33 -26.09
N ALA D 233 22.25 4.12 -27.29
CA ALA D 233 23.40 3.24 -27.46
C ALA D 233 24.68 4.08 -27.45
N TRP D 234 25.57 3.79 -26.51
CA TRP D 234 26.85 4.48 -26.48
C TRP D 234 27.92 3.70 -27.25
N SER D 235 28.98 4.42 -27.64
CA SER D 235 29.93 4.01 -28.66
C SER D 235 29.24 3.26 -29.80
N PRO D 236 28.31 3.91 -30.51
CA PRO D 236 27.58 3.22 -31.57
C PRO D 236 28.45 2.81 -32.75
N LEU D 237 29.66 3.36 -32.89
CA LEU D 237 30.61 2.87 -33.88
C LEU D 237 31.73 2.07 -33.25
N HIS D 238 31.56 1.64 -31.99
CA HIS D 238 32.60 0.91 -31.26
C HIS D 238 33.90 1.70 -31.21
N GLY D 239 33.79 2.99 -30.88
CA GLY D 239 34.94 3.85 -30.77
C GLY D 239 35.59 4.26 -32.09
N GLY D 240 34.85 4.21 -33.19
CA GLY D 240 35.37 4.52 -34.50
C GLY D 240 35.70 3.29 -35.32
N LEU D 241 35.72 2.11 -34.70
CA LEU D 241 36.07 0.89 -35.41
C LEU D 241 35.18 0.67 -36.63
N LEU D 242 33.89 1.00 -36.51
CA LEU D 242 32.90 0.80 -37.56
C LEU D 242 32.79 2.00 -38.51
N GLY D 243 33.63 3.00 -38.35
CA GLY D 243 33.56 4.17 -39.21
C GLY D 243 34.53 4.17 -40.37
N GLY D 244 35.03 3.00 -40.77
CA GLY D 244 35.98 2.92 -41.88
C GLY D 244 37.41 2.85 -41.41
N ALA D 245 37.64 2.20 -40.26
CA ALA D 245 38.94 2.27 -39.61
C ALA D 245 40.03 1.54 -40.37
N ILE D 246 39.70 0.48 -41.12
CA ILE D 246 40.72 -0.19 -41.89
C ILE D 246 41.16 0.68 -43.06
N ARG D 247 40.21 1.20 -43.83
CA ARG D 247 40.55 2.10 -44.94
C ARG D 247 41.36 3.31 -44.43
N LYS D 248 41.02 3.83 -43.25
CA LYS D 248 41.70 4.99 -42.71
C LYS D 248 42.87 4.65 -41.78
N GLU D 249 43.26 3.38 -41.70
CA GLU D 249 44.21 2.92 -40.68
C GLU D 249 45.56 3.64 -40.74
N GLN D 250 45.96 4.09 -41.93
CA GLN D 250 47.26 4.70 -42.11
C GLN D 250 47.21 6.22 -42.05
N GLU D 251 46.03 6.80 -41.78
CA GLU D 251 45.86 8.24 -41.84
C GLU D 251 46.30 8.90 -40.55
N GLY D 252 46.63 10.19 -40.66
CA GLY D 252 46.91 11.03 -39.51
C GLY D 252 45.63 11.53 -38.89
N GLY D 253 45.71 12.72 -38.31
CA GLY D 253 44.68 13.21 -37.42
C GLY D 253 44.78 12.54 -36.05
N ASN D 254 44.15 13.16 -35.06
CA ASN D 254 44.03 12.47 -33.78
C ASN D 254 42.67 11.76 -33.77
N ARG D 255 42.63 10.71 -34.59
CA ARG D 255 41.43 9.91 -34.80
C ARG D 255 41.19 9.00 -33.62
N ARG D 256 39.93 8.94 -33.15
CA ARG D 256 39.61 8.01 -32.07
C ARG D 256 39.88 6.56 -32.46
N ALA D 257 39.72 6.23 -33.74
CA ALA D 257 39.95 4.85 -34.19
C ALA D 257 41.41 4.44 -34.11
N ALA D 258 42.33 5.40 -34.01
CA ALA D 258 43.74 5.09 -33.89
C ALA D 258 44.13 4.59 -32.50
N SER D 259 43.24 4.70 -31.51
CA SER D 259 43.56 4.28 -30.13
C SER D 259 42.39 3.52 -29.52
N GLY D 260 42.61 3.05 -28.30
CA GLY D 260 41.55 2.47 -27.49
C GLY D 260 40.91 1.25 -28.11
N ARG D 261 39.59 1.14 -27.89
CA ARG D 261 38.82 -0.02 -28.30
C ARG D 261 39.07 -0.41 -29.76
N ALA D 262 39.03 0.57 -30.67
CA ALA D 262 39.16 0.25 -32.08
C ALA D 262 40.55 -0.26 -32.42
N ALA D 263 41.59 0.42 -31.94
CA ALA D 263 42.95 -0.03 -32.19
C ALA D 263 43.16 -1.43 -31.65
N ASP D 264 42.63 -1.72 -30.46
CA ASP D 264 42.79 -3.04 -29.88
C ASP D 264 42.12 -4.10 -30.75
N ALA D 265 40.91 -3.81 -31.23
CA ALA D 265 40.21 -4.77 -32.08
C ALA D 265 41.00 -5.07 -33.34
N LEU D 266 41.62 -4.05 -33.95
CA LEU D 266 42.34 -4.27 -35.20
C LEU D 266 43.63 -5.07 -35.02
N LYS D 267 44.12 -5.21 -33.78
CA LYS D 267 45.25 -6.09 -33.52
C LYS D 267 44.83 -7.54 -33.58
N ASP D 268 43.59 -7.84 -33.24
CA ASP D 268 43.11 -9.21 -33.20
C ASP D 268 42.74 -9.68 -34.61
N PRO D 269 43.33 -10.77 -35.10
CA PRO D 269 43.05 -11.18 -36.50
C PRO D 269 41.58 -11.47 -36.75
N GLN D 270 40.88 -12.08 -35.80
CA GLN D 270 39.48 -12.42 -36.01
C GLN D 270 38.60 -11.17 -36.02
N GLN D 271 38.85 -10.23 -35.12
CA GLN D 271 38.04 -9.01 -35.10
C GLN D 271 38.37 -8.12 -36.28
N ARG D 272 39.64 -8.09 -36.67
CA ARG D 272 40.01 -7.31 -37.85
C ARG D 272 39.38 -7.90 -39.10
N GLU D 273 39.35 -9.23 -39.21
CA GLU D 273 38.73 -9.85 -40.36
C GLU D 273 37.25 -9.48 -40.45
N GLN D 274 36.58 -9.35 -39.30
CA GLN D 274 35.19 -8.96 -39.27
C GLN D 274 34.99 -7.56 -39.84
N ILE D 275 35.80 -6.60 -39.38
CA ILE D 275 35.69 -5.24 -39.87
C ILE D 275 36.03 -5.19 -41.36
N GLN D 276 36.95 -6.05 -41.81
CA GLN D 276 37.31 -6.07 -43.22
C GLN D 276 36.13 -6.54 -44.06
N ARG D 277 35.49 -7.64 -43.64
CA ARG D 277 34.27 -8.09 -44.27
C ARG D 277 33.23 -6.98 -44.36
N TYR D 278 33.07 -6.21 -43.27
CA TYR D 278 32.10 -5.13 -43.21
C TYR D 278 32.40 -4.05 -44.24
N GLU D 279 33.63 -3.52 -44.22
CA GLU D 279 33.98 -2.44 -45.13
C GLU D 279 33.93 -2.89 -46.59
N ASP D 280 34.28 -4.16 -46.84
CA ASP D 280 34.22 -4.67 -48.20
C ASP D 280 32.78 -4.84 -48.68
N LEU D 281 31.91 -5.29 -47.78
CA LEU D 281 30.48 -5.38 -48.09
C LEU D 281 29.93 -4.02 -48.51
N LEU D 282 30.27 -2.97 -47.75
CA LEU D 282 29.67 -1.67 -48.02
C LEU D 282 30.23 -1.03 -49.28
N ASP D 283 31.50 -1.31 -49.63
CA ASP D 283 32.00 -0.87 -50.92
C ASP D 283 31.14 -1.39 -52.06
N LYS D 284 30.62 -2.61 -51.93
CA LYS D 284 29.81 -3.19 -53.00
C LYS D 284 28.43 -2.54 -53.09
N HIS D 285 27.97 -1.88 -52.04
CA HIS D 285 26.65 -1.27 -52.06
C HIS D 285 26.70 0.25 -52.06
N GLY D 286 27.89 0.83 -52.22
CA GLY D 286 28.02 2.28 -52.21
C GLY D 286 27.56 2.94 -50.92
N LEU D 287 27.81 2.30 -49.78
CA LEU D 287 27.41 2.84 -48.48
C LEU D 287 28.63 3.18 -47.64
N GLU D 288 28.45 4.12 -46.71
CA GLU D 288 29.53 4.54 -45.82
C GLU D 288 29.48 3.76 -44.49
N PRO D 289 30.61 3.25 -44.01
CA PRO D 289 30.55 2.40 -42.80
C PRO D 289 29.99 3.08 -41.58
N GLY D 290 30.37 4.33 -41.31
CA GLY D 290 29.86 5.03 -40.14
C GLY D 290 28.37 5.24 -40.20
N GLU D 291 27.86 5.58 -41.38
CA GLU D 291 26.43 5.84 -41.50
C GLU D 291 25.62 4.55 -41.38
N VAL D 292 26.14 3.45 -41.92
CA VAL D 292 25.40 2.19 -41.87
C VAL D 292 25.32 1.68 -40.43
N ALA D 293 26.41 1.84 -39.66
CA ALA D 293 26.41 1.36 -38.29
C ALA D 293 25.41 2.12 -37.44
N LEU D 294 25.26 3.43 -37.69
CA LEU D 294 24.26 4.23 -37.00
C LEU D 294 22.86 3.87 -37.47
N ALA D 295 22.68 3.71 -38.79
CA ALA D 295 21.37 3.33 -39.31
C ALA D 295 20.98 1.93 -38.86
N TRP D 296 21.95 1.04 -38.66
CA TRP D 296 21.62 -0.30 -38.21
C TRP D 296 20.98 -0.25 -36.82
N LEU D 297 21.56 0.55 -35.91
CA LEU D 297 21.01 0.68 -34.56
C LEU D 297 19.59 1.24 -34.57
N LEU D 298 19.29 2.14 -35.51
CA LEU D 298 17.95 2.70 -35.61
C LEU D 298 16.90 1.67 -36.02
N THR D 299 17.30 0.53 -36.60
CA THR D 299 16.36 -0.54 -36.94
C THR D 299 16.11 -1.52 -35.80
N ARG D 300 16.83 -1.38 -34.66
CA ARG D 300 16.73 -2.46 -33.68
C ARG D 300 15.55 -2.23 -32.74
N PRO D 301 14.73 -3.23 -32.49
CA PRO D 301 13.54 -3.02 -31.65
C PRO D 301 13.94 -2.53 -30.27
N GLY D 302 13.24 -1.50 -29.80
CA GLY D 302 13.51 -0.90 -28.50
C GLY D 302 14.56 0.20 -28.47
N VAL D 303 15.34 0.36 -29.53
CA VAL D 303 16.42 1.34 -29.48
C VAL D 303 15.84 2.71 -29.80
N THR D 304 15.98 3.63 -28.86
CA THR D 304 15.60 5.02 -29.11
C THR D 304 16.48 5.60 -30.20
N GLY D 305 17.79 5.46 -30.05
CA GLY D 305 18.72 5.91 -31.05
C GLY D 305 20.15 5.75 -30.59
N PRO D 306 21.10 5.94 -31.51
CA PRO D 306 22.51 6.00 -31.13
C PRO D 306 22.87 7.36 -30.54
N ILE D 307 23.82 7.33 -29.61
CA ILE D 307 24.44 8.56 -29.09
C ILE D 307 25.66 8.79 -29.98
N VAL D 308 25.51 9.67 -30.98
CA VAL D 308 26.58 9.84 -31.95
C VAL D 308 27.76 10.51 -31.27
N GLY D 309 28.97 10.16 -31.71
CA GLY D 309 30.18 10.75 -31.17
C GLY D 309 31.01 11.44 -32.25
N PRO D 310 30.47 12.50 -32.85
CA PRO D 310 31.23 13.20 -33.90
C PRO D 310 32.49 13.86 -33.34
N ARG D 311 33.59 13.71 -34.07
CA ARG D 311 34.80 14.48 -33.80
C ARG D 311 34.76 15.83 -34.53
N THR D 312 34.03 15.92 -35.64
CA THR D 312 33.95 17.12 -36.47
C THR D 312 32.50 17.42 -36.81
N ALA D 313 32.27 18.65 -37.30
CA ALA D 313 30.96 19.01 -37.82
C ALA D 313 30.57 18.16 -39.02
N ASP D 314 31.54 17.82 -39.88
CA ASP D 314 31.26 16.93 -41.00
C ASP D 314 30.78 15.57 -40.53
N GLN D 315 31.27 15.10 -39.38
CA GLN D 315 30.82 13.79 -38.91
C GLN D 315 29.41 13.87 -38.33
N LEU D 316 29.04 15.03 -37.78
CA LEU D 316 27.66 15.24 -37.38
C LEU D 316 26.72 15.26 -38.58
N ALA D 317 27.13 15.94 -39.65
CA ALA D 317 26.34 15.93 -40.88
C ALA D 317 26.20 14.52 -41.45
N SER D 318 27.27 13.73 -41.36
CA SER D 318 27.22 12.35 -41.81
C SER D 318 26.23 11.54 -40.97
N ALA D 319 26.21 11.77 -39.65
CA ALA D 319 25.23 11.10 -38.79
C ALA D 319 23.80 11.48 -39.17
N VAL D 320 23.58 12.76 -39.48
CA VAL D 320 22.25 13.20 -39.90
C VAL D 320 21.84 12.49 -41.18
N ARG D 321 22.78 12.32 -42.13
CA ARG D 321 22.48 11.54 -43.33
C ARG D 321 22.13 10.10 -42.98
N ALA D 322 22.86 9.53 -42.01
CA ALA D 322 22.59 8.15 -41.60
C ALA D 322 21.17 7.96 -41.08
N ALA D 323 20.62 8.97 -40.42
CA ALA D 323 19.27 8.85 -39.88
C ALA D 323 18.21 8.90 -40.97
N GLU D 324 18.58 9.22 -42.21
CA GLU D 324 17.69 9.23 -43.35
C GLU D 324 17.89 8.00 -44.25
N LEU D 325 18.94 7.24 -44.02
CA LEU D 325 19.22 6.02 -44.75
C LEU D 325 18.11 5.01 -44.53
N THR D 326 17.79 4.24 -45.58
CA THR D 326 16.96 3.05 -45.45
C THR D 326 17.77 1.84 -45.88
N LEU D 327 18.20 1.03 -44.91
CA LEU D 327 18.97 -0.17 -45.19
C LEU D 327 18.06 -1.23 -45.80
N THR D 328 18.49 -1.83 -46.91
CA THR D 328 17.68 -2.85 -47.55
C THR D 328 17.69 -4.15 -46.75
N ASP D 329 16.69 -4.99 -47.01
CA ASP D 329 16.66 -6.34 -46.43
C ASP D 329 17.97 -7.08 -46.70
N GLU D 330 18.48 -6.97 -47.92
CA GLU D 330 19.70 -7.69 -48.31
C GLU D 330 20.90 -7.22 -47.49
N VAL D 331 21.01 -5.93 -47.22
CA VAL D 331 22.14 -5.44 -46.43
C VAL D 331 21.96 -5.81 -44.97
N LEU D 332 20.74 -5.72 -44.44
CA LEU D 332 20.50 -6.11 -43.05
C LEU D 332 20.83 -7.59 -42.85
N THR D 333 20.41 -8.44 -43.79
CA THR D 333 20.73 -9.87 -43.69
C THR D 333 22.24 -10.10 -43.76
N ALA D 334 22.94 -9.33 -44.61
CA ALA D 334 24.39 -9.51 -44.72
C ALA D 334 25.09 -9.08 -43.43
N LEU D 335 24.63 -7.99 -42.81
CA LEU D 335 25.22 -7.55 -41.55
C LEU D 335 25.04 -8.60 -40.46
N ASP D 336 23.89 -9.28 -40.47
CA ASP D 336 23.66 -10.33 -39.48
C ASP D 336 24.60 -11.51 -39.68
N GLU D 337 24.96 -11.81 -40.94
CA GLU D 337 25.96 -12.83 -41.21
C GLU D 337 27.32 -12.42 -40.63
N ILE D 338 27.69 -11.16 -40.82
CA ILE D 338 29.00 -10.69 -40.38
C ILE D 338 29.04 -10.56 -38.86
N PHE D 339 27.96 -10.03 -38.29
CA PHE D 339 27.91 -9.59 -36.89
C PHE D 339 26.72 -10.26 -36.21
N PRO D 340 26.72 -11.59 -36.05
CA PRO D 340 25.55 -12.23 -35.45
C PRO D 340 25.37 -11.80 -34.01
N GLY D 341 24.10 -11.78 -33.57
CA GLY D 341 23.78 -11.44 -32.20
C GLY D 341 23.22 -12.65 -31.48
N PRO D 342 23.16 -12.58 -30.14
CA PRO D 342 22.73 -13.76 -29.38
C PRO D 342 21.23 -13.90 -29.22
N GLY D 343 20.45 -12.85 -29.42
CA GLY D 343 19.05 -12.91 -29.06
C GLY D 343 18.86 -12.86 -27.55
N PRO D 344 17.62 -13.01 -27.08
CA PRO D 344 17.35 -12.92 -25.65
C PRO D 344 17.70 -14.20 -24.91
N SER D 345 18.04 -14.03 -23.62
CA SER D 345 18.04 -15.11 -22.67
C SER D 345 16.60 -15.43 -22.28
N PRO D 346 16.30 -16.69 -21.93
CA PRO D 346 17.16 -17.88 -21.79
C PRO D 346 17.54 -18.55 -23.12
N GLU D 347 16.83 -18.25 -24.21
CA GLU D 347 17.06 -18.93 -25.48
C GLU D 347 18.51 -18.80 -25.96
N ALA D 348 19.18 -17.69 -25.61
CA ALA D 348 20.54 -17.46 -26.06
C ALA D 348 21.52 -18.53 -25.59
N PHE D 349 21.25 -19.16 -24.45
CA PHE D 349 22.17 -20.19 -23.94
C PHE D 349 21.49 -21.49 -23.52
N ALA D 350 20.16 -21.55 -23.46
CA ALA D 350 19.46 -22.75 -22.99
C ALA D 350 18.50 -23.18 -24.09
N TRP D 351 17.20 -22.95 -23.93
CA TRP D 351 16.20 -23.20 -24.99
C TRP D 351 15.01 -22.25 -24.80
N MET E 21 44.35 1.80 5.83
CA MET E 21 43.06 1.74 6.55
C MET E 21 42.11 0.73 5.89
N GLU E 22 41.48 -0.10 6.71
CA GLU E 22 40.43 -1.00 6.21
C GLU E 22 39.10 -0.26 6.15
N TYR E 23 38.36 -0.47 5.06
CA TYR E 23 37.07 0.18 4.84
C TYR E 23 35.98 -0.87 4.73
N THR E 24 34.74 -0.44 4.97
CA THR E 24 33.59 -1.33 4.84
C THR E 24 32.35 -0.49 4.56
N GLN E 25 31.32 -1.14 4.02
CA GLN E 25 30.04 -0.47 3.92
C GLN E 25 29.44 -0.34 5.32
N LEU E 26 28.71 0.74 5.55
CA LEU E 26 27.98 0.90 6.80
C LEU E 26 26.70 0.10 6.67
N GLY E 27 26.69 -1.11 7.21
CA GLY E 27 25.53 -1.99 7.05
C GLY E 27 25.22 -2.17 5.57
N ARG E 28 23.94 -2.02 5.24
CA ARG E 28 23.42 -2.27 3.90
C ARG E 28 23.57 -1.07 2.97
N ILE E 29 23.93 0.11 3.48
CA ILE E 29 23.84 1.30 2.65
C ILE E 29 25.12 1.55 1.83
N GLY E 30 25.07 2.55 0.95
CA GLY E 30 26.14 2.78 -0.01
C GLY E 30 27.32 3.54 0.55
N LEU E 31 27.17 4.09 1.75
CA LEU E 31 28.25 4.81 2.41
C LEU E 31 29.36 3.84 2.81
N LYS E 32 30.60 4.20 2.45
CA LYS E 32 31.79 3.44 2.81
C LYS E 32 32.52 4.17 3.93
N VAL E 33 32.88 3.44 4.99
CA VAL E 33 33.48 4.08 6.16
C VAL E 33 34.72 3.32 6.59
N SER E 34 35.66 4.07 7.19
CA SER E 34 36.79 3.45 7.85
C SER E 34 36.30 2.58 9.00
N ARG E 35 37.00 1.47 9.23
CA ARG E 35 36.60 0.59 10.32
C ARG E 35 37.02 1.13 11.69
N LEU E 36 37.79 2.22 11.73
CA LEU E 36 37.89 3.03 12.93
C LEU E 36 37.03 4.27 12.73
N VAL E 37 36.14 4.54 13.70
CA VAL E 37 35.36 5.76 13.76
C VAL E 37 36.00 6.67 14.79
N LEU E 38 36.25 7.93 14.43
CA LEU E 38 36.90 8.84 15.36
C LEU E 38 35.86 9.45 16.28
N GLY E 39 35.94 9.11 17.58
CA GLY E 39 35.09 9.76 18.56
C GLY E 39 35.69 11.09 19.00
N THR E 40 34.80 12.06 19.25
CA THR E 40 35.26 13.41 19.58
C THR E 40 34.89 13.84 21.01
N MET E 41 34.38 12.92 21.83
CA MET E 41 33.84 13.30 23.13
C MET E 41 34.89 13.96 24.02
N ASN E 42 36.16 13.57 23.87
CA ASN E 42 37.25 14.14 24.65
C ASN E 42 37.58 15.56 24.24
N PHE E 43 37.19 15.98 23.03
CA PHE E 43 37.62 17.26 22.48
C PHE E 43 36.87 18.38 23.20
N GLY E 44 37.56 19.07 24.11
CA GLY E 44 36.96 20.12 24.89
C GLY E 44 37.20 19.92 26.37
N PRO E 45 36.49 18.95 26.97
CA PRO E 45 36.64 18.74 28.42
C PRO E 45 37.94 18.05 28.80
N THR E 46 38.60 17.40 27.87
CA THR E 46 39.80 16.64 28.20
C THR E 46 40.96 16.95 27.27
N THR E 47 40.69 17.15 26.00
CA THR E 47 41.68 17.52 24.99
C THR E 47 41.34 18.93 24.50
N ASP E 48 42.36 19.79 24.42
CA ASP E 48 42.05 21.15 24.02
C ASP E 48 41.90 21.27 22.51
N GLU E 49 41.46 22.45 22.07
CA GLU E 49 41.16 22.67 20.67
C GLU E 49 42.34 22.29 19.77
N ALA E 50 43.54 22.74 20.14
CA ALA E 50 44.72 22.54 19.29
C ALA E 50 45.05 21.06 19.14
N GLU E 51 45.15 20.32 20.25
CA GLU E 51 45.44 18.91 20.11
C GLU E 51 44.30 18.17 19.41
N SER E 52 43.05 18.58 19.66
CA SER E 52 41.89 18.00 18.99
C SER E 52 42.01 18.15 17.48
N HIS E 53 42.34 19.36 17.02
CA HIS E 53 42.55 19.57 15.59
C HIS E 53 43.68 18.71 15.05
N ALA E 54 44.74 18.53 15.86
CA ALA E 54 45.86 17.70 15.40
C ALA E 54 45.46 16.24 15.31
N ILE E 55 44.70 15.75 16.30
CA ILE E 55 44.21 14.37 16.24
C ILE E 55 43.35 14.17 14.99
N MET E 56 42.48 15.13 14.69
CA MET E 56 41.60 14.99 13.54
C MET E 56 42.37 15.02 12.22
N ASP E 57 43.43 15.85 12.15
CA ASP E 57 44.28 15.83 10.97
C ASP E 57 45.03 14.50 10.85
N ALA E 58 45.48 13.96 11.98
CA ALA E 58 46.15 12.66 11.90
C ALA E 58 45.15 11.57 11.52
N ALA E 59 43.91 11.68 11.99
CA ALA E 59 42.88 10.73 11.60
C ALA E 59 42.68 10.73 10.08
N LEU E 60 42.48 11.92 9.52
CA LEU E 60 42.29 12.04 8.08
C LEU E 60 43.50 11.50 7.32
N ASP E 61 44.72 11.81 7.79
CA ASP E 61 45.95 11.32 7.16
C ASP E 61 46.04 9.79 7.19
N ALA E 62 45.49 9.16 8.24
CA ALA E 62 45.44 7.73 8.36
C ALA E 62 44.30 7.10 7.56
N GLY E 63 43.45 7.89 6.92
CA GLY E 63 42.33 7.36 6.16
C GLY E 63 41.01 7.30 6.90
N ILE E 64 40.97 7.69 8.17
CA ILE E 64 39.71 7.72 8.91
C ILE E 64 38.84 8.82 8.31
N ASN E 65 37.62 8.44 7.85
CA ASN E 65 36.72 9.36 7.15
C ASN E 65 35.38 9.54 7.84
N PHE E 66 35.26 9.12 9.10
CA PHE E 66 33.98 8.96 9.77
C PHE E 66 34.19 9.47 11.19
N PHE E 67 33.57 10.60 11.52
CA PHE E 67 33.72 11.25 12.81
C PHE E 67 32.40 11.25 13.55
N ASP E 68 32.43 10.92 14.84
CA ASP E 68 31.25 10.97 15.70
C ASP E 68 31.36 12.08 16.74
N THR E 69 30.31 12.90 16.86
CA THR E 69 30.21 13.92 17.89
C THR E 69 28.77 13.94 18.40
N ALA E 70 28.43 14.92 19.23
CA ALA E 70 27.08 15.10 19.75
C ALA E 70 26.91 16.55 20.14
N ASN E 71 25.66 17.00 20.23
CA ASN E 71 25.48 18.40 20.60
C ASN E 71 25.91 18.63 22.05
N VAL E 72 25.68 17.65 22.93
CA VAL E 72 25.99 17.84 24.34
C VAL E 72 27.47 17.74 24.68
N TYR E 73 28.31 17.24 23.76
CA TYR E 73 29.73 17.07 24.09
C TYR E 73 30.38 18.43 24.37
N GLY E 74 31.23 18.45 25.39
CA GLY E 74 31.67 19.69 26.00
C GLY E 74 31.33 19.70 27.48
N TRP E 75 30.12 19.22 27.80
CA TRP E 75 29.59 19.03 29.16
C TRP E 75 29.32 20.33 29.92
N GLY E 76 28.34 20.28 30.83
CA GLY E 76 28.10 21.41 31.72
C GLY E 76 27.75 22.67 30.96
N GLU E 77 28.30 23.81 31.41
CA GLU E 77 28.08 25.07 30.71
C GLU E 77 28.80 25.12 29.38
N ASN E 78 29.53 24.08 29.01
CA ASN E 78 30.27 24.03 27.76
C ASN E 78 29.68 23.04 26.77
N LYS E 79 28.43 22.62 26.98
CA LYS E 79 27.76 21.80 25.97
C LYS E 79 27.74 22.54 24.63
N GLY E 80 28.11 21.83 23.57
CA GLY E 80 28.28 22.41 22.25
C GLY E 80 29.72 22.71 21.89
N ARG E 81 30.63 22.70 22.87
CA ARG E 81 32.02 23.07 22.60
C ARG E 81 32.67 22.11 21.61
N THR E 82 32.40 20.81 21.74
CA THR E 82 33.00 19.83 20.83
C THR E 82 32.60 20.08 19.38
N GLU E 83 31.30 20.33 19.15
CA GLU E 83 30.82 20.69 17.81
C GLU E 83 31.50 21.95 17.30
N GLU E 84 31.70 22.93 18.19
CA GLU E 84 32.40 24.14 17.78
C GLU E 84 33.85 23.87 17.41
N ILE E 85 34.50 22.94 18.13
CA ILE E 85 35.88 22.58 17.82
C ILE E 85 35.97 21.93 16.45
N LEU E 86 35.01 21.07 16.10
CA LEU E 86 34.97 20.53 14.74
C LEU E 86 34.65 21.62 13.74
N GLY E 87 33.80 22.58 14.10
CA GLY E 87 33.48 23.67 13.19
C GLY E 87 34.70 24.49 12.83
N SER E 88 35.58 24.75 13.81
CA SER E 88 36.79 25.51 13.51
C SER E 88 37.83 24.66 12.80
N TRP E 89 37.80 23.34 12.99
CA TRP E 89 38.64 22.46 12.19
C TRP E 89 38.23 22.48 10.72
N PHE E 90 36.92 22.38 10.45
CA PHE E 90 36.43 22.41 9.07
C PHE E 90 36.73 23.76 8.42
N ALA E 91 36.65 24.85 9.20
CA ALA E 91 36.89 26.19 8.68
C ALA E 91 38.30 26.39 8.14
N GLN E 92 39.22 25.48 8.42
CA GLN E 92 40.56 25.61 7.86
C GLN E 92 40.62 25.25 6.39
N GLY E 93 39.55 24.68 5.82
CA GLY E 93 39.56 24.31 4.42
C GLY E 93 40.27 22.99 4.17
N GLY E 94 41.03 22.89 3.08
CA GLY E 94 41.78 21.67 2.78
C GLY E 94 40.92 20.45 2.52
N ASP E 95 39.69 20.63 2.06
CA ASP E 95 38.77 19.53 1.75
C ASP E 95 38.34 18.73 2.97
N ARG E 96 38.51 19.26 4.18
CA ARG E 96 38.19 18.48 5.39
C ARG E 96 36.71 18.13 5.47
N ARG E 97 35.83 19.10 5.24
CA ARG E 97 34.39 18.80 5.32
C ARG E 97 33.96 17.83 4.22
N ASP E 98 34.49 18.01 3.01
CA ASP E 98 34.11 17.14 1.90
C ASP E 98 34.58 15.70 2.13
N LYS E 99 35.70 15.49 2.84
CA LYS E 99 36.24 14.16 3.03
C LYS E 99 35.64 13.42 4.22
N VAL E 100 35.01 14.12 5.16
CA VAL E 100 34.56 13.53 6.42
C VAL E 100 33.08 13.20 6.34
N VAL E 101 32.72 11.99 6.73
CA VAL E 101 31.33 11.66 7.08
C VAL E 101 31.10 12.16 8.49
N LEU E 102 30.27 13.20 8.63
CA LEU E 102 30.08 13.92 9.87
C LEU E 102 28.80 13.43 10.55
N ALA E 103 28.95 12.88 11.75
CA ALA E 103 27.84 12.33 12.54
C ALA E 103 27.69 13.12 13.82
N THR E 104 26.46 13.55 14.15
CA THR E 104 26.20 14.12 15.47
C THR E 104 24.85 13.57 15.96
N LYS E 105 24.35 14.13 17.06
CA LYS E 105 23.28 13.48 17.81
C LYS E 105 22.24 14.50 18.26
N VAL E 106 21.01 14.00 18.44
CA VAL E 106 19.92 14.77 19.03
C VAL E 106 19.27 13.88 20.09
N TYR E 107 18.82 14.51 21.18
CA TYR E 107 18.09 13.92 22.31
C TYR E 107 18.43 14.70 23.59
N GLY E 108 19.71 14.99 23.77
CA GLY E 108 20.18 15.55 25.04
C GLY E 108 19.68 16.96 25.30
N ASN E 109 19.58 17.29 26.58
CA ASN E 109 19.31 18.65 27.01
C ASN E 109 20.53 19.55 26.76
N MET E 110 20.32 20.68 26.08
CA MET E 110 21.39 21.63 25.82
C MET E 110 21.32 22.84 26.74
N GLY E 111 20.31 22.93 27.59
CA GLY E 111 20.24 23.99 28.59
C GLY E 111 21.04 23.62 29.82
N LEU E 112 20.74 24.32 30.91
CA LEU E 112 21.37 24.03 32.19
C LEU E 112 21.17 22.58 32.59
N ASP E 113 22.25 21.92 33.00
CA ASP E 113 22.14 20.55 33.50
C ASP E 113 21.12 20.49 34.63
N GLY E 114 20.37 19.39 34.68
CA GLY E 114 19.21 19.29 35.55
C GLY E 114 17.97 18.96 34.72
N PRO E 115 16.79 18.96 35.32
CA PRO E 115 15.58 18.63 34.55
C PRO E 115 15.36 19.66 33.45
N ALA E 116 15.21 19.16 32.22
CA ALA E 116 15.10 20.06 31.08
C ALA E 116 13.73 20.74 31.04
N TRP E 117 13.70 21.94 30.45
CA TRP E 117 12.43 22.53 30.08
C TRP E 117 11.71 21.58 29.12
N PRO E 118 10.40 21.41 29.24
CA PRO E 118 9.70 20.44 28.36
C PRO E 118 10.01 20.68 26.88
N ASN E 119 10.30 19.59 26.17
CA ASN E 119 10.59 19.57 24.74
C ASN E 119 11.92 20.23 24.38
N HIS E 120 12.79 20.44 25.37
CA HIS E 120 14.17 20.83 25.10
C HIS E 120 15.13 19.67 25.29
N ASP E 121 14.59 18.48 25.54
CA ASP E 121 15.29 17.21 25.38
C ASP E 121 14.33 16.26 24.67
N LYS E 122 14.80 15.01 24.46
CA LYS E 122 14.02 13.93 23.83
C LYS E 122 13.77 14.17 22.33
N LEU E 123 12.87 13.40 21.72
CA LEU E 123 12.81 13.29 20.26
C LEU E 123 11.51 13.80 19.65
N SER E 124 10.78 14.68 20.34
CA SER E 124 9.64 15.34 19.67
C SER E 124 10.10 16.05 18.41
N ALA E 125 9.20 16.17 17.44
CA ALA E 125 9.53 16.93 16.24
C ALA E 125 9.99 18.34 16.59
N LEU E 126 9.42 18.91 17.66
CA LEU E 126 9.81 20.25 18.11
C LEU E 126 11.29 20.30 18.52
N ASN E 127 11.73 19.36 19.35
CA ASN E 127 13.13 19.40 19.78
C ASN E 127 14.07 19.04 18.63
N ILE E 128 13.64 18.12 17.76
CA ILE E 128 14.48 17.80 16.61
C ILE E 128 14.73 19.04 15.77
N ARG E 129 13.68 19.83 15.52
CA ARG E 129 13.87 21.03 14.71
C ARG E 129 14.88 21.97 15.36
N ARG E 130 14.70 22.28 16.65
CA ARG E 130 15.58 23.26 17.27
C ARG E 130 17.00 22.71 17.43
N SER E 131 17.14 21.40 17.67
CA SER E 131 18.46 20.84 17.92
C SER E 131 19.32 20.79 16.66
N VAL E 132 18.73 20.46 15.52
CA VAL E 132 19.55 20.32 14.32
C VAL E 132 20.07 21.68 13.85
N ASP E 133 19.26 22.71 14.01
CA ASP E 133 19.72 24.03 13.59
C ASP E 133 20.86 24.49 14.48
N ALA E 134 20.79 24.22 15.79
CA ALA E 134 21.86 24.60 16.69
C ALA E 134 23.16 23.85 16.38
N SER E 135 23.06 22.54 16.06
CA SER E 135 24.26 21.78 15.69
C SER E 135 24.86 22.26 14.38
N LEU E 136 24.01 22.50 13.37
CA LEU E 136 24.54 23.00 12.09
C LEU E 136 25.29 24.31 12.28
N LYS E 137 24.73 25.21 13.11
CA LYS E 137 25.38 26.49 13.37
C LYS E 137 26.74 26.28 14.01
N ARG E 138 26.81 25.45 15.06
CA ARG E 138 28.06 25.21 15.76
C ARG E 138 29.08 24.51 14.88
N LEU E 139 28.63 23.56 14.06
CA LEU E 139 29.56 22.86 13.19
C LEU E 139 29.94 23.68 11.97
N GLY E 140 29.28 24.81 11.73
CA GLY E 140 29.60 25.65 10.60
C GLY E 140 29.51 24.90 9.28
N THR E 141 28.46 24.09 9.12
CA THR E 141 28.23 23.36 7.89
C THR E 141 26.75 23.41 7.57
N ASP E 142 26.40 23.19 6.30
CA ASP E 142 25.00 23.23 5.93
C ASP E 142 24.33 21.87 5.93
N HIS E 143 25.05 20.80 6.21
CA HIS E 143 24.40 19.50 6.33
C HIS E 143 25.18 18.61 7.28
N ILE E 144 24.44 17.70 7.94
CA ILE E 144 25.00 16.62 8.74
C ILE E 144 24.83 15.34 7.95
N ASP E 145 25.89 14.53 7.84
CA ASP E 145 25.76 13.33 7.04
C ASP E 145 24.96 12.26 7.77
N LEU E 146 25.24 12.06 9.06
CA LEU E 146 24.60 11.01 9.84
C LEU E 146 24.05 11.63 11.13
N TYR E 147 22.73 11.84 11.19
CA TYR E 147 22.09 12.44 12.35
C TYR E 147 21.50 11.32 13.20
N GLN E 148 21.96 11.21 14.44
CA GLN E 148 21.66 10.05 15.28
C GLN E 148 20.80 10.43 16.47
N PHE E 149 19.81 9.59 16.76
CA PHE E 149 19.13 9.67 18.04
C PHE E 149 20.10 9.21 19.13
N HIS E 150 20.33 10.08 20.11
CA HIS E 150 21.30 9.75 21.14
C HIS E 150 20.80 8.62 22.05
N HIS E 151 19.48 8.43 22.12
CA HIS E 151 18.89 7.42 23.00
C HIS E 151 17.46 7.16 22.51
N VAL E 152 16.94 5.96 22.77
CA VAL E 152 15.53 5.72 22.46
C VAL E 152 14.67 6.66 23.29
N ASP E 153 13.63 7.22 22.67
CA ASP E 153 12.63 8.04 23.38
C ASP E 153 11.31 7.28 23.31
N ARG E 154 10.95 6.62 24.41
CA ARG E 154 9.76 5.76 24.42
C ARG E 154 8.47 6.54 24.26
N ASP E 155 8.48 7.86 24.44
CA ASP E 155 7.27 8.67 24.38
C ASP E 155 7.00 9.30 23.01
N THR E 156 7.88 9.14 22.03
CA THR E 156 7.65 9.71 20.71
C THR E 156 7.40 8.59 19.71
N PRO E 157 6.29 8.61 18.98
CA PRO E 157 6.01 7.53 18.02
C PRO E 157 6.81 7.70 16.74
N TRP E 158 6.97 6.58 16.01
CA TRP E 158 7.87 6.62 14.85
C TRP E 158 7.31 7.42 13.68
N ASP E 159 5.99 7.60 13.57
CA ASP E 159 5.54 8.43 12.46
C ASP E 159 5.82 9.91 12.74
N GLU E 160 5.87 10.32 14.00
CA GLU E 160 6.31 11.68 14.31
C GLU E 160 7.80 11.85 14.05
N ILE E 161 8.61 10.87 14.48
CA ILE E 161 10.05 10.98 14.27
C ILE E 161 10.38 10.99 12.78
N TRP E 162 9.81 10.05 12.01
CA TRP E 162 10.16 10.01 10.59
C TRP E 162 9.63 11.23 9.86
N GLN E 163 8.54 11.84 10.33
CA GLN E 163 8.12 13.10 9.72
C GLN E 163 9.22 14.16 9.88
N ALA E 164 9.73 14.31 11.11
CA ALA E 164 10.71 15.35 11.39
C ALA E 164 12.03 15.08 10.66
N MET E 165 12.45 13.82 10.61
CA MET E 165 13.68 13.50 9.88
C MET E 165 13.50 13.69 8.38
N ASP E 166 12.33 13.32 7.85
CA ASP E 166 12.12 13.46 6.42
C ASP E 166 12.06 14.93 5.99
N VAL E 167 11.54 15.81 6.86
CA VAL E 167 11.62 17.24 6.58
C VAL E 167 13.07 17.66 6.38
N LEU E 168 13.96 17.16 7.24
CA LEU E 168 15.39 17.49 7.16
C LEU E 168 16.05 16.88 5.93
N VAL E 169 15.64 15.67 5.56
CA VAL E 169 16.22 15.02 4.38
C VAL E 169 15.89 15.81 3.12
N ARG E 170 14.61 16.19 2.96
CA ARG E 170 14.15 16.88 1.76
C ARG E 170 14.72 18.29 1.65
N GLN E 171 14.95 18.93 2.78
CA GLN E 171 15.61 20.23 2.84
C GLN E 171 17.11 20.15 2.63
N GLY E 172 17.70 18.94 2.63
CA GLY E 172 19.13 18.80 2.45
C GLY E 172 19.97 19.02 3.70
N LYS E 173 19.35 19.10 4.87
CA LYS E 173 20.11 19.35 6.10
C LYS E 173 20.75 18.09 6.67
N ILE E 174 20.19 16.91 6.37
CA ILE E 174 20.81 15.65 6.75
C ILE E 174 20.73 14.69 5.57
N LEU E 175 21.62 13.69 5.58
CA LEU E 175 21.58 12.63 4.58
C LEU E 175 20.99 11.35 5.16
N TYR E 176 21.57 10.87 6.26
CA TYR E 176 21.23 9.58 6.85
C TYR E 176 20.79 9.76 8.28
N VAL E 177 20.02 8.79 8.77
CA VAL E 177 19.56 8.74 10.15
C VAL E 177 20.13 7.49 10.79
N GLY E 178 20.62 7.61 12.03
CA GLY E 178 21.09 6.46 12.79
C GLY E 178 20.52 6.47 14.20
N SER E 179 20.69 5.35 14.88
CA SER E 179 20.22 5.25 16.26
C SER E 179 21.40 5.06 17.21
N SER E 180 21.17 5.34 18.50
CA SER E 180 22.16 5.04 19.52
C SER E 180 21.43 4.64 20.79
N ASN E 181 21.95 3.65 21.50
CA ASN E 181 21.32 3.19 22.74
C ASN E 181 19.85 2.86 22.50
N PHE E 182 19.61 2.04 21.50
CA PHE E 182 18.30 1.47 21.20
C PHE E 182 18.25 0.04 21.71
N ALA E 183 17.04 -0.44 21.97
CA ALA E 183 16.85 -1.88 22.03
C ALA E 183 16.70 -2.42 20.61
N GLY E 184 17.02 -3.71 20.45
CA GLY E 184 16.88 -4.34 19.14
C GLY E 184 15.49 -4.17 18.55
N TRP E 185 14.46 -4.29 19.39
CA TRP E 185 13.10 -4.15 18.87
C TRP E 185 12.76 -2.72 18.46
N ASN E 186 13.43 -1.72 19.05
CA ASN E 186 13.27 -0.36 18.57
C ASN E 186 13.81 -0.22 17.15
N ILE E 187 14.95 -0.86 16.87
CA ILE E 187 15.52 -0.84 15.53
C ILE E 187 14.53 -1.43 14.53
N ALA E 188 13.96 -2.58 14.88
CA ALA E 188 13.00 -3.24 14.00
C ALA E 188 11.78 -2.35 13.77
N GLN E 189 11.21 -1.77 14.83
CA GLN E 189 10.01 -0.98 14.65
C GLN E 189 10.30 0.27 13.83
N ALA E 190 11.43 0.91 14.09
CA ALA E 190 11.81 2.11 13.35
C ALA E 190 11.94 1.82 11.86
N ASN E 191 12.64 0.74 11.50
CA ASN E 191 12.90 0.52 10.08
C ASN E 191 11.71 -0.08 9.37
N GLU E 192 10.89 -0.86 10.07
CA GLU E 192 9.65 -1.32 9.46
C GLU E 192 8.73 -0.14 9.16
N THR E 193 8.62 0.80 10.10
CA THR E 193 7.79 1.99 9.88
C THR E 193 8.31 2.82 8.72
N ALA E 194 9.63 3.01 8.65
CA ALA E 194 10.21 3.79 7.55
C ALA E 194 9.90 3.13 6.21
N ALA E 195 10.11 1.82 6.13
CA ALA E 195 9.97 1.12 4.85
C ALA E 195 8.54 1.14 4.32
N ARG E 196 7.54 1.10 5.22
CA ARG E 196 6.14 1.18 4.80
C ARG E 196 5.89 2.32 3.83
N HIS E 197 6.59 3.44 4.00
CA HIS E 197 6.32 4.63 3.21
C HIS E 197 7.52 5.08 2.41
N GLY E 198 8.41 4.13 2.09
CA GLY E 198 9.48 4.39 1.17
C GLY E 198 10.64 5.20 1.71
N ARG E 199 10.80 5.28 3.03
CA ARG E 199 11.89 6.04 3.60
C ARG E 199 13.05 5.13 3.95
N LEU E 200 14.27 5.62 3.72
CA LEU E 200 15.45 4.94 4.23
C LEU E 200 15.39 4.97 5.74
N GLY E 201 15.51 3.82 6.37
CA GLY E 201 15.42 3.74 7.82
C GLY E 201 16.74 4.05 8.48
N LEU E 202 16.87 3.60 9.72
CA LEU E 202 18.16 3.70 10.40
C LEU E 202 19.23 3.00 9.58
N VAL E 203 20.42 3.61 9.50
CA VAL E 203 21.53 3.02 8.78
C VAL E 203 22.59 2.45 9.71
N SER E 204 22.55 2.80 11.00
CA SER E 204 23.59 2.44 11.93
C SER E 204 22.98 2.49 13.32
N GLU E 205 23.46 1.61 14.21
CA GLU E 205 23.20 1.66 15.64
C GLU E 205 24.53 1.82 16.36
N GLN E 206 24.58 2.78 17.27
CA GLN E 206 25.78 3.12 18.03
C GLN E 206 25.50 2.66 19.46
N CYS E 207 26.08 1.51 19.85
CA CYS E 207 25.76 0.87 21.10
C CYS E 207 27.03 0.62 21.91
N LEU E 208 26.87 0.53 23.23
CA LEU E 208 27.96 0.14 24.09
C LEU E 208 28.30 -1.33 23.87
N TYR E 209 29.55 -1.61 23.52
CA TYR E 209 29.99 -2.97 23.19
C TYR E 209 31.50 -3.01 23.30
N ASN E 210 32.01 -3.90 24.14
CA ASN E 210 33.45 -4.08 24.39
C ASN E 210 33.60 -5.37 25.18
N LEU E 211 34.85 -5.70 25.53
CA LEU E 211 35.09 -6.95 26.23
C LEU E 211 34.34 -7.01 27.56
N CYS E 212 34.24 -5.87 28.26
CA CYS E 212 33.57 -5.87 29.57
C CYS E 212 32.05 -5.98 29.43
N GLU E 213 31.46 -5.28 28.48
CA GLU E 213 30.01 -5.21 28.32
C GLU E 213 29.62 -5.81 26.98
N ARG E 214 29.13 -7.05 27.01
CA ARG E 214 28.84 -7.80 25.80
C ARG E 214 27.36 -8.07 25.60
N ARG E 215 26.48 -7.47 26.43
CA ARG E 215 25.08 -7.87 26.34
C ARG E 215 24.36 -7.26 25.14
N ALA E 216 25.01 -6.37 24.37
CA ALA E 216 24.44 -6.01 23.08
C ALA E 216 24.34 -7.20 22.15
N GLU E 217 25.06 -8.30 22.46
CA GLU E 217 24.99 -9.50 21.66
C GLU E 217 23.62 -10.18 21.74
N MET E 218 22.85 -9.90 22.80
CA MET E 218 21.62 -10.66 23.01
C MET E 218 20.61 -10.34 21.92
N GLU E 219 20.33 -9.06 21.70
CA GLU E 219 19.28 -8.65 20.78
C GLU E 219 19.60 -7.37 19.98
N VAL E 220 20.45 -6.46 20.48
CA VAL E 220 20.72 -5.23 19.73
C VAL E 220 21.49 -5.54 18.46
N VAL E 221 22.61 -6.26 18.56
CA VAL E 221 23.43 -6.53 17.38
C VAL E 221 22.69 -7.50 16.45
N PRO E 222 22.05 -8.57 16.95
CA PRO E 222 21.21 -9.38 16.03
C PRO E 222 20.16 -8.60 15.26
N ALA E 223 19.41 -7.69 15.91
CA ALA E 223 18.43 -6.91 15.17
C ALA E 223 19.12 -6.01 14.15
N ALA E 224 20.21 -5.35 14.54
CA ALA E 224 20.93 -4.49 13.60
C ALA E 224 21.37 -5.29 12.37
N ARG E 225 21.82 -6.51 12.57
CA ARG E 225 22.29 -7.31 11.44
C ARG E 225 21.13 -7.73 10.56
N GLU E 226 20.00 -8.12 11.15
CA GLU E 226 18.84 -8.46 10.36
C GLU E 226 18.40 -7.28 9.49
N TYR E 227 18.43 -6.07 10.05
CA TYR E 227 17.94 -4.90 9.33
C TYR E 227 19.02 -4.19 8.54
N GLY E 228 20.23 -4.73 8.48
CA GLY E 228 21.26 -4.12 7.64
C GLY E 228 21.78 -2.81 8.17
N LEU E 229 21.78 -2.63 9.49
CA LEU E 229 22.38 -1.46 10.09
C LEU E 229 23.87 -1.69 10.31
N GLY E 230 24.67 -0.64 10.14
CA GLY E 230 25.99 -0.66 10.73
C GLY E 230 25.90 -0.73 12.24
N VAL E 231 26.97 -1.24 12.86
CA VAL E 231 27.08 -1.28 14.31
C VAL E 231 28.41 -0.65 14.67
N ILE E 232 28.37 0.49 15.36
CA ILE E 232 29.58 1.19 15.78
C ILE E 232 29.59 1.26 17.31
N ALA E 233 30.67 0.79 17.91
CA ALA E 233 30.71 0.50 19.35
C ALA E 233 31.27 1.70 20.11
N TRP E 234 30.46 2.30 20.98
CA TRP E 234 30.97 3.39 21.79
C TRP E 234 31.62 2.86 23.07
N SER E 235 32.44 3.70 23.69
CA SER E 235 33.41 3.31 24.72
C SER E 235 33.98 1.91 24.48
N PRO E 236 34.69 1.70 23.36
CA PRO E 236 35.27 0.38 23.09
C PRO E 236 36.33 -0.06 24.09
N LEU E 237 36.88 0.85 24.90
CA LEU E 237 37.79 0.47 25.96
C LEU E 237 37.10 0.50 27.32
N HIS E 238 35.78 0.66 27.34
CA HIS E 238 35.01 0.82 28.58
C HIS E 238 35.51 2.04 29.35
N GLY E 239 35.69 3.15 28.63
CA GLY E 239 36.12 4.39 29.23
C GLY E 239 37.57 4.41 29.67
N GLY E 240 38.43 3.68 28.97
CA GLY E 240 39.82 3.58 29.34
C GLY E 240 40.17 2.40 30.22
N LEU E 241 39.17 1.67 30.73
CA LEU E 241 39.43 0.55 31.64
C LEU E 241 40.27 -0.53 30.98
N LEU E 242 40.11 -0.73 29.68
CA LEU E 242 40.82 -1.77 28.95
C LEU E 242 42.10 -1.25 28.32
N GLY E 243 42.50 0.00 28.60
CA GLY E 243 43.68 0.59 28.01
C GLY E 243 44.92 0.49 28.88
N GLY E 244 44.89 -0.42 29.87
CA GLY E 244 45.98 -0.56 30.81
C GLY E 244 45.74 0.23 32.09
N ALA E 245 44.49 0.25 32.55
CA ALA E 245 44.11 1.17 33.63
C ALA E 245 44.71 0.74 34.97
N ILE E 246 44.97 -0.55 35.17
CA ILE E 246 45.59 -1.00 36.42
C ILE E 246 47.06 -0.60 36.46
N ARG E 247 47.79 -0.89 35.38
CA ARG E 247 49.21 -0.51 35.29
C ARG E 247 49.39 0.98 35.49
N LYS E 248 48.47 1.79 34.97
CA LYS E 248 48.59 3.24 35.03
C LYS E 248 47.80 3.83 36.19
N GLU E 249 47.34 3.00 37.13
CA GLU E 249 46.36 3.47 38.11
C GLU E 249 46.87 4.64 38.96
N GLN E 250 48.18 4.70 39.22
CA GLN E 250 48.71 5.78 40.04
C GLN E 250 49.37 6.89 39.21
N GLU E 251 49.13 6.91 37.90
CA GLU E 251 49.60 8.02 37.09
C GLU E 251 48.67 9.22 37.26
N GLY E 252 49.19 10.38 36.93
CA GLY E 252 48.45 11.62 37.00
C GLY E 252 47.91 12.04 35.64
N GLY E 253 47.62 13.32 35.52
CA GLY E 253 47.00 13.86 34.31
C GLY E 253 45.50 13.69 34.31
N ASN E 254 44.87 14.30 33.31
CA ASN E 254 43.42 14.22 33.13
C ASN E 254 43.04 12.93 32.39
N ARG E 255 43.43 11.80 32.99
CA ARG E 255 43.15 10.51 32.38
C ARG E 255 41.67 10.14 32.53
N ARG E 256 41.06 9.70 31.43
CA ARG E 256 39.66 9.27 31.49
C ARG E 256 39.50 8.07 32.42
N ALA E 257 40.48 7.16 32.44
CA ALA E 257 40.40 5.95 33.26
C ALA E 257 40.47 6.25 34.76
N ALA E 258 40.90 7.45 35.15
CA ALA E 258 40.97 7.80 36.57
C ALA E 258 39.60 8.17 37.13
N SER E 259 38.56 8.16 36.30
CA SER E 259 37.25 8.68 36.67
C SER E 259 36.18 7.83 35.99
N GLY E 260 34.94 8.03 36.40
CA GLY E 260 33.81 7.50 35.64
C GLY E 260 33.74 5.98 35.63
N ARG E 261 33.43 5.43 34.45
CA ARG E 261 33.10 4.02 34.32
C ARG E 261 34.28 3.12 34.69
N ALA E 262 35.48 3.48 34.24
CA ALA E 262 36.65 2.65 34.54
C ALA E 262 36.98 2.68 36.02
N ALA E 263 36.90 3.85 36.64
CA ALA E 263 37.20 3.96 38.06
C ALA E 263 36.20 3.16 38.89
N ASP E 264 34.92 3.24 38.54
CA ASP E 264 33.92 2.47 39.27
C ASP E 264 34.18 0.98 39.14
N ALA E 265 34.60 0.52 37.97
CA ALA E 265 34.83 -0.91 37.78
C ALA E 265 36.06 -1.38 38.57
N LEU E 266 37.08 -0.53 38.67
CA LEU E 266 38.27 -0.89 39.44
C LEU E 266 37.98 -0.90 40.94
N LYS E 267 36.92 -0.22 41.38
CA LYS E 267 36.48 -0.28 42.76
C LYS E 267 35.75 -1.58 43.07
N ASP E 268 35.33 -2.32 42.04
CA ASP E 268 34.64 -3.59 42.26
C ASP E 268 35.66 -4.72 42.27
N PRO E 269 35.70 -5.54 43.33
CA PRO E 269 36.69 -6.63 43.37
C PRO E 269 36.67 -7.56 42.18
N GLN E 270 35.49 -7.97 41.70
CA GLN E 270 35.43 -8.95 40.62
C GLN E 270 35.85 -8.35 39.28
N GLN E 271 35.37 -7.14 38.98
CA GLN E 271 35.78 -6.50 37.72
C GLN E 271 37.27 -6.24 37.72
N ARG E 272 37.81 -5.86 38.88
CA ARG E 272 39.24 -5.60 38.97
C ARG E 272 40.04 -6.88 38.66
N GLU E 273 39.59 -8.03 39.18
CA GLU E 273 40.27 -9.29 38.89
C GLU E 273 40.23 -9.64 37.41
N GLN E 274 39.14 -9.30 36.72
CA GLN E 274 39.08 -9.49 35.27
C GLN E 274 40.14 -8.66 34.57
N ILE E 275 40.17 -7.36 34.88
CA ILE E 275 41.13 -6.47 34.25
C ILE E 275 42.55 -6.92 34.56
N GLN E 276 42.78 -7.42 35.78
CA GLN E 276 44.11 -7.92 36.14
C GLN E 276 44.48 -9.14 35.30
N ARG E 277 43.58 -10.12 35.19
CA ARG E 277 43.85 -11.26 34.31
C ARG E 277 44.13 -10.79 32.90
N TYR E 278 43.33 -9.83 32.41
CA TYR E 278 43.49 -9.28 31.07
C TYR E 278 44.89 -8.69 30.87
N GLU E 279 45.30 -7.77 31.75
CA GLU E 279 46.59 -7.13 31.59
C GLU E 279 47.74 -8.13 31.76
N ASP E 280 47.61 -9.09 32.69
CA ASP E 280 48.62 -10.13 32.85
C ASP E 280 48.73 -11.00 31.60
N LEU E 281 47.58 -11.37 31.00
CA LEU E 281 47.62 -12.18 29.78
C LEU E 281 48.33 -11.43 28.65
N LEU E 282 48.06 -10.15 28.52
CA LEU E 282 48.66 -9.39 27.43
C LEU E 282 50.13 -9.10 27.69
N ASP E 283 50.53 -9.00 28.97
CA ASP E 283 51.95 -8.95 29.29
C ASP E 283 52.68 -10.19 28.77
N LYS E 284 52.13 -11.38 29.03
CA LYS E 284 52.81 -12.59 28.58
C LYS E 284 52.86 -12.68 27.07
N HIS E 285 51.91 -12.06 26.36
CA HIS E 285 51.91 -12.11 24.91
C HIS E 285 52.53 -10.87 24.28
N GLY E 286 53.00 -9.92 25.07
CA GLY E 286 53.59 -8.72 24.53
C GLY E 286 52.66 -7.90 23.67
N LEU E 287 51.42 -7.75 24.09
CA LEU E 287 50.44 -6.97 23.35
C LEU E 287 49.91 -5.83 24.23
N GLU E 288 49.47 -4.76 23.57
CA GLU E 288 49.02 -3.57 24.30
C GLU E 288 47.52 -3.68 24.60
N PRO E 289 47.12 -3.41 25.85
CA PRO E 289 45.70 -3.59 26.22
C PRO E 289 44.74 -2.80 25.38
N GLY E 290 45.01 -1.50 25.17
CA GLY E 290 44.10 -0.70 24.36
C GLY E 290 43.97 -1.23 22.95
N GLU E 291 45.08 -1.64 22.35
CA GLU E 291 45.04 -2.12 20.98
C GLU E 291 44.29 -3.44 20.87
N VAL E 292 44.45 -4.33 21.85
CA VAL E 292 43.76 -5.61 21.81
C VAL E 292 42.25 -5.44 21.92
N ALA E 293 41.81 -4.54 22.83
CA ALA E 293 40.38 -4.36 23.01
C ALA E 293 39.72 -3.80 21.74
N LEU E 294 40.45 -2.95 21.01
CA LEU E 294 39.97 -2.43 19.74
C LEU E 294 39.98 -3.51 18.68
N ALA E 295 41.08 -4.26 18.57
CA ALA E 295 41.16 -5.32 17.58
C ALA E 295 40.13 -6.41 17.86
N TRP E 296 39.86 -6.69 19.13
CA TRP E 296 38.82 -7.65 19.49
C TRP E 296 37.47 -7.26 18.87
N LEU E 297 37.07 -6.00 19.03
CA LEU E 297 35.79 -5.55 18.49
C LEU E 297 35.73 -5.72 16.98
N LEU E 298 36.85 -5.48 16.29
CA LEU E 298 36.93 -5.65 14.84
C LEU E 298 36.71 -7.09 14.41
N THR E 299 36.84 -8.06 15.31
CA THR E 299 36.55 -9.46 14.97
C THR E 299 35.09 -9.84 15.16
N ARG E 300 34.28 -8.98 15.74
CA ARG E 300 32.92 -9.41 16.10
C ARG E 300 31.99 -9.31 14.88
N PRO E 301 31.23 -10.36 14.58
CA PRO E 301 30.35 -10.31 13.40
C PRO E 301 29.34 -9.18 13.50
N GLY E 302 29.15 -8.49 12.40
CA GLY E 302 28.22 -7.38 12.34
C GLY E 302 28.76 -6.04 12.82
N VAL E 303 29.92 -6.01 13.48
CA VAL E 303 30.43 -4.75 13.99
C VAL E 303 31.15 -4.01 12.87
N THR E 304 30.67 -2.81 12.54
CA THR E 304 31.37 -1.96 11.58
C THR E 304 32.76 -1.63 12.10
N GLY E 305 32.83 -1.15 13.34
CA GLY E 305 34.09 -0.88 13.98
C GLY E 305 33.89 -0.14 15.28
N PRO E 306 34.96 0.01 16.04
CA PRO E 306 34.88 0.79 17.28
C PRO E 306 34.94 2.28 17.00
N ILE E 307 34.26 3.06 17.83
CA ILE E 307 34.45 4.50 17.85
C ILE E 307 35.59 4.76 18.84
N VAL E 308 36.80 4.97 18.32
CA VAL E 308 37.94 5.17 19.20
C VAL E 308 37.83 6.50 19.92
N GLY E 309 38.36 6.56 21.13
CA GLY E 309 38.30 7.78 21.90
C GLY E 309 39.67 8.23 22.37
N PRO E 310 40.57 8.55 21.43
CA PRO E 310 41.91 8.99 21.81
C PRO E 310 41.85 10.29 22.59
N ARG E 311 42.70 10.40 23.62
CA ARG E 311 42.93 11.66 24.31
C ARG E 311 44.09 12.44 23.69
N THR E 312 45.00 11.74 23.00
CA THR E 312 46.21 12.33 22.43
C THR E 312 46.45 11.76 21.04
N ALA E 313 47.36 12.40 20.32
CA ALA E 313 47.68 11.95 18.97
C ALA E 313 48.30 10.56 19.00
N ASP E 314 49.10 10.27 20.03
CA ASP E 314 49.71 8.95 20.14
C ASP E 314 48.67 7.86 20.31
N GLN E 315 47.58 8.15 21.04
CA GLN E 315 46.54 7.14 21.23
C GLN E 315 45.78 6.87 19.93
N LEU E 316 45.66 7.88 19.07
CA LEU E 316 45.10 7.64 17.73
C LEU E 316 46.05 6.76 16.91
N ALA E 317 47.35 7.06 16.93
CA ALA E 317 48.31 6.22 16.20
C ALA E 317 48.28 4.80 16.74
N SER E 318 48.10 4.66 18.07
CA SER E 318 47.93 3.34 18.68
C SER E 318 46.68 2.64 18.13
N ALA E 319 45.58 3.37 17.99
CA ALA E 319 44.36 2.75 17.46
C ALA E 319 44.56 2.30 16.03
N VAL E 320 45.29 3.09 15.24
CA VAL E 320 45.57 2.71 13.85
C VAL E 320 46.39 1.43 13.80
N ARG E 321 47.39 1.28 14.68
CA ARG E 321 48.09 0.01 14.81
C ARG E 321 47.11 -1.12 15.17
N ALA E 322 46.17 -0.84 16.07
CA ALA E 322 45.22 -1.88 16.49
C ALA E 322 44.40 -2.41 15.32
N ALA E 323 44.07 -1.55 14.37
CA ALA E 323 43.34 -2.00 13.18
C ALA E 323 44.18 -2.90 12.29
N GLU E 324 45.51 -2.92 12.47
CA GLU E 324 46.36 -3.81 11.72
C GLU E 324 46.74 -5.07 12.49
N LEU E 325 46.38 -5.15 13.76
CA LEU E 325 46.70 -6.31 14.59
C LEU E 325 45.88 -7.53 14.15
N THR E 326 46.51 -8.70 14.16
CA THR E 326 45.81 -9.96 14.00
C THR E 326 45.93 -10.74 15.30
N LEU E 327 44.82 -10.91 16.00
CA LEU E 327 44.82 -11.66 17.25
C LEU E 327 44.83 -13.16 16.94
N THR E 328 45.73 -13.88 17.60
CA THR E 328 45.77 -15.33 17.40
C THR E 328 44.54 -15.97 18.04
N ASP E 329 44.18 -17.15 17.52
CA ASP E 329 43.05 -17.89 18.07
C ASP E 329 43.24 -18.19 19.55
N GLU E 330 44.49 -18.36 19.99
CA GLU E 330 44.76 -18.61 21.40
C GLU E 330 44.37 -17.40 22.24
N VAL E 331 44.75 -16.19 21.81
CA VAL E 331 44.41 -15.01 22.59
C VAL E 331 42.90 -14.76 22.55
N LEU E 332 42.27 -14.96 21.39
CA LEU E 332 40.83 -14.78 21.28
C LEU E 332 40.10 -15.72 22.25
N THR E 333 40.50 -16.99 22.27
CA THR E 333 39.89 -17.95 23.19
C THR E 333 40.09 -17.52 24.64
N ALA E 334 41.28 -17.00 24.97
CA ALA E 334 41.53 -16.60 26.36
C ALA E 334 40.69 -15.38 26.73
N LEU E 335 40.62 -14.39 25.84
CA LEU E 335 39.75 -13.24 26.07
C LEU E 335 38.31 -13.66 26.27
N ASP E 336 37.84 -14.62 25.47
CA ASP E 336 36.46 -15.05 25.57
C ASP E 336 36.20 -15.74 26.90
N GLU E 337 37.22 -16.41 27.46
CA GLU E 337 37.06 -17.03 28.77
C GLU E 337 37.15 -16.00 29.90
N ILE E 338 37.95 -14.96 29.75
CA ILE E 338 37.99 -13.94 30.80
C ILE E 338 36.71 -13.10 30.77
N PHE E 339 36.23 -12.80 29.57
CA PHE E 339 35.12 -11.89 29.33
C PHE E 339 34.03 -12.60 28.53
N PRO E 340 33.33 -13.57 29.13
CA PRO E 340 32.32 -14.30 28.36
C PRO E 340 31.18 -13.39 27.94
N GLY E 341 30.56 -13.74 26.82
CA GLY E 341 29.37 -13.05 26.38
C GLY E 341 28.17 -13.97 26.39
N PRO E 342 26.97 -13.38 26.34
CA PRO E 342 25.75 -14.19 26.47
C PRO E 342 25.29 -14.85 25.18
N GLY E 343 25.74 -14.35 24.03
CA GLY E 343 25.16 -14.74 22.77
C GLY E 343 23.75 -14.22 22.59
N PRO E 344 23.09 -14.62 21.52
CA PRO E 344 21.77 -14.08 21.18
C PRO E 344 20.65 -14.63 22.06
N SER E 345 19.63 -13.78 22.30
CA SER E 345 18.37 -14.27 22.80
C SER E 345 17.62 -14.97 21.68
N PRO E 346 16.78 -15.97 22.00
CA PRO E 346 16.37 -16.49 23.31
C PRO E 346 17.38 -17.45 23.96
N GLU E 347 18.32 -17.98 23.17
CA GLU E 347 19.26 -18.97 23.69
C GLU E 347 20.05 -18.46 24.90
N ALA E 348 20.23 -17.14 25.00
CA ALA E 348 21.00 -16.56 26.09
C ALA E 348 20.37 -16.82 27.45
N PHE E 349 19.05 -16.97 27.53
CA PHE E 349 18.42 -17.18 28.82
C PHE E 349 17.39 -18.31 28.84
N ALA E 350 17.00 -18.88 27.69
CA ALA E 350 16.02 -19.95 27.64
C ALA E 350 16.69 -21.13 26.97
N TRP E 351 16.40 -21.41 25.69
CA TRP E 351 17.03 -22.48 24.91
C TRP E 351 16.97 -22.16 23.39
N MET F 21 -44.64 -1.71 -2.82
CA MET F 21 -43.49 -1.58 -1.93
C MET F 21 -42.41 -0.70 -2.55
N GLU F 22 -41.89 0.27 -1.81
CA GLU F 22 -40.76 1.06 -2.28
C GLU F 22 -39.45 0.34 -1.97
N TYR F 23 -38.51 0.37 -2.92
CA TYR F 23 -37.20 -0.23 -2.78
C TYR F 23 -36.12 0.84 -2.84
N THR F 24 -34.96 0.53 -2.26
CA THR F 24 -33.83 1.43 -2.27
C THR F 24 -32.55 0.59 -2.20
N GLN F 25 -31.44 1.18 -2.61
CA GLN F 25 -30.17 0.50 -2.37
C GLN F 25 -29.86 0.54 -0.89
N LEU F 26 -29.18 -0.50 -0.39
CA LEU F 26 -28.71 -0.48 1.00
C LEU F 26 -27.43 0.34 1.04
N GLY F 27 -27.55 1.62 1.38
CA GLY F 27 -26.42 2.52 1.29
C GLY F 27 -25.76 2.47 -0.09
N ARG F 28 -24.43 2.33 -0.09
CA ARG F 28 -23.63 2.39 -1.30
C ARG F 28 -23.57 1.08 -2.07
N ILE F 29 -24.04 -0.03 -1.51
CA ILE F 29 -23.80 -1.32 -2.16
C ILE F 29 -24.91 -1.70 -3.15
N GLY F 30 -24.70 -2.79 -3.89
CA GLY F 30 -25.58 -3.18 -4.98
C GLY F 30 -26.86 -3.87 -4.57
N LEU F 31 -26.94 -4.26 -3.30
CA LEU F 31 -28.12 -4.92 -2.77
C LEU F 31 -29.30 -3.96 -2.69
N LYS F 32 -30.43 -4.35 -3.28
CA LYS F 32 -31.66 -3.58 -3.23
C LYS F 32 -32.60 -4.19 -2.20
N VAL F 33 -33.16 -3.37 -1.31
CA VAL F 33 -34.02 -3.85 -0.24
C VAL F 33 -35.30 -3.03 -0.16
N SER F 34 -36.38 -3.70 0.24
CA SER F 34 -37.60 -3.00 0.59
C SER F 34 -37.35 -2.00 1.70
N ARG F 35 -38.07 -0.88 1.64
CA ARG F 35 -37.88 0.16 2.66
C ARG F 35 -38.57 -0.19 3.98
N LEU F 36 -39.36 -1.24 4.04
CA LEU F 36 -39.70 -1.88 5.30
C LEU F 36 -38.83 -3.11 5.46
N VAL F 37 -38.15 -3.22 6.60
CA VAL F 37 -37.37 -4.40 6.95
C VAL F 37 -38.19 -5.20 7.96
N LEU F 38 -38.35 -6.51 7.71
CA LEU F 38 -39.17 -7.30 8.63
C LEU F 38 -38.33 -7.72 9.83
N GLY F 39 -38.67 -7.19 11.00
CA GLY F 39 -38.04 -7.63 12.25
C GLY F 39 -38.76 -8.86 12.79
N THR F 40 -37.98 -9.77 13.36
CA THR F 40 -38.49 -11.06 13.81
C THR F 40 -38.41 -11.26 15.32
N MET F 41 -38.00 -10.24 16.09
CA MET F 41 -37.77 -10.43 17.53
C MET F 41 -39.01 -10.94 18.27
N ASN F 42 -40.21 -10.62 17.77
CA ASN F 42 -41.43 -11.11 18.42
C ASN F 42 -41.69 -12.58 18.15
N PHE F 43 -41.07 -13.16 17.11
CA PHE F 43 -41.34 -14.54 16.70
C PHE F 43 -40.74 -15.52 17.70
N GLY F 44 -41.60 -16.20 18.46
CA GLY F 44 -41.14 -16.96 19.60
C GLY F 44 -41.76 -16.46 20.90
N PRO F 45 -41.24 -15.35 21.43
CA PRO F 45 -41.68 -14.91 22.77
C PRO F 45 -43.07 -14.29 22.83
N THR F 46 -43.53 -13.60 21.78
CA THR F 46 -44.87 -13.01 21.81
C THR F 46 -45.76 -13.48 20.68
N THR F 47 -45.18 -13.98 19.60
CA THR F 47 -45.92 -14.48 18.44
C THR F 47 -45.56 -15.94 18.26
N ASP F 48 -46.57 -16.81 18.20
CA ASP F 48 -46.23 -18.23 18.10
C ASP F 48 -45.73 -18.55 16.70
N GLU F 49 -45.21 -19.77 16.55
CA GLU F 49 -44.59 -20.16 15.28
C GLU F 49 -45.56 -20.06 14.12
N ALA F 50 -46.81 -20.49 14.34
CA ALA F 50 -47.79 -20.47 13.25
C ALA F 50 -48.02 -19.06 12.75
N GLU F 51 -48.25 -18.10 13.65
CA GLU F 51 -48.52 -16.76 13.16
C GLU F 51 -47.25 -16.07 12.67
N SER F 52 -46.09 -16.44 13.23
CA SER F 52 -44.82 -15.93 12.69
C SER F 52 -44.67 -16.31 11.22
N HIS F 53 -44.94 -17.58 10.89
CA HIS F 53 -44.90 -18.00 9.49
C HIS F 53 -45.93 -17.24 8.65
N ALA F 54 -47.13 -17.05 9.18
CA ALA F 54 -48.13 -16.27 8.46
C ALA F 54 -47.65 -14.84 8.20
N ILE F 55 -47.03 -14.20 9.19
CA ILE F 55 -46.53 -12.84 9.00
C ILE F 55 -45.43 -12.81 7.96
N MET F 56 -44.58 -13.85 7.92
CA MET F 56 -43.49 -13.84 6.96
C MET F 56 -44.00 -14.08 5.54
N ASP F 57 -45.01 -14.93 5.38
CA ASP F 57 -45.69 -15.07 4.08
C ASP F 57 -46.29 -13.75 3.64
N ALA F 58 -46.98 -13.05 4.55
CA ALA F 58 -47.60 -11.79 4.19
C ALA F 58 -46.54 -10.73 3.86
N ALA F 59 -45.42 -10.75 4.59
CA ALA F 59 -44.33 -9.83 4.26
C ALA F 59 -43.86 -10.04 2.83
N LEU F 60 -43.60 -11.29 2.46
CA LEU F 60 -43.13 -11.58 1.12
C LEU F 60 -44.18 -11.24 0.07
N ASP F 61 -45.46 -11.52 0.36
CA ASP F 61 -46.53 -11.10 -0.55
C ASP F 61 -46.56 -9.59 -0.76
N ALA F 62 -46.26 -8.83 0.28
CA ALA F 62 -46.21 -7.37 0.15
C ALA F 62 -44.93 -6.86 -0.47
N GLY F 63 -43.98 -7.72 -0.85
CA GLY F 63 -42.75 -7.25 -1.47
C GLY F 63 -41.60 -7.00 -0.51
N ILE F 64 -41.75 -7.31 0.77
CA ILE F 64 -40.65 -7.18 1.72
C ILE F 64 -39.68 -8.34 1.47
N ASN F 65 -38.41 -8.01 1.18
CA ASN F 65 -37.41 -9.01 0.84
C ASN F 65 -36.24 -9.05 1.83
N PHE F 66 -36.40 -8.45 3.00
CA PHE F 66 -35.27 -8.15 3.90
C PHE F 66 -35.74 -8.44 5.32
N PHE F 67 -35.23 -9.53 5.92
CA PHE F 67 -35.64 -10.01 7.24
C PHE F 67 -34.47 -9.86 8.22
N ASP F 68 -34.74 -9.30 9.40
CA ASP F 68 -33.72 -9.19 10.43
C ASP F 68 -34.04 -10.13 11.59
N THR F 69 -33.04 -10.90 12.02
CA THR F 69 -33.16 -11.74 13.21
C THR F 69 -31.85 -11.66 13.99
N ALA F 70 -31.71 -12.52 15.01
CA ALA F 70 -30.51 -12.58 15.82
C ALA F 70 -30.44 -13.96 16.47
N ASN F 71 -29.22 -14.40 16.77
CA ASN F 71 -29.09 -15.71 17.42
C ASN F 71 -29.78 -15.72 18.78
N VAL F 72 -29.73 -14.60 19.51
CA VAL F 72 -30.29 -14.59 20.87
C VAL F 72 -31.81 -14.48 20.90
N TYR F 73 -32.47 -14.19 19.78
CA TYR F 73 -33.90 -13.98 19.84
C TYR F 73 -34.66 -15.27 20.21
N GLY F 74 -35.70 -15.12 21.02
CA GLY F 74 -36.38 -16.27 21.59
C GLY F 74 -36.50 -16.10 23.10
N TRP F 75 -35.48 -15.50 23.71
CA TRP F 75 -35.34 -15.15 25.12
C TRP F 75 -35.16 -16.32 26.08
N GLY F 76 -34.38 -16.08 27.14
CA GLY F 76 -34.30 -17.02 28.25
C GLY F 76 -33.77 -18.36 27.80
N GLU F 77 -34.48 -19.43 28.18
CA GLU F 77 -34.08 -20.77 27.79
C GLU F 77 -34.31 -21.06 26.32
N ASN F 78 -34.98 -20.15 25.61
CA ASN F 78 -35.36 -20.38 24.22
C ASN F 78 -34.62 -19.47 23.26
N LYS F 79 -33.47 -18.94 23.67
CA LYS F 79 -32.63 -18.23 22.72
C LYS F 79 -32.31 -19.16 21.55
N GLY F 80 -32.39 -18.62 20.35
CA GLY F 80 -32.25 -19.41 19.13
C GLY F 80 -33.57 -19.82 18.52
N ARG F 81 -34.67 -19.69 19.27
CA ARG F 81 -35.96 -20.13 18.76
C ARG F 81 -36.39 -19.30 17.55
N THR F 82 -36.14 -18.00 17.55
CA THR F 82 -36.54 -17.19 16.39
C THR F 82 -35.85 -17.67 15.13
N GLU F 83 -34.53 -17.92 15.20
CA GLU F 83 -33.81 -18.45 14.04
C GLU F 83 -34.38 -19.80 13.61
N GLU F 84 -34.76 -20.65 14.58
CA GLU F 84 -35.36 -21.94 14.22
C GLU F 84 -36.70 -21.75 13.51
N ILE F 85 -37.48 -20.74 13.90
CA ILE F 85 -38.77 -20.47 13.27
C ILE F 85 -38.55 -20.00 11.83
N LEU F 86 -37.51 -19.20 11.61
CA LEU F 86 -37.18 -18.83 10.24
C LEU F 86 -36.70 -20.05 9.46
N GLY F 87 -35.94 -20.93 10.13
CA GLY F 87 -35.47 -22.14 9.47
C GLY F 87 -36.61 -23.01 8.99
N SER F 88 -37.61 -23.24 9.86
CA SER F 88 -38.75 -24.06 9.46
C SER F 88 -39.57 -23.35 8.39
N TRP F 89 -39.57 -22.02 8.39
CA TRP F 89 -40.22 -21.28 7.32
C TRP F 89 -39.52 -21.50 5.97
N PHE F 90 -38.19 -21.30 5.93
CA PHE F 90 -37.44 -21.56 4.69
C PHE F 90 -37.61 -23.00 4.22
N ALA F 91 -37.70 -23.94 5.15
CA ALA F 91 -37.85 -25.35 4.78
C ALA F 91 -39.16 -25.63 4.03
N GLN F 92 -40.15 -24.74 4.10
CA GLN F 92 -41.34 -24.93 3.26
C GLN F 92 -41.08 -24.70 1.77
N GLY F 93 -39.89 -24.24 1.39
CA GLY F 93 -39.55 -24.12 -0.01
C GLY F 93 -40.23 -22.95 -0.67
N GLY F 94 -40.73 -23.14 -1.89
CA GLY F 94 -41.44 -22.07 -2.57
C GLY F 94 -40.62 -20.82 -2.81
N ASP F 95 -39.31 -20.96 -3.01
CA ASP F 95 -38.41 -19.86 -3.34
C ASP F 95 -38.21 -18.89 -2.20
N ARG F 96 -38.52 -19.28 -0.96
CA ARG F 96 -38.46 -18.33 0.14
C ARG F 96 -37.01 -17.90 0.44
N ARG F 97 -36.10 -18.85 0.63
CA ARG F 97 -34.73 -18.48 0.94
C ARG F 97 -34.12 -17.65 -0.20
N ASP F 98 -34.40 -18.02 -1.44
CA ASP F 98 -33.83 -17.32 -2.60
C ASP F 98 -34.32 -15.87 -2.68
N LYS F 99 -35.55 -15.62 -2.23
CA LYS F 99 -36.12 -14.29 -2.34
C LYS F 99 -35.79 -13.36 -1.19
N VAL F 100 -35.33 -13.89 -0.07
CA VAL F 100 -35.15 -13.09 1.15
C VAL F 100 -33.67 -12.77 1.32
N VAL F 101 -33.39 -11.51 1.61
CA VAL F 101 -32.10 -11.10 2.17
C VAL F 101 -32.15 -11.38 3.66
N LEU F 102 -31.38 -12.37 4.11
CA LEU F 102 -31.46 -12.87 5.47
C LEU F 102 -30.34 -12.26 6.31
N ALA F 103 -30.71 -11.56 7.38
CA ALA F 103 -29.76 -10.91 8.27
C ALA F 103 -29.89 -11.50 9.67
N THR F 104 -28.77 -11.87 10.29
CA THR F 104 -28.78 -12.24 11.70
C THR F 104 -27.58 -11.59 12.37
N LYS F 105 -27.27 -12.01 13.61
CA LYS F 105 -26.33 -11.24 14.44
C LYS F 105 -25.46 -12.16 15.29
N VAL F 106 -24.32 -11.62 15.69
CA VAL F 106 -23.39 -12.25 16.62
C VAL F 106 -22.94 -11.18 17.60
N TYR F 107 -22.73 -11.60 18.87
CA TYR F 107 -22.23 -10.84 20.01
C TYR F 107 -22.90 -11.33 21.30
N GLY F 108 -24.19 -11.62 21.23
CA GLY F 108 -24.94 -11.94 22.44
C GLY F 108 -24.57 -13.28 23.04
N ASN F 109 -24.86 -13.40 24.33
CA ASN F 109 -24.71 -14.66 25.06
C ASN F 109 -25.93 -15.55 24.80
N MET F 110 -25.70 -16.78 24.37
CA MET F 110 -26.77 -17.72 24.10
C MET F 110 -27.23 -18.48 25.34
N GLY F 111 -26.55 -18.31 26.48
CA GLY F 111 -26.93 -18.95 27.73
C GLY F 111 -28.03 -18.18 28.46
N LEU F 112 -28.32 -18.65 29.67
CA LEU F 112 -29.51 -18.20 30.39
C LEU F 112 -29.33 -16.80 31.00
N ASP F 113 -28.46 -16.68 32.00
CA ASP F 113 -28.40 -15.48 32.81
C ASP F 113 -26.95 -15.23 33.20
N GLY F 114 -26.70 -14.02 33.72
CA GLY F 114 -25.40 -13.68 34.25
C GLY F 114 -24.30 -13.75 33.22
N PRO F 115 -23.06 -13.77 33.68
CA PRO F 115 -21.92 -13.63 32.76
C PRO F 115 -21.77 -14.85 31.84
N ALA F 116 -21.52 -14.57 30.58
CA ALA F 116 -21.22 -15.66 29.65
C ALA F 116 -19.88 -16.26 30.00
N TRP F 117 -19.75 -17.57 29.73
CA TRP F 117 -18.44 -18.20 29.74
C TRP F 117 -17.52 -17.43 28.81
N PRO F 118 -16.27 -17.17 29.19
CA PRO F 118 -15.38 -16.36 28.35
C PRO F 118 -15.41 -16.80 26.89
N ASN F 119 -15.54 -15.83 25.98
CA ASN F 119 -15.50 -16.06 24.54
C ASN F 119 -16.73 -16.79 24.04
N HIS F 120 -17.77 -16.92 24.85
CA HIS F 120 -19.08 -17.29 24.34
C HIS F 120 -20.01 -16.08 24.18
N ASP F 121 -19.47 -14.87 24.30
CA ASP F 121 -20.15 -13.68 23.80
C ASP F 121 -19.08 -12.78 23.21
N LYS F 122 -19.49 -11.58 22.79
CA LYS F 122 -18.62 -10.58 22.18
C LYS F 122 -18.06 -11.04 20.83
N LEU F 123 -17.02 -10.36 20.32
CA LEU F 123 -16.68 -10.45 18.90
C LEU F 123 -15.31 -11.04 18.62
N SER F 124 -14.76 -11.84 19.54
CA SER F 124 -13.50 -12.50 19.22
C SER F 124 -13.70 -13.42 18.03
N ALA F 125 -12.61 -13.66 17.28
CA ALA F 125 -12.67 -14.64 16.19
C ALA F 125 -13.21 -15.98 16.68
N LEU F 126 -12.89 -16.33 17.93
CA LEU F 126 -13.37 -17.58 18.52
C LEU F 126 -14.89 -17.59 18.60
N ASN F 127 -15.50 -16.54 19.16
CA ASN F 127 -16.97 -16.54 19.26
C ASN F 127 -17.64 -16.37 17.93
N ILE F 128 -17.03 -15.61 17.02
CA ILE F 128 -17.60 -15.50 15.69
C ILE F 128 -17.69 -16.86 15.04
N ARG F 129 -16.61 -17.66 15.13
CA ARG F 129 -16.61 -18.97 14.49
C ARG F 129 -17.75 -19.83 15.02
N ARG F 130 -17.89 -19.92 16.33
CA ARG F 130 -18.90 -20.83 16.86
C ARG F 130 -20.31 -20.28 16.66
N SER F 131 -20.46 -18.95 16.71
CA SER F 131 -21.79 -18.37 16.62
C SER F 131 -22.36 -18.52 15.22
N VAL F 132 -21.54 -18.32 14.18
CA VAL F 132 -22.09 -18.39 12.83
C VAL F 132 -22.52 -19.81 12.50
N ASP F 133 -21.74 -20.81 12.92
CA ASP F 133 -22.14 -22.18 12.63
C ASP F 133 -23.46 -22.55 13.32
N ALA F 134 -23.66 -22.08 14.56
CA ALA F 134 -24.91 -22.38 15.25
C ALA F 134 -26.10 -21.67 14.58
N SER F 135 -25.91 -20.42 14.14
CA SER F 135 -26.96 -19.72 13.42
C SER F 135 -27.29 -20.42 12.09
N LEU F 136 -26.27 -20.79 11.33
CA LEU F 136 -26.52 -21.47 10.05
C LEU F 136 -27.31 -22.76 10.26
N LYS F 137 -27.01 -23.51 11.31
CA LYS F 137 -27.76 -24.74 11.58
C LYS F 137 -29.20 -24.44 11.96
N ARG F 138 -29.41 -23.51 12.89
CA ARG F 138 -30.78 -23.16 13.27
C ARG F 138 -31.57 -22.62 12.08
N LEU F 139 -30.94 -21.77 11.25
CA LEU F 139 -31.65 -21.20 10.12
C LEU F 139 -31.84 -22.17 8.97
N GLY F 140 -31.18 -23.33 9.01
CA GLY F 140 -31.36 -24.31 7.93
C GLY F 140 -30.87 -23.80 6.59
N THR F 141 -29.76 -23.08 6.56
CA THR F 141 -29.27 -22.50 5.31
C THR F 141 -27.75 -22.55 5.31
N ASP F 142 -27.17 -22.51 4.11
CA ASP F 142 -25.72 -22.56 4.00
C ASP F 142 -25.06 -21.18 3.96
N HIS F 143 -25.84 -20.09 3.92
CA HIS F 143 -25.21 -18.79 3.97
C HIS F 143 -26.15 -17.77 4.60
N ILE F 144 -25.56 -16.79 5.26
CA ILE F 144 -26.26 -15.62 5.76
C ILE F 144 -25.93 -14.45 4.84
N ASP F 145 -26.93 -13.67 4.43
CA ASP F 145 -26.63 -12.59 3.50
C ASP F 145 -26.00 -11.39 4.21
N LEU F 146 -26.50 -11.03 5.38
CA LEU F 146 -25.99 -9.87 6.11
C LEU F 146 -25.74 -10.32 7.54
N TYR F 147 -24.46 -10.47 7.90
CA TYR F 147 -24.09 -10.93 9.22
C TYR F 147 -23.67 -9.70 10.03
N GLN F 148 -24.37 -9.44 11.14
CA GLN F 148 -24.25 -8.16 11.81
C GLN F 148 -23.68 -8.34 13.21
N PHE F 149 -22.77 -7.44 13.59
CA PHE F 149 -22.36 -7.32 14.98
C PHE F 149 -23.51 -6.71 15.77
N HIS F 150 -23.96 -7.41 16.81
CA HIS F 150 -25.11 -6.93 17.57
C HIS F 150 -24.78 -5.64 18.32
N HIS F 151 -23.50 -5.43 18.64
CA HIS F 151 -23.08 -4.33 19.47
C HIS F 151 -21.58 -4.14 19.24
N VAL F 152 -21.10 -2.91 19.43
CA VAL F 152 -19.67 -2.71 19.44
C VAL F 152 -19.03 -3.54 20.56
N ASP F 153 -17.88 -4.14 20.25
CA ASP F 153 -17.05 -4.83 21.24
C ASP F 153 -15.74 -4.06 21.29
N ARG F 154 -15.58 -3.24 22.33
CA ARG F 154 -14.43 -2.36 22.44
C ARG F 154 -13.14 -3.13 22.69
N ASP F 155 -13.22 -4.40 23.08
CA ASP F 155 -12.00 -5.17 23.37
C ASP F 155 -11.48 -5.99 22.18
N THR F 156 -12.16 -6.01 21.05
CA THR F 156 -11.67 -6.78 19.89
C THR F 156 -11.21 -5.83 18.80
N PRO F 157 -9.96 -5.90 18.35
CA PRO F 157 -9.49 -4.96 17.31
C PRO F 157 -9.98 -5.36 15.92
N TRP F 158 -9.95 -4.39 15.00
CA TRP F 158 -10.62 -4.60 13.71
C TRP F 158 -9.85 -5.55 12.81
N ASP F 159 -8.53 -5.67 12.96
CA ASP F 159 -7.85 -6.67 12.14
C ASP F 159 -8.20 -8.10 12.58
N GLU F 160 -8.53 -8.31 13.85
CA GLU F 160 -9.08 -9.61 14.25
C GLU F 160 -10.48 -9.83 13.69
N ILE F 161 -11.36 -8.83 13.82
CA ILE F 161 -12.74 -9.00 13.35
C ILE F 161 -12.78 -9.24 11.85
N TRP F 162 -12.04 -8.41 11.08
CA TRP F 162 -12.10 -8.56 9.62
C TRP F 162 -11.46 -9.87 9.18
N GLN F 163 -10.46 -10.37 9.92
CA GLN F 163 -9.96 -11.72 9.64
C GLN F 163 -11.10 -12.73 9.72
N ALA F 164 -11.85 -12.71 10.82
CA ALA F 164 -12.89 -13.71 11.03
C ALA F 164 -13.98 -13.60 9.99
N MET F 165 -14.39 -12.37 9.65
CA MET F 165 -15.44 -12.20 8.64
C MET F 165 -14.92 -12.57 7.26
N ASP F 166 -13.69 -12.17 6.91
CA ASP F 166 -13.15 -12.52 5.60
C ASP F 166 -13.05 -14.03 5.40
N VAL F 167 -12.74 -14.77 6.47
CA VAL F 167 -12.78 -16.23 6.40
C VAL F 167 -14.16 -16.70 5.93
N LEU F 168 -15.22 -16.14 6.50
CA LEU F 168 -16.58 -16.57 6.17
C LEU F 168 -17.00 -16.12 4.78
N VAL F 169 -16.60 -14.91 4.38
CA VAL F 169 -16.85 -14.46 3.01
C VAL F 169 -16.24 -15.41 2.00
N ARG F 170 -14.97 -15.76 2.18
CA ARG F 170 -14.29 -16.58 1.18
C ARG F 170 -14.83 -17.99 1.15
N GLN F 171 -15.30 -18.50 2.29
CA GLN F 171 -15.96 -19.80 2.32
C GLN F 171 -17.39 -19.75 1.80
N GLY F 172 -17.92 -18.57 1.51
CA GLY F 172 -19.29 -18.48 1.05
C GLY F 172 -20.35 -18.58 2.14
N LYS F 173 -19.95 -18.52 3.41
CA LYS F 173 -20.93 -18.63 4.49
C LYS F 173 -21.65 -17.32 4.77
N ILE F 174 -21.03 -16.18 4.45
CA ILE F 174 -21.73 -14.89 4.51
C ILE F 174 -21.41 -14.11 3.24
N LEU F 175 -22.27 -13.13 2.95
CA LEU F 175 -22.06 -12.21 1.84
C LEU F 175 -21.60 -10.84 2.31
N TYR F 176 -22.37 -10.22 3.19
CA TYR F 176 -22.15 -8.86 3.65
C TYR F 176 -22.03 -8.81 5.16
N VAL F 177 -21.38 -7.76 5.64
CA VAL F 177 -21.18 -7.51 7.06
C VAL F 177 -21.83 -6.18 7.41
N GLY F 178 -22.57 -6.16 8.53
CA GLY F 178 -23.17 -4.94 9.03
C GLY F 178 -22.87 -4.74 10.50
N SER F 179 -23.12 -3.52 10.98
CA SER F 179 -22.96 -3.14 12.37
C SER F 179 -24.34 -2.89 13.01
N SER F 180 -24.37 -2.93 14.33
CA SER F 180 -25.57 -2.51 15.06
C SER F 180 -25.08 -2.00 16.40
N ASN F 181 -25.71 -0.93 16.89
CA ASN F 181 -25.32 -0.28 18.14
C ASN F 181 -23.81 0.02 18.14
N PHE F 182 -23.39 0.70 17.10
CA PHE F 182 -22.04 1.25 17.00
C PHE F 182 -22.09 2.75 17.30
N ALA F 183 -20.97 3.29 17.75
CA ALA F 183 -20.78 4.72 17.66
C ALA F 183 -20.34 5.07 16.25
N GLY F 184 -20.58 6.34 15.85
CA GLY F 184 -20.14 6.78 14.53
C GLY F 184 -18.67 6.50 14.27
N TRP F 185 -17.82 6.72 15.27
CA TRP F 185 -16.40 6.54 15.04
C TRP F 185 -16.03 5.06 14.90
N ASN F 186 -16.81 4.15 15.47
CA ASN F 186 -16.58 2.72 15.21
C ASN F 186 -16.84 2.39 13.76
N ILE F 187 -17.87 3.01 13.16
CA ILE F 187 -18.15 2.78 11.75
C ILE F 187 -16.98 3.24 10.90
N ALA F 188 -16.46 4.43 11.18
CA ALA F 188 -15.34 4.96 10.43
C ALA F 188 -14.11 4.07 10.58
N GLN F 189 -13.77 3.71 11.81
CA GLN F 189 -12.58 2.88 12.03
C GLN F 189 -12.73 1.54 11.32
N ALA F 190 -13.90 0.92 11.43
CA ALA F 190 -14.12 -0.38 10.81
C ALA F 190 -13.95 -0.32 9.30
N ASN F 191 -14.56 0.67 8.65
CA ASN F 191 -14.51 0.69 7.20
C ASN F 191 -13.19 1.22 6.68
N GLU F 192 -12.53 2.12 7.41
CA GLU F 192 -11.19 2.48 6.99
C GLU F 192 -10.25 1.27 7.06
N THR F 193 -10.40 0.45 8.11
CA THR F 193 -9.54 -0.72 8.25
C THR F 193 -9.80 -1.71 7.13
N ALA F 194 -11.07 -1.96 6.82
CA ALA F 194 -11.39 -2.86 5.70
C ALA F 194 -10.83 -2.32 4.39
N ALA F 195 -11.01 -1.01 4.15
CA ALA F 195 -10.61 -0.43 2.86
C ALA F 195 -9.12 -0.54 2.63
N ARG F 196 -8.32 -0.47 3.71
CA ARG F 196 -6.87 -0.61 3.62
C ARG F 196 -6.47 -1.84 2.84
N HIS F 197 -7.22 -2.93 2.98
CA HIS F 197 -6.82 -4.19 2.37
C HIS F 197 -7.84 -4.72 1.38
N GLY F 198 -8.61 -3.82 0.76
CA GLY F 198 -9.48 -4.18 -0.32
C GLY F 198 -10.78 -4.85 0.09
N ARG F 199 -11.05 -4.98 1.39
CA ARG F 199 -12.26 -5.65 1.84
C ARG F 199 -13.45 -4.70 1.83
N LEU F 200 -14.61 -5.24 1.46
CA LEU F 200 -15.85 -4.50 1.57
C LEU F 200 -16.16 -4.27 3.04
N GLY F 201 -16.37 -3.02 3.43
CA GLY F 201 -16.60 -2.76 4.83
C GLY F 201 -18.03 -3.05 5.27
N LEU F 202 -18.37 -2.50 6.43
CA LEU F 202 -19.76 -2.52 6.88
C LEU F 202 -20.64 -1.94 5.79
N VAL F 203 -21.77 -2.59 5.53
CA VAL F 203 -22.72 -2.13 4.52
C VAL F 203 -23.94 -1.45 5.11
N SER F 204 -24.16 -1.59 6.42
CA SER F 204 -25.33 -1.00 7.06
C SER F 204 -25.04 -0.89 8.55
N GLU F 205 -25.70 0.07 9.20
CA GLU F 205 -25.72 0.21 10.64
C GLU F 205 -27.17 0.09 11.08
N GLN F 206 -27.40 -0.77 12.08
CA GLN F 206 -28.74 -0.99 12.63
C GLN F 206 -28.79 -0.29 13.98
N CYS F 207 -29.45 0.87 14.05
CA CYS F 207 -29.38 1.70 15.24
C CYS F 207 -30.78 2.02 15.74
N LEU F 208 -30.86 2.32 17.03
CA LEU F 208 -32.10 2.80 17.61
C LEU F 208 -32.37 4.20 17.08
N TYR F 209 -33.51 4.40 16.41
CA TYR F 209 -33.86 5.70 15.85
C TYR F 209 -35.38 5.74 15.70
N ASN F 210 -36.00 6.76 16.30
CA ASN F 210 -37.45 6.92 16.23
C ASN F 210 -37.75 8.32 16.76
N LEU F 211 -39.05 8.65 16.81
CA LEU F 211 -39.43 10.00 17.28
C LEU F 211 -38.90 10.29 18.68
N CYS F 212 -38.98 9.30 19.58
CA CYS F 212 -38.58 9.51 20.98
C CYS F 212 -37.06 9.61 21.12
N GLU F 213 -36.32 8.73 20.45
CA GLU F 213 -34.88 8.67 20.61
C GLU F 213 -34.21 9.08 19.30
N ARG F 214 -33.69 10.31 19.26
CA ARG F 214 -33.15 10.87 18.03
C ARG F 214 -31.64 11.14 18.08
N ARG F 215 -30.94 10.67 19.13
CA ARG F 215 -29.52 11.04 19.28
C ARG F 215 -28.57 10.29 18.35
N ALA F 216 -29.05 9.24 17.66
CA ALA F 216 -28.28 8.72 16.53
C ALA F 216 -28.03 9.78 15.45
N GLU F 217 -28.81 10.87 15.44
CA GLU F 217 -28.53 11.98 14.53
C GLU F 217 -27.22 12.70 14.83
N MET F 218 -26.67 12.58 16.04
CA MET F 218 -25.49 13.39 16.39
C MET F 218 -24.28 12.94 15.60
N GLU F 219 -24.00 11.64 15.60
CA GLU F 219 -22.80 11.11 14.97
C GLU F 219 -23.00 9.78 14.26
N VAL F 220 -23.88 8.90 14.73
CA VAL F 220 -24.01 7.57 14.11
C VAL F 220 -24.50 7.69 12.68
N VAL F 221 -25.59 8.41 12.46
CA VAL F 221 -26.14 8.49 11.11
C VAL F 221 -25.23 9.34 10.23
N PRO F 222 -24.70 10.48 10.70
CA PRO F 222 -23.69 11.19 9.87
C PRO F 222 -22.52 10.32 9.44
N ALA F 223 -21.94 9.55 10.36
CA ALA F 223 -20.84 8.67 9.99
C ALA F 223 -21.31 7.63 8.98
N ALA F 224 -22.47 7.02 9.23
CA ALA F 224 -23.01 6.05 8.29
C ALA F 224 -23.19 6.65 6.91
N ARG F 225 -23.70 7.87 6.82
CA ARG F 225 -23.92 8.47 5.51
C ARG F 225 -22.60 8.77 4.83
N GLU F 226 -21.62 9.25 5.57
CA GLU F 226 -20.31 9.54 4.98
C GLU F 226 -19.70 8.27 4.38
N TYR F 227 -19.79 7.15 5.09
CA TYR F 227 -19.16 5.90 4.64
C TYR F 227 -20.10 5.06 3.77
N GLY F 228 -21.28 5.58 3.46
CA GLY F 228 -22.16 4.91 2.51
C GLY F 228 -22.81 3.65 3.05
N LEU F 229 -23.12 3.63 4.34
CA LEU F 229 -23.83 2.53 4.96
C LEU F 229 -25.32 2.76 4.84
N GLY F 230 -26.08 1.69 4.62
CA GLY F 230 -27.49 1.72 4.94
C GLY F 230 -27.69 2.03 6.42
N VAL F 231 -28.87 2.57 6.74
CA VAL F 231 -29.25 2.83 8.12
C VAL F 231 -30.64 2.22 8.29
N ILE F 232 -30.74 1.17 9.10
CA ILE F 232 -32.01 0.51 9.34
C ILE F 232 -32.33 0.65 10.82
N ALA F 233 -33.52 1.17 11.13
CA ALA F 233 -33.82 1.66 12.47
C ALA F 233 -34.52 0.61 13.30
N TRP F 234 -33.89 0.17 14.39
CA TRP F 234 -34.57 -0.78 15.24
C TRP F 234 -35.45 -0.09 16.29
N SER F 235 -36.39 -0.86 16.86
CA SER F 235 -37.50 -0.32 17.65
C SER F 235 -38.01 0.99 17.09
N PRO F 236 -38.57 0.99 15.88
CA PRO F 236 -39.02 2.25 15.27
C PRO F 236 -40.25 2.85 15.93
N LEU F 237 -40.97 2.10 16.75
CA LEU F 237 -42.01 2.66 17.61
C LEU F 237 -41.54 2.80 19.05
N HIS F 238 -40.23 2.72 19.29
CA HIS F 238 -39.66 2.73 20.64
C HIS F 238 -40.26 1.61 21.51
N GLY F 239 -40.31 0.40 20.93
CA GLY F 239 -40.80 -0.76 21.65
C GLY F 239 -42.31 -0.78 21.80
N GLY F 240 -43.05 -0.21 20.84
CA GLY F 240 -44.48 -0.12 20.89
C GLY F 240 -45.02 1.15 21.52
N LEU F 241 -44.16 1.97 22.13
CA LEU F 241 -44.62 3.20 22.79
C LEU F 241 -45.38 4.11 21.84
N LEU F 242 -44.96 4.17 20.58
CA LEU F 242 -45.52 5.10 19.61
C LEU F 242 -46.67 4.47 18.79
N GLY F 243 -47.18 3.31 19.20
CA GLY F 243 -48.23 2.67 18.44
C GLY F 243 -49.62 2.80 19.06
N GLY F 244 -49.80 3.81 19.90
CA GLY F 244 -51.06 3.99 20.60
C GLY F 244 -51.07 3.37 21.97
N ALA F 245 -49.92 3.34 22.66
CA ALA F 245 -49.82 2.63 23.93
C ALA F 245 -50.73 3.24 24.99
N ILE F 246 -50.92 4.57 24.97
CA ILE F 246 -51.74 5.21 26.00
C ILE F 246 -53.20 4.83 25.83
N ARG F 247 -53.74 4.92 24.61
CA ARG F 247 -55.08 4.44 24.36
C ARG F 247 -55.24 2.98 24.79
N LYS F 248 -54.25 2.14 24.45
CA LYS F 248 -54.33 0.73 24.78
C LYS F 248 -54.17 0.46 26.28
N GLU F 249 -53.59 1.39 27.04
CA GLU F 249 -53.55 1.23 28.49
C GLU F 249 -54.95 1.14 29.08
N GLN F 250 -55.89 1.92 28.54
CA GLN F 250 -57.27 1.95 29.02
C GLN F 250 -58.10 0.86 28.37
N GLU F 251 -58.00 0.72 27.04
CA GLU F 251 -58.84 -0.18 26.27
C GLU F 251 -58.27 -1.59 26.15
N GLY F 252 -57.12 -1.86 26.75
CA GLY F 252 -56.46 -3.15 26.62
C GLY F 252 -55.64 -3.27 25.34
N GLY F 253 -54.73 -4.24 25.35
CA GLY F 253 -54.00 -4.59 24.13
C GLY F 253 -52.50 -4.36 24.16
N ASN F 254 -51.93 -3.76 25.20
CA ASN F 254 -50.47 -3.63 25.24
C ASN F 254 -49.82 -4.98 25.54
N ARG F 255 -48.81 -5.33 24.75
CA ARG F 255 -48.02 -6.54 25.00
C ARG F 255 -46.57 -6.11 25.14
N ARG F 256 -45.87 -5.92 24.02
CA ARG F 256 -44.51 -5.38 24.09
C ARG F 256 -44.51 -4.00 24.72
N ALA F 257 -45.52 -3.18 24.40
CA ALA F 257 -45.59 -1.84 24.97
C ALA F 257 -45.83 -1.85 26.47
N ALA F 258 -46.15 -3.01 27.05
CA ALA F 258 -46.30 -3.11 28.50
C ALA F 258 -44.96 -3.24 29.25
N SER F 259 -43.85 -3.49 28.54
CA SER F 259 -42.56 -3.68 29.21
C SER F 259 -41.49 -2.84 28.54
N GLY F 260 -40.30 -2.86 29.14
CA GLY F 260 -39.10 -2.33 28.52
C GLY F 260 -39.14 -0.84 28.31
N ARG F 261 -38.57 -0.43 27.17
CA ARG F 261 -38.44 0.99 26.82
C ARG F 261 -39.77 1.73 26.95
N ALA F 262 -40.84 1.14 26.41
CA ALA F 262 -42.13 1.82 26.42
C ALA F 262 -42.66 1.99 27.84
N ALA F 263 -42.55 0.95 28.66
CA ALA F 263 -43.02 1.05 30.03
C ALA F 263 -42.22 2.09 30.82
N ASP F 264 -40.90 2.10 30.65
CA ASP F 264 -40.07 3.09 31.33
C ASP F 264 -40.45 4.51 30.92
N ALA F 265 -40.70 4.72 29.63
CA ALA F 265 -41.05 6.06 29.15
C ALA F 265 -42.38 6.52 29.74
N LEU F 266 -43.39 5.65 29.76
CA LEU F 266 -44.69 6.04 30.28
C LEU F 266 -44.65 6.29 31.79
N LYS F 267 -43.66 5.74 32.48
CA LYS F 267 -43.47 6.01 33.91
C LYS F 267 -42.90 7.40 34.15
N ASP F 268 -42.20 7.95 33.16
CA ASP F 268 -41.62 9.27 33.28
C ASP F 268 -42.68 10.32 32.93
N PRO F 269 -43.00 11.26 33.84
CA PRO F 269 -44.06 12.24 33.53
C PRO F 269 -43.83 13.01 32.24
N GLN F 270 -42.61 13.51 32.02
CA GLN F 270 -42.35 14.32 30.83
C GLN F 270 -42.50 13.50 29.55
N GLN F 271 -42.01 12.26 29.54
CA GLN F 271 -42.15 11.44 28.34
C GLN F 271 -43.59 11.04 28.11
N ARG F 272 -44.33 10.74 29.19
CA ARG F 272 -45.75 10.44 29.00
C ARG F 272 -46.49 11.62 28.40
N GLU F 273 -46.13 12.83 28.82
CA GLU F 273 -46.76 14.02 28.27
C GLU F 273 -46.54 14.13 26.77
N GLN F 274 -45.32 13.82 26.31
CA GLN F 274 -45.04 13.81 24.86
C GLN F 274 -45.95 12.82 24.15
N ILE F 275 -46.06 11.60 24.68
CA ILE F 275 -46.83 10.57 24.00
C ILE F 275 -48.31 10.92 24.02
N GLN F 276 -48.80 11.52 25.11
CA GLN F 276 -50.20 11.96 25.15
C GLN F 276 -50.45 13.01 24.06
N ARG F 277 -49.57 14.01 23.98
CA ARG F 277 -49.65 15.04 22.96
C ARG F 277 -49.60 14.45 21.56
N TYR F 278 -48.70 13.49 21.35
CA TYR F 278 -48.63 12.73 20.11
C TYR F 278 -49.95 12.07 19.76
N GLU F 279 -50.48 11.26 20.67
CA GLU F 279 -51.70 10.54 20.35
C GLU F 279 -52.87 11.48 20.13
N ASP F 280 -52.95 12.56 20.90
CA ASP F 280 -54.00 13.56 20.68
C ASP F 280 -53.85 14.23 19.32
N LEU F 281 -52.61 14.62 18.96
CA LEU F 281 -52.36 15.22 17.64
C LEU F 281 -52.88 14.33 16.51
N LEU F 282 -52.57 13.04 16.55
CA LEU F 282 -52.97 12.18 15.44
C LEU F 282 -54.46 11.88 15.45
N ASP F 283 -55.09 11.87 16.63
CA ASP F 283 -56.56 11.81 16.69
C ASP F 283 -57.19 12.93 15.88
N LYS F 284 -56.67 14.15 16.05
CA LYS F 284 -57.23 15.31 15.36
C LYS F 284 -57.06 15.21 13.86
N HIS F 285 -56.01 14.51 13.39
CA HIS F 285 -55.74 14.39 11.97
C HIS F 285 -56.25 13.09 11.38
N GLY F 286 -56.89 12.23 12.18
CA GLY F 286 -57.34 10.95 11.66
C GLY F 286 -56.22 10.04 11.19
N LEU F 287 -55.08 10.05 11.87
CA LEU F 287 -53.95 9.21 11.52
C LEU F 287 -53.69 8.19 12.61
N GLU F 288 -53.12 7.03 12.23
CA GLU F 288 -52.79 6.00 13.21
C GLU F 288 -51.36 6.18 13.73
N PRO F 289 -51.15 6.05 15.04
CA PRO F 289 -49.84 6.46 15.59
C PRO F 289 -48.69 5.55 15.17
N GLY F 290 -48.89 4.24 15.09
CA GLY F 290 -47.80 3.38 14.66
C GLY F 290 -47.44 3.64 13.21
N GLU F 291 -48.46 3.88 12.38
CA GLU F 291 -48.20 4.19 10.98
C GLU F 291 -47.44 5.50 10.82
N VAL F 292 -47.76 6.50 11.64
CA VAL F 292 -47.09 7.80 11.50
C VAL F 292 -45.64 7.72 11.95
N ALA F 293 -45.36 6.96 13.01
CA ALA F 293 -43.99 6.81 13.48
C ALA F 293 -43.12 6.14 12.42
N LEU F 294 -43.65 5.12 11.73
CA LEU F 294 -42.93 4.48 10.64
C LEU F 294 -42.74 5.43 9.45
N ALA F 295 -43.82 6.10 9.03
CA ALA F 295 -43.72 7.07 7.93
C ALA F 295 -42.71 8.17 8.23
N TRP F 296 -42.65 8.61 9.49
CA TRP F 296 -41.71 9.67 9.87
C TRP F 296 -40.27 9.22 9.63
N LEU F 297 -39.94 7.98 10.01
CA LEU F 297 -38.58 7.48 9.76
C LEU F 297 -38.28 7.41 8.27
N LEU F 298 -39.28 7.07 7.46
CA LEU F 298 -39.06 7.02 6.02
C LEU F 298 -38.74 8.38 5.42
N THR F 299 -38.99 9.48 6.13
CA THR F 299 -38.59 10.79 5.63
C THR F 299 -37.21 11.22 6.07
N ARG F 300 -36.54 10.47 6.94
CA ARG F 300 -35.28 10.96 7.52
C ARG F 300 -34.11 10.73 6.58
N PRO F 301 -33.28 11.74 6.34
CA PRO F 301 -32.18 11.60 5.38
C PRO F 301 -31.22 10.49 5.80
N GLY F 302 -30.86 9.64 4.85
CA GLY F 302 -29.94 8.55 5.10
C GLY F 302 -30.56 7.27 5.63
N VAL F 303 -31.81 7.33 6.10
CA VAL F 303 -32.47 6.15 6.67
C VAL F 303 -32.94 5.26 5.53
N THR F 304 -32.42 4.03 5.48
CA THR F 304 -32.92 3.05 4.53
C THR F 304 -34.38 2.72 4.82
N GLY F 305 -34.68 2.41 6.08
CA GLY F 305 -36.05 2.20 6.49
C GLY F 305 -36.12 1.71 7.92
N PRO F 306 -37.31 1.71 8.50
CA PRO F 306 -37.49 1.08 9.82
C PRO F 306 -37.51 -0.43 9.73
N ILE F 307 -37.03 -1.07 10.79
CA ILE F 307 -37.22 -2.51 10.99
C ILE F 307 -38.53 -2.65 11.76
N VAL F 308 -39.62 -2.94 11.04
CA VAL F 308 -40.93 -3.05 11.69
C VAL F 308 -40.94 -4.25 12.62
N GLY F 309 -41.72 -4.16 13.70
CA GLY F 309 -41.81 -5.21 14.66
C GLY F 309 -43.23 -5.72 14.90
N PRO F 310 -43.88 -6.20 13.84
CA PRO F 310 -45.27 -6.70 14.01
C PRO F 310 -45.33 -7.89 14.95
N ARG F 311 -46.30 -7.85 15.87
CA ARG F 311 -46.67 -9.03 16.63
C ARG F 311 -47.75 -9.85 15.95
N THR F 312 -48.53 -9.23 15.05
CA THR F 312 -49.67 -9.87 14.42
C THR F 312 -49.67 -9.55 12.93
N ALA F 313 -50.44 -10.32 12.16
CA ALA F 313 -50.59 -10.04 10.72
C ALA F 313 -51.22 -8.67 10.48
N ASP F 314 -52.19 -8.29 11.32
CA ASP F 314 -52.80 -6.96 11.21
C ASP F 314 -51.75 -5.87 11.39
N GLN F 315 -50.82 -6.05 12.34
CA GLN F 315 -49.80 -5.02 12.58
C GLN F 315 -48.83 -4.90 11.41
N LEU F 316 -48.59 -6.00 10.69
CA LEU F 316 -47.80 -5.91 9.46
C LEU F 316 -48.56 -5.16 8.37
N ALA F 317 -49.86 -5.42 8.22
CA ALA F 317 -50.65 -4.70 7.22
C ALA F 317 -50.67 -3.21 7.52
N SER F 318 -50.72 -2.84 8.80
CA SER F 318 -50.65 -1.44 9.19
C SER F 318 -49.29 -0.82 8.79
N ALA F 319 -48.20 -1.54 9.03
CA ALA F 319 -46.89 -1.07 8.58
C ALA F 319 -46.85 -0.89 7.06
N VAL F 320 -47.43 -1.82 6.31
CA VAL F 320 -47.47 -1.68 4.85
C VAL F 320 -48.23 -0.40 4.45
N ARG F 321 -49.33 -0.09 5.14
CA ARG F 321 -50.03 1.16 4.86
C ARG F 321 -49.15 2.36 5.20
N ALA F 322 -48.36 2.25 6.27
CA ALA F 322 -47.49 3.34 6.68
C ALA F 322 -46.48 3.68 5.60
N ALA F 323 -46.02 2.68 4.85
CA ALA F 323 -45.04 2.95 3.81
C ALA F 323 -45.62 3.66 2.59
N GLU F 324 -46.93 3.76 2.48
CA GLU F 324 -47.57 4.50 1.39
C GLU F 324 -48.16 5.82 1.85
N LEU F 325 -48.09 6.10 3.15
CA LEU F 325 -48.56 7.34 3.73
C LEU F 325 -47.66 8.50 3.29
N THR F 326 -48.27 9.66 3.07
CA THR F 326 -47.50 10.90 2.87
C THR F 326 -47.89 11.86 3.98
N LEU F 327 -46.96 12.13 4.88
CA LEU F 327 -47.19 13.06 5.97
C LEU F 327 -47.12 14.48 5.41
N THR F 328 -48.12 15.30 5.77
CA THR F 328 -48.11 16.71 5.38
C THR F 328 -47.00 17.45 6.10
N ASP F 329 -46.59 18.58 5.54
CA ASP F 329 -45.58 19.41 6.19
C ASP F 329 -46.06 19.92 7.54
N GLU F 330 -47.37 20.10 7.70
CA GLU F 330 -47.91 20.52 8.99
C GLU F 330 -47.70 19.44 10.04
N VAL F 331 -48.01 18.19 9.70
CA VAL F 331 -47.79 17.10 10.65
C VAL F 331 -46.30 16.96 10.97
N LEU F 332 -45.46 17.00 9.93
CA LEU F 332 -44.02 16.83 10.14
C LEU F 332 -43.48 17.90 11.07
N THR F 333 -43.94 19.14 10.90
CA THR F 333 -43.53 20.22 11.78
C THR F 333 -43.99 19.98 13.21
N ALA F 334 -45.26 19.56 13.37
CA ALA F 334 -45.78 19.29 14.71
C ALA F 334 -44.99 18.17 15.39
N LEU F 335 -44.66 17.11 14.65
CA LEU F 335 -43.87 16.02 15.21
C LEU F 335 -42.50 16.50 15.65
N ASP F 336 -41.83 17.27 14.79
CA ASP F 336 -40.51 17.80 15.14
C ASP F 336 -40.58 18.72 16.36
N GLU F 337 -41.71 19.42 16.54
CA GLU F 337 -41.87 20.28 17.72
C GLU F 337 -42.05 19.46 18.99
N ILE F 338 -42.82 18.37 18.93
CA ILE F 338 -43.04 17.56 20.11
C ILE F 338 -41.79 16.74 20.44
N PHE F 339 -41.12 16.25 19.39
CA PHE F 339 -40.00 15.31 19.50
C PHE F 339 -38.76 15.89 18.84
N PRO F 340 -38.16 16.93 19.41
CA PRO F 340 -37.00 17.54 18.75
C PRO F 340 -35.80 16.61 18.78
N GLY F 341 -34.99 16.67 17.73
CA GLY F 341 -33.73 15.98 17.66
C GLY F 341 -32.56 16.93 17.85
N PRO F 342 -31.37 16.40 18.13
CA PRO F 342 -30.22 17.27 18.41
C PRO F 342 -29.49 17.78 17.18
N GLY F 343 -29.71 17.17 16.02
CA GLY F 343 -28.88 17.43 14.87
C GLY F 343 -27.47 16.89 15.06
N PRO F 344 -26.59 17.21 14.11
CA PRO F 344 -25.23 16.65 14.14
C PRO F 344 -24.35 17.26 15.22
N SER F 345 -23.41 16.44 15.72
CA SER F 345 -22.25 16.96 16.43
C SER F 345 -21.29 17.56 15.42
N PRO F 346 -20.53 18.61 15.79
CA PRO F 346 -20.44 19.25 17.11
C PRO F 346 -21.54 20.27 17.39
N GLU F 347 -22.28 20.67 16.36
CA GLU F 347 -23.29 21.72 16.52
C GLU F 347 -24.30 21.38 17.62
N ALA F 348 -24.56 20.08 17.83
CA ALA F 348 -25.53 19.66 18.82
C ALA F 348 -25.18 20.11 20.24
N PHE F 349 -23.91 20.26 20.57
CA PHE F 349 -23.53 20.66 21.92
C PHE F 349 -22.54 21.81 21.99
N ALA F 350 -21.95 22.23 20.87
CA ALA F 350 -20.96 23.30 20.89
C ALA F 350 -21.41 24.37 19.90
N TRP F 351 -20.83 24.43 18.71
CA TRP F 351 -21.28 25.39 17.66
C TRP F 351 -20.93 24.89 16.26
N MET G 21 -11.86 -16.98 39.72
CA MET G 21 -10.79 -16.85 38.73
C MET G 21 -10.78 -15.46 38.09
N GLU G 22 -9.60 -14.85 37.99
CA GLU G 22 -9.46 -13.57 37.32
C GLU G 22 -9.24 -13.78 35.83
N TYR G 23 -9.87 -12.93 35.01
CA TYR G 23 -9.73 -13.00 33.55
C TYR G 23 -9.11 -11.71 33.02
N THR G 24 -8.56 -11.81 31.80
CA THR G 24 -7.98 -10.64 31.15
C THR G 24 -8.00 -10.87 29.64
N GLN G 25 -7.93 -9.77 28.88
CA GLN G 25 -7.72 -9.90 27.45
C GLN G 25 -6.31 -10.42 27.20
N LEU G 26 -6.16 -11.29 26.20
CA LEU G 26 -4.83 -11.75 25.79
C LEU G 26 -4.20 -10.62 24.97
N GLY G 27 -3.36 -9.81 25.62
CA GLY G 27 -2.80 -8.67 24.90
C GLY G 27 -3.90 -7.78 24.33
N ARG G 28 -3.76 -7.42 23.05
CA ARG G 28 -4.68 -6.52 22.38
C ARG G 28 -5.92 -7.18 21.80
N ILE G 29 -5.99 -8.52 21.77
CA ILE G 29 -7.03 -9.16 20.97
C ILE G 29 -8.29 -9.40 21.79
N GLY G 30 -9.36 -9.83 21.12
CA GLY G 30 -10.67 -9.98 21.76
C GLY G 30 -10.83 -11.20 22.63
N LEU G 31 -9.89 -12.13 22.53
CA LEU G 31 -9.93 -13.36 23.32
C LEU G 31 -9.73 -13.06 24.81
N LYS G 32 -10.61 -13.59 25.65
CA LYS G 32 -10.51 -13.45 27.11
C LYS G 32 -10.01 -14.75 27.73
N VAL G 33 -9.00 -14.67 28.61
CA VAL G 33 -8.37 -15.86 29.16
C VAL G 33 -8.19 -15.73 30.67
N SER G 34 -8.24 -16.89 31.35
CA SER G 34 -7.85 -16.96 32.76
C SER G 34 -6.41 -16.50 32.95
N ARG G 35 -6.12 -15.92 34.09
CA ARG G 35 -4.75 -15.50 34.35
C ARG G 35 -3.88 -16.66 34.83
N LEU G 36 -4.47 -17.82 35.09
CA LEU G 36 -3.75 -19.09 35.14
C LEU G 36 -3.96 -19.80 33.80
N VAL G 37 -2.87 -20.15 33.14
CA VAL G 37 -2.92 -20.98 31.93
C VAL G 37 -2.54 -22.40 32.34
N LEU G 38 -3.32 -23.38 31.91
CA LEU G 38 -3.02 -24.76 32.31
C LEU G 38 -1.97 -25.35 31.37
N GLY G 39 -0.78 -25.61 31.89
CA GLY G 39 0.25 -26.32 31.13
C GLY G 39 0.07 -27.84 31.26
N THR G 40 0.30 -28.53 30.15
CA THR G 40 0.03 -29.96 30.07
C THR G 40 1.29 -30.81 29.87
N MET G 41 2.49 -30.23 29.98
CA MET G 41 3.71 -30.96 29.66
C MET G 41 3.88 -32.21 30.54
N ASN G 42 3.39 -32.17 31.78
CA ASN G 42 3.48 -33.34 32.67
C ASN G 42 2.51 -34.45 32.31
N PHE G 43 1.50 -34.18 31.48
CA PHE G 43 0.46 -35.17 31.17
C PHE G 43 1.00 -36.21 30.21
N GLY G 44 1.25 -37.41 30.72
CA GLY G 44 1.92 -38.44 29.97
C GLY G 44 3.19 -38.87 30.68
N PRO G 45 4.22 -38.01 30.67
CA PRO G 45 5.52 -38.41 31.25
C PRO G 45 5.50 -38.60 32.76
N THR G 46 4.88 -37.71 33.53
CA THR G 46 4.87 -37.83 34.98
C THR G 46 3.47 -37.96 35.58
N THR G 47 2.42 -37.75 34.79
CA THR G 47 1.03 -37.81 35.23
C THR G 47 0.28 -38.72 34.27
N ASP G 48 -0.38 -39.75 34.80
CA ASP G 48 -1.00 -40.69 33.87
C ASP G 48 -2.29 -40.11 33.31
N GLU G 49 -2.89 -40.83 32.37
CA GLU G 49 -4.01 -40.30 31.62
C GLU G 49 -5.19 -39.96 32.52
N ALA G 50 -5.51 -40.85 33.47
CA ALA G 50 -6.67 -40.63 34.32
C ALA G 50 -6.50 -39.38 35.17
N GLU G 51 -5.35 -39.24 35.82
CA GLU G 51 -5.11 -38.08 36.68
C GLU G 51 -4.94 -36.80 35.87
N SER G 52 -4.45 -36.93 34.63
CA SER G 52 -4.40 -35.78 33.73
C SER G 52 -5.81 -35.29 33.42
N HIS G 53 -6.71 -36.22 33.10
CA HIS G 53 -8.10 -35.86 32.90
C HIS G 53 -8.69 -35.22 34.14
N ALA G 54 -8.34 -35.72 35.33
CA ALA G 54 -8.91 -35.15 36.54
C ALA G 54 -8.39 -33.74 36.80
N ILE G 55 -7.11 -33.49 36.51
CA ILE G 55 -6.57 -32.14 36.63
C ILE G 55 -7.29 -31.18 35.68
N MET G 56 -7.54 -31.63 34.45
CA MET G 56 -8.17 -30.76 33.46
C MET G 56 -9.62 -30.45 33.83
N ASP G 57 -10.36 -31.44 34.33
CA ASP G 57 -11.71 -31.16 34.83
C ASP G 57 -11.66 -30.20 36.00
N ALA G 58 -10.69 -30.37 36.89
CA ALA G 58 -10.53 -29.45 38.00
C ALA G 58 -10.16 -28.06 37.51
N ALA G 59 -9.36 -27.96 36.45
CA ALA G 59 -9.02 -26.65 35.91
C ALA G 59 -10.27 -25.94 35.36
N LEU G 60 -11.08 -26.66 34.59
CA LEU G 60 -12.34 -26.11 34.10
C LEU G 60 -13.23 -25.69 35.27
N ASP G 61 -13.37 -26.55 36.28
CA ASP G 61 -14.18 -26.22 37.45
C ASP G 61 -13.71 -24.93 38.11
N ALA G 62 -12.39 -24.69 38.14
CA ALA G 62 -11.87 -23.47 38.71
C ALA G 62 -11.94 -22.27 37.76
N GLY G 63 -12.50 -22.44 36.57
CA GLY G 63 -12.61 -21.34 35.63
C GLY G 63 -11.44 -21.15 34.70
N ILE G 64 -10.51 -22.11 34.63
CA ILE G 64 -9.38 -22.01 33.72
C ILE G 64 -9.87 -22.42 32.33
N ASN G 65 -9.73 -21.52 31.35
CA ASN G 65 -10.24 -21.78 30.01
C ASN G 65 -9.16 -21.84 28.94
N PHE G 66 -7.88 -21.87 29.33
CA PHE G 66 -6.74 -21.67 28.44
C PHE G 66 -5.74 -22.79 28.75
N PHE G 67 -5.58 -23.75 27.85
CA PHE G 67 -4.69 -24.91 28.02
C PHE G 67 -3.54 -24.83 27.03
N ASP G 68 -2.31 -25.05 27.50
CA ASP G 68 -1.14 -25.06 26.62
C ASP G 68 -0.56 -26.46 26.48
N THR G 69 -0.37 -26.90 25.24
CA THR G 69 0.29 -28.17 24.96
C THR G 69 1.26 -28.02 23.79
N ALA G 70 1.84 -29.12 23.31
CA ALA G 70 2.73 -29.09 22.16
C ALA G 70 2.70 -30.45 21.49
N ASN G 71 2.99 -30.48 20.18
CA ASN G 71 3.04 -31.77 19.50
C ASN G 71 4.10 -32.68 20.14
N VAL G 72 5.23 -32.11 20.60
CA VAL G 72 6.32 -32.94 21.11
C VAL G 72 6.12 -33.46 22.53
N TYR G 73 5.13 -32.96 23.27
CA TYR G 73 5.01 -33.38 24.66
C TYR G 73 4.62 -34.86 24.75
N GLY G 74 5.15 -35.52 25.77
CA GLY G 74 5.03 -36.96 25.94
C GLY G 74 6.37 -37.66 25.99
N TRP G 75 7.38 -37.08 25.31
CA TRP G 75 8.79 -37.46 25.36
C TRP G 75 9.14 -38.79 24.71
N GLY G 76 10.32 -38.86 24.12
CA GLY G 76 10.85 -40.11 23.63
C GLY G 76 9.99 -40.70 22.54
N GLU G 77 9.71 -42.00 22.65
CA GLU G 77 8.84 -42.66 21.70
C GLU G 77 7.38 -42.26 21.86
N ASN G 78 7.03 -41.51 22.90
CA ASN G 78 5.65 -41.11 23.15
C ASN G 78 5.40 -39.63 22.85
N LYS G 79 6.24 -38.99 22.05
CA LYS G 79 5.91 -37.64 21.56
C LYS G 79 4.55 -37.66 20.89
N GLY G 80 3.69 -36.72 21.25
CA GLY G 80 2.32 -36.71 20.81
C GLY G 80 1.33 -37.26 21.82
N ARG G 81 1.81 -37.97 22.83
CA ARG G 81 0.91 -38.56 23.82
C ARG G 81 0.11 -37.51 24.57
N THR G 82 0.74 -36.39 24.92
CA THR G 82 0.02 -35.34 25.63
C THR G 82 -1.17 -34.85 24.82
N GLU G 83 -0.95 -34.56 23.53
CA GLU G 83 -2.06 -34.16 22.67
C GLU G 83 -3.14 -35.23 22.61
N GLU G 84 -2.75 -36.51 22.55
CA GLU G 84 -3.73 -37.58 22.55
C GLU G 84 -4.53 -37.63 23.85
N ILE G 85 -3.86 -37.36 24.99
CA ILE G 85 -4.56 -37.32 26.27
C ILE G 85 -5.56 -36.16 26.29
N LEU G 86 -5.19 -35.01 25.72
CA LEU G 86 -6.19 -33.95 25.58
C LEU G 86 -7.31 -34.40 24.65
N GLY G 87 -6.97 -35.13 23.59
CA GLY G 87 -7.99 -35.56 22.65
C GLY G 87 -9.01 -36.46 23.30
N SER G 88 -8.55 -37.42 24.11
CA SER G 88 -9.48 -38.32 24.79
C SER G 88 -10.30 -37.59 25.85
N TRP G 89 -9.76 -36.51 26.41
CA TRP G 89 -10.51 -35.68 27.35
C TRP G 89 -11.65 -34.94 26.65
N PHE G 90 -11.34 -34.28 25.52
CA PHE G 90 -12.39 -33.62 24.71
C PHE G 90 -13.45 -34.62 24.28
N ALA G 91 -13.05 -35.84 23.90
CA ALA G 91 -14.04 -36.79 23.39
C ALA G 91 -15.02 -37.23 24.45
N GLN G 92 -14.79 -36.90 25.72
CA GLN G 92 -15.78 -37.13 26.77
C GLN G 92 -16.99 -36.22 26.64
N GLY G 93 -16.92 -35.17 25.81
CA GLY G 93 -18.06 -34.29 25.64
C GLY G 93 -18.19 -33.31 26.77
N GLY G 94 -19.42 -32.98 27.17
CA GLY G 94 -19.59 -32.05 28.27
C GLY G 94 -19.18 -30.63 27.97
N ASP G 95 -19.14 -30.25 26.68
CA ASP G 95 -18.79 -28.91 26.25
C ASP G 95 -17.32 -28.58 26.47
N ARG G 96 -16.49 -29.60 26.72
CA ARG G 96 -15.09 -29.37 27.05
C ARG G 96 -14.37 -28.60 25.96
N ARG G 97 -14.46 -29.07 24.71
CA ARG G 97 -13.75 -28.41 23.62
C ARG G 97 -14.25 -26.98 23.43
N ASP G 98 -15.58 -26.79 23.50
CA ASP G 98 -16.17 -25.47 23.28
C ASP G 98 -15.75 -24.47 24.34
N LYS G 99 -15.45 -24.93 25.55
CA LYS G 99 -15.12 -24.02 26.64
C LYS G 99 -13.64 -23.70 26.76
N VAL G 100 -12.77 -24.40 26.03
CA VAL G 100 -11.32 -24.31 26.24
C VAL G 100 -10.67 -23.60 25.04
N VAL G 101 -9.84 -22.61 25.33
CA VAL G 101 -8.96 -22.03 24.33
C VAL G 101 -7.75 -22.97 24.23
N LEU G 102 -7.66 -23.70 23.12
CA LEU G 102 -6.68 -24.76 22.96
C LEU G 102 -5.45 -24.25 22.21
N ALA G 103 -4.29 -24.34 22.84
CA ALA G 103 -3.04 -23.88 22.24
C ALA G 103 -2.07 -25.05 22.10
N THR G 104 -1.46 -25.18 20.92
CA THR G 104 -0.38 -26.17 20.76
C THR G 104 0.73 -25.52 19.93
N LYS G 105 1.68 -26.34 19.46
CA LYS G 105 2.96 -25.80 18.98
C LYS G 105 3.48 -26.60 17.80
N VAL G 106 4.24 -25.90 16.96
CA VAL G 106 4.99 -26.47 15.84
C VAL G 106 6.41 -25.91 15.92
N TYR G 107 7.40 -26.73 15.53
CA TYR G 107 8.84 -26.46 15.40
C TYR G 107 9.60 -27.73 15.78
N GLY G 108 9.13 -28.45 16.80
CA GLY G 108 9.91 -29.51 17.39
C GLY G 108 9.96 -30.75 16.53
N ASN G 109 10.99 -31.54 16.77
CA ASN G 109 11.16 -32.82 16.08
C ASN G 109 10.31 -33.88 16.77
N MET G 110 9.42 -34.51 16.02
CA MET G 110 8.56 -35.56 16.53
C MET G 110 9.22 -36.94 16.54
N GLY G 111 10.43 -37.07 15.98
CA GLY G 111 11.16 -38.32 16.00
C GLY G 111 11.95 -38.49 17.28
N LEU G 112 12.74 -39.57 17.32
CA LEU G 112 13.53 -39.80 18.53
C LEU G 112 14.88 -39.11 18.42
N ASP G 113 15.89 -39.64 19.11
CA ASP G 113 17.19 -38.98 19.22
C ASP G 113 17.79 -38.67 17.87
N GLY G 114 18.60 -37.62 17.84
CA GLY G 114 19.37 -37.29 16.66
C GLY G 114 18.71 -36.19 15.85
N PRO G 115 19.40 -35.75 14.80
CA PRO G 115 18.86 -34.67 13.97
C PRO G 115 17.58 -35.12 13.31
N ALA G 116 16.65 -34.18 13.18
CA ALA G 116 15.44 -34.47 12.42
C ALA G 116 15.80 -34.65 10.94
N TRP G 117 15.00 -35.47 10.27
CA TRP G 117 15.02 -35.46 8.83
C TRP G 117 14.73 -34.03 8.35
N PRO G 118 15.39 -33.55 7.30
CA PRO G 118 15.18 -32.17 6.84
C PRO G 118 13.69 -31.86 6.70
N ASN G 119 13.28 -30.71 7.24
CA ASN G 119 11.93 -30.19 7.12
C ASN G 119 10.92 -30.98 7.94
N HIS G 120 11.38 -31.86 8.82
CA HIS G 120 10.49 -32.47 9.81
C HIS G 120 10.62 -31.81 11.16
N ASP G 121 11.37 -30.71 11.24
CA ASP G 121 11.31 -29.76 12.33
C ASP G 121 11.36 -28.35 11.75
N LYS G 122 11.40 -27.34 12.64
CA LYS G 122 11.48 -25.93 12.26
C LYS G 122 10.21 -25.43 11.58
N LEU G 123 10.27 -24.25 10.93
CA LEU G 123 9.05 -23.53 10.56
C LEU G 123 8.87 -23.35 9.05
N SER G 124 9.47 -24.20 8.22
CA SER G 124 9.14 -24.19 6.81
C SER G 124 7.64 -24.41 6.62
N ALA G 125 7.09 -23.76 5.60
CA ALA G 125 5.71 -24.06 5.22
C ALA G 125 5.47 -25.55 5.09
N LEU G 126 6.48 -26.30 4.63
CA LEU G 126 6.34 -27.75 4.54
C LEU G 126 6.10 -28.38 5.91
N ASN G 127 6.96 -28.05 6.90
CA ASN G 127 6.75 -28.65 8.22
C ASN G 127 5.49 -28.12 8.89
N ILE G 128 5.12 -26.85 8.66
CA ILE G 128 3.88 -26.35 9.25
C ILE G 128 2.70 -27.17 8.77
N ARG G 129 2.62 -27.45 7.46
CA ARG G 129 1.50 -28.22 6.90
C ARG G 129 1.39 -29.60 7.54
N ARG G 130 2.49 -30.37 7.53
CA ARG G 130 2.41 -31.72 8.09
C ARG G 130 2.21 -31.70 9.61
N SER G 131 2.76 -30.70 10.31
CA SER G 131 2.67 -30.73 11.77
C SER G 131 1.26 -30.41 12.24
N VAL G 132 0.59 -29.47 11.58
CA VAL G 132 -0.73 -29.09 12.08
C VAL G 132 -1.71 -30.23 11.88
N ASP G 133 -1.59 -30.95 10.77
CA ASP G 133 -2.53 -32.03 10.50
C ASP G 133 -2.36 -33.16 11.50
N ALA G 134 -1.12 -33.45 11.90
CA ALA G 134 -0.87 -34.48 12.91
C ALA G 134 -1.36 -34.05 14.29
N SER G 135 -1.21 -32.76 14.63
CA SER G 135 -1.72 -32.28 15.92
C SER G 135 -3.24 -32.31 15.95
N LEU G 136 -3.89 -31.90 14.87
CA LEU G 136 -5.35 -31.94 14.80
C LEU G 136 -5.88 -33.36 14.96
N LYS G 137 -5.19 -34.33 14.34
CA LYS G 137 -5.61 -35.72 14.46
C LYS G 137 -5.45 -36.22 15.89
N ARG G 138 -4.29 -35.98 16.51
CA ARG G 138 -4.09 -36.44 17.88
C ARG G 138 -5.06 -35.77 18.85
N LEU G 139 -5.30 -34.47 18.67
CA LEU G 139 -6.21 -33.75 19.54
C LEU G 139 -7.67 -34.11 19.29
N GLY G 140 -7.99 -34.76 18.18
CA GLY G 140 -9.39 -35.05 17.90
C GLY G 140 -10.25 -33.81 17.78
N THR G 141 -9.76 -32.80 17.08
CA THR G 141 -10.53 -31.57 16.89
C THR G 141 -10.27 -31.07 15.47
N ASP G 142 -11.19 -30.25 14.97
CA ASP G 142 -11.01 -29.69 13.63
C ASP G 142 -10.33 -28.33 13.64
N HIS G 143 -10.03 -27.77 14.80
CA HIS G 143 -9.33 -26.50 14.82
C HIS G 143 -8.54 -26.34 16.11
N ILE G 144 -7.43 -25.62 15.99
CA ILE G 144 -6.59 -25.20 17.12
C ILE G 144 -6.83 -23.71 17.34
N ASP G 145 -7.09 -23.30 18.57
CA ASP G 145 -7.37 -21.88 18.80
C ASP G 145 -6.11 -21.03 18.69
N LEU G 146 -5.01 -21.47 19.30
CA LEU G 146 -3.77 -20.68 19.31
C LEU G 146 -2.63 -21.59 18.88
N TYR G 147 -2.14 -21.39 17.65
CA TYR G 147 -1.09 -22.25 17.12
C TYR G 147 0.21 -21.48 17.24
N GLN G 148 1.16 -22.03 18.01
CA GLN G 148 2.33 -21.29 18.43
C GLN G 148 3.60 -21.83 17.80
N PHE G 149 4.48 -20.93 17.36
CA PHE G 149 5.86 -21.32 17.06
C PHE G 149 6.58 -21.63 18.36
N HIS G 150 7.15 -22.84 18.46
CA HIS G 150 7.78 -23.28 19.70
C HIS G 150 9.09 -22.54 19.96
N HIS G 151 9.71 -22.00 18.91
CA HIS G 151 11.00 -21.35 18.98
C HIS G 151 11.15 -20.51 17.72
N VAL G 152 11.92 -19.42 17.81
CA VAL G 152 12.27 -18.69 16.59
C VAL G 152 13.02 -19.63 15.66
N ASP G 153 12.69 -19.56 14.36
CA ASP G 153 13.44 -20.26 13.32
C ASP G 153 14.09 -19.19 12.46
N ARG G 154 15.38 -18.95 12.69
CA ARG G 154 16.07 -17.89 11.98
C ARG G 154 16.21 -18.14 10.48
N ASP G 155 15.95 -19.37 10.02
CA ASP G 155 16.13 -19.69 8.61
C ASP G 155 14.87 -19.57 7.77
N THR G 156 13.70 -19.29 8.37
CA THR G 156 12.45 -19.15 7.61
C THR G 156 12.01 -17.68 7.64
N PRO G 157 11.83 -17.05 6.48
CA PRO G 157 11.40 -15.65 6.44
C PRO G 157 9.92 -15.50 6.76
N TRP G 158 9.56 -14.29 7.18
CA TRP G 158 8.20 -14.11 7.69
C TRP G 158 7.15 -14.20 6.59
N ASP G 159 7.49 -13.87 5.33
CA ASP G 159 6.46 -14.01 4.30
C ASP G 159 6.13 -15.47 4.02
N GLU G 160 7.11 -16.37 4.20
CA GLU G 160 6.80 -17.81 4.11
C GLU G 160 5.94 -18.26 5.29
N ILE G 161 6.31 -17.84 6.51
CA ILE G 161 5.54 -18.24 7.69
C ILE G 161 4.11 -17.74 7.58
N TRP G 162 3.92 -16.46 7.24
CA TRP G 162 2.55 -15.94 7.24
C TRP G 162 1.74 -16.51 6.10
N GLN G 163 2.38 -16.86 4.97
CA GLN G 163 1.66 -17.64 3.95
C GLN G 163 1.09 -18.91 4.56
N ALA G 164 1.94 -19.69 5.23
CA ALA G 164 1.50 -20.99 5.75
C ALA G 164 0.40 -20.81 6.79
N MET G 165 0.57 -19.85 7.71
CA MET G 165 -0.45 -19.64 8.73
C MET G 165 -1.74 -19.13 8.11
N ASP G 166 -1.64 -18.25 7.10
CA ASP G 166 -2.85 -17.73 6.49
C ASP G 166 -3.64 -18.81 5.77
N VAL G 167 -2.95 -19.78 5.16
CA VAL G 167 -3.66 -20.92 4.58
C VAL G 167 -4.52 -21.59 5.64
N LEU G 168 -3.96 -21.80 6.83
CA LEU G 168 -4.69 -22.48 7.90
C LEU G 168 -5.82 -21.62 8.45
N VAL G 169 -5.58 -20.32 8.62
CA VAL G 169 -6.63 -19.43 9.09
C VAL G 169 -7.83 -19.49 8.13
N ARG G 170 -7.54 -19.39 6.83
CA ARG G 170 -8.63 -19.35 5.88
C ARG G 170 -9.30 -20.71 5.66
N GLN G 171 -8.63 -21.81 6.00
CA GLN G 171 -9.30 -23.10 5.99
C GLN G 171 -10.05 -23.38 7.30
N GLY G 172 -9.92 -22.52 8.30
CA GLY G 172 -10.56 -22.76 9.56
C GLY G 172 -9.82 -23.70 10.50
N LYS G 173 -8.58 -24.08 10.16
CA LYS G 173 -7.86 -25.03 11.01
C LYS G 173 -7.22 -24.38 12.22
N ILE G 174 -6.90 -23.08 12.15
CA ILE G 174 -6.45 -22.33 13.31
C ILE G 174 -7.17 -20.99 13.35
N LEU G 175 -7.16 -20.37 14.54
CA LEU G 175 -7.73 -19.04 14.73
C LEU G 175 -6.64 -17.99 14.89
N TYR G 176 -5.76 -18.18 15.87
CA TYR G 176 -4.75 -17.21 16.25
C TYR G 176 -3.36 -17.83 16.13
N VAL G 177 -2.35 -16.98 15.96
CA VAL G 177 -0.95 -17.39 15.90
C VAL G 177 -0.22 -16.74 17.06
N GLY G 178 0.66 -17.52 17.71
CA GLY G 178 1.46 -17.00 18.80
C GLY G 178 2.89 -17.48 18.66
N SER G 179 3.79 -16.80 19.39
CA SER G 179 5.21 -17.13 19.38
C SER G 179 5.62 -17.73 20.72
N SER G 180 6.75 -18.43 20.72
CA SER G 180 7.36 -18.83 21.98
C SER G 180 8.87 -18.80 21.77
N ASN G 181 9.62 -18.40 22.79
CA ASN G 181 11.08 -18.31 22.72
C ASN G 181 11.50 -17.51 21.48
N PHE G 182 10.95 -16.30 21.39
CA PHE G 182 11.37 -15.29 20.43
C PHE G 182 12.24 -14.25 21.13
N ALA G 183 13.07 -13.58 20.36
CA ALA G 183 13.62 -12.32 20.84
C ALA G 183 12.61 -11.20 20.59
N GLY G 184 12.77 -10.09 21.31
CA GLY G 184 11.86 -8.97 21.10
C GLY G 184 11.80 -8.52 19.65
N TRP G 185 12.95 -8.51 18.97
CA TRP G 185 12.96 -8.02 17.60
C TRP G 185 12.27 -8.99 16.63
N ASN G 186 12.25 -10.29 16.95
CA ASN G 186 11.45 -11.22 16.13
C ASN G 186 9.96 -10.92 16.25
N ILE G 187 9.49 -10.56 17.45
CA ILE G 187 8.09 -10.18 17.61
C ILE G 187 7.76 -8.97 16.75
N ALA G 188 8.61 -7.94 16.83
CA ALA G 188 8.40 -6.74 16.02
C ALA G 188 8.39 -7.06 14.53
N GLN G 189 9.37 -7.82 14.06
CA GLN G 189 9.44 -8.11 12.62
C GLN G 189 8.26 -8.94 12.16
N ALA G 190 7.85 -9.92 12.98
CA ALA G 190 6.69 -10.75 12.63
C ALA G 190 5.42 -9.93 12.50
N ASN G 191 5.13 -9.09 13.49
CA ASN G 191 3.85 -8.37 13.43
C ASN G 191 3.88 -7.20 12.45
N GLU G 192 5.03 -6.55 12.24
CA GLU G 192 5.07 -5.53 11.21
C GLU G 192 4.85 -6.15 9.84
N THR G 193 5.44 -7.33 9.59
CA THR G 193 5.25 -8.01 8.31
C THR G 193 3.79 -8.39 8.11
N ALA G 194 3.17 -8.96 9.14
CA ALA G 194 1.74 -9.30 9.06
C ALA G 194 0.89 -8.07 8.80
N ALA G 195 1.13 -6.99 9.54
CA ALA G 195 0.32 -5.78 9.42
C ALA G 195 0.40 -5.17 8.01
N ARG G 196 1.54 -5.33 7.32
CA ARG G 196 1.69 -4.83 5.96
C ARG G 196 0.57 -5.29 5.05
N HIS G 197 0.09 -6.50 5.25
CA HIS G 197 -0.86 -7.13 4.34
C HIS G 197 -2.14 -7.51 5.07
N GLY G 198 -2.46 -6.77 6.13
CA GLY G 198 -3.75 -6.85 6.77
C GLY G 198 -3.91 -7.96 7.78
N ARG G 199 -2.96 -8.88 7.85
CA ARG G 199 -3.11 -10.08 8.69
C ARG G 199 -2.92 -9.78 10.17
N LEU G 200 -3.70 -10.48 10.99
CA LEU G 200 -3.54 -10.40 12.44
C LEU G 200 -2.20 -10.98 12.82
N GLY G 201 -1.41 -10.27 13.62
CA GLY G 201 -0.08 -10.74 13.93
C GLY G 201 -0.05 -11.79 15.02
N LEU G 202 1.14 -11.98 15.58
CA LEU G 202 1.26 -12.75 16.82
C LEU G 202 0.36 -12.13 17.88
N VAL G 203 -0.39 -12.98 18.59
CA VAL G 203 -1.26 -12.50 19.65
C VAL G 203 -0.67 -12.72 21.03
N SER G 204 0.39 -13.52 21.17
CA SER G 204 0.98 -13.78 22.46
C SER G 204 2.40 -14.28 22.25
N GLU G 205 3.25 -14.04 23.24
CA GLU G 205 4.58 -14.63 23.33
C GLU G 205 4.64 -15.49 24.58
N GLN G 206 5.13 -16.72 24.42
CA GLN G 206 5.25 -17.67 25.53
C GLN G 206 6.74 -17.74 25.84
N CYS G 207 7.16 -17.08 26.92
CA CYS G 207 8.58 -16.94 27.20
C CYS G 207 8.89 -17.43 28.61
N LEU G 208 10.14 -17.86 28.79
CA LEU G 208 10.62 -18.21 30.13
C LEU G 208 10.71 -16.97 30.97
N TYR G 209 10.04 -16.98 32.13
CA TYR G 209 10.03 -15.82 33.01
C TYR G 209 9.58 -16.28 34.38
N ASN G 210 10.37 -15.95 35.38
CA ASN G 210 10.09 -16.33 36.77
C ASN G 210 11.12 -15.61 37.63
N LEU G 211 11.07 -15.87 38.93
CA LEU G 211 11.95 -15.15 39.84
C LEU G 211 13.42 -15.38 39.50
N CYS G 212 13.77 -16.60 39.08
CA CYS G 212 15.15 -16.96 38.80
C CYS G 212 15.65 -16.33 37.51
N GLU G 213 14.81 -16.37 36.46
CA GLU G 213 15.23 -15.96 35.12
C GLU G 213 14.36 -14.77 34.72
N ARG G 214 14.93 -13.57 34.78
CA ARG G 214 14.18 -12.34 34.57
C ARG G 214 14.63 -11.60 33.31
N ARG G 215 15.49 -12.20 32.49
CA ARG G 215 16.05 -11.41 31.40
C ARG G 215 15.10 -11.24 30.21
N ALA G 216 13.94 -11.90 30.23
CA ALA G 216 12.89 -11.51 29.31
C ALA G 216 12.48 -10.05 29.50
N GLU G 217 12.82 -9.46 30.65
CA GLU G 217 12.50 -8.05 30.92
C GLU G 217 13.27 -7.09 30.02
N MET G 218 14.41 -7.50 29.47
CA MET G 218 15.26 -6.56 28.74
C MET G 218 14.57 -6.09 27.47
N GLU G 219 14.04 -7.04 26.70
CA GLU G 219 13.47 -6.73 25.38
C GLU G 219 12.26 -7.56 25.01
N VAL G 220 12.17 -8.83 25.42
CA VAL G 220 11.06 -9.66 24.98
C VAL G 220 9.74 -9.10 25.50
N VAL G 221 9.66 -8.87 26.81
CA VAL G 221 8.41 -8.39 27.39
C VAL G 221 8.16 -6.95 26.91
N PRO G 222 9.15 -6.05 26.88
CA PRO G 222 8.87 -4.71 26.31
C PRO G 222 8.33 -4.75 24.88
N ALA G 223 8.93 -5.56 24.01
CA ALA G 223 8.43 -5.65 22.64
C ALA G 223 7.02 -6.22 22.61
N ALA G 224 6.78 -7.28 23.40
CA ALA G 224 5.43 -7.83 23.46
C ALA G 224 4.42 -6.76 23.84
N ARG G 225 4.75 -5.96 24.85
CA ARG G 225 3.81 -4.94 25.29
C ARG G 225 3.58 -3.88 24.23
N GLU G 226 4.65 -3.44 23.56
CA GLU G 226 4.49 -2.45 22.49
C GLU G 226 3.57 -2.96 21.39
N TYR G 227 3.71 -4.22 20.99
CA TYR G 227 2.89 -4.78 19.92
C TYR G 227 1.59 -5.40 20.41
N GLY G 228 1.28 -5.27 21.70
CA GLY G 228 0.03 -5.76 22.24
C GLY G 228 -0.11 -7.26 22.19
N LEU G 229 0.95 -8.00 22.44
CA LEU G 229 0.87 -9.44 22.62
C LEU G 229 0.58 -9.77 24.07
N GLY G 230 -0.21 -10.82 24.30
CA GLY G 230 -0.17 -11.46 25.60
C GLY G 230 1.22 -11.97 25.92
N VAL G 231 1.52 -12.11 27.22
CA VAL G 231 2.78 -12.70 27.67
C VAL G 231 2.41 -13.80 28.65
N ILE G 232 2.71 -15.06 28.30
CA ILE G 232 2.42 -16.19 29.16
C ILE G 232 3.73 -16.89 29.51
N ALA G 233 3.98 -17.06 30.81
CA ALA G 233 5.31 -17.41 31.29
C ALA G 233 5.40 -18.92 31.47
N TRP G 234 6.29 -19.55 30.71
CA TRP G 234 6.48 -20.98 30.87
C TRP G 234 7.52 -21.25 31.97
N SER G 235 7.49 -22.49 32.50
CA SER G 235 8.20 -22.87 33.73
C SER G 235 8.18 -21.74 34.74
N PRO G 236 7.00 -21.38 35.27
CA PRO G 236 6.93 -20.26 36.21
C PRO G 236 7.56 -20.56 37.58
N LEU G 237 7.86 -21.81 37.87
CA LEU G 237 8.63 -22.17 39.06
C LEU G 237 10.06 -22.58 38.70
N HIS G 238 10.50 -22.25 37.48
CA HIS G 238 11.81 -22.64 36.98
C HIS G 238 12.00 -24.15 37.06
N GLY G 239 11.00 -24.88 36.57
CA GLY G 239 11.09 -26.32 36.53
C GLY G 239 10.88 -26.99 37.86
N GLY G 240 10.16 -26.35 38.77
CA GLY G 240 10.00 -26.86 40.13
C GLY G 240 10.98 -26.30 41.12
N LEU G 241 12.04 -25.64 40.65
CA LEU G 241 13.05 -25.11 41.57
C LEU G 241 12.42 -24.23 42.65
N LEU G 242 11.45 -23.41 42.28
CA LEU G 242 10.85 -22.44 43.18
C LEU G 242 9.66 -23.00 43.96
N GLY G 243 9.44 -24.30 43.91
CA GLY G 243 8.26 -24.84 44.56
C GLY G 243 8.54 -25.50 45.91
N GLY G 244 9.65 -25.14 46.55
CA GLY G 244 10.07 -25.82 47.77
C GLY G 244 11.02 -26.97 47.56
N ALA G 245 11.79 -26.96 46.46
CA ALA G 245 12.61 -28.12 46.11
C ALA G 245 13.66 -28.45 47.16
N ILE G 246 14.20 -27.46 47.88
CA ILE G 246 15.19 -27.78 48.90
C ILE G 246 14.53 -28.52 50.06
N ARG G 247 13.43 -27.96 50.60
CA ARG G 247 12.67 -28.65 51.64
C ARG G 247 12.29 -30.06 51.21
N LYS G 248 11.87 -30.23 49.97
CA LYS G 248 11.43 -31.54 49.52
C LYS G 248 12.57 -32.51 49.26
N GLU G 249 13.80 -32.02 49.12
CA GLU G 249 14.94 -32.90 48.84
C GLU G 249 15.11 -33.93 49.96
N GLN G 250 14.88 -33.52 51.20
CA GLN G 250 15.06 -34.41 52.34
C GLN G 250 13.93 -35.40 52.47
N GLU G 251 12.70 -34.98 52.18
CA GLU G 251 11.53 -35.85 52.22
C GLU G 251 11.32 -36.62 50.92
N GLY G 252 12.17 -36.43 49.93
CA GLY G 252 12.04 -37.18 48.68
C GLY G 252 10.83 -36.81 47.86
N GLY G 253 10.34 -35.58 47.97
CA GLY G 253 9.16 -35.18 47.24
C GLY G 253 9.37 -34.70 45.81
N ASN G 254 10.61 -34.56 45.36
CA ASN G 254 10.89 -33.92 44.08
C ASN G 254 10.75 -34.91 42.94
N ARG G 255 10.04 -34.49 41.88
CA ARG G 255 9.98 -35.26 40.64
C ARG G 255 10.57 -34.44 39.49
N ARG G 256 9.78 -33.52 38.92
CA ARG G 256 10.34 -32.63 37.90
C ARG G 256 11.48 -31.82 38.48
N ALA G 257 11.38 -31.43 39.76
CA ALA G 257 12.42 -30.62 40.37
C ALA G 257 13.72 -31.38 40.58
N ALA G 258 13.72 -32.70 40.38
CA ALA G 258 14.92 -33.50 40.54
C ALA G 258 15.75 -33.56 39.27
N SER G 259 15.24 -33.05 38.14
CA SER G 259 15.94 -33.08 36.86
C SER G 259 15.99 -31.68 36.26
N GLY G 260 16.72 -31.59 35.16
CA GLY G 260 16.68 -30.41 34.32
C GLY G 260 17.10 -29.15 35.03
N ARG G 261 16.45 -28.05 34.64
CA ARG G 261 16.76 -26.71 35.14
C ARG G 261 16.87 -26.67 36.66
N ALA G 262 15.93 -27.31 37.36
CA ALA G 262 15.93 -27.25 38.82
C ALA G 262 17.14 -27.97 39.40
N ALA G 263 17.43 -29.18 38.90
CA ALA G 263 18.58 -29.93 39.40
C ALA G 263 19.88 -29.16 39.13
N ASP G 264 20.05 -28.65 37.92
CA ASP G 264 21.26 -27.90 37.61
C ASP G 264 21.46 -26.73 38.57
N ALA G 265 20.39 -26.00 38.87
CA ALA G 265 20.53 -24.85 39.76
C ALA G 265 20.89 -25.27 41.18
N LEU G 266 20.35 -26.40 41.64
CA LEU G 266 20.64 -26.81 43.01
C LEU G 266 22.06 -27.34 43.19
N LYS G 267 22.71 -27.76 42.10
CA LYS G 267 24.12 -28.17 42.13
C LYS G 267 25.05 -26.96 42.10
N ASP G 268 24.58 -25.81 41.65
CA ASP G 268 25.39 -24.61 41.67
C ASP G 268 25.32 -23.97 43.05
N PRO G 269 26.44 -23.78 43.73
CA PRO G 269 26.39 -23.25 45.10
C PRO G 269 25.69 -21.91 45.22
N GLN G 270 25.91 -20.99 44.27
CA GLN G 270 25.33 -19.66 44.40
C GLN G 270 23.81 -19.68 44.19
N GLN G 271 23.32 -20.46 43.21
CA GLN G 271 21.88 -20.52 43.00
C GLN G 271 21.21 -21.26 44.16
N ARG G 272 21.81 -22.35 44.63
CA ARG G 272 21.27 -23.04 45.78
C ARG G 272 21.16 -22.11 46.98
N GLU G 273 22.19 -21.30 47.21
CA GLU G 273 22.15 -20.30 48.26
C GLU G 273 20.99 -19.33 48.08
N GLN G 274 20.75 -18.93 46.83
CA GLN G 274 19.62 -18.05 46.52
C GLN G 274 18.29 -18.71 46.87
N ILE G 275 18.09 -19.95 46.42
CA ILE G 275 16.85 -20.67 46.68
C ILE G 275 16.68 -20.94 48.18
N GLN G 276 17.78 -21.18 48.90
CA GLN G 276 17.68 -21.43 50.33
C GLN G 276 17.22 -20.18 51.07
N ARG G 277 17.78 -19.03 50.69
CA ARG G 277 17.32 -17.76 51.25
C ARG G 277 15.85 -17.52 50.94
N TYR G 278 15.39 -17.95 49.77
CA TYR G 278 13.98 -17.81 49.38
C TYR G 278 13.09 -18.65 50.28
N GLU G 279 13.38 -19.95 50.38
CA GLU G 279 12.56 -20.82 51.22
C GLU G 279 12.58 -20.38 52.68
N ASP G 280 13.72 -19.85 53.15
CA ASP G 280 13.80 -19.37 54.52
C ASP G 280 12.93 -18.13 54.71
N LEU G 281 12.96 -17.20 53.76
CA LEU G 281 12.12 -16.02 53.84
C LEU G 281 10.65 -16.40 53.93
N LEU G 282 10.23 -17.39 53.14
CA LEU G 282 8.82 -17.76 53.10
C LEU G 282 8.42 -18.59 54.31
N ASP G 283 9.37 -19.29 54.92
CA ASP G 283 9.12 -19.91 56.22
C ASP G 283 8.76 -18.86 57.25
N LYS G 284 9.56 -17.79 57.34
CA LYS G 284 9.27 -16.71 58.28
C LYS G 284 7.92 -16.08 58.01
N HIS G 285 7.58 -15.87 56.74
CA HIS G 285 6.32 -15.21 56.40
C HIS G 285 5.14 -16.17 56.37
N GLY G 286 5.36 -17.46 56.56
CA GLY G 286 4.28 -18.43 56.52
C GLY G 286 3.62 -18.61 55.16
N LEU G 287 4.39 -18.50 54.08
CA LEU G 287 3.86 -18.63 52.73
C LEU G 287 4.44 -19.85 52.03
N GLU G 288 3.68 -20.39 51.07
CA GLU G 288 4.10 -21.56 50.30
C GLU G 288 4.95 -21.11 49.09
N PRO G 289 6.10 -21.77 48.85
CA PRO G 289 7.03 -21.24 47.81
C PRO G 289 6.47 -21.26 46.40
N GLY G 290 5.82 -22.33 45.98
CA GLY G 290 5.23 -22.35 44.65
C GLY G 290 4.18 -21.27 44.47
N GLU G 291 3.34 -21.07 45.49
CA GLU G 291 2.28 -20.08 45.37
C GLU G 291 2.85 -18.67 45.26
N VAL G 292 3.91 -18.38 46.01
CA VAL G 292 4.50 -17.05 45.97
C VAL G 292 5.12 -16.77 44.60
N ALA G 293 5.77 -17.78 44.01
CA ALA G 293 6.42 -17.56 42.72
C ALA G 293 5.39 -17.31 41.63
N LEU G 294 4.26 -18.02 41.67
CA LEU G 294 3.17 -17.75 40.73
C LEU G 294 2.57 -16.37 40.98
N ALA G 295 2.28 -16.07 42.25
CA ALA G 295 1.71 -14.76 42.60
C ALA G 295 2.65 -13.65 42.18
N TRP G 296 3.96 -13.87 42.31
CA TRP G 296 4.91 -12.84 41.91
C TRP G 296 4.74 -12.51 40.43
N LEU G 297 4.61 -13.55 39.59
CA LEU G 297 4.46 -13.32 38.14
C LEU G 297 3.20 -12.52 37.85
N LEU G 298 2.12 -12.79 38.57
CA LEU G 298 0.85 -12.09 38.36
C LEU G 298 0.96 -10.60 38.65
N THR G 299 2.00 -10.15 39.36
CA THR G 299 2.21 -8.73 39.60
C THR G 299 3.05 -8.04 38.53
N ARG G 300 3.57 -8.79 37.56
CA ARG G 300 4.55 -8.17 36.67
C ARG G 300 3.83 -7.49 35.51
N PRO G 301 4.11 -6.21 35.25
CA PRO G 301 3.42 -5.50 34.16
C PRO G 301 3.56 -6.22 32.81
N GLY G 302 2.44 -6.35 32.12
CA GLY G 302 2.39 -6.98 30.81
C GLY G 302 2.25 -8.49 30.83
N VAL G 303 2.39 -9.13 31.97
CA VAL G 303 2.29 -10.59 32.04
C VAL G 303 0.82 -10.98 32.10
N THR G 304 0.35 -11.69 31.08
CA THR G 304 -1.01 -12.23 31.13
C THR G 304 -1.15 -13.16 32.32
N GLY G 305 -0.24 -14.13 32.43
CA GLY G 305 -0.21 -15.00 33.58
C GLY G 305 0.82 -16.10 33.41
N PRO G 306 1.07 -16.86 34.48
CA PRO G 306 1.95 -18.03 34.37
C PRO G 306 1.22 -19.21 33.73
N ILE G 307 1.98 -20.05 33.03
CA ILE G 307 1.48 -21.35 32.59
C ILE G 307 1.83 -22.33 33.70
N VAL G 308 0.84 -22.71 34.52
CA VAL G 308 1.13 -23.56 35.66
C VAL G 308 1.44 -24.97 35.19
N GLY G 309 2.32 -25.67 35.92
CA GLY G 309 2.74 -26.99 35.54
C GLY G 309 2.46 -28.03 36.61
N PRO G 310 1.18 -28.22 36.96
CA PRO G 310 0.86 -29.18 38.03
C PRO G 310 1.14 -30.60 37.59
N ARG G 311 1.75 -31.37 38.50
CA ARG G 311 1.84 -32.81 38.32
C ARG G 311 0.66 -33.53 38.96
N THR G 312 0.03 -32.91 39.95
CA THR G 312 -1.08 -33.50 40.69
C THR G 312 -2.22 -32.50 40.80
N ALA G 313 -3.42 -33.03 41.07
CA ALA G 313 -4.57 -32.17 41.33
C ALA G 313 -4.32 -31.23 42.51
N ASP G 314 -3.60 -31.71 43.53
CA ASP G 314 -3.27 -30.86 44.66
C ASP G 314 -2.41 -29.68 44.25
N GLN G 315 -1.46 -29.91 43.33
CA GLN G 315 -0.62 -28.81 42.88
C GLN G 315 -1.43 -27.80 42.06
N LEU G 316 -2.45 -28.26 41.36
CA LEU G 316 -3.37 -27.33 40.70
C LEU G 316 -4.14 -26.50 41.71
N ALA G 317 -4.70 -27.14 42.74
CA ALA G 317 -5.40 -26.40 43.79
C ALA G 317 -4.50 -25.36 44.41
N SER G 318 -3.23 -25.70 44.61
CA SER G 318 -2.25 -24.75 45.10
C SER G 318 -2.11 -23.55 44.15
N ALA G 319 -2.10 -23.81 42.84
CA ALA G 319 -1.98 -22.70 41.89
C ALA G 319 -3.20 -21.78 41.96
N VAL G 320 -4.39 -22.37 42.07
CA VAL G 320 -5.61 -21.58 42.21
C VAL G 320 -5.54 -20.68 43.45
N ARG G 321 -5.04 -21.22 44.56
CA ARG G 321 -4.85 -20.38 45.75
C ARG G 321 -3.86 -19.26 45.47
N ALA G 322 -2.79 -19.55 44.71
CA ALA G 322 -1.78 -18.53 44.42
C ALA G 322 -2.38 -17.35 43.66
N ALA G 323 -3.38 -17.62 42.81
CA ALA G 323 -4.05 -16.58 42.05
C ALA G 323 -4.89 -15.66 42.92
N GLU G 324 -5.18 -16.04 44.16
CA GLU G 324 -5.93 -15.23 45.10
C GLU G 324 -5.04 -14.57 46.14
N LEU G 325 -3.75 -14.88 46.14
CA LEU G 325 -2.80 -14.40 47.13
C LEU G 325 -2.44 -12.95 46.84
N THR G 326 -2.32 -12.15 47.89
CA THR G 326 -1.82 -10.78 47.77
C THR G 326 -0.49 -10.70 48.52
N LEU G 327 0.59 -10.57 47.78
CA LEU G 327 1.89 -10.40 48.41
C LEU G 327 2.03 -8.97 48.96
N THR G 328 2.60 -8.84 50.15
CA THR G 328 2.85 -7.53 50.74
C THR G 328 3.96 -6.80 50.00
N ASP G 329 3.96 -5.47 50.14
CA ASP G 329 5.05 -4.71 49.54
C ASP G 329 6.40 -5.10 50.14
N GLU G 330 6.39 -5.54 51.41
CA GLU G 330 7.62 -5.99 52.05
C GLU G 330 8.17 -7.25 51.39
N VAL G 331 7.30 -8.23 51.11
CA VAL G 331 7.77 -9.46 50.48
C VAL G 331 8.17 -9.21 49.04
N LEU G 332 7.38 -8.40 48.31
CA LEU G 332 7.73 -8.05 46.94
C LEU G 332 9.12 -7.42 46.87
N THR G 333 9.45 -6.55 47.83
CA THR G 333 10.77 -5.91 47.81
C THR G 333 11.86 -6.92 48.18
N ALA G 334 11.58 -7.82 49.14
CA ALA G 334 12.55 -8.84 49.49
C ALA G 334 12.83 -9.76 48.31
N LEU G 335 11.77 -10.21 47.63
CA LEU G 335 11.94 -11.05 46.44
C LEU G 335 12.75 -10.32 45.37
N ASP G 336 12.45 -9.05 45.14
CA ASP G 336 13.23 -8.27 44.18
C ASP G 336 14.70 -8.22 44.56
N GLU G 337 15.01 -8.22 45.85
CA GLU G 337 16.41 -8.10 46.27
C GLU G 337 17.14 -9.44 46.19
N ILE G 338 16.45 -10.54 46.49
CA ILE G 338 17.05 -11.86 46.35
C ILE G 338 17.22 -12.22 44.87
N PHE G 339 16.25 -11.86 44.04
CA PHE G 339 16.17 -12.27 42.63
C PHE G 339 16.09 -11.01 41.76
N PRO G 340 17.16 -10.23 41.68
CA PRO G 340 17.08 -8.99 40.89
C PRO G 340 16.89 -9.27 39.41
N GLY G 341 16.22 -8.34 38.73
CA GLY G 341 16.07 -8.38 37.31
C GLY G 341 16.81 -7.23 36.66
N PRO G 342 17.02 -7.29 35.34
CA PRO G 342 17.76 -6.20 34.68
C PRO G 342 16.94 -5.00 34.24
N GLY G 343 15.62 -5.10 34.17
CA GLY G 343 14.84 -4.06 33.55
C GLY G 343 15.08 -4.02 32.05
N PRO G 344 14.51 -3.03 31.37
CA PRO G 344 14.61 -2.98 29.90
C PRO G 344 15.98 -2.54 29.40
N SER G 345 16.32 -3.02 28.19
CA SER G 345 17.41 -2.44 27.42
C SER G 345 16.90 -1.15 26.78
N PRO G 346 17.79 -0.18 26.52
CA PRO G 346 19.24 -0.18 26.72
C PRO G 346 19.70 0.09 28.16
N GLU G 347 18.80 0.56 29.02
CA GLU G 347 19.22 0.94 30.38
C GLU G 347 19.87 -0.22 31.13
N ALA G 348 19.47 -1.46 30.79
CA ALA G 348 19.95 -2.63 31.51
C ALA G 348 21.45 -2.81 31.39
N PHE G 349 22.05 -2.42 30.27
CA PHE G 349 23.49 -2.56 30.11
C PHE G 349 24.20 -1.28 29.70
N ALA G 350 23.49 -0.21 29.30
CA ALA G 350 24.14 1.04 28.91
C ALA G 350 23.69 2.20 29.80
N TRP G 351 22.90 3.14 29.27
CA TRP G 351 22.25 4.16 30.11
C TRP G 351 20.83 4.48 29.61
N MET H 21 -25.35 36.16 -6.43
CA MET H 21 -24.60 35.11 -7.12
C MET H 21 -24.80 33.76 -6.42
N GLU H 22 -25.06 32.71 -7.19
CA GLU H 22 -25.19 31.35 -6.67
C GLU H 22 -23.82 30.67 -6.64
N TYR H 23 -23.49 30.05 -5.52
CA TYR H 23 -22.21 29.38 -5.33
C TYR H 23 -22.42 27.89 -5.14
N THR H 24 -21.34 27.12 -5.37
CA THR H 24 -21.39 25.67 -5.23
C THR H 24 -19.97 25.22 -4.93
N GLN H 25 -19.83 23.98 -4.45
CA GLN H 25 -18.51 23.40 -4.35
C GLN H 25 -18.06 22.95 -5.74
N LEU H 26 -16.75 23.02 -5.99
CA LEU H 26 -16.19 22.49 -7.23
C LEU H 26 -16.05 20.98 -7.08
N GLY H 27 -17.00 20.23 -7.62
CA GLY H 27 -17.02 18.81 -7.37
C GLY H 27 -16.94 18.52 -5.88
N ARG H 28 -16.07 17.58 -5.53
CA ARG H 28 -15.92 17.06 -4.18
C ARG H 28 -15.03 17.92 -3.30
N ILE H 29 -14.33 18.91 -3.85
CA ILE H 29 -13.28 19.55 -3.06
C ILE H 29 -13.83 20.73 -2.28
N GLY H 30 -12.99 21.29 -1.41
CA GLY H 30 -13.41 22.32 -0.47
C GLY H 30 -13.55 23.69 -1.07
N LEU H 31 -13.14 23.85 -2.32
CA LEU H 31 -13.18 25.15 -2.99
C LEU H 31 -14.61 25.50 -3.38
N LYS H 32 -15.06 26.69 -2.98
CA LYS H 32 -16.38 27.17 -3.32
C LYS H 32 -16.27 28.15 -4.47
N VAL H 33 -17.07 27.97 -5.53
CA VAL H 33 -16.95 28.84 -6.70
C VAL H 33 -18.31 29.39 -7.11
N SER H 34 -18.29 30.58 -7.72
CA SER H 34 -19.47 31.09 -8.41
C SER H 34 -19.87 30.13 -9.51
N ARG H 35 -21.18 29.95 -9.70
CA ARG H 35 -21.64 29.07 -10.76
C ARG H 35 -21.50 29.70 -12.14
N LEU H 36 -21.11 30.97 -12.20
CA LEU H 36 -20.59 31.57 -13.42
C LEU H 36 -19.08 31.63 -13.29
N VAL H 37 -18.37 31.06 -14.25
CA VAL H 37 -16.92 31.18 -14.32
C VAL H 37 -16.58 32.21 -15.39
N LEU H 38 -15.68 33.15 -15.06
CA LEU H 38 -15.33 34.20 -16.01
C LEU H 38 -14.24 33.70 -16.95
N GLY H 39 -14.59 33.52 -18.22
CA GLY H 39 -13.57 33.23 -19.21
C GLY H 39 -12.93 34.51 -19.70
N THR H 40 -11.65 34.40 -20.08
CA THR H 40 -10.85 35.57 -20.43
C THR H 40 -10.30 35.48 -21.85
N MET H 41 -10.71 34.49 -22.63
CA MET H 41 -10.11 34.24 -23.94
C MET H 41 -10.24 35.44 -24.86
N ASN H 42 -11.35 36.20 -24.71
CA ASN H 42 -11.59 37.40 -25.50
C ASN H 42 -10.64 38.54 -25.15
N PHE H 43 -10.04 38.50 -23.97
CA PHE H 43 -9.25 39.63 -23.48
C PHE H 43 -7.93 39.68 -24.24
N GLY H 44 -7.79 40.64 -25.15
CA GLY H 44 -6.63 40.69 -26.01
C GLY H 44 -6.99 40.72 -27.48
N PRO H 45 -7.32 39.56 -28.05
CA PRO H 45 -7.66 39.51 -29.48
C PRO H 45 -8.99 40.18 -29.83
N THR H 46 -9.91 40.28 -28.88
CA THR H 46 -11.26 40.77 -29.19
C THR H 46 -11.67 41.93 -28.29
N THR H 47 -11.36 41.85 -27.00
CA THR H 47 -11.65 42.90 -26.03
C THR H 47 -10.33 43.49 -25.56
N ASP H 48 -10.22 44.82 -25.57
CA ASP H 48 -8.94 45.44 -25.25
C ASP H 48 -8.72 45.50 -23.74
N GLU H 49 -7.53 45.97 -23.35
CA GLU H 49 -7.12 45.85 -21.95
C GLU H 49 -8.05 46.60 -21.01
N ALA H 50 -8.46 47.82 -21.39
CA ALA H 50 -9.29 48.62 -20.50
C ALA H 50 -10.67 47.99 -20.30
N GLU H 51 -11.31 47.51 -21.37
CA GLU H 51 -12.61 46.89 -21.22
C GLU H 51 -12.49 45.52 -20.53
N SER H 52 -11.40 44.80 -20.80
CA SER H 52 -11.13 43.56 -20.07
C SER H 52 -11.05 43.82 -18.56
N HIS H 53 -10.29 44.86 -18.16
CA HIS H 53 -10.25 45.21 -16.74
C HIS H 53 -11.62 45.59 -16.21
N ALA H 54 -12.39 46.36 -16.97
CA ALA H 54 -13.73 46.72 -16.51
C ALA H 54 -14.61 45.49 -16.34
N ILE H 55 -14.48 44.52 -17.23
CA ILE H 55 -15.28 43.29 -17.11
C ILE H 55 -14.89 42.54 -15.84
N MET H 56 -13.60 42.51 -15.51
CA MET H 56 -13.18 41.77 -14.33
C MET H 56 -13.60 42.48 -13.04
N ASP H 57 -13.54 43.82 -13.03
CA ASP H 57 -14.08 44.58 -11.92
C ASP H 57 -15.58 44.31 -11.75
N ALA H 58 -16.33 44.32 -12.85
CA ALA H 58 -17.75 44.02 -12.78
C ALA H 58 -17.98 42.58 -12.31
N ALA H 59 -17.16 41.63 -12.78
CA ALA H 59 -17.31 40.25 -12.33
C ALA H 59 -17.12 40.15 -10.82
N LEU H 60 -16.06 40.77 -10.30
CA LEU H 60 -15.85 40.75 -8.85
C LEU H 60 -17.02 41.39 -8.11
N ASP H 61 -17.50 42.53 -8.61
CA ASP H 61 -18.63 43.22 -8.00
C ASP H 61 -19.86 42.33 -7.93
N ALA H 62 -20.04 41.47 -8.93
CA ALA H 62 -21.18 40.57 -9.01
C ALA H 62 -20.99 39.30 -8.19
N GLY H 63 -19.86 39.13 -7.52
CA GLY H 63 -19.58 37.93 -6.77
C GLY H 63 -18.94 36.78 -7.53
N ILE H 64 -18.52 36.99 -8.78
CA ILE H 64 -17.79 35.96 -9.50
C ILE H 64 -16.35 35.91 -8.97
N ASN H 65 -15.94 34.75 -8.46
CA ASN H 65 -14.63 34.61 -7.84
C ASN H 65 -13.71 33.63 -8.60
N PHE H 66 -14.09 33.20 -9.80
CA PHE H 66 -13.47 32.07 -10.49
C PHE H 66 -13.19 32.51 -11.92
N PHE H 67 -11.90 32.75 -12.23
CA PHE H 67 -11.46 33.23 -13.55
C PHE H 67 -10.69 32.13 -14.28
N ASP H 68 -11.01 31.91 -15.55
CA ASP H 68 -10.31 30.95 -16.39
C ASP H 68 -9.52 31.64 -17.49
N THR H 69 -8.24 31.29 -17.62
CA THR H 69 -7.39 31.84 -18.68
C THR H 69 -6.52 30.70 -19.21
N ALA H 70 -5.54 31.04 -20.05
CA ALA H 70 -4.60 30.05 -20.58
C ALA H 70 -3.35 30.79 -21.01
N ASN H 71 -2.21 30.09 -21.00
CA ASN H 71 -0.99 30.74 -21.46
C ASN H 71 -1.09 31.15 -22.93
N VAL H 72 -1.74 30.32 -23.76
CA VAL H 72 -1.82 30.64 -25.19
C VAL H 72 -2.79 31.77 -25.53
N TYR H 73 -3.69 32.16 -24.61
CA TYR H 73 -4.69 33.16 -24.96
C TYR H 73 -4.03 34.49 -25.30
N GLY H 74 -4.54 35.14 -26.34
CA GLY H 74 -3.87 36.28 -26.93
C GLY H 74 -3.61 36.03 -28.39
N TRP H 75 -3.20 34.78 -28.70
CA TRP H 75 -3.10 34.21 -30.05
C TRP H 75 -1.90 34.70 -30.85
N GLY H 76 -1.38 33.84 -31.72
CA GLY H 76 -0.29 34.22 -32.61
C GLY H 76 0.89 34.82 -31.89
N GLU H 77 1.39 35.94 -32.41
CA GLU H 77 2.50 36.67 -31.80
C GLU H 77 2.16 37.20 -30.42
N ASN H 78 0.87 37.26 -30.07
CA ASN H 78 0.43 37.82 -28.81
C ASN H 78 0.03 36.75 -27.80
N LYS H 79 0.42 35.49 -28.02
CA LYS H 79 0.20 34.45 -27.01
C LYS H 79 0.83 34.90 -25.69
N GLY H 80 0.06 34.80 -24.62
CA GLY H 80 0.46 35.32 -23.33
C GLY H 80 -0.15 36.66 -22.98
N ARG H 81 -0.70 37.37 -23.96
CA ARG H 81 -1.26 38.70 -23.69
C ARG H 81 -2.37 38.64 -22.65
N THR H 82 -3.25 37.66 -22.75
CA THR H 82 -4.36 37.59 -21.80
C THR H 82 -3.85 37.47 -20.37
N GLU H 83 -2.89 36.56 -20.14
CA GLU H 83 -2.33 36.43 -18.81
C GLU H 83 -1.73 37.75 -18.35
N GLU H 84 -1.11 38.48 -19.29
CA GLU H 84 -0.54 39.79 -18.96
C GLU H 84 -1.63 40.79 -18.59
N ILE H 85 -2.76 40.74 -19.28
CA ILE H 85 -3.87 41.63 -18.96
C ILE H 85 -4.40 41.31 -17.56
N LEU H 86 -4.47 40.02 -17.22
CA LEU H 86 -4.85 39.69 -15.85
C LEU H 86 -3.78 40.17 -14.88
N GLY H 87 -2.51 40.08 -15.27
CA GLY H 87 -1.44 40.52 -14.37
C GLY H 87 -1.50 42.00 -14.05
N SER H 88 -1.82 42.82 -15.05
CA SER H 88 -1.92 44.25 -14.78
C SER H 88 -3.17 44.59 -13.96
N TRP H 89 -4.22 43.77 -14.09
CA TRP H 89 -5.41 43.92 -13.26
C TRP H 89 -5.11 43.62 -11.80
N PHE H 90 -4.46 42.48 -11.53
CA PHE H 90 -4.06 42.13 -10.16
C PHE H 90 -3.14 43.19 -9.57
N ALA H 91 -2.22 43.73 -10.38
CA ALA H 91 -1.24 44.70 -9.89
C ALA H 91 -1.89 45.97 -9.35
N GLN H 92 -3.14 46.25 -9.73
CA GLN H 92 -3.86 47.39 -9.18
C GLN H 92 -4.16 47.25 -7.69
N GLY H 93 -4.04 46.04 -7.15
CA GLY H 93 -4.31 45.81 -5.73
C GLY H 93 -5.79 45.69 -5.42
N GLY H 94 -6.22 46.23 -4.29
CA GLY H 94 -7.64 46.18 -3.95
C GLY H 94 -8.16 44.81 -3.64
N ASP H 95 -7.27 43.88 -3.24
CA ASP H 95 -7.59 42.52 -2.84
C ASP H 95 -8.05 41.64 -4.01
N ARG H 96 -7.82 42.09 -5.25
CA ARG H 96 -8.28 41.33 -6.42
C ARG H 96 -7.66 39.93 -6.45
N ARG H 97 -6.35 39.82 -6.27
CA ARG H 97 -5.72 38.50 -6.32
C ARG H 97 -6.22 37.61 -5.18
N ASP H 98 -6.34 38.16 -3.97
CA ASP H 98 -6.81 37.38 -2.83
C ASP H 98 -8.21 36.83 -3.05
N LYS H 99 -9.04 37.59 -3.76
CA LYS H 99 -10.44 37.22 -3.90
C LYS H 99 -10.70 36.21 -5.01
N VAL H 100 -9.79 36.09 -5.98
CA VAL H 100 -10.08 35.34 -7.18
C VAL H 100 -9.43 33.96 -7.13
N VAL H 101 -10.18 32.93 -7.52
CA VAL H 101 -9.64 31.62 -7.83
C VAL H 101 -9.11 31.67 -9.26
N LEU H 102 -7.79 31.68 -9.41
CA LEU H 102 -7.13 31.92 -10.69
C LEU H 102 -6.79 30.59 -11.34
N ALA H 103 -7.40 30.32 -12.49
CA ALA H 103 -7.09 29.12 -13.25
C ALA H 103 -6.38 29.47 -14.55
N THR H 104 -5.35 28.70 -14.89
CA THR H 104 -4.75 28.80 -16.23
C THR H 104 -4.40 27.38 -16.70
N LYS H 105 -3.64 27.28 -17.80
CA LYS H 105 -3.52 26.02 -18.52
C LYS H 105 -2.08 25.83 -19.03
N VAL H 106 -1.72 24.56 -19.19
CA VAL H 106 -0.47 24.13 -19.80
C VAL H 106 -0.82 23.05 -20.84
N TYR H 107 -0.09 23.05 -21.96
CA TYR H 107 -0.13 22.08 -23.06
C TYR H 107 0.26 22.78 -24.34
N GLY H 108 -0.26 23.99 -24.51
CA GLY H 108 -0.13 24.66 -25.79
C GLY H 108 1.27 25.16 -26.07
N ASN H 109 1.57 25.23 -27.37
CA ASN H 109 2.80 25.83 -27.87
C ASN H 109 2.78 27.34 -27.64
N MET H 110 3.79 27.86 -26.95
CA MET H 110 3.93 29.28 -26.70
C MET H 110 4.94 29.97 -27.63
N GLY H 111 5.59 29.20 -28.49
CA GLY H 111 6.47 29.75 -29.52
C GLY H 111 5.71 30.12 -30.77
N LEU H 112 6.46 30.32 -31.85
CA LEU H 112 5.84 30.62 -33.14
C LEU H 112 4.82 29.56 -33.53
N ASP H 113 3.60 30.01 -33.88
CA ASP H 113 2.58 29.07 -34.35
C ASP H 113 3.15 28.17 -35.44
N GLY H 114 2.68 26.93 -35.49
CA GLY H 114 3.27 25.93 -36.34
C GLY H 114 3.77 24.77 -35.51
N PRO H 115 4.46 23.81 -36.12
CA PRO H 115 4.95 22.66 -35.32
C PRO H 115 5.86 23.14 -34.21
N ALA H 116 5.54 22.74 -32.98
CA ALA H 116 6.33 23.15 -31.84
C ALA H 116 7.68 22.45 -31.82
N TRP H 117 8.67 23.13 -31.25
CA TRP H 117 9.92 22.46 -30.91
C TRP H 117 9.61 21.34 -29.91
N PRO H 118 10.27 20.18 -29.99
CA PRO H 118 9.93 19.08 -29.08
C PRO H 118 9.96 19.50 -27.63
N ASN H 119 8.91 19.12 -26.91
CA ASN H 119 8.76 19.36 -25.46
C ASN H 119 8.50 20.82 -25.17
N HIS H 120 8.18 21.63 -26.18
CA HIS H 120 7.68 22.98 -25.95
C HIS H 120 6.18 23.05 -26.13
N ASP H 121 5.53 21.90 -26.29
CA ASP H 121 4.10 21.72 -26.10
C ASP H 121 3.90 20.42 -25.34
N LYS H 122 2.63 20.07 -25.08
CA LYS H 122 2.21 18.83 -24.42
C LYS H 122 2.58 18.81 -22.93
N LEU H 123 2.55 17.63 -22.31
CA LEU H 123 2.52 17.55 -20.85
C LEU H 123 3.74 16.85 -20.25
N SER H 124 4.87 16.78 -20.97
CA SER H 124 6.13 16.35 -20.35
C SER H 124 6.37 17.13 -19.07
N ALA H 125 6.98 16.46 -18.09
CA ALA H 125 7.50 17.21 -16.95
C ALA H 125 8.35 18.39 -17.41
N LEU H 126 9.08 18.23 -18.51
CA LEU H 126 9.90 19.33 -19.01
C LEU H 126 9.03 20.53 -19.40
N ASN H 127 7.99 20.31 -20.19
CA ASN H 127 7.17 21.44 -20.61
C ASN H 127 6.34 21.99 -19.46
N ILE H 128 5.90 21.13 -18.53
CA ILE H 128 5.17 21.64 -17.37
C ILE H 128 6.02 22.63 -16.59
N ARG H 129 7.31 22.31 -16.40
CA ARG H 129 8.18 23.16 -15.59
C ARG H 129 8.34 24.54 -16.22
N ARG H 130 8.64 24.59 -17.52
CA ARG H 130 8.86 25.88 -18.17
C ARG H 130 7.55 26.65 -18.34
N SER H 131 6.44 25.94 -18.60
CA SER H 131 5.18 26.62 -18.85
C SER H 131 4.66 27.30 -17.60
N VAL H 132 4.83 26.68 -16.44
CA VAL H 132 4.26 27.28 -15.24
C VAL H 132 5.04 28.52 -14.83
N ASP H 133 6.37 28.51 -15.01
CA ASP H 133 7.16 29.67 -14.64
C ASP H 133 6.83 30.87 -15.52
N ALA H 134 6.59 30.62 -16.82
CA ALA H 134 6.22 31.70 -17.73
C ALA H 134 4.83 32.26 -17.39
N SER H 135 3.89 31.39 -17.01
CA SER H 135 2.55 31.86 -16.66
C SER H 135 2.58 32.68 -15.39
N LEU H 136 3.32 32.21 -14.38
CA LEU H 136 3.43 32.95 -13.12
C LEU H 136 4.02 34.35 -13.35
N LYS H 137 5.02 34.43 -14.23
CA LYS H 137 5.66 35.71 -14.52
C LYS H 137 4.70 36.67 -15.23
N ARG H 138 3.96 36.18 -16.24
CA ARG H 138 3.01 37.06 -16.93
C ARG H 138 1.87 37.47 -15.99
N LEU H 139 1.42 36.54 -15.14
CA LEU H 139 0.30 36.83 -14.27
C LEU H 139 0.70 37.69 -13.09
N GLY H 140 1.99 37.84 -12.84
CA GLY H 140 2.45 38.63 -11.71
C GLY H 140 1.98 38.09 -10.39
N THR H 141 1.95 36.76 -10.24
CA THR H 141 1.52 36.12 -9.01
C THR H 141 2.51 35.02 -8.66
N ASP H 142 2.58 34.68 -7.37
CA ASP H 142 3.46 33.61 -6.93
C ASP H 142 2.76 32.25 -6.88
N HIS H 143 1.48 32.16 -7.22
CA HIS H 143 0.82 30.87 -7.27
C HIS H 143 -0.36 30.91 -8.20
N ILE H 144 -0.65 29.76 -8.82
CA ILE H 144 -1.87 29.53 -9.58
C ILE H 144 -2.78 28.64 -8.75
N ASP H 145 -4.05 29.01 -8.64
CA ASP H 145 -4.93 28.20 -7.79
C ASP H 145 -5.33 26.90 -8.48
N LEU H 146 -5.68 26.96 -9.77
CA LEU H 146 -6.12 25.80 -10.52
C LEU H 146 -5.31 25.73 -11.81
N TYR H 147 -4.37 24.80 -11.87
CA TYR H 147 -3.52 24.61 -13.04
C TYR H 147 -4.07 23.45 -13.85
N GLN H 148 -4.50 23.72 -15.09
CA GLN H 148 -5.24 22.74 -15.88
C GLN H 148 -4.44 22.27 -17.09
N PHE H 149 -4.49 20.98 -17.32
CA PHE H 149 -4.07 20.46 -18.62
C PHE H 149 -5.05 20.92 -19.68
N HIS H 150 -4.53 21.54 -20.73
CA HIS H 150 -5.40 22.10 -21.75
C HIS H 150 -6.03 21.02 -22.61
N HIS H 151 -5.41 19.85 -22.67
CA HIS H 151 -5.82 18.75 -23.53
C HIS H 151 -5.14 17.50 -23.00
N VAL H 152 -5.77 16.35 -23.22
CA VAL H 152 -5.11 15.09 -22.88
C VAL H 152 -3.86 14.94 -23.73
N ASP H 153 -2.78 14.47 -23.12
CA ASP H 153 -1.56 14.10 -23.84
C ASP H 153 -1.38 12.59 -23.68
N ARG H 154 -1.75 11.83 -24.71
CA ARG H 154 -1.71 10.39 -24.65
C ARG H 154 -0.29 9.82 -24.56
N ASP H 155 0.75 10.64 -24.78
CA ASP H 155 2.13 10.14 -24.74
C ASP H 155 2.81 10.34 -23.39
N THR H 156 2.18 11.04 -22.45
CA THR H 156 2.79 11.24 -21.14
C THR H 156 2.07 10.43 -20.07
N PRO H 157 2.75 9.50 -19.38
CA PRO H 157 2.06 8.69 -18.37
C PRO H 157 1.78 9.48 -17.10
N TRP H 158 0.79 8.98 -16.34
CA TRP H 158 0.31 9.74 -15.20
C TRP H 158 1.29 9.76 -14.04
N ASP H 159 2.22 8.79 -13.93
CA ASP H 159 3.19 8.96 -12.84
C ASP H 159 4.18 10.08 -13.14
N GLU H 160 4.47 10.33 -14.41
CA GLU H 160 5.28 11.50 -14.76
C GLU H 160 4.50 12.79 -14.54
N ILE H 161 3.25 12.85 -15.00
CA ILE H 161 2.47 14.07 -14.81
C ILE H 161 2.30 14.39 -13.33
N TRP H 162 1.93 13.38 -12.52
CA TRP H 162 1.71 13.67 -11.11
C TRP H 162 3.01 14.00 -10.37
N GLN H 163 4.15 13.47 -10.83
CA GLN H 163 5.43 13.95 -10.27
C GLN H 163 5.58 15.44 -10.48
N ALA H 164 5.36 15.91 -11.71
CA ALA H 164 5.60 17.31 -12.03
C ALA H 164 4.65 18.22 -11.26
N MET H 165 3.37 17.84 -11.20
CA MET H 165 2.41 18.66 -10.47
C MET H 165 2.68 18.64 -8.97
N ASP H 166 3.09 17.49 -8.43
CA ASP H 166 3.38 17.43 -7.00
C ASP H 166 4.60 18.30 -6.64
N VAL H 167 5.59 18.38 -7.53
CA VAL H 167 6.69 19.33 -7.31
C VAL H 167 6.13 20.74 -7.13
N LEU H 168 5.20 21.12 -8.01
CA LEU H 168 4.64 22.47 -7.94
C LEU H 168 3.75 22.65 -6.71
N VAL H 169 3.00 21.61 -6.32
CA VAL H 169 2.15 21.73 -5.14
C VAL H 169 3.00 21.95 -3.89
N ARG H 170 4.09 21.17 -3.75
CA ARG H 170 4.89 21.28 -2.53
C ARG H 170 5.74 22.54 -2.53
N GLN H 171 6.05 23.08 -3.71
CA GLN H 171 6.71 24.38 -3.75
C GLN H 171 5.73 25.53 -3.50
N GLY H 172 4.42 25.28 -3.50
CA GLY H 172 3.44 26.33 -3.33
C GLY H 172 3.14 27.12 -4.59
N LYS H 173 3.58 26.65 -5.77
CA LYS H 173 3.32 27.37 -7.00
C LYS H 173 1.93 27.10 -7.56
N ILE H 174 1.33 25.95 -7.22
CA ILE H 174 -0.05 25.66 -7.56
C ILE H 174 -0.71 25.00 -6.37
N LEU H 175 -2.04 25.09 -6.34
CA LEU H 175 -2.85 24.43 -5.31
C LEU H 175 -3.56 23.22 -5.86
N TYR H 176 -4.33 23.39 -6.94
CA TYR H 176 -5.18 22.36 -7.49
C TYR H 176 -4.82 22.09 -8.95
N VAL H 177 -5.15 20.87 -9.37
CA VAL H 177 -4.95 20.43 -10.75
C VAL H 177 -6.31 20.10 -11.34
N GLY H 178 -6.53 20.52 -12.59
CA GLY H 178 -7.72 20.19 -13.31
C GLY H 178 -7.37 19.74 -14.71
N SER H 179 -8.37 19.16 -15.39
CA SER H 179 -8.19 18.74 -16.76
C SER H 179 -9.05 19.60 -17.68
N SER H 180 -8.79 19.48 -18.98
CA SER H 180 -9.64 20.09 -19.99
C SER H 180 -9.51 19.24 -21.24
N ASN H 181 -10.63 19.01 -21.92
CA ASN H 181 -10.66 18.18 -23.13
C ASN H 181 -10.01 16.81 -22.86
N PHE H 182 -10.54 16.14 -21.84
CA PHE H 182 -10.22 14.76 -21.54
C PHE H 182 -11.36 13.87 -22.00
N ALA H 183 -11.03 12.61 -22.27
CA ALA H 183 -12.06 11.59 -22.30
C ALA H 183 -12.37 11.15 -20.87
N GLY H 184 -13.57 10.57 -20.69
CA GLY H 184 -13.96 10.10 -19.37
C GLY H 184 -12.95 9.14 -18.76
N TRP H 185 -12.42 8.22 -19.57
CA TRP H 185 -11.49 7.24 -19.03
C TRP H 185 -10.15 7.86 -18.66
N ASN H 186 -9.79 9.02 -19.25
CA ASN H 186 -8.59 9.72 -18.81
C ASN H 186 -8.77 10.28 -17.40
N ILE H 187 -9.97 10.80 -17.11
CA ILE H 187 -10.25 11.31 -15.77
C ILE H 187 -10.09 10.19 -14.74
N ALA H 188 -10.63 9.01 -15.07
CA ALA H 188 -10.57 7.88 -14.15
C ALA H 188 -9.15 7.41 -13.95
N GLN H 189 -8.40 7.21 -15.04
CA GLN H 189 -7.00 6.82 -14.90
C GLN H 189 -6.22 7.84 -14.08
N ALA H 190 -6.42 9.13 -14.37
CA ALA H 190 -5.67 10.16 -13.65
C ALA H 190 -5.94 10.10 -12.15
N ASN H 191 -7.21 10.00 -11.76
CA ASN H 191 -7.50 10.14 -10.34
C ASN H 191 -7.22 8.87 -9.57
N GLU H 192 -7.38 7.71 -10.22
CA GLU H 192 -6.98 6.46 -9.59
C GLU H 192 -5.47 6.45 -9.36
N THR H 193 -4.69 6.93 -10.33
CA THR H 193 -3.24 6.98 -10.15
C THR H 193 -2.87 7.91 -9.02
N ALA H 194 -3.49 9.10 -8.98
CA ALA H 194 -3.22 10.03 -7.88
C ALA H 194 -3.59 9.43 -6.53
N ALA H 195 -4.73 8.73 -6.47
CA ALA H 195 -5.20 8.23 -5.18
C ALA H 195 -4.31 7.13 -4.62
N ARG H 196 -3.69 6.31 -5.48
CA ARG H 196 -2.79 5.28 -4.99
C ARG H 196 -1.72 5.80 -4.06
N HIS H 197 -1.34 7.07 -4.19
CA HIS H 197 -0.25 7.61 -3.39
C HIS H 197 -0.69 8.85 -2.63
N GLY H 198 -1.98 8.98 -2.35
CA GLY H 198 -2.53 10.00 -1.49
C GLY H 198 -2.64 11.38 -2.09
N ARG H 199 -2.30 11.57 -3.36
CA ARG H 199 -2.37 12.87 -3.99
C ARG H 199 -3.80 13.25 -4.34
N LEU H 200 -4.11 14.53 -4.15
CA LEU H 200 -5.38 15.05 -4.63
C LEU H 200 -5.38 14.99 -6.14
N GLY H 201 -6.38 14.37 -6.72
CA GLY H 201 -6.40 14.21 -8.15
C GLY H 201 -6.97 15.44 -8.85
N LEU H 202 -7.40 15.22 -10.09
CA LEU H 202 -8.13 16.27 -10.81
C LEU H 202 -9.34 16.72 -10.01
N VAL H 203 -9.53 18.04 -9.93
CA VAL H 203 -10.66 18.60 -9.19
C VAL H 203 -11.76 19.09 -10.12
N SER H 204 -11.52 19.17 -11.42
CA SER H 204 -12.47 19.75 -12.37
C SER H 204 -12.07 19.31 -13.77
N GLU H 205 -13.07 19.11 -14.62
CA GLU H 205 -12.87 18.92 -16.05
C GLU H 205 -13.53 20.08 -16.79
N GLN H 206 -12.78 20.67 -17.71
CA GLN H 206 -13.25 21.81 -18.50
C GLN H 206 -13.52 21.30 -19.91
N CYS H 207 -14.81 21.14 -20.25
CA CYS H 207 -15.18 20.43 -21.46
C CYS H 207 -16.15 21.25 -22.30
N LEU H 208 -16.12 21.01 -23.60
CA LEU H 208 -17.10 21.61 -24.51
C LEU H 208 -18.47 21.00 -24.24
N TYR H 209 -19.44 21.84 -23.85
CA TYR H 209 -20.77 21.36 -23.50
C TYR H 209 -21.73 22.53 -23.64
N ASN H 210 -22.74 22.37 -24.48
CA ASN H 210 -23.75 23.42 -24.70
C ASN H 210 -24.88 22.77 -25.47
N LEU H 211 -25.92 23.56 -25.78
CA LEU H 211 -27.07 23.02 -26.50
C LEU H 211 -26.67 22.37 -27.82
N CYS H 212 -25.72 22.98 -28.53
CA CYS H 212 -25.34 22.47 -29.85
C CYS H 212 -24.49 21.20 -29.78
N GLU H 213 -23.71 21.04 -28.72
CA GLU H 213 -22.78 19.91 -28.60
C GLU H 213 -22.94 19.28 -27.23
N ARG H 214 -23.63 18.13 -27.18
CA ARG H 214 -23.99 17.50 -25.91
C ARG H 214 -23.28 16.17 -25.71
N ARG H 215 -22.31 15.82 -26.54
CA ARG H 215 -21.73 14.47 -26.45
C ARG H 215 -20.82 14.28 -25.25
N ALA H 216 -20.46 15.35 -24.52
CA ALA H 216 -19.84 15.16 -23.20
C ALA H 216 -20.76 14.41 -22.25
N GLU H 217 -22.05 14.28 -22.61
CA GLU H 217 -22.98 13.51 -21.78
C GLU H 217 -22.70 12.02 -21.81
N MET H 218 -22.09 11.52 -22.89
CA MET H 218 -21.93 10.07 -23.03
C MET H 218 -21.00 9.51 -21.96
N GLU H 219 -19.84 10.12 -21.77
CA GLU H 219 -18.85 9.56 -20.86
C GLU H 219 -18.08 10.58 -20.05
N VAL H 220 -17.79 11.76 -20.59
CA VAL H 220 -16.95 12.71 -19.87
C VAL H 220 -17.63 13.15 -18.58
N VAL H 221 -18.88 13.59 -18.69
CA VAL H 221 -19.57 14.11 -17.51
C VAL H 221 -19.94 12.96 -16.56
N PRO H 222 -20.40 11.79 -17.03
CA PRO H 222 -20.56 10.66 -16.09
C PRO H 222 -19.28 10.32 -15.33
N ALA H 223 -18.14 10.27 -16.00
CA ALA H 223 -16.89 9.99 -15.29
C ALA H 223 -16.55 11.10 -14.30
N ALA H 224 -16.70 12.36 -14.71
CA ALA H 224 -16.42 13.46 -13.79
C ALA H 224 -17.31 13.37 -12.54
N ARG H 225 -18.59 13.03 -12.72
CA ARG H 225 -19.46 12.91 -11.55
C ARG H 225 -19.03 11.77 -10.65
N GLU H 226 -18.65 10.63 -11.23
CA GLU H 226 -18.25 9.49 -10.40
C GLU H 226 -17.02 9.83 -9.57
N TYR H 227 -16.08 10.54 -10.16
CA TYR H 227 -14.83 10.86 -9.48
C TYR H 227 -14.90 12.19 -8.73
N GLY H 228 -16.07 12.83 -8.70
CA GLY H 228 -16.24 14.01 -7.87
C GLY H 228 -15.49 15.20 -8.42
N LEU H 229 -15.44 15.33 -9.74
CA LEU H 229 -14.83 16.48 -10.38
C LEU H 229 -15.87 17.56 -10.60
N GLY H 230 -15.46 18.83 -10.46
CA GLY H 230 -16.23 19.88 -11.08
C GLY H 230 -16.32 19.70 -12.58
N VAL H 231 -17.34 20.29 -13.19
CA VAL H 231 -17.52 20.30 -14.64
C VAL H 231 -17.80 21.75 -15.04
N ILE H 232 -16.87 22.37 -15.76
CA ILE H 232 -17.04 23.75 -16.20
C ILE H 232 -17.06 23.74 -17.72
N ALA H 233 -18.12 24.31 -18.30
CA ALA H 233 -18.42 24.13 -19.72
C ALA H 233 -17.79 25.27 -20.52
N TRP H 234 -16.86 24.94 -21.42
CA TRP H 234 -16.32 26.02 -22.26
C TRP H 234 -17.15 26.20 -23.55
N SER H 235 -17.00 27.37 -24.16
CA SER H 235 -17.87 27.87 -25.23
C SER H 235 -19.33 27.53 -24.94
N PRO H 236 -19.89 28.04 -23.83
CA PRO H 236 -21.28 27.71 -23.49
C PRO H 236 -22.30 28.20 -24.49
N LEU H 237 -21.94 29.16 -25.34
CA LEU H 237 -22.81 29.66 -26.39
C LEU H 237 -22.37 29.14 -27.75
N HIS H 238 -21.47 28.16 -27.77
CA HIS H 238 -20.89 27.64 -29.01
C HIS H 238 -20.24 28.75 -29.82
N GLY H 239 -19.44 29.58 -29.14
CA GLY H 239 -18.72 30.63 -29.82
C GLY H 239 -19.60 31.81 -30.22
N GLY H 240 -20.69 32.04 -29.50
CA GLY H 240 -21.61 33.11 -29.82
C GLY H 240 -22.78 32.68 -30.68
N LEU H 241 -22.74 31.45 -31.21
CA LEU H 241 -23.83 30.97 -32.06
C LEU H 241 -25.18 31.00 -31.36
N LEU H 242 -25.20 30.76 -30.05
CA LEU H 242 -26.43 30.68 -29.27
C LEU H 242 -26.82 32.02 -28.66
N GLY H 243 -26.10 33.09 -28.99
CA GLY H 243 -26.35 34.37 -28.35
C GLY H 243 -27.15 35.35 -29.19
N GLY H 244 -27.86 34.81 -30.19
CA GLY H 244 -28.67 35.65 -31.06
C GLY H 244 -27.96 35.90 -32.37
N ALA H 245 -27.24 34.88 -32.85
CA ALA H 245 -26.33 35.10 -33.97
C ALA H 245 -27.08 35.39 -35.27
N ILE H 246 -28.24 34.75 -35.47
CA ILE H 246 -28.98 34.98 -36.70
C ILE H 246 -29.56 36.39 -36.71
N ARG H 247 -30.30 36.76 -35.66
CA ARG H 247 -30.84 38.10 -35.58
C ARG H 247 -29.75 39.15 -35.70
N LYS H 248 -28.55 38.84 -35.25
CA LYS H 248 -27.44 39.77 -35.30
C LYS H 248 -26.53 39.57 -36.51
N GLU H 249 -26.92 38.72 -37.46
CA GLU H 249 -25.98 38.27 -38.48
C GLU H 249 -25.43 39.40 -39.34
N GLN H 250 -26.13 40.54 -39.44
CA GLN H 250 -25.70 41.65 -40.27
C GLN H 250 -25.01 42.76 -39.47
N GLU H 251 -24.93 42.64 -38.15
CA GLU H 251 -24.29 43.69 -37.37
C GLU H 251 -22.79 43.73 -37.64
N GLY H 252 -22.18 44.87 -37.35
CA GLY H 252 -20.75 45.05 -37.46
C GLY H 252 -20.05 44.72 -36.16
N GLY H 253 -18.82 45.23 -36.04
CA GLY H 253 -18.02 44.99 -34.86
C GLY H 253 -17.18 43.73 -34.97
N ASN H 254 -16.32 43.54 -33.97
CA ASN H 254 -15.47 42.35 -33.94
C ASN H 254 -16.18 41.19 -33.25
N ARG H 255 -17.42 40.93 -33.67
CA ARG H 255 -18.26 39.93 -33.03
C ARG H 255 -17.69 38.52 -33.20
N ARG H 256 -17.59 37.78 -32.09
CA ARG H 256 -17.10 36.41 -32.16
C ARG H 256 -18.02 35.56 -33.04
N ALA H 257 -19.33 35.78 -32.98
CA ALA H 257 -20.24 34.99 -33.82
C ALA H 257 -20.04 35.23 -35.32
N ALA H 258 -19.33 36.29 -35.72
CA ALA H 258 -19.09 36.54 -37.14
C ALA H 258 -17.94 35.71 -37.71
N SER H 259 -17.23 34.96 -36.88
CA SER H 259 -16.16 34.10 -37.39
C SER H 259 -16.18 32.77 -36.66
N GLY H 260 -15.29 31.89 -37.11
CA GLY H 260 -15.03 30.65 -36.40
C GLY H 260 -16.21 29.70 -36.33
N ARG H 261 -16.37 29.12 -35.14
CA ARG H 261 -17.32 28.03 -34.95
C ARG H 261 -18.74 28.45 -35.32
N ALA H 262 -19.18 29.63 -34.85
CA ALA H 262 -20.55 30.06 -35.10
C ALA H 262 -20.77 30.32 -36.60
N ALA H 263 -19.84 31.04 -37.24
CA ALA H 263 -20.01 31.33 -38.66
C ALA H 263 -20.04 30.05 -39.48
N ASP H 264 -19.19 29.08 -39.17
CA ASP H 264 -19.21 27.80 -39.88
C ASP H 264 -20.57 27.13 -39.75
N ALA H 265 -21.14 27.14 -38.55
CA ALA H 265 -22.41 26.45 -38.35
C ALA H 265 -23.52 27.12 -39.14
N LEU H 266 -23.48 28.46 -39.23
CA LEU H 266 -24.54 29.19 -39.90
C LEU H 266 -24.51 29.01 -41.42
N LYS H 267 -23.41 28.50 -41.99
CA LYS H 267 -23.38 28.15 -43.40
C LYS H 267 -23.96 26.77 -43.67
N ASP H 268 -24.13 25.94 -42.64
CA ASP H 268 -24.74 24.64 -42.79
C ASP H 268 -26.25 24.76 -42.68
N PRO H 269 -27.03 24.34 -43.68
CA PRO H 269 -28.48 24.54 -43.60
C PRO H 269 -29.12 23.88 -42.40
N GLN H 270 -28.71 22.67 -42.04
CA GLN H 270 -29.31 21.98 -40.91
C GLN H 270 -28.99 22.68 -39.60
N GLN H 271 -27.74 23.10 -39.41
CA GLN H 271 -27.37 23.77 -38.16
C GLN H 271 -28.00 25.15 -38.07
N ARG H 272 -28.07 25.86 -39.20
CA ARG H 272 -28.72 27.16 -39.22
C ARG H 272 -30.20 27.03 -38.87
N GLU H 273 -30.86 26.03 -39.43
CA GLU H 273 -32.28 25.80 -39.12
C GLU H 273 -32.47 25.56 -37.63
N GLN H 274 -31.58 24.79 -37.01
CA GLN H 274 -31.64 24.56 -35.58
C GLN H 274 -31.58 25.87 -34.81
N ILE H 275 -30.61 26.72 -35.14
CA ILE H 275 -30.46 27.99 -34.43
C ILE H 275 -31.66 28.89 -34.70
N GLN H 276 -32.20 28.83 -35.92
CA GLN H 276 -33.41 29.61 -36.24
C GLN H 276 -34.60 29.15 -35.40
N ARG H 277 -34.80 27.83 -35.28
CA ARG H 277 -35.82 27.29 -34.38
C ARG H 277 -35.61 27.79 -32.96
N TYR H 278 -34.35 27.79 -32.50
CA TYR H 278 -34.04 28.24 -31.15
C TYR H 278 -34.43 29.70 -30.97
N GLU H 279 -34.03 30.57 -31.91
CA GLU H 279 -34.32 31.99 -31.71
C GLU H 279 -35.82 32.26 -31.80
N ASP H 280 -36.53 31.53 -32.66
CA ASP H 280 -37.98 31.71 -32.76
C ASP H 280 -38.69 31.20 -31.51
N LEU H 281 -38.23 30.08 -30.96
CA LEU H 281 -38.80 29.57 -29.71
C LEU H 281 -38.71 30.61 -28.62
N LEU H 282 -37.53 31.21 -28.46
CA LEU H 282 -37.32 32.13 -27.36
C LEU H 282 -38.06 33.45 -27.57
N ASP H 283 -38.25 33.88 -28.83
CA ASP H 283 -39.06 35.06 -29.10
C ASP H 283 -40.48 34.88 -28.57
N LYS H 284 -41.02 33.67 -28.67
CA LYS H 284 -42.36 33.38 -28.20
C LYS H 284 -42.47 33.38 -26.69
N HIS H 285 -41.36 33.27 -25.97
CA HIS H 285 -41.37 33.14 -24.53
C HIS H 285 -40.79 34.35 -23.83
N GLY H 286 -40.43 35.40 -24.55
CA GLY H 286 -39.86 36.57 -23.92
C GLY H 286 -38.49 36.33 -23.29
N LEU H 287 -37.70 35.43 -23.84
CA LEU H 287 -36.39 35.10 -23.30
C LEU H 287 -35.28 35.47 -24.29
N GLU H 288 -34.06 35.75 -23.73
CA GLU H 288 -32.86 36.12 -24.49
C GLU H 288 -32.02 34.88 -24.80
N PRO H 289 -31.56 34.73 -26.04
CA PRO H 289 -30.91 33.46 -26.43
C PRO H 289 -29.62 33.16 -25.68
N GLY H 290 -28.74 34.13 -25.49
CA GLY H 290 -27.53 33.87 -24.73
C GLY H 290 -27.83 33.54 -23.28
N GLU H 291 -28.79 34.25 -22.68
CA GLU H 291 -29.11 33.98 -21.27
C GLU H 291 -29.70 32.60 -21.10
N VAL H 292 -30.46 32.13 -22.09
CA VAL H 292 -31.09 30.81 -21.95
C VAL H 292 -30.04 29.70 -22.12
N ALA H 293 -29.11 29.88 -23.05
CA ALA H 293 -28.04 28.90 -23.23
C ALA H 293 -27.25 28.73 -21.94
N LEU H 294 -26.95 29.83 -21.25
CA LEU H 294 -26.24 29.76 -19.99
C LEU H 294 -27.10 29.11 -18.91
N ALA H 295 -28.35 29.58 -18.77
CA ALA H 295 -29.25 29.00 -17.77
C ALA H 295 -29.46 27.52 -18.02
N TRP H 296 -29.49 27.09 -19.29
CA TRP H 296 -29.70 25.68 -19.61
C TRP H 296 -28.58 24.82 -19.04
N LEU H 297 -27.33 25.28 -19.19
CA LEU H 297 -26.20 24.52 -18.67
C LEU H 297 -26.27 24.38 -17.16
N LEU H 298 -26.79 25.42 -16.49
CA LEU H 298 -26.92 25.40 -15.03
C LEU H 298 -27.93 24.37 -14.55
N THR H 299 -28.79 23.85 -15.41
CA THR H 299 -29.72 22.80 -15.02
C THR H 299 -29.15 21.40 -15.20
N ARG H 300 -28.01 21.26 -15.87
CA ARG H 300 -27.52 19.93 -16.22
C ARG H 300 -26.85 19.27 -15.02
N PRO H 301 -27.18 18.01 -14.72
CA PRO H 301 -26.59 17.34 -13.56
C PRO H 301 -25.08 17.23 -13.69
N GLY H 302 -24.39 17.54 -12.59
CA GLY H 302 -22.93 17.52 -12.57
C GLY H 302 -22.24 18.78 -13.04
N VAL H 303 -22.93 19.66 -13.75
CA VAL H 303 -22.30 20.87 -14.27
C VAL H 303 -22.13 21.88 -13.15
N THR H 304 -20.87 22.24 -12.83
CA THR H 304 -20.61 23.32 -11.90
C THR H 304 -21.16 24.64 -12.44
N GLY H 305 -20.82 24.96 -13.68
CA GLY H 305 -21.33 26.16 -14.33
C GLY H 305 -20.71 26.36 -15.69
N PRO H 306 -21.29 27.27 -16.48
CA PRO H 306 -20.64 27.65 -17.74
C PRO H 306 -19.47 28.60 -17.48
N ILE H 307 -18.48 28.55 -18.38
CA ILE H 307 -17.43 29.56 -18.41
C ILE H 307 -17.88 30.61 -19.40
N VAL H 308 -18.43 31.72 -18.88
CA VAL H 308 -18.99 32.75 -19.76
C VAL H 308 -17.87 33.42 -20.54
N GLY H 309 -18.18 33.82 -21.77
CA GLY H 309 -17.22 34.51 -22.58
C GLY H 309 -17.70 35.89 -23.04
N PRO H 310 -17.89 36.82 -22.10
CA PRO H 310 -18.32 38.17 -22.49
C PRO H 310 -17.26 38.90 -23.30
N ARG H 311 -17.70 39.56 -24.36
CA ARG H 311 -16.88 40.52 -25.09
C ARG H 311 -16.99 41.93 -24.51
N THR H 312 -18.10 42.23 -23.84
CA THR H 312 -18.37 43.55 -23.27
C THR H 312 -18.85 43.37 -21.84
N ALA H 313 -18.73 44.45 -21.06
CA ALA H 313 -19.31 44.46 -19.71
C ALA H 313 -20.80 44.23 -19.75
N ASP H 314 -21.48 44.72 -20.79
CA ASP H 314 -22.91 44.46 -20.92
C ASP H 314 -23.20 42.97 -21.04
N GLN H 315 -22.37 42.23 -21.76
CA GLN H 315 -22.62 40.81 -21.92
C GLN H 315 -22.32 40.04 -20.62
N LEU H 316 -21.47 40.58 -19.76
CA LEU H 316 -21.30 40.00 -18.42
C LEU H 316 -22.55 40.22 -17.58
N ALA H 317 -23.10 41.44 -17.59
CA ALA H 317 -24.33 41.71 -16.85
C ALA H 317 -25.45 40.79 -17.32
N SER H 318 -25.51 40.52 -18.62
CA SER H 318 -26.50 39.58 -19.14
C SER H 318 -26.27 38.18 -18.56
N ALA H 319 -25.01 37.76 -18.46
CA ALA H 319 -24.71 36.45 -17.88
C ALA H 319 -25.20 36.37 -16.44
N VAL H 320 -25.01 37.45 -15.67
CA VAL H 320 -25.48 37.46 -14.29
C VAL H 320 -27.00 37.30 -14.25
N ARG H 321 -27.70 37.90 -15.22
CA ARG H 321 -29.14 37.71 -15.29
C ARG H 321 -29.49 36.27 -15.64
N ALA H 322 -28.72 35.66 -16.54
CA ALA H 322 -28.96 34.27 -16.91
C ALA H 322 -28.91 33.35 -15.69
N ALA H 323 -27.96 33.59 -14.77
CA ALA H 323 -27.83 32.77 -13.58
C ALA H 323 -29.01 32.91 -12.62
N GLU H 324 -29.88 33.90 -12.83
CA GLU H 324 -31.08 34.07 -12.02
C GLU H 324 -32.33 33.55 -12.70
N LEU H 325 -32.23 33.20 -13.98
CA LEU H 325 -33.37 32.73 -14.74
C LEU H 325 -33.81 31.37 -14.23
N THR H 326 -35.12 31.15 -14.20
CA THR H 326 -35.69 29.81 -14.00
C THR H 326 -36.38 29.39 -15.27
N LEU H 327 -35.79 28.45 -15.99
CA LEU H 327 -36.40 27.91 -17.20
C LEU H 327 -37.55 26.99 -16.82
N THR H 328 -38.71 27.20 -17.46
CA THR H 328 -39.88 26.37 -17.21
C THR H 328 -39.66 24.97 -17.80
N ASP H 329 -40.42 24.00 -17.28
CA ASP H 329 -40.41 22.67 -17.86
C ASP H 329 -40.77 22.72 -19.34
N GLU H 330 -41.69 23.60 -19.71
CA GLU H 330 -42.11 23.72 -21.10
C GLU H 330 -40.94 24.14 -21.99
N VAL H 331 -40.19 25.15 -21.57
CA VAL H 331 -39.04 25.60 -22.34
C VAL H 331 -37.97 24.51 -22.40
N LEU H 332 -37.68 23.88 -21.25
CA LEU H 332 -36.67 22.82 -21.21
C LEU H 332 -37.03 21.67 -22.15
N THR H 333 -38.31 21.26 -22.17
CA THR H 333 -38.75 20.21 -23.07
C THR H 333 -38.60 20.64 -24.53
N ALA H 334 -38.97 21.89 -24.84
CA ALA H 334 -38.84 22.38 -26.21
C ALA H 334 -37.37 22.43 -26.63
N LEU H 335 -36.48 22.84 -25.72
CA LEU H 335 -35.06 22.89 -26.04
C LEU H 335 -34.53 21.50 -26.34
N ASP H 336 -34.98 20.49 -25.59
CA ASP H 336 -34.60 19.10 -25.84
C ASP H 336 -35.06 18.63 -27.21
N GLU H 337 -36.19 19.17 -27.70
CA GLU H 337 -36.68 18.81 -29.02
C GLU H 337 -35.76 19.34 -30.10
N ILE H 338 -35.27 20.58 -29.94
CA ILE H 338 -34.42 21.18 -30.95
C ILE H 338 -33.00 20.64 -30.86
N PHE H 339 -32.51 20.40 -29.64
CA PHE H 339 -31.12 20.05 -29.39
C PHE H 339 -31.04 18.77 -28.57
N PRO H 340 -31.42 17.63 -29.13
CA PRO H 340 -31.38 16.38 -28.34
C PRO H 340 -29.96 15.96 -27.99
N GLY H 341 -29.84 15.32 -26.83
CA GLY H 341 -28.57 14.78 -26.39
C GLY H 341 -28.58 13.27 -26.41
N PRO H 342 -27.40 12.64 -26.35
CA PRO H 342 -27.33 11.18 -26.47
C PRO H 342 -27.54 10.43 -25.16
N GLY H 343 -27.45 11.10 -24.01
CA GLY H 343 -27.39 10.40 -22.74
C GLY H 343 -26.10 9.62 -22.58
N PRO H 344 -26.01 8.83 -21.51
CA PRO H 344 -24.76 8.13 -21.19
C PRO H 344 -24.56 6.89 -22.05
N SER H 345 -23.27 6.56 -22.26
CA SER H 345 -22.89 5.24 -22.73
C SER H 345 -22.98 4.27 -21.56
N PRO H 346 -23.24 2.98 -21.81
CA PRO H 346 -23.41 2.31 -23.11
C PRO H 346 -24.78 2.52 -23.77
N GLU H 347 -25.75 3.02 -23.00
CA GLU H 347 -27.11 3.14 -23.50
C GLU H 347 -27.19 4.01 -24.75
N ALA H 348 -26.29 4.99 -24.88
CA ALA H 348 -26.33 5.92 -26.01
C ALA H 348 -26.21 5.23 -27.36
N PHE H 349 -25.52 4.10 -27.42
CA PHE H 349 -25.33 3.40 -28.69
C PHE H 349 -25.59 1.90 -28.62
N ALA H 350 -25.77 1.33 -27.44
CA ALA H 350 -26.07 -0.10 -27.34
C ALA H 350 -27.39 -0.30 -26.64
N TRP H 351 -27.40 -0.71 -25.37
CA TRP H 351 -28.63 -0.80 -24.57
C TRP H 351 -28.34 -0.62 -23.06
#